data_2X0B
#
_entry.id   2X0B
#
_cell.length_a   212.475
_cell.length_b   212.475
_cell.length_c   474.061
_cell.angle_alpha   90.00
_cell.angle_beta   90.00
_cell.angle_gamma   120.00
#
_symmetry.space_group_name_H-M   'H 3'
#
loop_
_entity.id
_entity.type
_entity.pdbx_description
1 polymer RENIN
2 polymer ANGIOTENSINOGEN
#
loop_
_entity_poly.entity_id
_entity_poly.type
_entity_poly.pdbx_seq_one_letter_code
_entity_poly.pdbx_strand_id
1 'polypeptide(L)'
;LPTDTTTFKRIFLKRMPSIRESLKERGVDMARLGPEWSQPMKRLTLGNTTSSVILTNYMDTQYYGEIGIGTPPQTFKVVF
DTGSSNVWVPSSKCSRLYTACVYHKLFDASDSSSYKHNGTELTLRYSTGTVSGFLSQDIITVGGITVTQMFGEVTEMPAL
PFMLAEFDGVVGMGFIEQAIGRVTPIFDNIISQGVLKEDVFSFYYNRDSENSQSLGGQIVLGGSDPQHYEGNFHYINLIK
TGVWQIQMKGVSVGSSTLLCEDGCLALVDTGASYISGSTSSIEKLMEALGAKKRLFDYVVKCNEGPTLPDISFHLGGKEY
TLTSADYVFQESYSSKKLCTLAIHAMDIPPPTGPTWALGATFIRKFYTEFDRRNNRIGFALAR
;
A,C,E,G
2 'polypeptide(L)'
;DRVYIHPFHLVIHNESTCEQLAKANAGKPKDPTFIPAPIQAKTSPVNEKALQDQLVLVAAKLDTEDKLRAAMVGMLANFL
GFRIYGMHSELWGVVHGATVLSPTAVFGTLASLYLGALDHTADRLQAILGVPWKDKNCTSRLDAHKVLSALQAVQGLLVA
QGRADSQAQLLLSTVVGVFTAPGLHLKQPFVQGLALYTPVVLPRSLDFTELDVAAEKIDRFMQAVTGWKTGCSLMGASVD
STLAFNTYVHFQGKMKGFSLLAEPQEFWVDNSTSVSVPMLSGMGTFQHWSDIQDNFSVTQVPFTESACLLLIQPHYASDL
DKVEGLTFQQNSLNWMKKLSPRTIHLTMPQLVLQGSYDLQDLLAQAELPAILHTELNLQKLSNDRIRVGEVLNSIFFELE
ADEREPTESTQQLNKPEVLEVTLNRPFLFAVYDQSATALHFLGRVANPLSTA
;
B,D,F,H
#
# COMPACT_ATOMS: atom_id res chain seq x y z
N SER A 51 -68.29 -4.04 16.90
CA SER A 51 -67.60 -3.12 17.86
C SER A 51 -66.18 -3.55 18.19
N SER A 52 -65.27 -2.58 18.17
CA SER A 52 -63.88 -2.88 18.47
C SER A 52 -63.37 -2.10 19.67
N VAL A 53 -62.42 -2.69 20.37
CA VAL A 53 -61.81 -2.05 21.53
C VAL A 53 -60.34 -1.80 21.17
N ILE A 54 -59.89 -0.57 21.36
CA ILE A 54 -58.48 -0.21 21.07
C ILE A 54 -57.60 -0.61 22.25
N LEU A 55 -56.54 -1.35 22.00
CA LEU A 55 -55.66 -1.78 23.08
C LEU A 55 -54.30 -1.08 23.09
N THR A 56 -53.75 -0.93 24.29
CA THR A 56 -52.45 -0.31 24.47
C THR A 56 -51.46 -1.44 24.78
N ASN A 57 -50.29 -1.41 24.14
CA ASN A 57 -49.28 -2.45 24.36
C ASN A 57 -48.18 -1.88 25.25
N TYR A 58 -48.05 -2.46 26.44
CA TYR A 58 -47.04 -2.06 27.41
C TYR A 58 -45.96 -3.15 27.44
N MET A 59 -44.76 -2.79 26.99
CA MET A 59 -43.59 -3.69 26.96
C MET A 59 -43.81 -5.08 26.39
N ASP A 60 -44.84 -5.27 25.57
CA ASP A 60 -45.12 -6.58 24.98
C ASP A 60 -45.62 -7.60 26.01
N THR A 61 -45.89 -7.17 27.24
CA THR A 61 -46.36 -8.10 28.26
C THR A 61 -47.76 -7.80 28.77
N GLN A 62 -48.22 -6.57 28.63
CA GLN A 62 -49.56 -6.21 29.10
C GLN A 62 -50.34 -5.50 27.99
N TYR A 63 -51.45 -6.11 27.59
CA TYR A 63 -52.29 -5.53 26.56
C TYR A 63 -53.60 -5.14 27.21
N TYR A 64 -53.92 -3.86 27.20
CA TYR A 64 -55.14 -3.42 27.86
C TYR A 64 -55.93 -2.35 27.12
N GLY A 65 -57.23 -2.34 27.37
CA GLY A 65 -58.11 -1.37 26.75
C GLY A 65 -58.92 -0.69 27.85
N GLU A 66 -59.76 0.27 27.48
CA GLU A 66 -60.57 0.97 28.48
C GLU A 66 -62.04 0.60 28.52
N ILE A 67 -62.59 0.60 29.73
CA ILE A 67 -64.01 0.33 29.90
C ILE A 67 -64.50 1.42 30.85
N GLY A 68 -65.79 1.71 30.81
CA GLY A 68 -66.36 2.72 31.68
C GLY A 68 -67.41 2.07 32.55
N ILE A 69 -67.34 2.32 33.86
CA ILE A 69 -68.29 1.75 34.81
C ILE A 69 -69.03 2.84 35.59
N GLY A 70 -70.34 2.72 35.68
CA GLY A 70 -71.12 3.69 36.43
C GLY A 70 -71.64 4.89 35.66
N THR A 71 -72.36 5.73 36.38
CA THR A 71 -72.96 6.95 35.83
C THR A 71 -72.70 8.07 36.83
N PRO A 72 -71.86 9.04 36.47
CA PRO A 72 -71.15 9.16 35.19
C PRO A 72 -70.11 8.04 35.12
N PRO A 73 -69.58 7.76 33.92
CA PRO A 73 -68.59 6.70 33.74
C PRO A 73 -67.26 6.93 34.48
N GLN A 74 -66.79 5.89 35.15
CA GLN A 74 -65.51 5.92 35.83
C GLN A 74 -64.68 4.99 34.94
N THR A 75 -63.57 5.52 34.44
CA THR A 75 -62.68 4.83 33.51
C THR A 75 -61.65 3.90 34.14
N PHE A 76 -61.43 2.75 33.50
CA PHE A 76 -60.47 1.75 33.98
C PHE A 76 -59.71 1.08 32.86
N LYS A 77 -58.44 0.80 33.10
CA LYS A 77 -57.63 0.10 32.13
C LYS A 77 -57.79 -1.37 32.49
N VAL A 78 -58.14 -2.21 31.53
CA VAL A 78 -58.32 -3.62 31.83
C VAL A 78 -57.76 -4.54 30.75
N VAL A 79 -57.32 -5.71 31.19
CA VAL A 79 -56.80 -6.73 30.29
C VAL A 79 -57.98 -7.65 29.96
N PHE A 80 -58.10 -8.06 28.70
CA PHE A 80 -59.20 -8.97 28.34
C PHE A 80 -58.57 -10.35 28.32
N ASP A 81 -59.06 -11.19 29.23
CA ASP A 81 -58.50 -12.51 29.48
C ASP A 81 -59.39 -13.71 29.17
N THR A 82 -59.05 -14.47 28.13
CA THR A 82 -59.85 -15.64 27.79
C THR A 82 -59.61 -16.78 28.80
N GLY A 83 -58.65 -16.58 29.69
CA GLY A 83 -58.36 -17.60 30.70
C GLY A 83 -59.22 -17.53 31.94
N SER A 84 -59.96 -16.44 32.14
CA SER A 84 -60.81 -16.31 33.31
C SER A 84 -62.18 -15.80 32.88
N SER A 85 -63.16 -15.79 33.79
CA SER A 85 -64.50 -15.36 33.42
C SER A 85 -65.13 -14.26 34.26
N ASN A 86 -64.40 -13.69 35.21
CA ASN A 86 -64.97 -12.62 36.04
C ASN A 86 -64.45 -11.24 35.63
N VAL A 87 -65.24 -10.21 35.93
CA VAL A 87 -64.83 -8.83 35.69
C VAL A 87 -64.47 -8.22 37.06
N TRP A 88 -63.38 -7.48 37.14
CA TRP A 88 -63.02 -6.80 38.39
C TRP A 88 -62.12 -5.59 38.22
N VAL A 89 -62.30 -4.63 39.11
CA VAL A 89 -61.52 -3.40 39.13
C VAL A 89 -61.26 -3.08 40.60
N PRO A 90 -60.25 -2.24 40.88
CA PRO A 90 -59.96 -1.90 42.27
C PRO A 90 -61.10 -1.07 42.84
N SER A 91 -61.40 -1.26 44.12
CA SER A 91 -62.49 -0.54 44.80
C SER A 91 -62.04 0.61 45.69
N SER A 92 -62.88 1.64 45.77
CA SER A 92 -62.57 2.78 46.63
C SER A 92 -62.55 2.28 48.09
N LYS A 93 -63.13 1.12 48.33
CA LYS A 93 -63.15 0.59 49.70
C LYS A 93 -61.87 -0.17 50.05
N CYS A 94 -60.91 -0.20 49.12
CA CYS A 94 -59.64 -0.89 49.35
C CYS A 94 -58.72 -0.06 50.26
N SER A 95 -58.34 -0.62 51.40
CA SER A 95 -57.45 0.06 52.34
C SER A 95 -56.22 0.58 51.62
N ARG A 96 -55.89 1.84 51.88
CA ARG A 96 -54.72 2.44 51.24
C ARG A 96 -53.43 1.82 51.76
N LEU A 97 -53.54 0.83 52.64
CA LEU A 97 -52.35 0.12 53.15
C LEU A 97 -51.90 -0.78 52.00
N TYR A 98 -52.81 -1.07 51.08
CA TYR A 98 -52.46 -1.86 49.91
C TYR A 98 -51.94 -0.80 48.94
N THR A 99 -50.63 -0.69 48.82
CA THR A 99 -50.06 0.30 47.94
C THR A 99 -50.58 0.21 46.49
N ALA A 100 -50.85 -1.01 46.02
CA ALA A 100 -51.35 -1.20 44.65
C ALA A 100 -52.65 -0.39 44.47
N CYS A 101 -53.42 -0.28 45.54
CA CYS A 101 -54.66 0.48 45.48
C CYS A 101 -54.37 1.96 45.41
N VAL A 102 -53.26 2.39 46.01
CA VAL A 102 -52.89 3.80 45.95
C VAL A 102 -52.45 4.13 44.52
N TYR A 103 -51.90 3.15 43.81
CA TYR A 103 -51.44 3.36 42.43
C TYR A 103 -52.38 2.99 41.28
N HIS A 104 -53.67 2.81 41.56
CA HIS A 104 -54.61 2.48 40.48
C HIS A 104 -55.93 3.25 40.59
N LYS A 105 -56.70 3.27 39.50
CA LYS A 105 -58.00 3.91 39.51
C LYS A 105 -58.91 3.06 40.41
N LEU A 106 -59.66 3.71 41.30
CA LEU A 106 -60.53 3.00 42.22
C LEU A 106 -62.01 3.27 41.92
N PHE A 107 -62.83 2.21 41.85
CA PHE A 107 -64.25 2.41 41.59
C PHE A 107 -64.94 2.87 42.87
N ASP A 108 -65.65 3.98 42.76
CA ASP A 108 -66.35 4.53 43.92
C ASP A 108 -67.85 4.44 43.63
N ALA A 109 -68.49 3.50 44.29
CA ALA A 109 -69.92 3.28 44.12
C ALA A 109 -70.76 4.47 44.56
N SER A 110 -70.28 5.24 45.53
CA SER A 110 -71.06 6.38 46.02
C SER A 110 -71.10 7.55 45.03
N ASP A 111 -70.42 7.40 43.89
CA ASP A 111 -70.40 8.42 42.85
C ASP A 111 -71.15 7.97 41.61
N SER A 112 -71.80 6.80 41.68
CA SER A 112 -72.57 6.27 40.56
C SER A 112 -74.04 6.06 40.89
N SER A 113 -74.92 6.71 40.13
CA SER A 113 -76.35 6.62 40.36
C SER A 113 -76.96 5.34 39.78
N SER A 114 -76.22 4.65 38.93
CA SER A 114 -76.74 3.42 38.34
C SER A 114 -76.27 2.17 39.10
N TYR A 115 -75.45 2.38 40.12
CA TYR A 115 -74.92 1.28 40.94
C TYR A 115 -75.99 0.51 41.69
N LYS A 116 -75.81 -0.81 41.73
CA LYS A 116 -76.72 -1.71 42.43
C LYS A 116 -75.91 -2.62 43.37
N HIS A 117 -76.17 -2.49 44.66
CA HIS A 117 -75.48 -3.26 45.69
C HIS A 117 -75.77 -4.76 45.67
N ASN A 118 -74.77 -5.55 46.05
CA ASN A 118 -74.93 -7.01 46.14
C ASN A 118 -74.15 -7.42 47.36
N GLY A 119 -72.85 -7.17 47.34
CA GLY A 119 -72.02 -7.46 48.50
C GLY A 119 -71.46 -8.85 48.71
N THR A 120 -71.76 -9.79 47.81
CA THR A 120 -71.24 -11.14 47.97
C THR A 120 -69.72 -11.15 47.84
N GLU A 121 -69.07 -11.75 48.83
CA GLU A 121 -67.62 -11.84 48.87
C GLU A 121 -67.05 -12.77 47.80
N LEU A 122 -65.95 -12.37 47.19
CA LEU A 122 -65.33 -13.24 46.21
C LEU A 122 -63.81 -13.07 46.15
N THR A 123 -63.16 -14.18 45.88
CA THR A 123 -61.71 -14.21 45.77
C THR A 123 -61.42 -14.77 44.39
N LEU A 124 -60.47 -14.15 43.69
CA LEU A 124 -60.08 -14.57 42.35
C LEU A 124 -58.61 -14.97 42.39
N ARG A 125 -58.33 -16.23 42.06
CA ARG A 125 -56.98 -16.75 42.08
C ARG A 125 -56.37 -16.96 40.69
N TYR A 126 -55.37 -16.16 40.36
CA TYR A 126 -54.70 -16.28 39.08
C TYR A 126 -53.38 -17.02 39.27
N SER A 127 -52.68 -17.30 38.18
CA SER A 127 -51.39 -17.99 38.21
C SER A 127 -50.32 -17.19 38.95
N THR A 128 -50.30 -15.88 38.73
CA THR A 128 -49.30 -15.02 39.34
C THR A 128 -49.77 -14.18 40.53
N GLY A 129 -51.02 -14.37 40.96
CA GLY A 129 -51.49 -13.58 42.08
C GLY A 129 -52.96 -13.72 42.37
N THR A 130 -53.37 -13.16 43.50
CA THR A 130 -54.76 -13.23 43.95
C THR A 130 -55.36 -11.88 44.34
N VAL A 131 -56.66 -11.72 44.09
CA VAL A 131 -57.37 -10.53 44.49
C VAL A 131 -58.65 -10.96 45.18
N SER A 132 -59.09 -10.16 46.14
CA SER A 132 -60.30 -10.47 46.86
C SER A 132 -61.12 -9.19 47.07
N GLY A 133 -62.43 -9.36 47.18
CA GLY A 133 -63.34 -8.24 47.36
C GLY A 133 -64.79 -8.68 47.40
N PHE A 134 -65.67 -7.89 46.83
CA PHE A 134 -67.08 -8.22 46.83
C PHE A 134 -67.74 -7.83 45.51
N LEU A 135 -68.89 -8.45 45.24
CA LEU A 135 -69.64 -8.20 44.01
C LEU A 135 -70.51 -6.94 44.03
N SER A 136 -70.63 -6.34 42.85
CA SER A 136 -71.43 -5.13 42.65
C SER A 136 -71.95 -5.16 41.22
N GLN A 137 -73.01 -4.41 40.97
CA GLN A 137 -73.60 -4.36 39.64
C GLN A 137 -73.68 -2.91 39.19
N ASP A 138 -73.45 -2.67 37.91
CA ASP A 138 -73.55 -1.33 37.38
C ASP A 138 -73.45 -1.45 35.89
N ILE A 139 -73.63 -0.34 35.20
CA ILE A 139 -73.55 -0.36 33.74
C ILE A 139 -72.09 -0.27 33.32
N ILE A 140 -71.70 -1.12 32.38
CA ILE A 140 -70.34 -1.11 31.90
C ILE A 140 -70.30 -0.77 30.41
N THR A 141 -69.47 0.19 30.04
CA THR A 141 -69.34 0.56 28.65
C THR A 141 -68.08 -0.09 28.10
N VAL A 142 -68.23 -0.87 27.04
CA VAL A 142 -67.10 -1.55 26.42
C VAL A 142 -67.19 -1.41 24.92
N GLY A 143 -66.21 -0.75 24.33
CA GLY A 143 -66.20 -0.57 22.89
C GLY A 143 -67.48 -0.05 22.27
N GLY A 144 -68.20 0.80 23.00
CA GLY A 144 -69.43 1.35 22.43
C GLY A 144 -70.69 0.63 22.87
N ILE A 145 -70.54 -0.61 23.35
CA ILE A 145 -71.68 -1.38 23.82
C ILE A 145 -71.91 -1.14 25.30
N THR A 146 -73.18 -1.03 25.70
CA THR A 146 -73.52 -0.79 27.09
C THR A 146 -74.27 -1.98 27.69
N VAL A 147 -73.72 -2.56 28.75
CA VAL A 147 -74.35 -3.71 29.39
C VAL A 147 -74.37 -3.60 30.90
N THR A 148 -75.41 -4.12 31.53
CA THR A 148 -75.50 -4.11 32.98
C THR A 148 -74.66 -5.32 33.32
N GLN A 149 -73.76 -5.18 34.28
CA GLN A 149 -72.88 -6.28 34.60
C GLN A 149 -72.54 -6.41 36.08
N MET A 150 -72.41 -7.66 36.54
CA MET A 150 -72.04 -7.93 37.91
C MET A 150 -70.52 -8.06 37.84
N PHE A 151 -69.83 -7.31 38.68
CA PHE A 151 -68.37 -7.38 38.66
C PHE A 151 -67.84 -7.31 40.07
N GLY A 152 -66.54 -7.57 40.22
CA GLY A 152 -65.95 -7.52 41.54
C GLY A 152 -65.30 -6.19 41.88
N GLU A 153 -65.54 -5.73 43.11
CA GLU A 153 -64.90 -4.51 43.61
C GLU A 153 -63.81 -5.09 44.51
N VAL A 154 -62.55 -4.94 44.09
CA VAL A 154 -61.44 -5.49 44.86
C VAL A 154 -60.94 -4.61 46.00
N THR A 155 -60.87 -5.18 47.20
CA THR A 155 -60.41 -4.46 48.39
C THR A 155 -59.09 -4.99 48.94
N GLU A 156 -58.57 -6.04 48.32
CA GLU A 156 -57.29 -6.63 48.73
C GLU A 156 -56.55 -6.94 47.46
N MET A 157 -55.46 -6.22 47.23
CA MET A 157 -54.70 -6.33 46.01
C MET A 157 -53.22 -6.22 46.33
N PRO A 158 -52.54 -7.36 46.53
CA PRO A 158 -51.10 -7.42 46.85
C PRO A 158 -50.14 -6.61 45.98
N ALA A 159 -49.23 -5.90 46.64
CA ALA A 159 -48.22 -5.07 45.99
C ALA A 159 -47.51 -5.86 44.90
N LEU A 160 -47.17 -7.11 45.21
CA LEU A 160 -46.55 -8.00 44.25
C LEU A 160 -47.68 -8.97 43.98
N PRO A 161 -48.11 -9.09 42.72
CA PRO A 161 -47.55 -8.38 41.56
C PRO A 161 -48.27 -7.12 41.07
N PHE A 162 -49.34 -6.69 41.73
CA PHE A 162 -50.08 -5.55 41.19
C PHE A 162 -49.43 -4.18 41.11
N MET A 163 -48.35 -3.95 41.84
CA MET A 163 -47.67 -2.67 41.74
C MET A 163 -47.00 -2.60 40.36
N LEU A 164 -46.79 -3.79 39.77
CA LEU A 164 -46.14 -3.88 38.46
C LEU A 164 -47.17 -3.90 37.33
N ALA A 165 -48.45 -3.76 37.68
CA ALA A 165 -49.51 -3.76 36.68
C ALA A 165 -49.81 -2.37 36.14
N GLU A 166 -49.80 -2.25 34.83
CA GLU A 166 -50.12 -0.99 34.16
C GLU A 166 -51.64 -0.85 34.20
N PHE A 167 -52.33 -1.96 34.02
CA PHE A 167 -53.77 -1.99 34.03
C PHE A 167 -54.31 -1.94 35.45
N ASP A 168 -55.60 -1.62 35.57
CA ASP A 168 -56.28 -1.53 36.86
C ASP A 168 -57.02 -2.84 37.17
N GLY A 169 -57.66 -3.42 36.16
CA GLY A 169 -58.40 -4.64 36.39
C GLY A 169 -58.40 -5.61 35.24
N VAL A 170 -59.34 -6.55 35.29
CA VAL A 170 -59.46 -7.59 34.29
C VAL A 170 -60.91 -7.83 33.87
N VAL A 171 -61.10 -8.15 32.60
CA VAL A 171 -62.40 -8.47 32.07
C VAL A 171 -62.31 -9.91 31.56
N GLY A 172 -62.91 -10.84 32.29
CA GLY A 172 -62.87 -12.23 31.87
C GLY A 172 -63.66 -12.48 30.58
N MET A 173 -63.03 -13.16 29.63
CA MET A 173 -63.70 -13.46 28.37
C MET A 173 -63.99 -14.95 28.26
N GLY A 174 -63.77 -15.67 29.37
CA GLY A 174 -64.02 -17.10 29.41
C GLY A 174 -65.49 -17.45 29.56
N PHE A 175 -65.80 -18.74 29.67
CA PHE A 175 -67.17 -19.20 29.80
C PHE A 175 -67.68 -19.11 31.24
N ILE A 176 -69.00 -19.13 31.40
CA ILE A 176 -69.59 -19.07 32.73
C ILE A 176 -69.23 -20.27 33.60
N GLU A 177 -68.88 -21.39 32.97
CA GLU A 177 -68.50 -22.59 33.72
C GLU A 177 -67.27 -22.35 34.60
N GLN A 178 -66.44 -21.38 34.24
CA GLN A 178 -65.25 -21.09 35.04
C GLN A 178 -65.37 -19.82 35.86
N ALA A 179 -66.54 -19.19 35.82
CA ALA A 179 -66.76 -17.96 36.57
C ALA A 179 -66.91 -18.24 38.06
N ILE A 180 -66.19 -17.47 38.87
CA ILE A 180 -66.25 -17.64 40.31
C ILE A 180 -67.56 -17.02 40.78
N GLY A 181 -68.24 -17.69 41.72
CA GLY A 181 -69.50 -17.18 42.22
C GLY A 181 -70.62 -17.24 41.21
N ARG A 182 -70.42 -18.00 40.12
CA ARG A 182 -71.42 -18.12 39.07
C ARG A 182 -71.98 -16.78 38.62
N VAL A 183 -71.10 -15.84 38.34
CA VAL A 183 -71.52 -14.52 37.87
C VAL A 183 -71.54 -14.58 36.35
N THR A 184 -72.63 -14.12 35.73
CA THR A 184 -72.70 -14.14 34.27
C THR A 184 -71.55 -13.33 33.66
N PRO A 185 -70.78 -13.94 32.76
CA PRO A 185 -69.64 -13.24 32.13
C PRO A 185 -70.13 -12.14 31.21
N ILE A 186 -69.33 -11.08 31.10
CA ILE A 186 -69.70 -9.95 30.26
C ILE A 186 -70.01 -10.30 28.81
N PHE A 187 -69.37 -11.32 28.24
CA PHE A 187 -69.69 -11.61 26.85
C PHE A 187 -71.05 -12.30 26.70
N ASP A 188 -71.46 -13.04 27.72
CA ASP A 188 -72.77 -13.68 27.66
C ASP A 188 -73.83 -12.60 27.73
N ASN A 189 -73.58 -11.58 28.55
CA ASN A 189 -74.53 -10.47 28.71
C ASN A 189 -74.68 -9.66 27.43
N ILE A 190 -73.59 -9.48 26.71
CA ILE A 190 -73.63 -8.72 25.45
C ILE A 190 -74.39 -9.53 24.41
N ILE A 191 -74.13 -10.83 24.35
CA ILE A 191 -74.82 -11.70 23.42
C ILE A 191 -76.32 -11.69 23.67
N SER A 192 -76.71 -11.65 24.94
CA SER A 192 -78.13 -11.63 25.31
C SER A 192 -78.85 -10.42 24.74
N GLN A 193 -78.10 -9.39 24.35
CA GLN A 193 -78.71 -8.19 23.78
C GLN A 193 -79.11 -8.45 22.33
N GLY A 194 -78.47 -9.44 21.70
CA GLY A 194 -78.77 -9.76 20.32
C GLY A 194 -78.45 -8.61 19.38
N VAL A 195 -77.28 -8.01 19.54
CA VAL A 195 -76.87 -6.90 18.70
C VAL A 195 -75.67 -7.28 17.84
N LEU A 196 -74.85 -8.21 18.32
CA LEU A 196 -73.68 -8.65 17.58
C LEU A 196 -74.09 -9.44 16.33
N LYS A 197 -73.33 -9.32 15.27
CA LYS A 197 -73.65 -10.05 14.05
C LYS A 197 -73.17 -11.51 14.13
N GLU A 198 -72.27 -11.78 15.07
CA GLU A 198 -71.74 -13.11 15.29
C GLU A 198 -71.37 -13.28 16.75
N ASP A 199 -71.59 -14.50 17.28
CA ASP A 199 -71.25 -14.82 18.66
C ASP A 199 -69.77 -15.16 18.74
N VAL A 200 -68.93 -14.23 18.31
CA VAL A 200 -67.48 -14.44 18.33
C VAL A 200 -66.73 -13.14 18.64
N PHE A 201 -65.53 -13.26 19.20
CA PHE A 201 -64.69 -12.08 19.46
C PHE A 201 -63.27 -12.42 19.00
N SER A 202 -62.52 -11.41 18.56
CA SER A 202 -61.17 -11.61 18.03
C SER A 202 -60.08 -10.71 18.61
N PHE A 203 -58.88 -11.27 18.77
CA PHE A 203 -57.73 -10.55 19.32
C PHE A 203 -56.60 -10.32 18.35
N TYR A 204 -56.12 -9.08 18.33
CA TYR A 204 -54.98 -8.69 17.53
C TYR A 204 -54.00 -8.05 18.51
N TYR A 205 -52.82 -8.62 18.67
CA TYR A 205 -51.81 -8.05 19.55
C TYR A 205 -50.60 -7.63 18.71
N ASN A 206 -50.36 -6.32 18.63
CA ASN A 206 -49.24 -5.78 17.85
C ASN A 206 -47.89 -5.97 18.52
N ARG A 207 -46.82 -5.72 17.77
CA ARG A 207 -45.48 -5.80 18.33
C ARG A 207 -45.28 -4.52 19.13
N ASP A 208 -44.40 -4.61 20.13
CA ASP A 208 -44.10 -3.50 21.03
C ASP A 208 -44.08 -2.12 20.41
N SER A 209 -43.33 -1.95 19.32
CA SER A 209 -43.22 -0.66 18.64
C SER A 209 -43.02 0.52 19.59
N GLU A 210 -43.63 1.66 19.24
CA GLU A 210 -43.55 2.89 20.01
C GLU A 210 -42.27 3.65 19.69
N ASN A 211 -41.17 3.07 19.90
N LEU A 215 -51.04 1.19 16.60
CA LEU A 215 -51.93 0.75 17.70
C LEU A 215 -51.36 -0.47 18.41
N GLY A 216 -51.50 -0.48 19.73
CA GLY A 216 -50.98 -1.57 20.54
C GLY A 216 -51.64 -2.91 20.30
N GLY A 217 -52.92 -2.89 19.93
CA GLY A 217 -53.64 -4.13 19.69
C GLY A 217 -55.12 -3.83 19.50
N GLN A 218 -55.92 -4.85 19.28
CA GLN A 218 -57.35 -4.62 19.08
C GLN A 218 -58.23 -5.85 19.23
N ILE A 219 -59.36 -5.64 19.91
CA ILE A 219 -60.34 -6.68 20.12
C ILE A 219 -61.58 -6.30 19.35
N VAL A 220 -62.16 -7.29 18.68
CA VAL A 220 -63.37 -7.03 17.93
C VAL A 220 -64.47 -7.89 18.53
N LEU A 221 -65.53 -7.25 18.96
CA LEU A 221 -66.67 -7.95 19.51
C LEU A 221 -67.66 -8.12 18.34
N GLY A 222 -67.99 -9.37 18.03
CA GLY A 222 -68.94 -9.62 16.94
C GLY A 222 -68.34 -10.12 15.63
N GLY A 223 -67.01 -10.18 15.53
CA GLY A 223 -66.39 -10.65 14.31
C GLY A 223 -64.87 -10.58 14.30
N SER A 224 -64.31 -10.33 13.13
CA SER A 224 -62.86 -10.23 12.94
C SER A 224 -62.55 -9.07 12.03
N ASP A 225 -61.32 -8.56 12.13
CA ASP A 225 -60.91 -7.43 11.31
C ASP A 225 -59.90 -7.88 10.25
N PRO A 226 -60.37 -8.03 9.00
CA PRO A 226 -59.55 -8.46 7.85
C PRO A 226 -58.28 -7.63 7.70
N GLN A 227 -58.29 -6.44 8.28
CA GLN A 227 -57.16 -5.54 8.21
C GLN A 227 -55.93 -6.05 8.98
N HIS A 228 -56.14 -6.92 9.96
CA HIS A 228 -55.02 -7.40 10.75
C HIS A 228 -54.63 -8.87 10.62
N TYR A 229 -55.11 -9.52 9.56
CA TYR A 229 -54.74 -10.91 9.30
C TYR A 229 -54.83 -11.20 7.82
N GLU A 230 -54.13 -12.24 7.38
CA GLU A 230 -54.13 -12.62 5.98
C GLU A 230 -54.23 -14.12 5.85
N GLY A 231 -54.51 -14.60 4.64
CA GLY A 231 -54.68 -16.02 4.43
C GLY A 231 -56.04 -16.29 5.04
N ASN A 232 -56.40 -17.55 5.27
CA ASN A 232 -57.69 -17.79 5.89
C ASN A 232 -57.54 -18.43 7.26
N PHE A 233 -58.64 -18.48 8.00
CA PHE A 233 -58.59 -19.06 9.33
C PHE A 233 -58.59 -20.56 9.22
N HIS A 234 -58.01 -21.19 10.23
CA HIS A 234 -57.97 -22.64 10.34
C HIS A 234 -58.43 -22.89 11.76
N TYR A 235 -59.59 -23.52 11.87
CA TYR A 235 -60.17 -23.76 13.17
C TYR A 235 -59.86 -25.10 13.82
N ILE A 236 -59.86 -25.07 15.15
CA ILE A 236 -59.64 -26.25 15.96
C ILE A 236 -60.84 -26.24 16.91
N ASN A 237 -61.54 -27.36 17.02
CA ASN A 237 -62.69 -27.43 17.91
C ASN A 237 -62.25 -27.47 19.36
N LEU A 238 -63.05 -26.85 20.23
CA LEU A 238 -62.72 -26.84 21.65
C LEU A 238 -62.90 -28.26 22.17
N ILE A 239 -62.02 -28.65 23.09
CA ILE A 239 -62.11 -29.96 23.69
C ILE A 239 -63.46 -30.09 24.38
N LYS A 240 -63.94 -28.99 24.94
CA LYS A 240 -65.19 -28.93 25.67
C LYS A 240 -65.64 -27.48 25.83
N THR A 241 -66.95 -27.26 25.95
CA THR A 241 -67.44 -25.89 26.15
C THR A 241 -67.06 -25.54 27.59
N GLY A 242 -67.00 -24.24 27.90
CA GLY A 242 -66.66 -23.84 29.24
C GLY A 242 -65.20 -23.46 29.40
N VAL A 243 -64.37 -23.81 28.42
CA VAL A 243 -62.94 -23.50 28.48
C VAL A 243 -62.32 -23.29 27.10
N TRP A 244 -61.63 -22.18 26.91
CA TRP A 244 -61.00 -21.91 25.62
C TRP A 244 -59.71 -22.73 25.52
N GLN A 245 -59.87 -24.06 25.63
CA GLN A 245 -58.74 -24.98 25.58
C GLN A 245 -58.88 -25.91 24.39
N ILE A 246 -57.76 -26.21 23.72
CA ILE A 246 -57.80 -27.07 22.55
C ILE A 246 -56.72 -28.14 22.57
N GLN A 247 -56.95 -29.20 21.79
CA GLN A 247 -56.01 -30.28 21.69
C GLN A 247 -54.79 -29.82 20.90
N MET A 248 -53.61 -30.21 21.35
CA MET A 248 -52.37 -29.87 20.66
C MET A 248 -51.70 -31.20 20.31
N LYS A 249 -51.53 -31.45 19.02
CA LYS A 249 -50.94 -32.71 18.57
C LYS A 249 -49.45 -32.86 18.82
N GLY A 250 -48.75 -31.77 19.11
CA GLY A 250 -47.32 -31.89 19.36
C GLY A 250 -46.56 -30.58 19.31
N VAL A 251 -45.38 -30.56 19.94
CA VAL A 251 -44.55 -29.38 19.97
C VAL A 251 -43.13 -29.75 19.52
N SER A 252 -42.63 -29.07 18.49
CA SER A 252 -41.30 -29.38 18.00
C SER A 252 -40.31 -28.22 18.12
N VAL A 253 -39.08 -28.56 18.48
CA VAL A 253 -38.01 -27.59 18.64
C VAL A 253 -36.91 -27.90 17.63
N GLY A 254 -36.65 -26.98 16.72
CA GLY A 254 -35.62 -27.22 15.73
C GLY A 254 -35.98 -28.49 14.99
N SER A 255 -35.07 -29.46 14.97
CA SER A 255 -35.33 -30.72 14.30
C SER A 255 -35.38 -31.87 15.31
N SER A 256 -36.54 -32.02 15.95
CA SER A 256 -36.78 -33.07 16.94
C SER A 256 -38.06 -32.78 17.73
N THR A 257 -39.17 -33.38 17.30
CA THR A 257 -40.45 -33.20 17.99
C THR A 257 -40.36 -33.93 19.33
N LEU A 258 -39.48 -33.45 20.19
CA LEU A 258 -39.23 -34.05 21.49
C LEU A 258 -40.19 -33.58 22.60
N LEU A 259 -41.31 -32.98 22.22
CA LEU A 259 -42.26 -32.50 23.22
C LEU A 259 -43.72 -32.78 22.89
N CYS A 260 -44.53 -32.90 23.93
CA CYS A 260 -45.96 -33.16 23.78
C CYS A 260 -46.21 -34.30 22.77
N GLU A 261 -45.38 -35.32 22.84
CA GLU A 261 -45.55 -36.48 21.97
C GLU A 261 -46.82 -37.14 22.54
N ASP A 262 -47.60 -37.78 21.69
CA ASP A 262 -48.82 -38.44 22.15
C ASP A 262 -49.92 -37.42 22.51
N GLY A 263 -49.69 -36.15 22.20
CA GLY A 263 -50.69 -35.13 22.47
C GLY A 263 -50.69 -34.48 23.84
N CYS A 264 -51.31 -33.31 23.93
CA CYS A 264 -51.41 -32.54 25.17
C CYS A 264 -52.46 -31.44 24.97
N LEU A 265 -52.65 -30.60 25.99
CA LEU A 265 -53.63 -29.52 25.93
C LEU A 265 -53.02 -28.13 25.73
N ALA A 266 -53.77 -27.26 25.07
CA ALA A 266 -53.32 -25.89 24.85
C ALA A 266 -54.46 -24.92 25.17
N LEU A 267 -54.24 -24.12 26.19
CA LEU A 267 -55.21 -23.12 26.64
C LEU A 267 -54.87 -21.83 25.89
N VAL A 268 -55.79 -21.35 25.05
CA VAL A 268 -55.54 -20.13 24.28
C VAL A 268 -55.91 -18.98 25.21
N ASP A 269 -54.87 -18.42 25.82
CA ASP A 269 -55.00 -17.38 26.84
C ASP A 269 -54.54 -15.97 26.50
N THR A 270 -55.49 -15.09 26.16
CA THR A 270 -55.15 -13.71 25.83
C THR A 270 -54.60 -12.93 27.03
N GLY A 271 -54.88 -13.42 28.24
CA GLY A 271 -54.42 -12.73 29.44
C GLY A 271 -53.01 -13.12 29.88
N ALA A 272 -52.47 -14.15 29.24
CA ALA A 272 -51.13 -14.60 29.58
C ALA A 272 -50.12 -13.87 28.71
N SER A 273 -49.07 -13.35 29.33
CA SER A 273 -48.05 -12.62 28.60
C SER A 273 -47.24 -13.54 27.73
N TYR A 274 -47.00 -14.75 28.22
CA TYR A 274 -46.17 -15.68 27.48
C TYR A 274 -46.81 -17.00 27.10
N ILE A 275 -46.02 -17.81 26.38
CA ILE A 275 -46.41 -19.15 26.00
C ILE A 275 -45.87 -19.96 27.17
N SER A 276 -46.69 -20.78 27.79
CA SER A 276 -46.22 -21.57 28.92
C SER A 276 -46.49 -23.06 28.77
N GLY A 277 -45.66 -23.83 29.47
CA GLY A 277 -45.79 -25.27 29.47
C GLY A 277 -45.55 -25.71 30.91
N SER A 278 -45.80 -26.97 31.21
CA SER A 278 -45.57 -27.49 32.55
C SER A 278 -44.08 -27.43 32.83
N THR A 279 -43.72 -27.52 34.10
CA THR A 279 -42.33 -27.47 34.49
C THR A 279 -41.48 -28.51 33.76
N SER A 280 -42.01 -29.73 33.62
CA SER A 280 -41.26 -30.79 32.95
C SER A 280 -41.05 -30.51 31.47
N SER A 281 -42.10 -30.03 30.82
CA SER A 281 -42.04 -29.73 29.40
C SER A 281 -41.07 -28.60 29.10
N ILE A 282 -41.15 -27.53 29.88
CA ILE A 282 -40.29 -26.37 29.69
C ILE A 282 -38.82 -26.70 29.97
N GLU A 283 -38.58 -27.56 30.95
CA GLU A 283 -37.20 -27.95 31.26
C GLU A 283 -36.60 -28.55 29.99
N LYS A 284 -37.31 -29.48 29.38
CA LYS A 284 -36.82 -30.10 28.16
C LYS A 284 -36.63 -29.09 27.04
N LEU A 285 -37.66 -28.29 26.77
CA LEU A 285 -37.61 -27.29 25.72
C LEU A 285 -36.42 -26.35 25.92
N MET A 286 -36.22 -25.92 27.16
CA MET A 286 -35.12 -25.01 27.47
C MET A 286 -33.75 -25.67 27.34
N GLU A 287 -33.62 -26.91 27.83
CA GLU A 287 -32.35 -27.60 27.70
C GLU A 287 -31.97 -27.63 26.24
N ALA A 288 -32.96 -27.89 25.39
CA ALA A 288 -32.75 -27.94 23.96
C ALA A 288 -32.32 -26.58 23.40
N LEU A 289 -32.71 -25.51 24.08
CA LEU A 289 -32.38 -24.17 23.64
C LEU A 289 -31.05 -23.66 24.18
N GLY A 290 -30.53 -24.32 25.21
CA GLY A 290 -29.27 -23.90 25.80
C GLY A 290 -29.52 -22.75 26.76
N ALA A 291 -30.77 -22.61 27.20
CA ALA A 291 -31.15 -21.52 28.11
C ALA A 291 -30.93 -21.87 29.60
N LYS A 292 -30.58 -20.86 30.39
CA LYS A 292 -30.36 -21.04 31.82
C LYS A 292 -31.60 -20.61 32.56
N LYS A 293 -31.95 -21.33 33.62
CA LYS A 293 -33.14 -21.01 34.39
C LYS A 293 -32.84 -20.05 35.53
N ARG A 294 -33.79 -19.15 35.79
CA ARG A 294 -33.67 -18.17 36.86
C ARG A 294 -34.93 -18.33 37.71
N LEU A 295 -35.08 -17.45 38.70
CA LEU A 295 -36.23 -17.52 39.59
C LEU A 295 -37.59 -17.42 38.88
N PHE A 296 -37.74 -16.40 38.04
CA PHE A 296 -39.00 -16.19 37.34
C PHE A 296 -39.01 -16.40 35.84
N ASP A 297 -37.86 -16.71 35.26
CA ASP A 297 -37.82 -16.90 33.80
C ASP A 297 -36.60 -17.72 33.35
N TYR A 298 -36.40 -17.72 32.03
CA TYR A 298 -35.28 -18.40 31.42
C TYR A 298 -34.54 -17.36 30.56
N VAL A 299 -33.21 -17.41 30.59
CA VAL A 299 -32.42 -16.48 29.81
C VAL A 299 -31.45 -17.20 28.91
N VAL A 300 -30.88 -16.44 28.00
CA VAL A 300 -29.91 -16.96 27.07
C VAL A 300 -28.94 -15.79 26.91
N LYS A 301 -27.69 -16.05 26.60
CA LYS A 301 -26.74 -14.95 26.39
C LYS A 301 -27.25 -14.27 25.12
N CYS A 302 -27.45 -12.96 25.19
CA CYS A 302 -28.01 -12.25 24.04
C CYS A 302 -27.41 -12.56 22.69
N ASN A 303 -26.09 -12.59 22.58
CA ASN A 303 -25.44 -12.86 21.31
C ASN A 303 -25.95 -14.14 20.64
N GLU A 304 -26.60 -15.02 21.40
CA GLU A 304 -27.10 -16.26 20.82
C GLU A 304 -28.61 -16.30 20.61
N GLY A 305 -29.28 -15.19 20.86
CA GLY A 305 -30.71 -15.15 20.68
C GLY A 305 -31.09 -15.42 19.22
N PRO A 306 -30.48 -14.71 18.26
CA PRO A 306 -30.80 -14.91 16.84
C PRO A 306 -30.50 -16.32 16.34
N THR A 307 -29.68 -17.07 17.06
CA THR A 307 -29.31 -18.42 16.63
C THR A 307 -30.27 -19.50 17.12
N LEU A 308 -31.13 -19.16 18.07
CA LEU A 308 -32.07 -20.13 18.62
C LEU A 308 -32.99 -20.68 17.53
N PRO A 309 -33.27 -21.99 17.59
CA PRO A 309 -34.12 -22.69 16.62
C PRO A 309 -35.59 -22.30 16.67
N ASP A 310 -36.31 -22.70 15.64
CA ASP A 310 -37.74 -22.42 15.55
C ASP A 310 -38.45 -23.33 16.54
N ILE A 311 -39.59 -22.87 17.03
CA ILE A 311 -40.41 -23.67 17.94
C ILE A 311 -41.73 -23.77 17.18
N SER A 312 -42.25 -24.97 17.01
CA SER A 312 -43.50 -25.15 16.29
C SER A 312 -44.58 -25.79 17.17
N PHE A 313 -45.83 -25.43 16.91
CA PHE A 313 -46.95 -25.95 17.67
C PHE A 313 -47.99 -26.54 16.73
N HIS A 314 -48.14 -27.87 16.80
CA HIS A 314 -49.08 -28.57 15.93
C HIS A 314 -50.52 -28.42 16.46
N LEU A 315 -51.32 -27.61 15.77
CA LEU A 315 -52.70 -27.40 16.19
C LEU A 315 -53.69 -27.66 15.06
N GLY A 316 -54.60 -28.61 15.30
CA GLY A 316 -55.62 -28.95 14.32
C GLY A 316 -55.13 -29.21 12.91
N GLY A 317 -54.05 -29.99 12.78
CA GLY A 317 -53.54 -30.29 11.46
C GLY A 317 -52.79 -29.16 10.76
N LYS A 318 -52.29 -28.21 11.53
CA LYS A 318 -51.54 -27.09 10.98
C LYS A 318 -50.35 -26.82 11.90
N GLU A 319 -49.20 -26.48 11.34
CA GLU A 319 -48.02 -26.17 12.14
C GLU A 319 -47.87 -24.67 12.35
N TYR A 320 -47.91 -24.23 13.61
CA TYR A 320 -47.77 -22.82 13.94
C TYR A 320 -46.35 -22.63 14.47
N THR A 321 -45.53 -21.98 13.65
CA THR A 321 -44.12 -21.80 13.95
C THR A 321 -43.63 -20.42 14.38
N LEU A 322 -42.85 -20.41 15.46
CA LEU A 322 -42.27 -19.19 15.96
C LEU A 322 -40.77 -19.23 15.71
N THR A 323 -40.23 -18.09 15.32
CA THR A 323 -38.80 -17.95 15.08
C THR A 323 -38.21 -17.39 16.38
N SER A 324 -36.89 -17.39 16.52
CA SER A 324 -36.31 -16.84 17.74
C SER A 324 -36.68 -15.37 17.93
N ALA A 325 -36.78 -14.64 16.82
CA ALA A 325 -37.14 -13.24 16.88
C ALA A 325 -38.52 -13.11 17.50
N ASP A 326 -39.34 -14.14 17.32
CA ASP A 326 -40.70 -14.16 17.86
C ASP A 326 -40.80 -14.45 19.36
N TYR A 327 -39.82 -15.16 19.92
CA TYR A 327 -39.92 -15.49 21.34
C TYR A 327 -38.82 -14.98 22.27
N VAL A 328 -37.80 -14.34 21.75
CA VAL A 328 -36.77 -13.82 22.64
C VAL A 328 -36.80 -12.30 22.69
N PHE A 329 -36.65 -11.74 23.88
CA PHE A 329 -36.61 -10.29 24.03
C PHE A 329 -35.19 -9.86 23.68
N GLN A 330 -34.94 -9.65 22.39
CA GLN A 330 -33.63 -9.28 21.90
C GLN A 330 -33.31 -7.85 22.30
N GLU A 331 -32.82 -7.67 23.54
CA GLU A 331 -32.49 -6.37 24.10
C GLU A 331 -31.17 -5.82 23.58
N SER A 332 -30.22 -6.72 23.31
CA SER A 332 -28.92 -6.35 22.78
C SER A 332 -28.34 -7.61 22.15
N TYR A 333 -27.08 -7.56 21.74
CA TYR A 333 -26.44 -8.70 21.11
C TYR A 333 -25.14 -9.10 21.81
N SER A 334 -24.83 -8.42 22.92
CA SER A 334 -23.62 -8.70 23.67
C SER A 334 -23.61 -10.07 24.32
N SER A 335 -22.42 -10.67 24.41
CA SER A 335 -22.30 -11.97 25.04
C SER A 335 -22.11 -11.79 26.54
N LYS A 336 -22.06 -10.53 26.97
CA LYS A 336 -21.90 -10.22 28.39
C LYS A 336 -23.26 -9.88 29.00
N LYS A 337 -24.31 -10.02 28.22
CA LYS A 337 -25.65 -9.71 28.70
C LYS A 337 -26.62 -10.87 28.58
N LEU A 338 -27.66 -10.85 29.39
CA LEU A 338 -28.65 -11.90 29.35
C LEU A 338 -29.93 -11.38 28.72
N CYS A 339 -30.57 -12.22 27.94
CA CYS A 339 -31.81 -11.85 27.28
C CYS A 339 -32.89 -12.87 27.66
N THR A 340 -34.03 -12.36 28.15
CA THR A 340 -35.14 -13.22 28.58
C THR A 340 -35.89 -13.80 27.38
N LEU A 341 -36.58 -14.92 27.61
CA LEU A 341 -37.36 -15.58 26.58
C LEU A 341 -38.84 -15.47 26.93
N ALA A 342 -39.68 -15.27 25.92
CA ALA A 342 -41.11 -15.12 26.13
C ALA A 342 -41.85 -16.45 26.29
N ILE A 343 -41.14 -17.44 26.82
CA ILE A 343 -41.69 -18.76 27.07
C ILE A 343 -41.37 -19.10 28.51
N HIS A 344 -42.39 -19.39 29.31
CA HIS A 344 -42.16 -19.69 30.71
C HIS A 344 -42.68 -21.05 31.14
N ALA A 345 -42.39 -21.39 32.39
CA ALA A 345 -42.86 -22.63 32.96
C ALA A 345 -44.01 -22.22 33.86
N MET A 346 -45.16 -22.83 33.67
CA MET A 346 -46.32 -22.51 34.50
C MET A 346 -47.18 -23.74 34.68
N ASP A 347 -47.28 -24.18 35.92
CA ASP A 347 -48.08 -25.35 36.24
C ASP A 347 -49.49 -24.94 36.57
N ILE A 348 -50.39 -25.13 35.60
CA ILE A 348 -51.79 -24.77 35.76
C ILE A 348 -52.51 -25.98 36.34
N PRO A 349 -53.12 -25.81 37.52
CA PRO A 349 -53.86 -26.84 38.27
C PRO A 349 -55.15 -27.35 37.64
N PRO A 350 -55.52 -28.59 37.95
CA PRO A 350 -56.73 -29.23 37.43
C PRO A 350 -57.97 -28.45 37.88
N PRO A 351 -59.11 -28.68 37.20
CA PRO A 351 -59.25 -29.61 36.08
C PRO A 351 -58.75 -29.06 34.74
N THR A 352 -58.60 -27.74 34.67
CA THR A 352 -58.11 -27.10 33.44
C THR A 352 -56.72 -27.57 33.04
N GLY A 353 -55.84 -27.69 34.04
CA GLY A 353 -54.48 -28.15 33.77
C GLY A 353 -54.27 -29.58 34.24
N PRO A 354 -53.08 -30.17 34.02
CA PRO A 354 -51.93 -29.54 33.36
C PRO A 354 -52.26 -29.14 31.93
N THR A 355 -51.54 -28.17 31.40
CA THR A 355 -51.77 -27.68 30.04
C THR A 355 -50.78 -26.61 29.64
N TRP A 356 -50.57 -26.48 28.34
CA TRP A 356 -49.70 -25.42 27.84
C TRP A 356 -50.62 -24.20 27.77
N ALA A 357 -50.05 -23.01 27.73
CA ALA A 357 -50.83 -21.78 27.62
C ALA A 357 -50.27 -20.95 26.47
N LEU A 358 -51.12 -20.60 25.50
CA LEU A 358 -50.68 -19.81 24.36
C LEU A 358 -51.13 -18.36 24.58
N GLY A 359 -50.21 -17.55 25.09
CA GLY A 359 -50.50 -16.16 25.36
C GLY A 359 -50.07 -15.18 24.29
N ALA A 360 -49.76 -13.95 24.71
CA ALA A 360 -49.35 -12.88 23.79
C ALA A 360 -48.23 -13.26 22.84
N THR A 361 -47.22 -13.98 23.33
CA THR A 361 -46.11 -14.36 22.48
C THR A 361 -46.63 -15.05 21.21
N PHE A 362 -47.65 -15.89 21.39
CA PHE A 362 -48.25 -16.63 20.29
C PHE A 362 -49.26 -15.77 19.50
N ILE A 363 -50.12 -15.06 20.21
CA ILE A 363 -51.13 -14.24 19.58
C ILE A 363 -50.54 -13.12 18.72
N ARG A 364 -49.37 -12.61 19.09
CA ARG A 364 -48.70 -11.57 18.31
C ARG A 364 -48.45 -12.06 16.90
N LYS A 365 -48.15 -13.35 16.77
CA LYS A 365 -47.89 -13.94 15.47
C LYS A 365 -49.17 -14.36 14.77
N PHE A 366 -50.15 -14.85 15.53
CA PHE A 366 -51.39 -15.29 14.92
C PHE A 366 -52.67 -14.65 15.42
N TYR A 367 -53.33 -13.91 14.53
CA TYR A 367 -54.58 -13.28 14.85
C TYR A 367 -55.48 -14.41 15.34
N THR A 368 -56.19 -14.19 16.44
CA THR A 368 -57.03 -15.24 17.00
C THR A 368 -58.50 -14.88 17.14
N GLU A 369 -59.36 -15.80 16.68
CA GLU A 369 -60.81 -15.62 16.73
C GLU A 369 -61.39 -16.67 17.67
N PHE A 370 -62.19 -16.22 18.63
CA PHE A 370 -62.83 -17.14 19.56
C PHE A 370 -64.31 -17.22 19.16
N ASP A 371 -64.72 -18.39 18.69
CA ASP A 371 -66.08 -18.59 18.21
C ASP A 371 -67.00 -19.30 19.21
N ARG A 372 -67.86 -18.53 19.87
CA ARG A 372 -68.79 -19.07 20.85
C ARG A 372 -69.92 -19.90 20.21
N ARG A 373 -70.36 -19.50 19.02
CA ARG A 373 -71.44 -20.21 18.36
C ARG A 373 -71.07 -21.63 17.95
N ASN A 374 -69.80 -21.86 17.61
CA ASN A 374 -69.38 -23.19 17.19
C ASN A 374 -68.34 -23.85 18.09
N ASN A 375 -68.12 -23.28 19.28
CA ASN A 375 -67.13 -23.80 20.22
C ASN A 375 -65.83 -24.21 19.54
N ARG A 376 -65.23 -23.24 18.86
CA ARG A 376 -63.99 -23.44 18.13
C ARG A 376 -63.11 -22.21 18.25
N ILE A 377 -61.86 -22.37 17.86
CA ILE A 377 -60.90 -21.29 17.88
C ILE A 377 -60.22 -21.28 16.52
N GLY A 378 -60.10 -20.09 15.93
CA GLY A 378 -59.48 -19.99 14.62
C GLY A 378 -58.21 -19.15 14.63
N PHE A 379 -57.23 -19.59 13.86
CA PHE A 379 -55.96 -18.88 13.78
C PHE A 379 -55.70 -18.45 12.34
N ALA A 380 -55.02 -17.32 12.20
CA ALA A 380 -54.68 -16.79 10.89
C ALA A 380 -53.45 -15.89 11.06
N LEU A 381 -52.56 -15.89 10.07
CA LEU A 381 -51.36 -15.09 10.11
C LEU A 381 -51.64 -13.61 10.37
N ALA A 382 -51.13 -13.09 11.49
CA ALA A 382 -51.32 -11.68 11.83
C ALA A 382 -50.65 -10.77 10.82
N ARG A 383 -51.29 -9.64 10.53
CA ARG A 383 -50.77 -8.68 9.57
C ARG A 383 -50.43 -7.37 10.32
N VAL B 3 -33.45 -5.60 34.83
CA VAL B 3 -33.91 -5.99 33.51
C VAL B 3 -34.73 -7.27 33.56
N TYR B 4 -36.03 -7.14 33.37
CA TYR B 4 -36.64 -5.85 33.09
C TYR B 4 -38.16 -5.96 32.96
N ILE B 5 -38.61 -7.05 32.34
CA ILE B 5 -40.03 -7.28 32.14
C ILE B 5 -40.61 -8.16 33.26
N HIS B 6 -41.92 -8.36 33.22
CA HIS B 6 -42.61 -9.18 34.25
C HIS B 6 -43.85 -9.83 33.65
N PRO B 7 -43.85 -11.17 33.52
CA PRO B 7 -45.06 -11.71 32.86
C PRO B 7 -46.21 -11.81 33.83
N PHE B 8 -47.38 -11.61 33.29
CA PHE B 8 -48.66 -11.75 33.94
C PHE B 8 -49.33 -13.04 33.49
N HIS B 9 -49.65 -13.85 34.49
CA HIS B 9 -50.32 -15.15 34.18
C HIS B 9 -51.74 -15.09 34.66
N LEU B 10 -52.60 -14.76 33.71
CA LEU B 10 -54.02 -14.62 34.00
C LEU B 10 -54.82 -15.86 33.60
N VAL B 11 -54.47 -16.99 34.21
CA VAL B 11 -55.18 -18.24 33.95
C VAL B 11 -55.99 -18.66 35.17
N ILE B 12 -57.29 -18.42 35.11
CA ILE B 12 -58.18 -18.73 36.24
C ILE B 12 -58.15 -20.22 36.56
N HIS B 13 -58.17 -20.52 37.86
CA HIS B 13 -58.13 -21.91 38.31
C HIS B 13 -59.01 -22.10 39.55
N ASN B 14 -59.33 -23.35 39.86
CA ASN B 14 -60.11 -23.63 41.04
C ASN B 14 -59.26 -23.47 42.30
N GLU B 15 -59.45 -22.35 42.98
CA GLU B 15 -58.73 -22.01 44.20
C GLU B 15 -57.99 -23.19 44.85
N SER B 16 -56.78 -22.90 45.33
CA SER B 16 -55.95 -23.89 46.01
C SER B 16 -55.08 -23.18 47.05
N THR B 17 -54.02 -23.85 47.51
CA THR B 17 -53.13 -23.22 48.48
C THR B 17 -52.25 -24.19 49.27
N CYS B 18 -51.69 -23.68 50.37
CA CYS B 18 -50.81 -24.45 51.24
C CYS B 18 -50.15 -25.62 50.51
N ASP B 31 -46.93 -20.48 75.53
CA ASP B 31 -45.57 -20.01 75.18
C ASP B 31 -44.77 -19.59 76.43
N PRO B 32 -43.44 -19.79 76.40
CA PRO B 32 -42.60 -19.46 77.55
C PRO B 32 -42.09 -18.02 77.50
N THR B 33 -42.71 -17.14 78.28
CA THR B 33 -42.30 -15.73 78.31
C THR B 33 -41.06 -15.53 79.15
N PHE B 34 -40.42 -14.37 79.01
CA PHE B 34 -39.25 -14.01 79.80
C PHE B 34 -39.10 -12.50 79.94
N ILE B 35 -38.73 -12.05 81.15
CA ILE B 35 -38.41 -10.64 81.38
C ILE B 35 -36.94 -10.42 81.03
N PRO B 36 -36.65 -9.39 80.22
CA PRO B 36 -35.26 -9.08 79.91
C PRO B 36 -34.60 -8.33 81.05
N ALA B 37 -33.29 -8.49 81.19
CA ALA B 37 -32.53 -7.87 82.28
C ALA B 37 -32.41 -6.37 82.08
N PRO B 38 -31.95 -5.64 83.12
CA PRO B 38 -31.68 -4.22 82.94
C PRO B 38 -30.42 -3.99 82.09
N ILE B 39 -30.32 -2.81 81.49
CA ILE B 39 -29.18 -2.47 80.63
C ILE B 39 -27.89 -2.21 81.42
N GLN B 40 -28.02 -1.97 82.72
CA GLN B 40 -26.87 -1.85 83.62
C GLN B 40 -25.98 -3.09 83.58
N ALA B 41 -26.59 -4.24 83.27
CA ALA B 41 -25.86 -5.50 83.12
C ALA B 41 -24.79 -5.37 82.03
N LYS B 42 -23.61 -5.92 82.30
CA LYS B 42 -22.48 -5.83 81.37
C LYS B 42 -22.72 -6.69 80.15
N THR B 43 -23.08 -6.05 79.04
CA THR B 43 -23.27 -6.71 77.76
C THR B 43 -22.05 -6.48 76.88
N SER B 44 -21.50 -7.57 76.34
CA SER B 44 -20.33 -7.47 75.47
C SER B 44 -20.69 -6.81 74.15
N PRO B 45 -19.77 -6.06 73.54
CA PRO B 45 -20.06 -5.38 72.29
C PRO B 45 -20.17 -6.33 71.09
N VAL B 46 -20.77 -5.85 70.01
CA VAL B 46 -20.98 -6.68 68.82
C VAL B 46 -19.68 -6.89 68.04
N ASN B 47 -19.29 -8.15 67.89
CA ASN B 47 -18.14 -8.50 67.07
C ASN B 47 -18.53 -8.39 65.60
N GLU B 48 -18.18 -7.26 64.99
CA GLU B 48 -18.63 -6.93 63.65
C GLU B 48 -18.07 -7.87 62.59
N LYS B 49 -16.83 -8.32 62.80
CA LYS B 49 -16.22 -9.33 61.91
C LYS B 49 -17.01 -10.62 62.00
N ALA B 50 -17.24 -11.08 63.23
CA ALA B 50 -18.00 -12.30 63.49
C ALA B 50 -19.41 -12.23 62.88
N LEU B 51 -19.99 -11.04 62.87
CA LEU B 51 -21.33 -10.83 62.31
C LEU B 51 -21.34 -11.04 60.80
N GLN B 52 -20.50 -10.29 60.08
CA GLN B 52 -20.50 -10.33 58.63
C GLN B 52 -20.06 -11.69 58.09
N ASP B 53 -19.13 -12.34 58.80
CA ASP B 53 -18.69 -13.69 58.44
C ASP B 53 -19.82 -14.71 58.59
N GLN B 54 -20.79 -14.41 59.45
CA GLN B 54 -21.99 -15.24 59.60
C GLN B 54 -23.00 -14.90 58.51
N LEU B 55 -23.07 -13.63 58.13
CA LEU B 55 -23.99 -13.18 57.08
C LEU B 55 -23.59 -13.68 55.69
N VAL B 56 -22.29 -13.79 55.44
CA VAL B 56 -21.80 -14.33 54.17
C VAL B 56 -22.07 -15.84 54.06
N LEU B 57 -22.04 -16.52 55.20
CA LEU B 57 -22.39 -17.94 55.26
C LEU B 57 -23.87 -18.12 54.94
N VAL B 58 -24.71 -17.26 55.51
CA VAL B 58 -26.14 -17.27 55.25
C VAL B 58 -26.41 -17.01 53.77
N ALA B 59 -25.64 -16.09 53.18
CA ALA B 59 -25.73 -15.81 51.75
C ALA B 59 -25.20 -16.97 50.91
N ALA B 60 -24.14 -17.62 51.38
CA ALA B 60 -23.54 -18.75 50.66
C ALA B 60 -24.48 -19.95 50.69
N LYS B 61 -24.77 -20.45 51.88
CA LYS B 61 -25.67 -21.59 52.05
C LYS B 61 -27.12 -21.12 51.85
N LEU B 62 -27.50 -21.00 50.59
CA LEU B 62 -28.77 -20.40 50.21
C LEU B 62 -29.27 -20.99 48.89
N ASP B 63 -30.51 -21.44 48.86
CA ASP B 63 -31.08 -22.10 47.68
C ASP B 63 -31.25 -21.12 46.53
N THR B 64 -31.40 -21.65 45.31
CA THR B 64 -31.70 -20.84 44.13
C THR B 64 -33.12 -20.28 44.23
N GLU B 65 -33.99 -21.00 44.94
CA GLU B 65 -35.35 -20.52 45.22
C GLU B 65 -35.32 -19.37 46.22
N ASP B 66 -34.43 -19.47 47.21
CA ASP B 66 -34.27 -18.42 48.22
C ASP B 66 -33.72 -17.12 47.62
N LYS B 67 -32.89 -17.24 46.59
CA LYS B 67 -32.37 -16.06 45.88
C LYS B 67 -33.50 -15.26 45.22
N LEU B 68 -34.48 -15.96 44.68
CA LEU B 68 -35.67 -15.31 44.10
C LEU B 68 -36.51 -14.66 45.20
N ARG B 69 -36.58 -15.31 46.36
CA ARG B 69 -37.31 -14.78 47.51
C ARG B 69 -36.63 -13.52 48.05
N ALA B 70 -35.30 -13.55 48.11
CA ALA B 70 -34.51 -12.40 48.53
C ALA B 70 -34.70 -11.23 47.55
N ALA B 71 -34.78 -11.54 46.27
CA ALA B 71 -35.08 -10.54 45.24
C ALA B 71 -36.49 -10.01 45.41
N MET B 72 -37.43 -10.91 45.71
CA MET B 72 -38.84 -10.55 45.87
C MET B 72 -39.04 -9.61 47.06
N VAL B 73 -38.55 -10.03 48.22
CA VAL B 73 -38.63 -9.19 49.44
C VAL B 73 -37.85 -7.89 49.25
N GLY B 74 -36.85 -7.91 48.36
CA GLY B 74 -36.14 -6.70 47.97
C GLY B 74 -37.06 -5.70 47.31
N MET B 75 -37.81 -6.16 46.31
CA MET B 75 -38.74 -5.29 45.59
C MET B 75 -39.86 -4.75 46.47
N LEU B 76 -40.34 -5.57 47.40
CA LEU B 76 -41.35 -5.14 48.35
C LEU B 76 -40.81 -3.97 49.17
N ALA B 77 -39.55 -4.09 49.60
CA ALA B 77 -38.86 -3.03 50.32
C ALA B 77 -38.70 -1.79 49.44
N ASN B 78 -38.42 -2.01 48.16
CA ASN B 78 -38.34 -0.91 47.19
C ASN B 78 -39.68 -0.17 47.09
N PHE B 79 -40.75 -0.91 46.82
CA PHE B 79 -42.07 -0.32 46.62
C PHE B 79 -42.60 0.37 47.88
N LEU B 80 -42.26 -0.17 49.04
CA LEU B 80 -42.62 0.46 50.32
C LEU B 80 -41.92 1.81 50.45
N GLY B 81 -40.64 1.85 50.07
CA GLY B 81 -39.89 3.10 50.08
C GLY B 81 -40.48 4.15 49.15
N PHE B 82 -40.92 3.71 47.97
CA PHE B 82 -41.57 4.61 47.02
C PHE B 82 -42.96 5.00 47.50
N ARG B 83 -43.66 4.06 48.12
CA ARG B 83 -44.93 4.35 48.81
C ARG B 83 -44.74 5.44 49.85
N ILE B 84 -43.68 5.33 50.64
CA ILE B 84 -43.40 6.26 51.73
C ILE B 84 -43.09 7.68 51.23
N TYR B 85 -42.69 7.82 49.97
CA TYR B 85 -42.56 9.14 49.35
C TYR B 85 -43.93 9.81 49.12
N GLY B 86 -45.01 9.09 49.43
CA GLY B 86 -46.35 9.66 49.48
C GLY B 86 -46.53 10.74 50.55
N MET B 87 -45.52 10.94 51.39
CA MET B 87 -45.44 12.13 52.25
C MET B 87 -45.29 13.41 51.43
N HIS B 88 -44.69 13.28 50.24
CA HIS B 88 -44.49 14.39 49.30
C HIS B 88 -43.49 15.42 49.81
N SER B 89 -42.22 15.00 49.88
CA SER B 89 -41.09 15.84 50.32
C SER B 89 -41.13 16.24 51.79
N GLU B 90 -41.89 15.50 52.60
CA GLU B 90 -41.91 15.69 54.05
C GLU B 90 -41.11 14.60 54.77
N LEU B 91 -40.49 13.70 54.00
CA LEU B 91 -39.68 12.63 54.56
C LEU B 91 -38.51 13.20 55.34
N TRP B 92 -37.85 14.20 54.75
CA TRP B 92 -36.73 14.87 55.41
C TRP B 92 -37.24 15.74 56.56
N GLY B 93 -38.52 16.10 56.51
CA GLY B 93 -39.22 16.74 57.61
C GLY B 93 -39.03 16.03 58.94
N VAL B 94 -38.89 14.71 58.89
CA VAL B 94 -38.45 13.93 60.04
C VAL B 94 -36.95 14.23 60.27
N VAL B 95 -36.69 15.42 60.81
CA VAL B 95 -35.35 15.99 60.87
C VAL B 95 -34.56 15.45 62.07
N HIS B 96 -33.91 14.31 61.87
CA HIS B 96 -32.99 13.76 62.86
C HIS B 96 -31.75 13.20 62.16
N GLY B 97 -30.63 13.91 62.31
CA GLY B 97 -29.39 13.52 61.65
C GLY B 97 -29.42 13.81 60.17
N ALA B 98 -28.63 13.05 59.41
CA ALA B 98 -28.55 13.21 57.96
C ALA B 98 -29.77 12.60 57.28
N THR B 99 -30.24 13.28 56.23
CA THR B 99 -31.43 12.87 55.50
C THR B 99 -31.15 11.65 54.62
N VAL B 100 -31.33 10.47 55.21
CA VAL B 100 -31.16 9.22 54.49
C VAL B 100 -31.89 8.09 55.23
N LEU B 101 -32.73 7.35 54.48
CA LEU B 101 -33.52 6.26 55.05
C LEU B 101 -33.21 4.94 54.36
N SER B 102 -33.43 3.84 55.06
CA SER B 102 -33.10 2.50 54.57
C SER B 102 -34.37 1.70 54.28
N PRO B 103 -34.82 1.70 53.01
CA PRO B 103 -36.00 0.93 52.63
C PRO B 103 -36.01 -0.52 53.14
N THR B 104 -34.86 -1.18 53.08
CA THR B 104 -34.75 -2.56 53.54
C THR B 104 -34.89 -2.65 55.06
N ALA B 105 -34.32 -1.69 55.77
CA ALA B 105 -34.44 -1.63 57.23
C ALA B 105 -35.86 -1.25 57.65
N VAL B 106 -36.43 -0.28 56.95
CA VAL B 106 -37.83 0.12 57.18
C VAL B 106 -38.73 -1.08 57.03
N PHE B 107 -38.65 -1.74 55.88
CA PHE B 107 -39.45 -2.93 55.61
C PHE B 107 -39.27 -3.96 56.71
N GLY B 108 -38.01 -4.23 57.07
CA GLY B 108 -37.70 -5.22 58.09
C GLY B 108 -38.27 -4.89 59.45
N THR B 109 -37.98 -3.68 59.93
CA THR B 109 -38.48 -3.24 61.23
C THR B 109 -40.01 -3.30 61.27
N LEU B 110 -40.63 -3.00 60.14
CA LEU B 110 -42.09 -3.07 60.00
C LEU B 110 -42.56 -4.52 59.98
N ALA B 111 -41.82 -5.35 59.25
CA ALA B 111 -42.12 -6.78 59.13
C ALA B 111 -41.93 -7.53 60.46
N SER B 112 -41.07 -7.02 61.32
CA SER B 112 -40.82 -7.63 62.62
C SER B 112 -41.94 -7.30 63.62
N LEU B 113 -42.56 -6.13 63.48
CA LEU B 113 -43.74 -5.79 64.26
C LEU B 113 -44.92 -6.67 63.84
N TYR B 114 -44.94 -7.03 62.57
CA TYR B 114 -45.97 -7.93 62.03
C TYR B 114 -46.02 -9.26 62.80
N LEU B 115 -44.86 -9.75 63.26
CA LEU B 115 -44.81 -10.95 64.10
C LEU B 115 -45.76 -10.81 65.29
N GLY B 116 -45.61 -9.71 66.02
CA GLY B 116 -46.48 -9.38 67.14
C GLY B 116 -47.74 -8.69 66.66
N ALA B 117 -48.59 -9.42 65.94
CA ALA B 117 -49.80 -8.84 65.39
C ALA B 117 -50.85 -9.91 65.11
N LEU B 118 -52.03 -9.74 65.68
CA LEU B 118 -53.17 -10.63 65.44
C LEU B 118 -53.96 -10.06 64.26
N ASP B 119 -55.14 -10.64 64.01
CA ASP B 119 -56.07 -10.08 63.02
C ASP B 119 -56.26 -8.58 63.22
N HIS B 120 -56.69 -7.90 62.15
CA HIS B 120 -56.75 -6.44 62.09
C HIS B 120 -55.35 -5.82 62.05
N THR B 121 -54.64 -5.81 63.17
CA THR B 121 -53.32 -5.19 63.25
C THR B 121 -52.32 -5.83 62.29
N ALA B 122 -52.27 -7.16 62.29
CA ALA B 122 -51.46 -7.89 61.31
C ALA B 122 -52.04 -7.71 59.91
N ASP B 123 -53.37 -7.69 59.82
CA ASP B 123 -54.05 -7.51 58.53
C ASP B 123 -53.88 -6.10 57.95
N ARG B 124 -53.52 -5.13 58.80
CA ARG B 124 -53.19 -3.77 58.35
C ARG B 124 -51.73 -3.72 57.89
N LEU B 125 -50.83 -4.15 58.77
CA LEU B 125 -49.40 -4.20 58.45
C LEU B 125 -49.13 -5.04 57.20
N GLN B 126 -49.88 -6.13 57.05
CA GLN B 126 -49.91 -6.92 55.82
C GLN B 126 -49.95 -6.01 54.59
N ALA B 127 -50.99 -5.19 54.51
CA ALA B 127 -51.09 -4.20 53.44
C ALA B 127 -50.05 -3.07 53.51
N ILE B 128 -49.85 -2.52 54.72
CA ILE B 128 -48.93 -1.41 54.92
C ILE B 128 -47.47 -1.74 54.65
N LEU B 129 -47.05 -2.90 55.15
CA LEU B 129 -45.69 -3.40 54.97
C LEU B 129 -45.48 -3.67 53.49
N GLY B 130 -46.54 -4.14 52.86
CA GLY B 130 -46.53 -4.64 51.49
C GLY B 130 -46.85 -6.10 51.68
N VAL B 131 -48.08 -6.47 51.37
CA VAL B 131 -48.53 -7.86 51.49
C VAL B 131 -49.19 -8.35 50.21
N PRO B 132 -49.38 -9.66 50.11
CA PRO B 132 -48.96 -10.58 51.18
C PRO B 132 -47.81 -11.48 50.74
N TRP B 133 -46.85 -10.90 50.00
CA TRP B 133 -45.71 -11.66 49.52
C TRP B 133 -46.14 -12.84 48.65
N LYS B 134 -47.19 -13.53 49.08
CA LYS B 134 -47.71 -14.67 48.34
C LYS B 134 -49.12 -14.41 47.85
N ASP B 135 -49.73 -13.33 48.33
CA ASP B 135 -51.09 -12.97 47.95
C ASP B 135 -52.12 -13.79 48.72
N LYS B 136 -51.69 -14.35 49.85
CA LYS B 136 -52.57 -15.15 50.69
C LYS B 136 -51.98 -15.36 52.08
N ASN B 137 -52.84 -15.70 53.04
CA ASN B 137 -52.39 -15.90 54.42
C ASN B 137 -52.76 -17.28 54.94
N CYS B 138 -52.32 -18.32 54.23
CA CYS B 138 -52.58 -19.69 54.65
C CYS B 138 -51.86 -20.00 55.95
N THR B 139 -51.16 -19.01 56.49
CA THR B 139 -50.42 -19.18 57.73
C THR B 139 -49.36 -20.27 57.60
N SER B 140 -48.09 -19.88 57.72
CA SER B 140 -46.99 -20.83 57.60
C SER B 140 -45.70 -20.23 58.13
N ARG B 141 -44.58 -20.87 57.80
CA ARG B 141 -43.26 -20.40 58.24
C ARG B 141 -42.77 -19.25 57.38
N LEU B 142 -43.52 -18.94 56.33
CA LEU B 142 -43.17 -17.86 55.42
C LEU B 142 -43.65 -16.52 55.95
N ASP B 143 -44.90 -16.47 56.39
CA ASP B 143 -45.49 -15.25 56.92
C ASP B 143 -44.80 -14.83 58.22
N ALA B 144 -43.97 -13.80 58.13
CA ALA B 144 -43.25 -13.30 59.29
C ALA B 144 -41.90 -14.00 59.44
N HIS B 145 -41.92 -15.33 59.36
CA HIS B 145 -40.70 -16.12 59.48
C HIS B 145 -39.94 -16.23 58.16
N LYS B 146 -40.67 -16.38 57.05
CA LYS B 146 -40.07 -16.41 55.72
C LYS B 146 -39.55 -15.03 55.31
N VAL B 147 -40.39 -14.01 55.51
CA VAL B 147 -40.02 -12.64 55.17
C VAL B 147 -38.79 -12.16 55.94
N LEU B 148 -38.70 -12.51 57.22
CA LEU B 148 -37.59 -12.08 58.06
C LEU B 148 -36.27 -12.73 57.65
N SER B 149 -36.27 -14.05 57.48
CA SER B 149 -35.07 -14.77 57.05
C SER B 149 -34.72 -14.52 55.59
N ALA B 150 -35.71 -14.13 54.78
CA ALA B 150 -35.47 -13.69 53.41
C ALA B 150 -34.76 -12.34 53.41
N LEU B 151 -35.10 -11.51 54.39
CA LEU B 151 -34.52 -10.18 54.54
C LEU B 151 -33.15 -10.24 55.19
N GLN B 152 -32.89 -11.31 55.94
CA GLN B 152 -31.54 -11.64 56.40
C GLN B 152 -30.68 -11.92 55.17
N ALA B 153 -31.20 -12.75 54.27
CA ALA B 153 -30.50 -13.12 53.05
C ALA B 153 -30.07 -11.90 52.23
N VAL B 154 -30.96 -10.93 52.06
CA VAL B 154 -30.67 -9.76 51.24
C VAL B 154 -29.47 -8.95 51.76
N GLN B 155 -29.24 -9.01 53.07
CA GLN B 155 -28.08 -8.37 53.67
C GLN B 155 -26.80 -9.10 53.29
N GLY B 156 -26.83 -10.43 53.41
CA GLY B 156 -25.71 -11.27 52.98
C GLY B 156 -25.42 -11.13 51.50
N LEU B 157 -26.48 -10.94 50.72
CA LEU B 157 -26.35 -10.73 49.27
C LEU B 157 -25.62 -9.42 48.95
N LEU B 158 -25.87 -8.38 49.74
CA LEU B 158 -25.18 -7.10 49.58
C LEU B 158 -23.71 -7.26 49.90
N VAL B 159 -23.41 -7.67 51.14
CA VAL B 159 -22.03 -7.89 51.58
C VAL B 159 -21.58 -9.29 51.14
N ALA B 160 -21.27 -9.42 49.86
CA ALA B 160 -20.99 -10.73 49.24
C ALA B 160 -19.54 -10.87 48.80
N GLN B 161 -19.19 -10.23 47.68
CA GLN B 161 -17.90 -10.43 47.02
C GLN B 161 -17.75 -11.88 46.55
N GLY B 162 -18.71 -12.32 45.73
CA GLY B 162 -18.75 -13.69 45.24
C GLY B 162 -17.53 -14.03 44.39
N ARG B 163 -17.36 -13.30 43.30
CA ARG B 163 -16.19 -13.45 42.43
C ARG B 163 -14.94 -12.81 43.03
N ALA B 164 -15.14 -11.90 43.98
CA ALA B 164 -14.04 -11.18 44.64
C ALA B 164 -13.23 -12.08 45.58
N ASP B 165 -13.94 -12.88 46.39
CA ASP B 165 -13.33 -13.79 47.38
C ASP B 165 -12.68 -13.05 48.54
N SER B 166 -11.67 -12.24 48.25
CA SER B 166 -10.99 -11.40 49.24
C SER B 166 -11.95 -10.39 49.88
N GLN B 167 -11.47 -9.65 50.87
CA GLN B 167 -12.31 -8.73 51.63
C GLN B 167 -12.94 -7.67 50.72
N ALA B 168 -14.26 -7.77 50.56
CA ALA B 168 -15.02 -6.87 49.68
C ALA B 168 -15.01 -5.43 50.18
N GLN B 169 -14.78 -5.25 51.48
CA GLN B 169 -14.61 -3.92 52.07
C GLN B 169 -15.93 -3.21 52.42
N LEU B 170 -17.05 -3.71 51.89
CA LEU B 170 -18.38 -3.20 52.25
C LEU B 170 -18.92 -3.97 53.46
N LEU B 171 -19.53 -3.23 54.40
CA LEU B 171 -20.05 -3.83 55.62
C LEU B 171 -21.48 -3.36 55.85
N LEU B 172 -22.31 -4.25 56.37
CA LEU B 172 -23.68 -3.91 56.73
C LEU B 172 -24.07 -4.59 58.04
N SER B 173 -24.07 -3.81 59.12
CA SER B 173 -24.47 -4.31 60.43
C SER B 173 -25.89 -3.83 60.74
N THR B 174 -26.68 -4.69 61.38
CA THR B 174 -28.06 -4.36 61.72
C THR B 174 -28.42 -5.00 63.07
N VAL B 175 -28.39 -4.20 64.13
CA VAL B 175 -28.69 -4.68 65.48
C VAL B 175 -30.04 -4.14 65.97
N VAL B 176 -30.95 -5.05 66.28
CA VAL B 176 -32.32 -4.69 66.66
C VAL B 176 -32.49 -4.64 68.17
N GLY B 177 -32.61 -3.43 68.72
CA GLY B 177 -32.94 -3.25 70.13
C GLY B 177 -34.43 -3.33 70.35
N VAL B 178 -34.85 -4.08 71.37
CA VAL B 178 -36.26 -4.23 71.71
C VAL B 178 -36.45 -3.96 73.20
N PHE B 179 -36.48 -2.68 73.54
CA PHE B 179 -36.46 -2.25 74.95
C PHE B 179 -37.86 -2.17 75.54
N THR B 180 -38.18 -3.16 76.37
CA THR B 180 -39.48 -3.23 77.04
C THR B 180 -39.45 -2.53 78.39
N ALA B 181 -40.64 -2.33 78.96
CA ALA B 181 -40.76 -1.72 80.28
C ALA B 181 -40.48 -2.75 81.37
N PRO B 182 -40.40 -2.31 82.64
CA PRO B 182 -40.15 -3.25 83.72
C PRO B 182 -41.37 -4.14 83.99
N GLY B 183 -41.13 -5.45 84.08
CA GLY B 183 -42.21 -6.41 84.30
C GLY B 183 -43.01 -6.73 83.05
N LEU B 184 -42.43 -6.49 81.88
CA LEU B 184 -43.05 -6.85 80.60
C LEU B 184 -42.48 -8.18 80.13
N HIS B 185 -43.25 -9.25 80.37
CA HIS B 185 -42.82 -10.60 80.02
C HIS B 185 -43.04 -10.84 78.53
N LEU B 186 -42.07 -10.44 77.70
CA LEU B 186 -42.18 -10.64 76.26
C LEU B 186 -41.93 -12.10 75.87
N LYS B 187 -42.67 -12.57 74.87
CA LYS B 187 -42.74 -14.00 74.53
C LYS B 187 -41.51 -14.51 73.78
N GLN B 188 -41.24 -15.81 73.95
CA GLN B 188 -40.07 -16.46 73.34
C GLN B 188 -40.12 -16.58 71.80
N PRO B 189 -41.16 -17.24 71.25
CA PRO B 189 -41.17 -17.50 69.81
C PRO B 189 -41.08 -16.25 68.93
N PHE B 190 -41.55 -15.12 69.45
CA PHE B 190 -41.37 -13.82 68.79
C PHE B 190 -39.88 -13.48 68.66
N VAL B 191 -39.12 -13.73 69.73
CA VAL B 191 -37.70 -13.40 69.75
C VAL B 191 -36.92 -14.28 68.79
N GLN B 192 -37.34 -15.53 68.64
CA GLN B 192 -36.74 -16.42 67.65
C GLN B 192 -37.05 -15.94 66.24
N GLY B 193 -38.22 -15.33 66.06
CA GLY B 193 -38.55 -14.68 64.80
C GLY B 193 -37.59 -13.55 64.47
N LEU B 194 -37.33 -12.69 65.45
CA LEU B 194 -36.36 -11.61 65.29
C LEU B 194 -34.97 -12.16 64.97
N ALA B 195 -34.64 -13.32 65.54
CA ALA B 195 -33.36 -13.98 65.28
C ALA B 195 -33.18 -14.30 63.80
N LEU B 196 -34.27 -14.62 63.11
CA LEU B 196 -34.22 -14.89 61.68
C LEU B 196 -33.86 -13.64 60.88
N TYR B 197 -34.36 -12.49 61.32
CA TYR B 197 -34.10 -11.20 60.65
C TYR B 197 -32.66 -10.74 60.87
N THR B 198 -32.22 -10.78 62.12
CA THR B 198 -30.86 -10.41 62.47
C THR B 198 -30.34 -11.25 63.64
N PRO B 199 -29.05 -11.62 63.61
CA PRO B 199 -28.46 -12.31 64.76
C PRO B 199 -28.44 -11.44 66.02
N VAL B 200 -28.06 -10.17 65.86
CA VAL B 200 -27.95 -9.27 67.00
C VAL B 200 -29.32 -8.74 67.41
N VAL B 201 -30.01 -9.53 68.22
CA VAL B 201 -31.29 -9.12 68.81
C VAL B 201 -31.06 -8.89 70.29
N LEU B 202 -31.24 -7.65 70.73
CA LEU B 202 -30.90 -7.25 72.10
C LEU B 202 -32.10 -6.72 72.88
N PRO B 203 -32.94 -7.63 73.40
CA PRO B 203 -33.98 -7.23 74.32
C PRO B 203 -33.42 -7.00 75.73
N ARG B 204 -33.72 -5.83 76.29
CA ARG B 204 -33.24 -5.47 77.62
C ARG B 204 -34.17 -4.42 78.25
N SER B 205 -34.54 -4.63 79.52
CA SER B 205 -35.55 -3.78 80.18
C SER B 205 -35.06 -2.38 80.49
N LEU B 206 -36.01 -1.47 80.74
CA LEU B 206 -35.70 -0.07 81.02
C LEU B 206 -36.88 0.62 81.70
N ASP B 207 -36.59 1.59 82.56
CA ASP B 207 -37.61 2.35 83.28
C ASP B 207 -38.01 3.59 82.47
N PHE B 208 -39.17 3.51 81.81
CA PHE B 208 -39.63 4.58 80.90
C PHE B 208 -40.36 5.72 81.59
N THR B 209 -40.67 5.56 82.88
CA THR B 209 -41.32 6.63 83.66
C THR B 209 -40.47 7.89 83.65
N GLU B 210 -39.15 7.72 83.76
CA GLU B 210 -38.19 8.81 83.57
C GLU B 210 -37.65 8.75 82.14
N LEU B 211 -38.19 9.60 81.27
CA LEU B 211 -37.77 9.64 79.87
C LEU B 211 -36.36 10.22 79.71
N ASP B 212 -36.08 11.27 80.48
CA ASP B 212 -34.75 11.90 80.46
C ASP B 212 -33.66 10.89 80.83
N VAL B 213 -33.90 10.13 81.89
CA VAL B 213 -32.94 9.12 82.38
C VAL B 213 -32.89 7.91 81.45
N ALA B 214 -34.01 7.55 80.85
CA ALA B 214 -34.07 6.44 79.90
C ALA B 214 -33.34 6.79 78.61
N ALA B 215 -33.64 7.96 78.05
CA ALA B 215 -33.06 8.42 76.79
C ALA B 215 -31.53 8.50 76.83
N GLU B 216 -31.00 9.00 77.94
CA GLU B 216 -29.54 9.13 78.09
C GLU B 216 -28.87 7.77 78.29
N LYS B 217 -29.54 6.87 79.01
CA LYS B 217 -29.01 5.52 79.24
C LYS B 217 -29.17 4.63 78.01
N ILE B 218 -30.25 4.82 77.26
CA ILE B 218 -30.48 4.04 76.04
C ILE B 218 -29.42 4.34 74.98
N ASP B 219 -28.95 5.58 74.94
CA ASP B 219 -27.84 5.97 74.08
C ASP B 219 -26.51 5.40 74.60
N ARG B 220 -26.30 5.50 75.91
CA ARG B 220 -25.08 4.98 76.55
C ARG B 220 -24.94 3.46 76.39
N PHE B 221 -26.06 2.76 76.33
CA PHE B 221 -26.06 1.31 76.15
C PHE B 221 -25.66 0.94 74.73
N MET B 222 -26.43 1.45 73.76
CA MET B 222 -26.24 1.10 72.36
C MET B 222 -24.86 1.50 71.84
N GLN B 223 -24.47 2.74 72.06
CA GLN B 223 -23.15 3.22 71.62
C GLN B 223 -22.02 2.40 72.26
N ALA B 224 -22.26 1.92 73.48
CA ALA B 224 -21.33 1.01 74.14
C ALA B 224 -21.35 -0.38 73.47
N VAL B 225 -22.55 -0.89 73.20
CA VAL B 225 -22.70 -2.22 72.61
C VAL B 225 -22.31 -2.24 71.13
N THR B 226 -22.78 -1.26 70.38
CA THR B 226 -22.54 -1.20 68.94
C THR B 226 -21.14 -0.70 68.64
N GLY B 227 -20.85 0.51 69.11
CA GLY B 227 -19.58 1.17 68.83
C GLY B 227 -19.67 2.19 67.72
N TRP B 228 -20.83 2.84 67.61
CA TRP B 228 -20.99 3.99 66.70
C TRP B 228 -22.04 4.97 67.21
N LYS B 229 -21.73 6.26 67.11
CA LYS B 229 -22.62 7.32 67.61
C LYS B 229 -23.91 7.42 66.81
N THR B 230 -25.02 7.07 67.44
CA THR B 230 -26.34 7.19 66.83
C THR B 230 -26.95 8.55 67.16
N GLY B 231 -27.70 9.11 66.22
CA GLY B 231 -28.28 10.45 66.37
C GLY B 231 -29.39 10.50 67.40
N CYS B 232 -29.00 10.49 68.67
CA CYS B 232 -29.94 10.49 69.81
C CYS B 232 -30.84 9.25 69.84
N SER B 233 -31.64 9.15 70.89
CA SER B 233 -32.60 8.04 71.03
C SER B 233 -33.68 8.38 72.05
N LEU B 234 -34.84 7.75 71.89
CA LEU B 234 -36.03 8.01 72.71
C LEU B 234 -36.54 9.45 72.55
N MET B 235 -36.34 10.02 71.36
CA MET B 235 -36.80 11.37 71.04
C MET B 235 -38.26 11.31 70.64
N GLY B 236 -39.08 12.15 71.28
CA GLY B 236 -40.52 12.20 71.00
C GLY B 236 -41.28 10.97 71.48
N ALA B 237 -40.73 10.31 72.50
CA ALA B 237 -41.40 9.17 73.12
C ALA B 237 -42.19 9.66 74.32
N SER B 238 -43.41 9.14 74.47
CA SER B 238 -44.28 9.55 75.58
C SER B 238 -43.81 8.96 76.91
N VAL B 239 -44.25 9.55 78.01
CA VAL B 239 -43.90 9.08 79.36
C VAL B 239 -44.62 7.76 79.66
N ASP B 240 -45.91 7.70 79.31
CA ASP B 240 -46.75 6.53 79.55
C ASP B 240 -46.57 5.50 78.41
N SER B 241 -45.38 4.92 78.32
CA SER B 241 -45.05 3.94 77.29
C SER B 241 -44.35 2.73 77.89
N THR B 242 -44.18 1.68 77.08
CA THR B 242 -43.55 0.44 77.53
C THR B 242 -42.51 -0.07 76.53
N LEU B 243 -42.97 -0.37 75.31
CA LEU B 243 -42.12 -0.97 74.28
C LEU B 243 -41.36 0.09 73.48
N ALA B 244 -40.16 -0.25 73.03
CA ALA B 244 -39.35 0.65 72.21
C ALA B 244 -38.53 -0.15 71.18
N PHE B 245 -39.17 -0.51 70.08
CA PHE B 245 -38.57 -1.38 69.08
C PHE B 245 -37.68 -0.57 68.15
N ASN B 246 -36.38 -0.54 68.44
CA ASN B 246 -35.44 0.27 67.68
C ASN B 246 -34.42 -0.55 66.91
N THR B 247 -34.46 -0.47 65.58
CA THR B 247 -33.46 -1.10 64.72
C THR B 247 -32.29 -0.13 64.53
N TYR B 248 -31.06 -0.64 64.66
CA TYR B 248 -29.86 0.16 64.45
C TYR B 248 -29.02 -0.44 63.33
N VAL B 249 -28.81 0.32 62.25
CA VAL B 249 -28.03 -0.14 61.11
C VAL B 249 -26.77 0.71 60.90
N HIS B 250 -25.71 0.08 60.38
CA HIS B 250 -24.44 0.73 60.12
C HIS B 250 -23.87 0.27 58.78
N PHE B 251 -23.67 1.20 57.86
CA PHE B 251 -23.17 0.89 56.53
C PHE B 251 -21.74 1.37 56.32
N GLN B 252 -20.85 0.44 55.98
CA GLN B 252 -19.49 0.76 55.57
C GLN B 252 -19.42 0.56 54.05
N GLY B 253 -18.79 1.50 53.35
CA GLY B 253 -18.71 1.46 51.89
C GLY B 253 -17.39 1.97 51.35
N LYS B 254 -16.39 1.08 51.28
CA LYS B 254 -15.07 1.43 50.78
C LYS B 254 -15.04 1.42 49.25
N MET B 255 -14.49 2.49 48.66
CA MET B 255 -14.41 2.63 47.21
C MET B 255 -12.95 2.61 46.77
N LYS B 256 -12.55 1.57 46.03
CA LYS B 256 -11.18 1.47 45.51
C LYS B 256 -10.98 2.44 44.37
N GLY B 257 -9.79 3.04 44.32
CA GLY B 257 -9.48 4.10 43.36
C GLY B 257 -9.95 5.46 43.84
N PHE B 258 -9.96 5.65 45.16
CA PHE B 258 -10.38 6.92 45.76
C PHE B 258 -9.44 7.29 46.91
N SER B 259 -9.41 8.58 47.24
CA SER B 259 -8.54 9.10 48.29
C SER B 259 -9.14 10.33 48.95
N LEU B 260 -8.95 10.45 50.27
CA LEU B 260 -9.40 11.61 51.03
C LEU B 260 -8.41 12.76 50.85
N LEU B 261 -8.94 13.97 50.63
CA LEU B 261 -8.12 15.14 50.36
C LEU B 261 -7.89 15.95 51.63
N ALA B 262 -6.64 16.35 51.85
CA ALA B 262 -6.29 17.24 52.97
C ALA B 262 -6.79 18.65 52.71
N GLU B 263 -6.86 19.03 51.43
CA GLU B 263 -7.37 20.35 51.03
C GLU B 263 -8.85 20.24 50.67
N PRO B 264 -9.71 21.02 51.34
CA PRO B 264 -11.15 20.97 51.05
C PRO B 264 -11.53 21.79 49.82
N GLN B 265 -12.35 21.20 48.94
CA GLN B 265 -12.82 21.89 47.75
C GLN B 265 -13.99 22.84 48.04
N GLU B 266 -14.71 22.55 49.14
CA GLU B 266 -15.86 23.34 49.58
C GLU B 266 -17.07 23.15 48.66
N PHE B 267 -18.26 23.44 49.20
CA PHE B 267 -19.52 23.22 48.47
C PHE B 267 -20.49 24.38 48.69
N TRP B 268 -21.49 24.45 47.83
CA TRP B 268 -22.54 25.46 47.91
C TRP B 268 -23.90 24.79 48.08
N VAL B 269 -24.44 24.82 49.30
CA VAL B 269 -25.78 24.29 49.56
C VAL B 269 -26.83 25.09 48.77
N ASP B 270 -26.53 26.37 48.54
CA ASP B 270 -27.30 27.20 47.61
C ASP B 270 -26.37 28.21 46.95
N ASN B 271 -26.83 28.80 45.85
CA ASN B 271 -26.01 29.74 45.05
C ASN B 271 -25.30 30.84 45.85
N SER B 272 -25.90 31.27 46.96
CA SER B 272 -25.31 32.32 47.79
C SER B 272 -24.29 31.79 48.80
N THR B 273 -24.70 30.82 49.60
CA THR B 273 -23.89 30.35 50.73
C THR B 273 -22.84 29.31 50.33
N SER B 274 -21.77 29.23 51.12
CA SER B 274 -20.69 28.26 50.90
C SER B 274 -20.39 27.49 52.18
N VAL B 275 -19.74 26.34 52.05
CA VAL B 275 -19.43 25.47 53.19
C VAL B 275 -18.05 24.82 53.04
N SER B 276 -17.24 24.90 54.09
CA SER B 276 -15.93 24.23 54.13
C SER B 276 -16.14 22.74 54.43
N VAL B 277 -15.78 21.88 53.49
CA VAL B 277 -16.11 20.44 53.57
C VAL B 277 -15.07 19.58 52.84
N PRO B 278 -14.87 18.33 53.31
CA PRO B 278 -13.91 17.40 52.68
C PRO B 278 -14.35 16.89 51.29
N MET B 279 -13.53 16.04 50.69
CA MET B 279 -13.77 15.53 49.34
C MET B 279 -13.20 14.12 49.14
N LEU B 280 -13.57 13.52 48.00
CA LEU B 280 -13.06 12.20 47.60
C LEU B 280 -12.88 12.16 46.08
N SER B 281 -11.64 12.29 45.63
CA SER B 281 -11.34 12.26 44.19
C SER B 281 -11.36 10.83 43.67
N GLY B 282 -11.93 10.64 42.48
CA GLY B 282 -12.09 9.30 41.90
C GLY B 282 -11.70 9.25 40.43
N MET B 283 -10.80 8.32 40.10
CA MET B 283 -10.33 8.14 38.73
C MET B 283 -10.70 6.73 38.26
N GLY B 284 -11.50 6.64 37.20
CA GLY B 284 -11.93 5.35 36.67
C GLY B 284 -12.99 5.44 35.60
N THR B 285 -13.12 4.39 34.80
CA THR B 285 -14.10 4.31 33.73
C THR B 285 -15.36 3.59 34.20
N PHE B 286 -16.34 4.38 34.67
CA PHE B 286 -17.59 3.85 35.21
C PHE B 286 -18.71 3.92 34.18
N GLN B 287 -19.90 3.44 34.55
CA GLN B 287 -21.08 3.54 33.70
C GLN B 287 -21.91 4.77 34.10
N HIS B 288 -22.43 5.48 33.12
CA HIS B 288 -23.15 6.73 33.34
C HIS B 288 -23.87 7.18 32.06
N TRP B 289 -25.14 7.57 32.21
CA TRP B 289 -25.95 8.03 31.09
C TRP B 289 -26.97 9.08 31.55
N SER B 290 -27.03 10.20 30.84
CA SER B 290 -27.80 11.37 31.24
C SER B 290 -29.09 11.51 30.42
N ASP B 291 -30.23 11.45 31.10
CA ASP B 291 -31.54 11.61 30.46
C ASP B 291 -31.80 13.09 30.17
N ILE B 292 -31.91 13.43 28.90
CA ILE B 292 -32.14 14.83 28.48
C ILE B 292 -33.62 15.23 28.45
N GLN B 293 -34.51 14.25 28.64
CA GLN B 293 -35.95 14.49 28.65
C GLN B 293 -36.35 15.31 29.87
N ASP B 294 -36.00 14.80 31.05
CA ASP B 294 -36.26 15.49 32.31
C ASP B 294 -34.98 16.12 32.88
N ASN B 295 -33.93 16.16 32.05
CA ASN B 295 -32.60 16.67 32.45
C ASN B 295 -32.06 15.96 33.69
N PHE B 296 -31.34 14.86 33.44
CA PHE B 296 -30.87 13.96 34.50
C PHE B 296 -29.42 13.58 34.25
N SER B 297 -28.80 12.90 35.23
CA SER B 297 -27.43 12.39 35.09
C SER B 297 -27.04 11.59 36.32
N VAL B 298 -26.66 10.32 36.13
CA VAL B 298 -26.33 9.44 37.25
C VAL B 298 -25.08 8.60 36.98
N THR B 299 -24.08 8.75 37.85
CA THR B 299 -22.86 7.93 37.80
C THR B 299 -22.85 6.95 38.96
N GLN B 300 -21.97 5.95 38.88
CA GLN B 300 -21.87 4.93 39.94
C GLN B 300 -20.43 4.50 40.22
N VAL B 301 -20.24 3.84 41.36
CA VAL B 301 -18.94 3.28 41.77
C VAL B 301 -19.17 1.90 42.39
N PRO B 302 -19.40 0.88 41.56
CA PRO B 302 -19.81 -0.46 41.97
C PRO B 302 -19.00 -1.12 43.10
N PHE B 303 -19.69 -1.91 43.91
CA PHE B 303 -19.05 -2.80 44.89
C PHE B 303 -19.31 -4.23 44.42
N THR B 304 -18.40 -4.77 43.61
CA THR B 304 -18.52 -6.11 43.03
C THR B 304 -19.75 -6.29 42.14
N GLU B 305 -20.16 -5.21 41.48
CA GLU B 305 -21.39 -5.17 40.66
C GLU B 305 -22.66 -5.49 41.45
N SER B 306 -22.69 -6.67 42.07
CA SER B 306 -23.76 -7.04 43.00
C SER B 306 -24.31 -5.80 43.70
N ALA B 307 -23.44 -5.11 44.45
CA ALA B 307 -23.80 -3.85 45.09
C ALA B 307 -23.28 -2.68 44.25
N CYS B 308 -24.06 -1.61 44.20
CA CYS B 308 -23.72 -0.43 43.40
C CYS B 308 -24.19 0.85 44.07
N LEU B 309 -23.27 1.78 44.29
CA LEU B 309 -23.62 3.11 44.78
C LEU B 309 -23.98 4.00 43.59
N LEU B 310 -25.26 4.31 43.45
CA LEU B 310 -25.73 5.19 42.38
C LEU B 310 -25.80 6.61 42.90
N LEU B 311 -25.12 7.53 42.21
CA LEU B 311 -25.11 8.94 42.59
C LEU B 311 -25.95 9.76 41.61
N ILE B 312 -27.16 10.13 42.04
CA ILE B 312 -28.10 10.85 41.19
C ILE B 312 -27.77 12.33 41.19
N GLN B 313 -27.29 12.83 40.05
CA GLN B 313 -26.95 14.24 39.91
C GLN B 313 -28.03 14.98 39.11
N PRO B 314 -28.58 16.07 39.69
CA PRO B 314 -29.57 16.87 38.97
C PRO B 314 -28.87 17.74 37.95
N HIS B 315 -29.24 17.59 36.68
CA HIS B 315 -28.51 18.20 35.57
C HIS B 315 -28.31 19.70 35.81
N TYR B 316 -29.40 20.41 36.06
CA TYR B 316 -29.34 21.84 36.38
C TYR B 316 -29.01 22.08 37.85
N ALA B 317 -29.54 21.21 38.72
CA ALA B 317 -29.34 21.32 40.17
C ALA B 317 -30.06 22.52 40.78
N SER B 318 -31.03 23.06 40.05
CA SER B 318 -31.81 24.20 40.52
C SER B 318 -32.94 23.70 41.41
N ASP B 319 -33.76 22.81 40.86
CA ASP B 319 -34.88 22.23 41.58
C ASP B 319 -34.64 20.74 41.83
N LEU B 320 -34.23 20.39 43.05
CA LEU B 320 -34.02 19.01 43.43
C LEU B 320 -35.35 18.33 43.73
N ASP B 321 -36.15 18.97 44.58
CA ASP B 321 -37.43 18.42 45.02
C ASP B 321 -38.24 17.82 43.86
N LYS B 322 -38.15 18.44 42.69
CA LYS B 322 -38.80 17.92 41.48
C LYS B 322 -38.01 16.74 40.88
N VAL B 323 -36.70 16.91 40.79
CA VAL B 323 -35.82 15.87 40.23
C VAL B 323 -35.70 14.67 41.16
N GLU B 324 -35.47 14.95 42.44
CA GLU B 324 -35.39 13.93 43.49
C GLU B 324 -36.67 13.10 43.57
N GLY B 325 -37.81 13.72 43.27
CA GLY B 325 -39.08 13.01 43.18
C GLY B 325 -39.02 11.85 42.18
N LEU B 326 -38.25 12.04 41.11
CA LEU B 326 -38.04 10.99 40.11
C LEU B 326 -36.93 10.01 40.50
N THR B 327 -36.46 10.09 41.75
CA THR B 327 -35.53 9.10 42.31
C THR B 327 -36.22 8.25 43.40
N PHE B 328 -37.52 8.47 43.58
CA PHE B 328 -38.36 7.59 44.41
C PHE B 328 -39.57 7.13 43.58
N GLN B 329 -39.48 7.28 42.25
CA GLN B 329 -40.60 7.04 41.35
C GLN B 329 -40.70 5.58 40.89
N GLN B 330 -41.44 4.79 41.64
CA GLN B 330 -41.83 3.43 41.27
C GLN B 330 -40.80 2.67 40.42
N ASN B 331 -41.22 2.19 39.24
CA ASN B 331 -40.40 1.29 38.41
C ASN B 331 -39.28 1.99 37.63
N SER B 332 -39.32 3.32 37.58
CA SER B 332 -38.37 4.09 36.76
C SER B 332 -36.94 4.05 37.31
N LEU B 333 -36.78 4.21 38.61
CA LEU B 333 -35.44 4.31 39.22
C LEU B 333 -34.64 3.03 39.00
N ASN B 334 -35.34 1.90 39.02
CA ASN B 334 -34.73 0.60 38.82
C ASN B 334 -34.44 0.35 37.34
N TRP B 335 -35.37 0.75 36.49
CA TRP B 335 -35.23 0.56 35.05
C TRP B 335 -34.21 1.52 34.43
N MET B 336 -33.78 2.54 35.20
CA MET B 336 -32.60 3.33 34.83
C MET B 336 -31.38 2.42 34.85
N LYS B 337 -31.11 1.78 33.71
CA LYS B 337 -30.04 0.78 33.63
C LYS B 337 -29.59 0.52 32.17
N LYS B 338 -29.22 1.60 31.48
CA LYS B 338 -28.68 1.52 30.13
C LYS B 338 -27.30 0.87 30.06
N LEU B 339 -26.53 1.00 31.14
CA LEU B 339 -25.15 0.46 31.23
C LEU B 339 -24.26 1.01 30.12
N SER B 340 -24.19 2.34 30.02
CA SER B 340 -23.31 3.01 29.08
C SER B 340 -22.03 3.45 29.78
N PRO B 341 -20.89 2.81 29.45
CA PRO B 341 -19.63 3.14 30.12
C PRO B 341 -19.01 4.43 29.61
N ARG B 342 -18.24 5.10 30.48
CA ARG B 342 -17.55 6.33 30.10
C ARG B 342 -16.42 6.64 31.08
N THR B 343 -15.39 7.35 30.59
CA THR B 343 -14.30 7.81 31.44
C THR B 343 -14.77 9.02 32.25
N ILE B 344 -14.83 8.86 33.58
CA ILE B 344 -15.36 9.91 34.46
C ILE B 344 -14.38 10.22 35.59
N HIS B 345 -14.17 11.51 35.84
CA HIS B 345 -13.43 11.97 37.01
C HIS B 345 -14.43 12.24 38.14
N LEU B 346 -14.58 11.27 39.03
CA LEU B 346 -15.56 11.38 40.12
C LEU B 346 -15.03 12.29 41.21
N THR B 347 -15.90 13.14 41.73
CA THR B 347 -15.56 14.09 42.79
C THR B 347 -16.79 14.37 43.65
N MET B 348 -16.72 13.96 44.92
CA MET B 348 -17.86 14.05 45.83
C MET B 348 -17.40 14.25 47.28
N PRO B 349 -18.26 14.86 48.13
CA PRO B 349 -17.86 15.09 49.52
C PRO B 349 -17.73 13.80 50.32
N GLN B 350 -16.83 13.80 51.30
CA GLN B 350 -16.62 12.66 52.16
C GLN B 350 -17.81 12.51 53.11
N LEU B 351 -18.51 11.38 53.01
CA LEU B 351 -19.76 11.18 53.73
C LEU B 351 -19.57 10.32 54.98
N VAL B 352 -19.85 10.91 56.13
CA VAL B 352 -19.81 10.20 57.42
C VAL B 352 -20.86 10.81 58.36
N LEU B 353 -22.12 10.38 58.20
CA LEU B 353 -23.24 10.97 58.94
C LEU B 353 -24.20 9.93 59.51
N GLN B 354 -24.77 10.27 60.66
CA GLN B 354 -25.80 9.47 61.31
C GLN B 354 -27.17 9.78 60.70
N GLY B 355 -28.23 9.20 61.27
CA GLY B 355 -29.59 9.50 60.80
C GLY B 355 -30.65 8.64 61.48
N SER B 356 -31.49 9.29 62.28
CA SER B 356 -32.61 8.61 62.94
C SER B 356 -33.93 9.04 62.31
N TYR B 357 -34.91 8.14 62.36
CA TYR B 357 -36.28 8.48 61.95
C TYR B 357 -37.26 7.45 62.52
N ASP B 358 -38.31 7.94 63.18
CA ASP B 358 -39.30 7.09 63.78
C ASP B 358 -40.31 6.66 62.72
N LEU B 359 -40.54 5.35 62.60
CA LEU B 359 -41.45 4.81 61.58
C LEU B 359 -42.88 5.36 61.72
N GLN B 360 -43.30 5.58 62.96
CA GLN B 360 -44.65 6.12 63.23
C GLN B 360 -44.80 7.58 62.79
N ASP B 361 -43.69 8.32 62.77
CA ASP B 361 -43.66 9.66 62.19
C ASP B 361 -43.42 9.58 60.69
N LEU B 362 -42.63 8.58 60.28
CA LEU B 362 -42.30 8.38 58.87
C LEU B 362 -43.51 7.91 58.05
N LEU B 363 -44.36 7.08 58.66
CA LEU B 363 -45.60 6.63 58.02
C LEU B 363 -46.81 7.27 58.70
N ALA B 364 -47.77 7.72 57.89
CA ALA B 364 -48.97 8.37 58.42
C ALA B 364 -50.00 8.66 57.33
N GLN B 365 -51.23 8.91 57.76
CA GLN B 365 -52.35 9.32 56.88
C GLN B 365 -52.77 8.27 55.84
N ALA B 366 -51.91 8.04 54.84
CA ALA B 366 -52.19 7.03 53.81
C ALA B 366 -52.23 5.65 54.44
N GLU B 367 -51.28 5.37 55.34
CA GLU B 367 -51.24 4.12 56.10
C GLU B 367 -51.57 4.31 57.58
N LEU B 368 -51.36 5.53 58.09
CA LEU B 368 -51.68 5.90 59.48
C LEU B 368 -51.38 4.82 60.53
N PRO B 369 -50.13 4.33 60.58
CA PRO B 369 -49.77 3.30 61.54
C PRO B 369 -49.64 3.82 62.96
N ALA B 370 -49.26 5.09 63.11
CA ALA B 370 -49.16 5.73 64.42
C ALA B 370 -50.37 5.37 65.29
N ILE B 371 -51.56 5.46 64.69
CA ILE B 371 -52.81 5.08 65.35
C ILE B 371 -52.84 3.57 65.58
N LEU B 372 -52.49 2.81 64.54
CA LEU B 372 -52.46 1.35 64.59
C LEU B 372 -51.44 0.80 65.59
N HIS B 373 -50.38 1.55 65.87
CA HIS B 373 -49.35 1.12 66.81
C HIS B 373 -49.87 1.18 68.25
N THR B 374 -50.47 2.30 68.61
CA THR B 374 -51.05 2.47 69.95
C THR B 374 -52.40 1.77 70.11
N GLU B 375 -52.81 1.01 69.09
CA GLU B 375 -53.97 0.13 69.18
C GLU B 375 -53.60 -1.16 69.94
N LEU B 376 -54.59 -1.72 70.62
CA LEU B 376 -54.39 -2.83 71.56
C LEU B 376 -53.80 -4.11 70.96
N ASN B 377 -54.12 -4.41 69.71
CA ASN B 377 -53.88 -5.74 69.15
C ASN B 377 -52.42 -6.01 68.75
N LEU B 378 -51.71 -6.74 69.59
CA LEU B 378 -50.34 -7.21 69.31
C LEU B 378 -50.20 -8.68 69.74
N GLN B 379 -50.37 -8.92 71.04
CA GLN B 379 -50.37 -10.26 71.61
C GLN B 379 -49.07 -11.03 71.38
N LYS B 380 -48.91 -11.57 70.18
CA LYS B 380 -47.80 -12.49 69.87
C LYS B 380 -46.43 -11.99 70.35
N LEU B 381 -46.30 -10.67 70.50
CA LEU B 381 -45.18 -10.08 71.22
C LEU B 381 -45.61 -9.78 72.65
N SER B 382 -46.71 -9.05 72.78
CA SER B 382 -47.14 -8.47 74.05
C SER B 382 -47.94 -9.43 74.91
N ASN B 383 -47.34 -9.87 76.02
CA ASN B 383 -48.11 -10.59 77.04
C ASN B 383 -48.90 -9.58 77.85
N ASP B 384 -48.21 -8.55 78.33
CA ASP B 384 -48.81 -7.46 79.11
C ASP B 384 -49.21 -6.31 78.18
N ARG B 385 -49.56 -5.15 78.75
CA ARG B 385 -49.98 -3.99 77.96
C ARG B 385 -48.80 -3.34 77.23
N ILE B 386 -48.92 -3.25 75.90
CA ILE B 386 -47.93 -2.56 75.07
C ILE B 386 -48.44 -1.21 74.61
N ARG B 387 -47.63 -0.17 74.84
CA ARG B 387 -47.89 1.16 74.30
C ARG B 387 -46.58 1.76 73.84
N VAL B 388 -46.31 1.64 72.54
CA VAL B 388 -45.00 2.00 71.98
C VAL B 388 -44.72 3.50 72.03
N GLY B 389 -43.53 3.84 72.52
CA GLY B 389 -43.05 5.22 72.58
C GLY B 389 -42.41 5.62 71.26
N GLU B 390 -41.55 4.75 70.73
CA GLU B 390 -40.98 4.94 69.40
C GLU B 390 -40.54 3.63 68.76
N VAL B 391 -40.64 3.57 67.45
CA VAL B 391 -40.15 2.45 66.65
C VAL B 391 -39.12 2.99 65.66
N LEU B 392 -37.88 3.13 66.15
CA LEU B 392 -36.86 3.93 65.48
C LEU B 392 -36.02 3.11 64.50
N ASN B 393 -35.68 3.72 63.37
CA ASN B 393 -34.65 3.23 62.47
C ASN B 393 -33.49 4.24 62.48
N SER B 394 -32.33 3.81 62.95
CA SER B 394 -31.15 4.67 62.97
C SER B 394 -30.07 4.11 62.07
N ILE B 395 -29.59 4.94 61.15
CA ILE B 395 -28.55 4.51 60.21
C ILE B 395 -27.24 5.27 60.48
N PHE B 396 -26.13 4.61 60.16
CA PHE B 396 -24.81 5.24 60.23
C PHE B 396 -24.08 4.98 58.91
N PHE B 397 -24.38 5.79 57.91
CA PHE B 397 -23.86 5.61 56.56
C PHE B 397 -22.45 6.17 56.48
N GLU B 398 -21.52 5.36 55.96
CA GLU B 398 -20.11 5.71 55.91
C GLU B 398 -19.47 5.29 54.58
N LEU B 399 -18.78 6.22 53.93
CA LEU B 399 -18.06 5.95 52.69
C LEU B 399 -16.56 6.17 52.88
N GLU B 400 -15.76 5.27 52.32
CA GLU B 400 -14.32 5.24 52.56
C GLU B 400 -13.53 5.00 51.27
N ALA B 401 -12.20 5.04 51.38
CA ALA B 401 -11.31 4.83 50.23
C ALA B 401 -10.13 3.94 50.60
N ASP B 402 -9.58 3.23 49.61
CA ASP B 402 -8.49 2.26 49.83
C ASP B 402 -7.28 2.53 48.94
N GLU B 403 -7.02 3.81 48.64
CA GLU B 403 -5.91 4.21 47.77
C GLU B 403 -6.00 3.53 46.40
N PRO B 416 -6.81 10.11 27.87
CA PRO B 416 -6.96 10.92 26.65
C PRO B 416 -8.12 11.92 26.74
N GLU B 417 -9.23 11.51 27.36
CA GLU B 417 -10.37 12.39 27.58
C GLU B 417 -11.21 11.90 28.76
N VAL B 418 -11.79 12.85 29.51
CA VAL B 418 -12.58 12.52 30.71
C VAL B 418 -13.79 13.46 30.87
N LEU B 419 -14.65 13.12 31.83
CA LEU B 419 -15.80 13.93 32.18
C LEU B 419 -15.71 14.32 33.66
N GLU B 420 -15.53 15.61 33.92
CA GLU B 420 -15.31 16.11 35.27
C GLU B 420 -16.63 16.23 36.04
N VAL B 421 -17.07 15.13 36.63
CA VAL B 421 -18.36 15.08 37.34
C VAL B 421 -18.18 15.45 38.81
N THR B 422 -18.41 16.73 39.11
CA THR B 422 -18.33 17.26 40.48
C THR B 422 -19.74 17.44 41.04
N LEU B 423 -19.86 17.28 42.37
CA LEU B 423 -21.13 17.47 43.06
C LEU B 423 -21.10 18.71 43.94
N ASN B 424 -20.65 19.82 43.36
CA ASN B 424 -20.50 21.09 44.09
C ASN B 424 -21.77 21.59 44.75
N ARG B 425 -22.92 21.33 44.13
CA ARG B 425 -24.23 21.63 44.70
C ARG B 425 -24.92 20.33 45.14
N PRO B 426 -25.94 20.44 46.01
CA PRO B 426 -26.68 19.29 46.54
C PRO B 426 -27.06 18.24 45.50
N PHE B 427 -27.10 16.97 45.92
CA PHE B 427 -27.36 15.84 45.04
C PHE B 427 -28.08 14.71 45.78
N LEU B 428 -28.47 13.67 45.04
CA LEU B 428 -29.13 12.49 45.59
C LEU B 428 -28.28 11.24 45.35
N PHE B 429 -28.54 10.19 46.13
CA PHE B 429 -27.80 8.94 46.00
C PHE B 429 -28.59 7.75 46.55
N ALA B 430 -28.14 6.55 46.23
CA ALA B 430 -28.79 5.32 46.70
C ALA B 430 -27.97 4.08 46.39
N VAL B 431 -27.59 3.32 47.41
CA VAL B 431 -26.91 2.04 47.22
C VAL B 431 -27.93 0.96 46.88
N TYR B 432 -27.64 0.18 45.84
CA TYR B 432 -28.57 -0.81 45.33
C TYR B 432 -27.87 -2.15 45.10
N ASP B 433 -28.57 -3.23 45.43
CA ASP B 433 -28.06 -4.58 45.23
C ASP B 433 -28.78 -5.23 44.05
N GLN B 434 -28.01 -5.72 43.08
CA GLN B 434 -28.56 -6.40 41.92
C GLN B 434 -29.00 -7.82 42.27
N SER B 435 -28.22 -8.48 43.12
CA SER B 435 -28.48 -9.89 43.47
C SER B 435 -29.75 -10.05 44.29
N ALA B 436 -30.06 -9.08 45.14
CA ALA B 436 -31.29 -9.08 45.93
C ALA B 436 -32.28 -8.03 45.41
N THR B 437 -32.07 -7.56 44.18
CA THR B 437 -32.90 -6.52 43.55
C THR B 437 -33.49 -5.53 44.56
N ALA B 438 -32.65 -5.06 45.48
CA ALA B 438 -33.11 -4.22 46.58
C ALA B 438 -32.17 -3.06 46.86
N LEU B 439 -32.73 -1.86 46.99
CA LEU B 439 -31.96 -0.67 47.34
C LEU B 439 -31.97 -0.48 48.86
N HIS B 440 -30.80 -0.69 49.46
CA HIS B 440 -30.66 -0.68 50.92
C HIS B 440 -30.75 0.73 51.50
N PHE B 441 -30.32 1.73 50.74
CA PHE B 441 -30.32 3.11 51.20
C PHE B 441 -30.70 4.09 50.11
N LEU B 442 -31.39 5.17 50.51
CA LEU B 442 -31.69 6.32 49.64
C LEU B 442 -31.59 7.58 50.51
N GLY B 443 -30.97 8.62 49.97
CA GLY B 443 -30.76 9.86 50.76
C GLY B 443 -30.44 11.11 49.96
N ARG B 444 -30.54 12.25 50.63
CA ARG B 444 -30.22 13.55 50.05
C ARG B 444 -29.06 14.19 50.82
N VAL B 445 -28.27 15.00 50.13
CA VAL B 445 -27.13 15.70 50.73
C VAL B 445 -27.24 17.20 50.49
N ALA B 446 -27.55 17.95 51.55
CA ALA B 446 -27.61 19.41 51.49
C ALA B 446 -26.24 19.98 51.82
N ASN B 447 -25.71 19.57 52.97
CA ASN B 447 -24.33 19.90 53.37
C ASN B 447 -23.86 18.95 54.48
N PRO B 448 -22.57 18.54 54.43
CA PRO B 448 -22.02 17.78 55.57
C PRO B 448 -21.83 18.66 56.81
N LEU B 449 -22.32 18.19 57.96
CA LEU B 449 -22.22 18.94 59.22
C LEU B 449 -22.42 18.01 60.41
N SER C 51 15.21 26.03 -49.73
CA SER C 51 15.40 25.45 -48.36
C SER C 51 16.06 26.42 -47.39
N SER C 52 15.50 26.50 -46.19
CA SER C 52 16.05 27.39 -45.19
C SER C 52 16.49 26.66 -43.93
N VAL C 53 17.50 27.20 -43.27
CA VAL C 53 18.00 26.62 -42.03
C VAL C 53 17.71 27.62 -40.92
N ILE C 54 17.08 27.16 -39.84
CA ILE C 54 16.78 28.02 -38.70
C ILE C 54 18.01 28.17 -37.80
N LEU C 55 18.41 29.39 -37.50
CA LEU C 55 19.58 29.60 -36.66
C LEU C 55 19.26 30.09 -35.25
N THR C 56 20.11 29.71 -34.30
CA THR C 56 19.97 30.12 -32.91
C THR C 56 21.03 31.19 -32.66
N ASN C 57 20.65 32.28 -32.00
CA ASN C 57 21.59 33.37 -31.70
C ASN C 57 22.00 33.28 -30.23
N TYR C 58 23.28 33.02 -30.01
CA TYR C 58 23.84 32.94 -28.67
C TYR C 58 24.67 34.19 -28.42
N MET C 59 24.22 35.02 -27.48
CA MET C 59 24.90 36.27 -27.09
C MET C 59 25.36 37.18 -28.22
N ASP C 60 24.77 37.07 -29.40
CA ASP C 60 25.16 37.90 -30.53
C ASP C 60 26.55 37.57 -31.09
N THR C 61 27.17 36.49 -30.60
CA THR C 61 28.50 36.13 -31.09
C THR C 61 28.55 34.78 -31.80
N GLN C 62 27.59 33.91 -31.52
CA GLN C 62 27.58 32.60 -32.17
C GLN C 62 26.22 32.32 -32.80
N TYR C 63 26.20 32.14 -34.11
CA TYR C 63 24.96 31.85 -34.82
C TYR C 63 25.08 30.46 -35.36
N TYR C 64 24.19 29.56 -34.92
CA TYR C 64 24.29 28.20 -35.37
C TYR C 64 22.96 27.51 -35.67
N GLY C 65 23.01 26.52 -36.56
CA GLY C 65 21.83 25.77 -36.92
C GLY C 65 22.13 24.29 -36.77
N GLU C 66 21.15 23.44 -37.04
CA GLU C 66 21.35 22.01 -36.89
C GLU C 66 21.49 21.24 -38.19
N ILE C 67 22.34 20.22 -38.16
CA ILE C 67 22.51 19.34 -39.31
C ILE C 67 22.46 17.92 -38.74
N GLY C 68 22.12 16.97 -39.59
CA GLY C 68 22.05 15.59 -39.16
C GLY C 68 23.04 14.77 -39.97
N ILE C 69 23.85 13.97 -39.30
CA ILE C 69 24.85 13.14 -39.98
C ILE C 69 24.64 11.66 -39.66
N GLY C 70 24.68 10.82 -40.69
CA GLY C 70 24.52 9.40 -40.47
C GLY C 70 23.11 8.85 -40.51
N THR C 71 23.02 7.52 -40.35
CA THR C 71 21.76 6.79 -40.35
C THR C 71 21.81 5.82 -39.18
N PRO C 72 20.97 6.04 -38.15
CA PRO C 72 20.01 7.14 -38.02
C PRO C 72 20.79 8.45 -37.87
N PRO C 73 20.12 9.59 -38.05
CA PRO C 73 20.78 10.90 -37.94
C PRO C 73 21.31 11.23 -36.54
N GLN C 74 22.54 11.72 -36.50
CA GLN C 74 23.16 12.16 -35.25
C GLN C 74 23.17 13.67 -35.45
N THR C 75 22.56 14.38 -34.52
CA THR C 75 22.39 15.83 -34.55
C THR C 75 23.58 16.65 -34.04
N PHE C 76 23.87 17.75 -34.73
CA PHE C 76 24.98 18.64 -34.36
C PHE C 76 24.65 20.09 -34.56
N LYS C 77 25.14 20.94 -33.65
CA LYS C 77 24.95 22.37 -33.79
C LYS C 77 26.17 22.85 -34.56
N VAL C 78 25.96 23.60 -35.63
CA VAL C 78 27.10 24.06 -36.41
C VAL C 78 26.94 25.50 -36.88
N VAL C 79 28.07 26.17 -37.02
CA VAL C 79 28.12 27.55 -37.50
C VAL C 79 28.36 27.45 -39.01
N PHE C 80 27.67 28.28 -39.79
CA PHE C 80 27.89 28.25 -41.24
C PHE C 80 28.85 29.41 -41.52
N ASP C 81 30.03 29.04 -41.99
CA ASP C 81 31.14 29.97 -42.19
C ASP C 81 31.60 30.20 -43.62
N THR C 82 31.35 31.40 -44.16
CA THR C 82 31.78 31.69 -45.52
C THR C 82 33.30 31.89 -45.58
N GLY C 83 33.94 31.92 -44.42
CA GLY C 83 35.38 32.10 -44.37
C GLY C 83 36.20 30.83 -44.51
N SER C 84 35.56 29.66 -44.41
CA SER C 84 36.27 28.40 -44.55
C SER C 84 35.48 27.47 -45.49
N SER C 85 36.05 26.35 -45.87
CA SER C 85 35.38 25.45 -46.80
C SER C 85 35.21 24.00 -46.38
N ASN C 86 35.63 23.65 -45.16
CA ASN C 86 35.50 22.26 -44.72
C ASN C 86 34.35 22.09 -43.73
N VAL C 87 33.82 20.86 -43.66
CA VAL C 87 32.77 20.52 -42.70
C VAL C 87 33.42 19.67 -41.59
N TRP C 88 33.11 19.95 -40.34
CA TRP C 88 33.64 19.13 -39.25
C TRP C 88 32.80 19.16 -37.98
N VAL C 89 32.82 18.04 -37.26
CA VAL C 89 32.11 17.88 -36.00
C VAL C 89 33.03 17.08 -35.08
N PRO C 90 32.79 17.14 -33.76
CA PRO C 90 33.64 16.37 -32.85
C PRO C 90 33.41 14.87 -33.06
N SER C 91 34.45 14.08 -32.91
CA SER C 91 34.39 12.63 -33.10
C SER C 91 34.35 11.82 -31.81
N SER C 92 33.66 10.68 -31.86
CA SER C 92 33.59 9.81 -30.70
C SER C 92 35.01 9.29 -30.41
N LYS C 93 35.91 9.39 -31.38
CA LYS C 93 37.27 8.92 -31.17
C LYS C 93 38.16 9.97 -30.48
N CYS C 94 37.56 11.10 -30.11
CA CYS C 94 38.31 12.16 -29.44
C CYS C 94 38.53 11.82 -27.96
N SER C 95 39.80 11.74 -27.55
CA SER C 95 40.15 11.43 -26.16
C SER C 95 39.38 12.33 -25.22
N ARG C 96 38.78 11.75 -24.19
CA ARG C 96 38.03 12.54 -23.23
C ARG C 96 38.94 13.42 -22.39
N LEU C 97 40.25 13.38 -22.67
CA LEU C 97 41.19 14.25 -21.96
C LEU C 97 40.98 15.64 -22.53
N TYR C 98 40.38 15.72 -23.72
CA TYR C 98 40.06 17.02 -24.32
C TYR C 98 38.69 17.32 -23.72
N THR C 99 38.65 18.17 -22.71
CA THR C 99 37.39 18.47 -22.07
C THR C 99 36.32 18.99 -23.05
N ALA C 100 36.74 19.73 -24.09
CA ALA C 100 35.79 20.24 -25.07
C ALA C 100 35.00 19.09 -25.69
N CYS C 101 35.66 17.94 -25.81
CA CYS C 101 34.99 16.77 -26.36
C CYS C 101 33.99 16.21 -25.37
N VAL C 102 34.28 16.37 -24.08
CA VAL C 102 33.35 15.89 -23.06
C VAL C 102 32.09 16.77 -23.09
N TYR C 103 32.26 18.05 -23.47
CA TYR C 103 31.13 18.98 -23.52
C TYR C 103 30.41 19.20 -24.86
N HIS C 104 30.62 18.32 -25.83
CA HIS C 104 29.93 18.46 -27.11
C HIS C 104 29.39 17.15 -27.66
N LYS C 105 28.49 17.24 -28.63
CA LYS C 105 27.95 16.05 -29.27
C LYS C 105 29.09 15.42 -30.09
N LEU C 106 29.26 14.12 -29.97
CA LEU C 106 30.34 13.42 -30.68
C LEU C 106 29.80 12.49 -31.76
N PHE C 107 30.34 12.57 -32.98
CA PHE C 107 29.89 11.68 -34.05
C PHE C 107 30.48 10.30 -33.85
N ASP C 108 29.60 9.30 -33.83
CA ASP C 108 30.05 7.92 -33.64
C ASP C 108 29.75 7.15 -34.92
N ALA C 109 30.79 6.89 -35.68
CA ALA C 109 30.68 6.17 -36.94
C ALA C 109 30.14 4.75 -36.76
N SER C 110 30.41 4.13 -35.62
CA SER C 110 29.96 2.75 -35.42
C SER C 110 28.45 2.64 -35.21
N ASP C 111 27.76 3.79 -35.18
CA ASP C 111 26.31 3.82 -35.01
C ASP C 111 25.60 4.25 -36.29
N SER C 112 26.37 4.42 -37.37
CA SER C 112 25.79 4.83 -38.65
C SER C 112 26.03 3.79 -39.76
N SER C 113 24.95 3.31 -40.36
CA SER C 113 25.06 2.31 -41.41
C SER C 113 25.39 2.90 -42.78
N SER C 114 25.28 4.23 -42.90
CA SER C 114 25.59 4.86 -44.18
C SER C 114 27.02 5.42 -44.20
N TYR C 115 27.73 5.28 -43.08
CA TYR C 115 29.11 5.76 -42.97
C TYR C 115 30.07 5.06 -43.93
N LYS C 116 31.00 5.85 -44.48
CA LYS C 116 32.01 5.37 -45.40
C LYS C 116 33.39 5.86 -44.91
N HIS C 117 34.25 4.92 -44.56
CA HIS C 117 35.59 5.21 -44.07
C HIS C 117 36.54 5.83 -45.11
N ASN C 118 37.43 6.69 -44.65
CA ASN C 118 38.43 7.31 -45.51
C ASN C 118 39.70 7.37 -44.68
N GLY C 119 39.65 8.08 -43.57
CA GLY C 119 40.78 8.14 -42.66
C GLY C 119 41.90 9.13 -42.91
N THR C 120 41.81 9.92 -43.97
CA THR C 120 42.86 10.89 -44.24
C THR C 120 42.93 11.95 -43.14
N GLU C 121 44.12 12.14 -42.61
CA GLU C 121 44.36 13.10 -41.55
C GLU C 121 44.22 14.55 -42.01
N LEU C 122 43.60 15.39 -41.18
CA LEU C 122 43.49 16.79 -41.55
C LEU C 122 43.49 17.70 -40.33
N THR C 123 44.07 18.87 -40.51
CA THR C 123 44.15 19.88 -39.49
C THR C 123 43.50 21.12 -40.08
N LEU C 124 42.66 21.78 -39.28
CA LEU C 124 41.98 23.00 -39.71
C LEU C 124 42.41 24.13 -38.79
N ARG C 125 43.01 25.16 -39.38
CA ARG C 125 43.51 26.31 -38.63
C ARG C 125 42.65 27.57 -38.80
N TYR C 126 41.98 27.97 -37.74
CA TYR C 126 41.15 29.17 -37.77
C TYR C 126 41.92 30.32 -37.10
N SER C 127 41.34 31.51 -37.12
CA SER C 127 41.94 32.69 -36.51
C SER C 127 42.09 32.55 -34.99
N THR C 128 41.06 31.99 -34.35
CA THR C 128 41.05 31.83 -32.90
C THR C 128 41.35 30.43 -32.38
N GLY C 129 41.68 29.50 -33.26
CA GLY C 129 41.95 28.17 -32.77
C GLY C 129 42.12 27.12 -33.86
N THR C 130 42.56 25.94 -33.44
CA THR C 130 42.81 24.85 -34.36
C THR C 130 42.16 23.52 -33.96
N VAL C 131 41.75 22.74 -34.95
CA VAL C 131 41.19 21.42 -34.69
C VAL C 131 41.86 20.45 -35.65
N SER C 132 42.02 19.21 -35.19
CA SER C 132 42.66 18.20 -36.00
C SER C 132 41.89 16.88 -35.86
N GLY C 133 41.96 16.06 -36.92
CA GLY C 133 41.27 14.78 -36.92
C GLY C 133 41.46 14.05 -38.24
N PHE C 134 40.42 13.37 -38.70
CA PHE C 134 40.51 12.64 -39.95
C PHE C 134 39.20 12.73 -40.72
N LEU C 135 39.28 12.47 -42.02
CA LEU C 135 38.14 12.53 -42.92
C LEU C 135 37.23 11.29 -42.89
N SER C 136 35.94 11.53 -43.10
CA SER C 136 34.93 10.48 -43.14
C SER C 136 33.83 10.95 -44.08
N GLN C 137 33.05 10.00 -44.58
CA GLN C 137 31.96 10.32 -45.49
C GLN C 137 30.67 9.74 -44.93
N ASP C 138 29.58 10.46 -45.11
CA ASP C 138 28.29 9.97 -44.66
C ASP C 138 27.25 10.91 -45.20
N ILE C 139 25.99 10.59 -44.99
CA ILE C 139 24.93 11.45 -45.50
C ILE C 139 24.70 12.57 -44.49
N ILE C 140 24.57 13.79 -45.00
CA ILE C 140 24.34 14.93 -44.13
C ILE C 140 23.02 15.59 -44.50
N THR C 141 22.18 15.82 -43.49
CA THR C 141 20.90 16.47 -43.69
C THR C 141 21.04 17.93 -43.29
N VAL C 142 20.75 18.84 -44.23
CA VAL C 142 20.83 20.26 -43.96
C VAL C 142 19.61 20.95 -44.52
N GLY C 143 18.82 21.55 -43.63
CA GLY C 143 17.63 22.25 -44.06
C GLY C 143 16.69 21.49 -44.98
N GLY C 144 16.62 20.18 -44.81
CA GLY C 144 15.72 19.39 -45.65
C GLY C 144 16.41 18.72 -46.82
N ILE C 145 17.57 19.22 -47.20
CA ILE C 145 18.33 18.64 -48.31
C ILE C 145 19.26 17.55 -47.79
N THR C 146 19.37 16.46 -48.55
CA THR C 146 20.23 15.34 -48.17
C THR C 146 21.38 15.17 -49.15
N VAL C 147 22.61 15.25 -48.66
CA VAL C 147 23.78 15.10 -49.51
C VAL C 147 24.83 14.20 -48.90
N THR C 148 25.54 13.46 -49.74
CA THR C 148 26.61 12.61 -49.26
C THR C 148 27.75 13.60 -49.15
N GLN C 149 28.46 13.58 -48.03
CA GLN C 149 29.52 14.57 -47.84
C GLN C 149 30.74 14.05 -47.10
N MET C 150 31.90 14.53 -47.51
CA MET C 150 33.15 14.17 -46.86
C MET C 150 33.32 15.25 -45.81
N PHE C 151 33.54 14.85 -44.57
CA PHE C 151 33.71 15.83 -43.50
C PHE C 151 34.78 15.37 -42.54
N GLY C 152 35.18 16.26 -41.66
CA GLY C 152 36.20 15.90 -40.68
C GLY C 152 35.64 15.42 -39.35
N GLU C 153 36.23 14.35 -38.83
CA GLU C 153 35.88 13.84 -37.51
C GLU C 153 37.03 14.37 -36.66
N VAL C 154 36.74 15.32 -35.76
CA VAL C 154 37.79 15.91 -34.94
C VAL C 154 38.11 15.14 -33.67
N THR C 155 39.39 14.83 -33.48
CA THR C 155 39.86 14.08 -32.30
C THR C 155 40.75 14.93 -31.38
N GLU C 156 41.02 16.17 -31.78
CA GLU C 156 41.84 17.07 -30.97
C GLU C 156 41.15 18.42 -31.05
N MET C 157 40.62 18.85 -29.92
CA MET C 157 39.84 20.08 -29.86
C MET C 157 40.16 20.80 -28.55
N PRO C 158 41.11 21.74 -28.58
CA PRO C 158 41.54 22.51 -27.41
C PRO C 158 40.45 23.19 -26.57
N ALA C 159 40.56 23.02 -25.25
CA ALA C 159 39.64 23.60 -24.28
C ALA C 159 39.39 25.08 -24.57
N LEU C 160 40.48 25.79 -24.87
CA LEU C 160 40.40 27.19 -25.23
C LEU C 160 40.73 27.12 -26.71
N PRO C 161 39.82 27.61 -27.57
CA PRO C 161 38.54 28.22 -27.19
C PRO C 161 37.28 27.35 -27.24
N PHE C 162 37.39 26.08 -27.58
CA PHE C 162 36.16 25.29 -27.73
C PHE C 162 35.26 25.02 -26.53
N MET C 163 35.78 25.19 -25.32
CA MET C 163 34.92 25.00 -24.15
C MET C 163 33.91 26.16 -24.13
N LEU C 164 34.26 27.25 -24.81
CA LEU C 164 33.40 28.43 -24.87
C LEU C 164 32.47 28.41 -26.07
N ALA C 165 32.51 27.31 -26.83
CA ALA C 165 31.66 27.17 -28.00
C ALA C 165 30.32 26.52 -27.69
N GLU C 166 29.25 27.19 -28.10
CA GLU C 166 27.91 26.68 -27.91
C GLU C 166 27.70 25.60 -28.98
N PHE C 167 28.22 25.87 -30.17
CA PHE C 167 28.11 24.92 -31.28
C PHE C 167 29.09 23.77 -31.12
N ASP C 168 28.84 22.71 -31.89
CA ASP C 168 29.69 21.52 -31.88
C ASP C 168 30.70 21.57 -33.02
N GLY C 169 30.26 22.01 -34.20
CA GLY C 169 31.16 22.05 -35.33
C GLY C 169 30.94 23.21 -36.27
N VAL C 170 31.49 23.07 -37.47
CA VAL C 170 31.42 24.10 -38.49
C VAL C 170 31.13 23.52 -39.88
N VAL C 171 30.36 24.26 -40.66
CA VAL C 171 30.05 23.88 -42.02
C VAL C 171 30.62 24.99 -42.91
N GLY C 172 31.72 24.70 -43.59
CA GLY C 172 32.32 25.69 -44.47
C GLY C 172 31.45 26.01 -45.67
N MET C 173 31.23 27.31 -45.92
CA MET C 173 30.42 27.73 -47.05
C MET C 173 31.29 28.40 -48.10
N GLY C 174 32.61 28.31 -47.92
CA GLY C 174 33.55 28.89 -48.86
C GLY C 174 33.74 28.05 -50.11
N PHE C 175 34.65 28.48 -50.99
CA PHE C 175 34.91 27.76 -52.23
C PHE C 175 35.89 26.60 -52.04
N ILE C 176 35.90 25.67 -52.99
CA ILE C 176 36.79 24.53 -52.90
C ILE C 176 38.26 24.92 -52.95
N GLU C 177 38.56 26.08 -53.53
CA GLU C 177 39.94 26.56 -53.60
C GLU C 177 40.57 26.75 -52.22
N GLN C 178 39.74 26.96 -51.20
CA GLN C 178 40.26 27.15 -49.84
C GLN C 178 40.03 25.93 -48.95
N ALA C 179 39.49 24.87 -49.51
CA ALA C 179 39.21 23.65 -48.75
C ALA C 179 40.51 22.90 -48.44
N ILE C 180 40.68 22.51 -47.19
CA ILE C 180 41.86 21.76 -46.79
C ILE C 180 41.69 20.33 -47.28
N GLY C 181 42.76 19.75 -47.81
CA GLY C 181 42.68 18.38 -48.30
C GLY C 181 41.85 18.24 -49.56
N ARG C 182 41.55 19.36 -50.21
CA ARG C 182 40.76 19.37 -51.43
C ARG C 182 39.48 18.53 -51.30
N VAL C 183 38.73 18.76 -50.23
CA VAL C 183 37.48 18.04 -50.01
C VAL C 183 36.37 18.89 -50.63
N THR C 184 35.52 18.28 -51.44
CA THR C 184 34.43 19.04 -52.06
C THR C 184 33.55 19.69 -50.97
N PRO C 185 33.34 21.02 -51.04
CA PRO C 185 32.52 21.72 -50.05
C PRO C 185 31.06 21.32 -50.16
N ILE C 186 30.36 21.34 -49.03
CA ILE C 186 28.95 20.96 -49.00
C ILE C 186 28.07 21.73 -49.97
N PHE C 187 28.38 23.00 -50.24
CA PHE C 187 27.49 23.70 -51.16
C PHE C 187 27.69 23.28 -52.61
N ASP C 188 28.90 22.84 -52.94
CA ASP C 188 29.16 22.37 -54.30
C ASP C 188 28.41 21.07 -54.51
N ASN C 189 28.37 20.24 -53.46
CA ASN C 189 27.67 18.95 -53.53
C ASN C 189 26.17 19.12 -53.69
N ILE C 190 25.61 20.13 -53.02
CA ILE C 190 24.18 20.39 -53.11
C ILE C 190 23.84 20.90 -54.51
N ILE C 191 24.68 21.79 -55.03
CA ILE C 191 24.48 22.33 -56.37
C ILE C 191 24.51 21.21 -57.41
N SER C 192 25.41 20.23 -57.20
CA SER C 192 25.54 19.11 -58.14
C SER C 192 24.25 18.31 -58.25
N GLN C 193 23.35 18.46 -57.28
CA GLN C 193 22.07 17.74 -57.31
C GLN C 193 21.13 18.42 -58.28
N GLY C 194 21.36 19.69 -58.56
CA GLY C 194 20.52 20.44 -59.47
C GLY C 194 19.08 20.55 -58.97
N VAL C 195 18.93 20.89 -57.69
CA VAL C 195 17.61 21.03 -57.10
C VAL C 195 17.32 22.48 -56.72
N LEU C 196 18.37 23.23 -56.42
CA LEU C 196 18.22 24.63 -56.04
C LEU C 196 17.77 25.46 -57.24
N LYS C 197 16.96 26.49 -56.99
CA LYS C 197 16.49 27.33 -58.08
C LYS C 197 17.55 28.37 -58.46
N GLU C 198 18.52 28.58 -57.58
CA GLU C 198 19.60 29.51 -57.82
C GLU C 198 20.85 29.05 -57.09
N ASP C 199 22.02 29.26 -57.70
CA ASP C 199 23.30 28.90 -57.11
C ASP C 199 23.73 29.99 -56.14
N VAL C 200 22.87 30.26 -55.16
CA VAL C 200 23.16 31.31 -54.17
C VAL C 200 22.62 30.92 -52.79
N PHE C 201 23.23 31.46 -51.74
CA PHE C 201 22.75 31.23 -50.37
C PHE C 201 22.75 32.58 -49.65
N SER C 202 21.83 32.77 -48.70
CA SER C 202 21.70 34.04 -47.98
C SER C 202 21.64 33.94 -46.46
N PHE C 203 22.26 34.93 -45.79
CA PHE C 203 22.31 34.98 -44.33
C PHE C 203 21.53 36.12 -43.70
N TYR C 204 20.76 35.78 -42.70
CA TYR C 204 20.01 36.75 -41.91
C TYR C 204 20.41 36.50 -40.47
N TYR C 205 21.01 37.49 -39.81
CA TYR C 205 21.41 37.34 -38.40
C TYR C 205 20.62 38.36 -37.58
N ASN C 206 19.73 37.88 -36.73
CA ASN C 206 18.90 38.73 -35.89
C ASN C 206 19.66 39.34 -34.71
N ARG C 207 19.04 40.30 -34.04
CA ARG C 207 19.62 40.91 -32.87
C ARG C 207 19.41 39.92 -31.73
N ASP C 208 20.30 39.98 -30.74
CA ASP C 208 20.28 39.10 -29.58
C ASP C 208 18.90 38.72 -29.04
N SER C 209 18.06 39.70 -28.81
CA SER C 209 16.71 39.46 -28.28
C SER C 209 16.67 38.44 -27.13
N GLU C 210 15.61 37.63 -27.13
CA GLU C 210 15.39 36.61 -26.12
C GLU C 210 14.78 37.21 -24.84
N ASN C 211 15.40 38.11 -24.25
N LEU C 215 13.22 34.54 -33.97
CA LEU C 215 14.25 33.60 -34.47
C LEU C 215 15.64 34.22 -34.43
N GLY C 216 16.62 33.42 -34.05
CA GLY C 216 17.99 33.90 -33.94
C GLY C 216 18.62 34.30 -35.26
N GLY C 217 18.21 33.68 -36.35
CA GLY C 217 18.77 34.00 -37.64
C GLY C 217 18.29 33.00 -38.67
N GLN C 218 18.72 33.14 -39.92
CA GLN C 218 18.28 32.21 -40.95
C GLN C 218 19.11 32.20 -42.22
N ILE C 219 19.37 31.00 -42.71
CA ILE C 219 20.12 30.80 -43.93
C ILE C 219 19.18 30.23 -44.96
N VAL C 220 19.25 30.74 -46.17
CA VAL C 220 18.41 30.23 -47.23
C VAL C 220 19.32 29.66 -48.30
N LEU C 221 19.12 28.39 -48.60
CA LEU C 221 19.88 27.73 -49.64
C LEU C 221 19.03 27.82 -50.90
N GLY C 222 19.58 28.44 -51.95
CA GLY C 222 18.83 28.56 -53.20
C GLY C 222 18.23 29.93 -53.51
N GLY C 223 18.32 30.87 -52.57
CA GLY C 223 17.78 32.19 -52.81
C GLY C 223 17.87 33.15 -51.62
N SER C 224 16.87 34.01 -51.49
CA SER C 224 16.82 34.99 -50.42
C SER C 224 15.40 35.08 -49.89
N ASP C 225 15.25 35.54 -48.65
CA ASP C 225 13.96 35.66 -48.04
C ASP C 225 13.55 37.13 -47.91
N PRO C 226 12.66 37.59 -48.80
CA PRO C 226 12.16 38.97 -48.84
C PRO C 226 11.62 39.43 -47.49
N GLN C 227 11.28 38.47 -46.65
CA GLN C 227 10.74 38.77 -45.32
C GLN C 227 11.77 39.41 -44.39
N HIS C 228 13.06 39.20 -44.64
CA HIS C 228 14.08 39.75 -43.76
C HIS C 228 14.97 40.86 -44.30
N TYR C 229 14.57 41.47 -45.41
CA TYR C 229 15.32 42.59 -45.98
C TYR C 229 14.38 43.50 -46.75
N GLU C 230 14.80 44.75 -46.94
CA GLU C 230 13.99 45.71 -47.67
C GLU C 230 14.88 46.52 -48.59
N GLY C 231 14.26 47.25 -49.51
CA GLY C 231 15.01 48.02 -50.48
C GLY C 231 15.52 46.95 -51.42
N ASN C 232 16.48 47.26 -52.29
CA ASN C 232 16.97 46.22 -53.17
C ASN C 232 18.42 45.91 -52.89
N PHE C 233 18.91 44.82 -53.47
CA PHE C 233 20.29 44.44 -53.26
C PHE C 233 21.21 45.29 -54.11
N HIS C 234 22.43 45.45 -53.63
CA HIS C 234 23.46 46.19 -54.33
C HIS C 234 24.64 45.25 -54.28
N TYR C 235 25.03 44.77 -55.45
CA TYR C 235 26.10 43.81 -55.55
C TYR C 235 27.50 44.37 -55.79
N ILE C 236 28.47 43.63 -55.30
CA ILE C 236 29.88 43.95 -55.45
C ILE C 236 30.47 42.65 -56.00
N ASN C 237 31.22 42.73 -57.09
CA ASN C 237 31.81 41.54 -57.68
C ASN C 237 32.97 41.05 -56.81
N LEU C 238 33.14 39.73 -56.77
CA LEU C 238 34.23 39.16 -56.00
C LEU C 238 35.54 39.51 -56.69
N ILE C 239 36.56 39.79 -55.90
CA ILE C 239 37.86 40.10 -56.44
C ILE C 239 38.34 38.92 -57.29
N LYS C 240 38.00 37.71 -56.84
CA LYS C 240 38.38 36.48 -57.50
C LYS C 240 37.50 35.33 -57.00
N THR C 241 37.32 34.30 -57.81
CA THR C 241 36.53 33.14 -57.39
C THR C 241 37.42 32.42 -56.38
N GLY C 242 36.81 31.59 -55.52
CA GLY C 242 37.59 30.86 -54.54
C GLY C 242 37.60 31.52 -53.18
N VAL C 243 37.17 32.78 -53.09
CA VAL C 243 37.15 33.49 -51.82
C VAL C 243 36.04 34.55 -51.76
N TRP C 244 35.23 34.51 -50.70
CA TRP C 244 34.15 35.48 -50.56
C TRP C 244 34.74 36.79 -50.06
N GLN C 245 35.67 37.34 -50.85
CA GLN C 245 36.35 38.59 -50.51
C GLN C 245 36.04 39.65 -51.56
N ILE C 246 35.84 40.89 -51.13
CA ILE C 246 35.53 41.97 -52.04
C ILE C 246 36.36 43.22 -51.80
N GLN C 247 36.44 44.06 -52.82
CA GLN C 247 37.17 45.31 -52.73
C GLN C 247 36.38 46.28 -51.86
N MET C 248 37.09 47.00 -50.99
CA MET C 248 36.47 48.00 -50.14
C MET C 248 37.14 49.32 -50.47
N LYS C 249 36.35 50.29 -50.96
CA LYS C 249 36.90 51.59 -51.35
C LYS C 249 37.33 52.49 -50.21
N GLY C 250 36.91 52.20 -48.99
CA GLY C 250 37.30 53.05 -47.88
C GLY C 250 36.48 52.87 -46.62
N VAL C 251 37.06 53.27 -45.48
CA VAL C 251 36.38 53.16 -44.20
C VAL C 251 36.43 54.52 -43.50
N SER C 252 35.26 55.04 -43.14
CA SER C 252 35.22 56.34 -42.47
C SER C 252 34.64 56.30 -41.06
N VAL C 253 35.26 57.07 -40.17
CA VAL C 253 34.84 57.16 -38.78
C VAL C 253 34.41 58.59 -38.49
N GLY C 254 33.13 58.77 -38.12
CA GLY C 254 32.64 60.10 -37.84
C GLY C 254 32.89 60.95 -39.09
N SER C 255 33.60 62.06 -38.91
CA SER C 255 33.90 62.93 -40.04
C SER C 255 35.40 62.96 -40.32
N SER C 256 35.87 61.94 -41.04
CA SER C 256 37.28 61.80 -41.42
C SER C 256 37.55 60.38 -41.95
N THR C 257 37.51 60.23 -43.27
CA THR C 257 37.80 58.92 -43.88
C THR C 257 39.29 58.64 -43.71
N LEU C 258 39.70 58.49 -42.46
CA LEU C 258 41.09 58.25 -42.13
C LEU C 258 41.53 56.78 -42.18
N LEU C 259 40.74 55.94 -42.85
CA LEU C 259 41.08 54.52 -42.94
C LEU C 259 40.88 53.92 -44.31
N CYS C 260 41.67 52.88 -44.61
CA CYS C 260 41.57 52.19 -45.89
C CYS C 260 41.54 53.17 -47.06
N GLU C 261 42.35 54.22 -46.96
CA GLU C 261 42.44 55.20 -48.04
C GLU C 261 43.17 54.42 -49.13
N ASP C 262 42.88 54.73 -50.39
CA ASP C 262 43.54 54.03 -51.49
C ASP C 262 43.04 52.59 -51.65
N GLY C 263 41.99 52.22 -50.91
CA GLY C 263 41.44 50.89 -51.01
C GLY C 263 42.04 49.79 -50.15
N CYS C 264 41.28 48.72 -49.98
CA CYS C 264 41.69 47.57 -49.17
C CYS C 264 40.72 46.41 -49.45
N LEU C 265 40.92 45.29 -48.76
CA LEU C 265 40.07 44.12 -48.95
C LEU C 265 39.07 43.88 -47.81
N ALA C 266 37.93 43.30 -48.16
CA ALA C 266 36.90 42.98 -47.17
C ALA C 266 36.41 41.54 -47.39
N LEU C 267 36.67 40.69 -46.42
CA LEU C 267 36.26 39.30 -46.45
C LEU C 267 34.88 39.24 -45.78
N VAL C 268 33.85 38.84 -46.52
CA VAL C 268 32.50 38.78 -45.96
C VAL C 268 32.41 37.43 -45.28
N ASP C 269 32.59 37.46 -43.97
CA ASP C 269 32.67 36.27 -43.14
C ASP C 269 31.54 36.00 -42.15
N THR C 270 30.61 35.11 -42.52
CA THR C 270 29.49 34.76 -41.65
C THR C 270 29.94 34.05 -40.37
N GLY C 271 31.14 33.47 -40.39
CA GLY C 271 31.64 32.75 -39.23
C GLY C 271 32.36 33.61 -38.22
N ALA C 272 32.60 34.86 -38.59
CA ALA C 272 33.28 35.78 -37.69
C ALA C 272 32.24 36.53 -36.85
N SER C 273 32.47 36.58 -35.54
CA SER C 273 31.54 37.25 -34.66
C SER C 273 31.57 38.75 -34.87
N TYR C 274 32.75 39.28 -35.16
CA TYR C 274 32.90 40.71 -35.29
C TYR C 274 33.40 41.21 -36.63
N ILE C 275 33.49 42.54 -36.72
CA ILE C 275 34.03 43.21 -37.88
C ILE C 275 35.49 43.36 -37.47
N SER C 276 36.41 42.91 -38.30
CA SER C 276 37.81 43.03 -37.96
C SER C 276 38.66 43.72 -39.01
N GLY C 277 39.77 44.29 -38.54
CA GLY C 277 40.70 44.97 -39.41
C GLY C 277 42.08 44.57 -38.94
N SER C 278 43.11 44.92 -39.69
CA SER C 278 44.48 44.61 -39.30
C SER C 278 44.79 45.38 -38.03
N THR C 279 45.84 44.97 -37.33
CA THR C 279 46.24 45.63 -36.10
C THR C 279 46.45 47.13 -36.29
N SER C 280 47.08 47.52 -37.40
CA SER C 280 47.35 48.93 -37.65
C SER C 280 46.08 49.71 -37.89
N SER C 281 45.18 49.14 -38.67
CA SER C 281 43.92 49.80 -38.99
C SER C 281 43.05 50.00 -37.76
N ILE C 282 42.93 48.95 -36.96
CA ILE C 282 42.11 48.99 -35.76
C ILE C 282 42.67 49.95 -34.72
N GLU C 283 44.00 50.03 -34.62
CA GLU C 283 44.62 50.96 -33.69
C GLU C 283 44.13 52.38 -34.01
N LYS C 284 44.19 52.74 -35.28
CA LYS C 284 43.74 54.05 -35.70
C LYS C 284 42.25 54.25 -35.42
N LEU C 285 41.44 53.30 -35.87
CA LEU C 285 39.99 53.39 -35.69
C LEU C 285 39.65 53.54 -34.21
N MET C 286 40.31 52.77 -33.37
CA MET C 286 40.05 52.81 -31.93
C MET C 286 40.52 54.12 -31.30
N GLU C 287 41.70 54.59 -31.68
CA GLU C 287 42.20 55.86 -31.13
C GLU C 287 41.14 56.92 -31.41
N ALA C 288 40.59 56.88 -32.61
CA ALA C 288 39.56 57.83 -33.01
C ALA C 288 38.30 57.69 -32.17
N LEU C 289 38.07 56.49 -31.64
CA LEU C 289 36.89 56.23 -30.83
C LEU C 289 37.09 56.53 -29.34
N GLY C 290 38.35 56.64 -28.92
CA GLY C 290 38.64 56.91 -27.53
C GLY C 290 38.58 55.61 -26.74
N ALA C 291 38.69 54.49 -27.44
CA ALA C 291 38.64 53.17 -26.81
C ALA C 291 39.99 52.69 -26.29
N LYS C 292 39.96 51.94 -25.18
CA LYS C 292 41.18 51.40 -24.58
C LYS C 292 41.32 49.95 -25.03
N LYS C 293 42.56 49.54 -25.27
CA LYS C 293 42.82 48.18 -25.71
C LYS C 293 43.06 47.23 -24.55
N ARG C 294 42.59 46.01 -24.69
CA ARG C 294 42.75 44.97 -23.68
C ARG C 294 43.37 43.77 -24.40
N LEU C 295 43.53 42.66 -23.68
CA LEU C 295 44.13 41.47 -24.25
C LEU C 295 43.41 40.94 -25.48
N PHE C 296 42.09 40.75 -25.37
CA PHE C 296 41.31 40.20 -26.47
C PHE C 296 40.32 41.14 -27.15
N ASP C 297 40.19 42.37 -26.67
CA ASP C 297 39.23 43.30 -27.27
C ASP C 297 39.54 44.75 -26.96
N TYR C 298 38.58 45.61 -27.30
CA TYR C 298 38.66 47.03 -27.03
C TYR C 298 37.42 47.42 -26.24
N VAL C 299 37.60 48.29 -25.25
CA VAL C 299 36.49 48.73 -24.44
C VAL C 299 36.38 50.23 -24.43
N VAL C 300 35.26 50.70 -23.92
CA VAL C 300 34.98 52.11 -23.80
C VAL C 300 34.18 52.20 -22.51
N LYS C 301 34.25 53.32 -21.81
CA LYS C 301 33.47 53.45 -20.59
C LYS C 301 32.02 53.46 -21.07
N CYS C 302 31.19 52.59 -20.50
CA CYS C 302 29.81 52.49 -20.96
C CYS C 302 29.05 53.78 -21.19
N ASN C 303 29.13 54.71 -20.23
CA ASN C 303 28.41 55.97 -20.37
C ASN C 303 28.70 56.69 -21.68
N GLU C 304 29.78 56.32 -22.36
CA GLU C 304 30.10 56.97 -23.63
C GLU C 304 29.84 56.14 -24.87
N GLY C 305 29.23 54.97 -24.69
CA GLY C 305 28.93 54.13 -25.82
C GLY C 305 27.98 54.83 -26.79
N PRO C 306 26.86 55.37 -26.30
CA PRO C 306 25.90 56.05 -27.17
C PRO C 306 26.47 57.27 -27.91
N THR C 307 27.58 57.80 -27.41
CA THR C 307 28.17 58.99 -28.01
C THR C 307 29.17 58.68 -29.14
N LEU C 308 29.56 57.42 -29.26
CA LEU C 308 30.51 57.02 -30.28
C LEU C 308 29.98 57.33 -31.68
N PRO C 309 30.86 57.81 -32.58
CA PRO C 309 30.50 58.17 -33.95
C PRO C 309 30.15 56.98 -34.83
N ASP C 310 29.55 57.30 -35.98
CA ASP C 310 29.17 56.27 -36.95
C ASP C 310 30.44 55.76 -37.62
N ILE C 311 30.40 54.50 -38.04
CA ILE C 311 31.52 53.90 -38.76
C ILE C 311 30.89 53.52 -40.08
N SER C 312 31.50 53.92 -41.20
CA SER C 312 30.95 53.60 -42.51
C SER C 312 31.92 52.77 -43.34
N PHE C 313 31.38 51.91 -44.18
CA PHE C 313 32.18 51.04 -45.04
C PHE C 313 31.77 51.20 -46.49
N HIS C 314 32.66 51.77 -47.29
CA HIS C 314 32.38 52.01 -48.70
C HIS C 314 32.55 50.73 -49.52
N LEU C 315 31.43 50.15 -49.95
CA LEU C 315 31.47 48.93 -50.72
C LEU C 315 30.70 49.04 -52.04
N GLY C 316 31.40 48.82 -53.14
CA GLY C 316 30.80 48.88 -54.46
C GLY C 316 29.96 50.12 -54.75
N GLY C 317 30.47 51.29 -54.40
CA GLY C 317 29.73 52.51 -54.67
C GLY C 317 28.54 52.78 -53.75
N LYS C 318 28.54 52.16 -52.57
CA LYS C 318 27.47 52.37 -51.60
C LYS C 318 28.09 52.47 -50.21
N GLU C 319 27.56 53.34 -49.37
CA GLU C 319 28.08 53.50 -48.02
C GLU C 319 27.27 52.68 -47.02
N TYR C 320 27.92 51.74 -46.36
CA TYR C 320 27.26 50.90 -45.36
C TYR C 320 27.68 51.42 -44.00
N THR C 321 26.71 52.05 -43.33
CA THR C 321 26.95 52.70 -42.05
C THR C 321 26.42 52.04 -40.78
N LEU C 322 27.30 51.96 -39.79
CA LEU C 322 26.92 51.40 -38.51
C LEU C 322 26.90 52.53 -37.49
N THR C 323 25.92 52.48 -36.59
CA THR C 323 25.78 53.47 -35.53
C THR C 323 26.45 52.83 -34.30
N SER C 324 26.68 53.60 -33.24
CA SER C 324 27.31 53.03 -32.06
C SER C 324 26.43 51.91 -31.48
N ALA C 325 25.12 52.06 -31.59
CA ALA C 325 24.20 51.04 -31.08
C ALA C 325 24.47 49.73 -31.82
N ASP C 326 24.92 49.86 -33.06
CA ASP C 326 25.21 48.69 -33.90
C ASP C 326 26.52 47.97 -33.57
N TYR C 327 27.50 48.66 -33.02
CA TYR C 327 28.78 48.00 -32.73
C TYR C 327 29.24 47.93 -31.28
N VAL C 328 28.52 48.54 -30.36
CA VAL C 328 28.95 48.44 -28.96
C VAL C 328 27.98 47.58 -28.16
N PHE C 329 28.52 46.73 -27.29
CA PHE C 329 27.69 45.90 -26.44
C PHE C 329 27.30 46.79 -25.27
N GLN C 330 26.21 47.54 -25.44
CA GLN C 330 25.72 48.46 -24.42
C GLN C 330 25.12 47.67 -23.26
N GLU C 331 25.98 47.22 -22.35
CA GLU C 331 25.58 46.43 -21.18
C GLU C 331 24.96 47.28 -20.08
N SER C 332 25.44 48.51 -19.95
CA SER C 332 24.92 49.45 -18.95
C SER C 332 25.32 50.84 -19.43
N TYR C 333 25.10 51.85 -18.60
CA TYR C 333 25.45 53.22 -18.96
C TYR C 333 26.36 53.89 -17.93
N SER C 334 26.77 53.12 -16.92
CA SER C 334 27.64 53.64 -15.86
C SER C 334 29.02 54.02 -16.36
N SER C 335 29.60 55.05 -15.75
CA SER C 335 30.94 55.48 -16.12
C SER C 335 31.95 54.68 -15.32
N LYS C 336 31.46 53.80 -14.44
CA LYS C 336 32.34 52.97 -13.64
C LYS C 336 32.44 51.58 -14.25
N LYS C 337 31.84 51.40 -15.42
CA LYS C 337 31.88 50.11 -16.09
C LYS C 337 32.44 50.17 -17.49
N LEU C 338 32.94 49.03 -17.97
CA LEU C 338 33.51 48.98 -19.30
C LEU C 338 32.57 48.22 -20.21
N CYS C 339 32.46 48.69 -21.45
CA CYS C 339 31.61 48.06 -22.43
C CYS C 339 32.46 47.68 -23.66
N THR C 340 32.38 46.42 -24.06
CA THR C 340 33.16 45.92 -25.21
C THR C 340 32.58 46.40 -26.54
N LEU C 341 33.42 46.43 -27.56
CA LEU C 341 32.99 46.84 -28.90
C LEU C 341 33.05 45.62 -29.82
N ALA C 342 32.08 45.54 -30.73
CA ALA C 342 32.00 44.42 -31.66
C ALA C 342 32.92 44.57 -32.87
N ILE C 343 34.04 45.26 -32.67
CA ILE C 343 35.03 45.46 -33.72
C ILE C 343 36.37 45.06 -33.11
N HIS C 344 37.05 44.12 -33.74
CA HIS C 344 38.33 43.66 -33.20
C HIS C 344 39.48 43.82 -34.17
N ALA C 345 40.67 43.50 -33.67
CA ALA C 345 41.87 43.55 -34.48
C ALA C 345 42.17 42.09 -34.80
N MET C 346 42.31 41.77 -36.08
CA MET C 346 42.61 40.41 -36.47
C MET C 346 43.46 40.40 -37.71
N ASP C 347 44.68 39.89 -37.57
CA ASP C 347 45.61 39.82 -38.67
C ASP C 347 45.45 38.51 -39.41
N ILE C 348 44.76 38.57 -40.54
CA ILE C 348 44.51 37.39 -41.35
C ILE C 348 45.66 37.25 -42.34
N PRO C 349 46.39 36.12 -42.27
CA PRO C 349 47.54 35.78 -43.10
C PRO C 349 47.28 35.56 -44.58
N PRO C 350 48.30 35.82 -45.43
CA PRO C 350 48.21 35.66 -46.88
C PRO C 350 47.92 34.20 -47.23
N PRO C 351 47.44 33.94 -48.46
CA PRO C 351 47.20 34.96 -49.49
C PRO C 351 45.89 35.73 -49.30
N THR C 352 44.97 35.18 -48.51
CA THR C 352 43.68 35.82 -48.26
C THR C 352 43.84 37.18 -47.60
N GLY C 353 44.75 37.28 -46.63
CA GLY C 353 44.98 38.54 -45.95
C GLY C 353 46.28 39.18 -46.38
N PRO C 354 46.62 40.38 -45.87
CA PRO C 354 45.82 41.15 -44.92
C PRO C 354 44.45 41.50 -45.48
N THR C 355 43.49 41.75 -44.61
CA THR C 355 42.13 42.08 -45.03
C THR C 355 41.22 42.37 -43.85
N TRP C 356 40.18 43.15 -44.09
CA TRP C 356 39.20 43.42 -43.06
C TRP C 356 38.26 42.21 -43.14
N ALA C 357 37.50 41.97 -42.08
CA ALA C 357 36.54 40.87 -42.05
C ALA C 357 35.19 41.42 -41.59
N LEU C 358 34.15 41.23 -42.42
CA LEU C 358 32.83 41.70 -42.08
C LEU C 358 32.00 40.53 -41.56
N GLY C 359 31.93 40.41 -40.24
CA GLY C 359 31.21 39.33 -39.61
C GLY C 359 29.80 39.67 -39.15
N ALA C 360 29.34 38.99 -38.11
CA ALA C 360 27.99 39.18 -37.57
C ALA C 360 27.62 40.64 -37.27
N THR C 361 28.56 41.39 -36.71
CA THR C 361 28.29 42.79 -36.39
C THR C 361 27.74 43.51 -37.63
N PHE C 362 28.32 43.19 -38.78
CA PHE C 362 27.91 43.80 -40.05
C PHE C 362 26.67 43.14 -40.64
N ILE C 363 26.66 41.81 -40.65
CA ILE C 363 25.54 41.07 -41.21
C ILE C 363 24.22 41.32 -40.48
N ARG C 364 24.29 41.61 -39.19
CA ARG C 364 23.08 41.90 -38.40
C ARG C 364 22.37 43.11 -39.01
N LYS C 365 23.13 44.05 -39.52
CA LYS C 365 22.58 45.26 -40.12
C LYS C 365 22.20 45.03 -41.58
N PHE C 366 23.00 44.25 -42.30
CA PHE C 366 22.72 44.01 -43.70
C PHE C 366 22.55 42.56 -44.14
N TYR C 367 21.34 42.24 -44.57
CA TYR C 367 21.04 40.91 -45.07
C TYR C 367 22.06 40.68 -46.16
N THR C 368 22.68 39.50 -46.18
CA THR C 368 23.71 39.21 -47.17
C THR C 368 23.42 37.99 -48.05
N GLU C 369 23.61 38.17 -49.35
CA GLU C 369 23.38 37.12 -50.34
C GLU C 369 24.71 36.78 -51.01
N PHE C 370 25.07 35.50 -51.01
CA PHE C 370 26.31 35.07 -51.64
C PHE C 370 25.91 34.38 -52.94
N ASP C 371 26.28 34.99 -54.07
CA ASP C 371 25.93 34.49 -55.39
C ASP C 371 27.06 33.73 -56.09
N ARG C 372 26.96 32.40 -56.08
CA ARG C 372 27.97 31.55 -56.72
C ARG C 372 27.91 31.62 -58.25
N ARG C 373 26.72 31.76 -58.81
CA ARG C 373 26.59 31.81 -60.25
C ARG C 373 27.24 33.02 -60.90
N ASN C 374 27.26 34.15 -60.18
CA ASN C 374 27.85 35.36 -60.72
C ASN C 374 29.06 35.90 -59.96
N ASN C 375 29.61 35.09 -59.05
CA ASN C 375 30.75 35.48 -58.22
C ASN C 375 30.63 36.91 -57.71
N ARG C 376 29.54 37.15 -56.99
CA ARG C 376 29.24 38.46 -56.43
C ARG C 376 28.61 38.31 -55.06
N ILE C 377 28.54 39.42 -54.33
CA ILE C 377 27.94 39.45 -53.03
C ILE C 377 26.98 40.62 -53.01
N GLY C 378 25.77 40.39 -52.51
CA GLY C 378 24.78 41.46 -52.46
C GLY C 378 24.37 41.82 -51.05
N PHE C 379 24.18 43.12 -50.82
CA PHE C 379 23.78 43.59 -49.52
C PHE C 379 22.44 44.33 -49.61
N ALA C 380 21.65 44.24 -48.56
CA ALA C 380 20.36 44.90 -48.49
C ALA C 380 20.02 45.12 -47.02
N LEU C 381 19.36 46.23 -46.72
CA LEU C 381 18.98 46.56 -45.35
C LEU C 381 18.18 45.44 -44.68
N ALA C 382 18.72 44.90 -43.58
CA ALA C 382 18.05 43.83 -42.86
C ALA C 382 16.75 44.33 -42.24
N ARG C 383 15.74 43.47 -42.22
CA ARG C 383 14.43 43.81 -41.67
C ARG C 383 14.17 42.93 -40.43
N VAL D 3 33.03 39.53 -17.51
CA VAL D 3 32.25 40.16 -18.56
C VAL D 3 33.05 40.29 -19.85
N TYR D 4 32.68 39.48 -20.85
CA TYR D 4 31.58 38.54 -20.71
C TYR D 4 31.40 37.71 -21.97
N ILE D 5 31.62 38.33 -23.12
CA ILE D 5 31.49 37.65 -24.40
C ILE D 5 32.83 37.14 -24.90
N HIS D 6 32.82 36.41 -26.01
CA HIS D 6 34.06 35.85 -26.60
C HIS D 6 33.91 35.71 -28.11
N PRO D 7 34.69 36.50 -28.88
CA PRO D 7 34.43 36.37 -30.32
C PRO D 7 35.12 35.14 -30.89
N PHE D 8 34.47 34.58 -31.87
CA PHE D 8 34.92 33.47 -32.68
C PHE D 8 35.37 33.97 -34.03
N HIS D 9 36.61 33.65 -34.34
CA HIS D 9 37.16 34.09 -35.66
C HIS D 9 37.36 32.87 -36.52
N LEU D 10 36.35 32.66 -37.35
CA LEU D 10 36.33 31.51 -38.26
C LEU D 10 36.76 31.87 -39.67
N VAL D 11 37.99 32.36 -39.79
CA VAL D 11 38.55 32.72 -41.09
C VAL D 11 39.66 31.75 -41.48
N ILE D 12 39.33 30.81 -42.37
CA ILE D 12 40.31 29.78 -42.78
C ILE D 12 41.51 30.42 -43.43
N HIS D 13 42.68 29.86 -43.13
CA HIS D 13 43.94 30.37 -43.67
C HIS D 13 44.91 29.24 -43.99
N ASN D 14 45.92 29.52 -44.79
CA ASN D 14 46.92 28.52 -45.08
C ASN D 14 47.84 28.29 -43.89
N GLU D 15 47.60 27.20 -43.17
CA GLU D 15 48.37 26.82 -42.00
C GLU D 15 49.69 27.56 -41.82
N SER D 16 49.99 27.93 -40.57
CA SER D 16 51.22 28.62 -40.22
C SER D 16 51.62 28.24 -38.80
N THR D 17 52.50 29.02 -38.19
CA THR D 17 52.91 28.72 -36.82
C THR D 17 54.22 29.38 -36.38
N CYS D 18 54.76 28.88 -35.27
CA CYS D 18 56.00 29.38 -34.70
C CYS D 18 56.28 30.82 -35.09
N ASP D 31 71.94 16.44 -19.72
CA ASP D 31 71.46 17.25 -18.59
C ASP D 31 72.16 16.88 -17.27
N PRO D 32 72.37 17.88 -16.38
CA PRO D 32 73.06 17.62 -15.12
C PRO D 32 72.10 17.22 -14.01
N THR D 33 72.05 15.93 -13.70
CA THR D 33 71.17 15.40 -12.66
C THR D 33 71.75 15.66 -11.27
N PHE D 34 70.90 15.52 -10.24
CA PHE D 34 71.34 15.66 -8.85
C PHE D 34 70.46 14.87 -7.90
N ILE D 35 71.08 14.23 -6.92
CA ILE D 35 70.36 13.56 -5.84
C ILE D 35 70.04 14.57 -4.75
N PRO D 36 68.78 14.65 -4.32
CA PRO D 36 68.43 15.55 -3.23
C PRO D 36 68.82 14.96 -1.88
N ALA D 37 69.12 15.84 -0.91
CA ALA D 37 69.58 15.41 0.41
C ALA D 37 68.45 14.78 1.21
N PRO D 38 68.77 14.13 2.35
CA PRO D 38 67.71 13.64 3.23
C PRO D 38 67.00 14.78 3.95
N ILE D 39 65.78 14.54 4.40
CA ILE D 39 64.99 15.56 5.10
C ILE D 39 65.49 15.83 6.52
N GLN D 40 66.30 14.93 7.06
CA GLN D 40 66.96 15.13 8.36
C GLN D 40 67.82 16.40 8.36
N ALA D 41 68.31 16.79 7.18
CA ALA D 41 69.07 18.02 7.03
C ALA D 41 68.25 19.23 7.46
N LYS D 42 68.88 20.15 8.19
CA LYS D 42 68.21 21.34 8.72
C LYS D 42 67.85 22.31 7.60
N THR D 43 66.57 22.31 7.22
CA THR D 43 66.05 23.22 6.23
C THR D 43 65.32 24.37 6.93
N SER D 44 65.67 25.61 6.56
CA SER D 44 65.03 26.78 7.16
C SER D 44 63.58 26.89 6.68
N PRO D 45 62.70 27.42 7.55
CA PRO D 45 61.29 27.52 7.19
C PRO D 45 61.02 28.60 6.15
N VAL D 46 59.85 28.54 5.50
CA VAL D 46 59.50 29.48 4.45
C VAL D 46 59.14 30.86 5.01
N ASN D 47 59.90 31.87 4.58
CA ASN D 47 59.59 33.25 4.95
C ASN D 47 58.39 33.72 4.13
N GLU D 48 57.22 33.67 4.75
CA GLU D 48 55.96 33.91 4.05
C GLU D 48 55.82 35.36 3.56
N LYS D 49 56.35 36.29 4.35
CA LYS D 49 56.41 37.69 3.93
C LYS D 49 57.27 37.83 2.69
N ALA D 50 58.49 37.28 2.77
CA ALA D 50 59.43 37.30 1.65
C ALA D 50 58.84 36.67 0.39
N LEU D 51 58.00 35.65 0.57
CA LEU D 51 57.36 34.97 -0.56
C LEU D 51 56.37 35.89 -1.27
N GLN D 52 55.40 36.41 -0.53
CA GLN D 52 54.33 37.22 -1.13
C GLN D 52 54.87 38.52 -1.72
N ASP D 53 55.89 39.10 -1.07
CA ASP D 53 56.55 40.30 -1.58
C ASP D 53 57.25 40.03 -2.92
N GLN D 54 57.63 38.77 -3.15
CA GLN D 54 58.21 38.37 -4.43
C GLN D 54 57.11 38.11 -5.45
N LEU D 55 55.98 37.58 -4.99
CA LEU D 55 54.83 37.30 -5.86
C LEU D 55 54.16 38.58 -6.38
N VAL D 56 54.13 39.61 -5.55
CA VAL D 56 53.57 40.91 -5.96
C VAL D 56 54.47 41.60 -6.99
N LEU D 57 55.78 41.38 -6.88
CA LEU D 57 56.74 41.88 -7.85
C LEU D 57 56.52 41.19 -9.19
N VAL D 58 56.32 39.87 -9.15
CA VAL D 58 56.03 39.09 -10.35
C VAL D 58 54.74 39.57 -11.00
N ALA D 59 53.74 39.88 -10.18
CA ALA D 59 52.48 40.44 -10.65
C ALA D 59 52.65 41.86 -11.20
N ALA D 60 53.51 42.65 -10.54
CA ALA D 60 53.76 44.03 -10.96
C ALA D 60 54.52 44.06 -12.29
N LYS D 61 55.72 43.49 -12.30
CA LYS D 61 56.53 43.43 -13.51
C LYS D 61 55.99 42.35 -14.43
N LEU D 62 54.93 42.71 -15.15
CA LEU D 62 54.18 41.75 -15.97
C LEU D 62 53.54 42.46 -17.16
N ASP D 63 53.74 41.90 -18.35
CA ASP D 63 53.25 42.52 -19.60
C ASP D 63 51.73 42.50 -19.67
N THR D 64 51.17 43.34 -20.53
CA THR D 64 49.73 43.34 -20.81
C THR D 64 49.33 42.07 -21.56
N GLU D 65 50.28 41.50 -22.30
CA GLU D 65 50.10 40.21 -22.97
C GLU D 65 50.08 39.07 -21.95
N ASP D 66 50.95 39.17 -20.94
CA ASP D 66 51.01 38.18 -19.87
C ASP D 66 49.74 38.15 -19.02
N LYS D 67 49.10 39.30 -18.86
CA LYS D 67 47.83 39.40 -18.13
C LYS D 67 46.73 38.58 -18.82
N LEU D 68 46.73 38.60 -20.16
CA LEU D 68 45.79 37.79 -20.94
C LEU D 68 46.12 36.31 -20.80
N ARG D 69 47.41 35.99 -20.74
CA ARG D 69 47.87 34.62 -20.55
C ARG D 69 47.50 34.09 -19.17
N ALA D 70 47.65 34.94 -18.16
CA ALA D 70 47.24 34.61 -16.80
C ALA D 70 45.73 34.37 -16.71
N ALA D 71 44.97 35.18 -17.44
CA ALA D 71 43.53 35.00 -17.56
C ALA D 71 43.21 33.70 -18.28
N MET D 72 43.96 33.41 -19.35
CA MET D 72 43.74 32.22 -20.15
C MET D 72 44.00 30.95 -19.34
N VAL D 73 45.18 30.86 -18.73
CA VAL D 73 45.52 29.72 -17.88
C VAL D 73 44.58 29.62 -16.68
N GLY D 74 43.99 30.76 -16.29
CA GLY D 74 42.95 30.78 -15.27
C GLY D 74 41.73 30.00 -15.71
N MET D 75 41.24 30.28 -16.91
CA MET D 75 40.07 29.60 -17.45
C MET D 75 40.29 28.11 -17.67
N LEU D 76 41.50 27.74 -18.10
CA LEU D 76 41.86 26.34 -18.26
C LEU D 76 41.73 25.63 -16.91
N ALA D 77 42.22 26.27 -15.86
CA ALA D 77 42.09 25.77 -14.50
C ALA D 77 40.63 25.68 -14.07
N ASN D 78 39.83 26.66 -14.48
CA ASN D 78 38.39 26.64 -14.23
C ASN D 78 37.75 25.42 -14.90
N PHE D 79 37.96 25.27 -16.21
CA PHE D 79 37.33 24.20 -16.97
C PHE D 79 37.76 22.81 -16.52
N LEU D 80 39.02 22.70 -16.07
CA LEU D 80 39.52 21.44 -15.52
C LEU D 80 38.78 21.11 -14.24
N GLY D 81 38.56 22.11 -13.39
CA GLY D 81 37.79 21.94 -12.17
C GLY D 81 36.36 21.48 -12.44
N PHE D 82 35.74 22.06 -13.47
CA PHE D 82 34.39 21.66 -13.87
C PHE D 82 34.40 20.28 -14.53
N ARG D 83 35.45 20.01 -15.30
CA ARG D 83 35.67 18.66 -15.84
C ARG D 83 35.75 17.63 -14.71
N ILE D 84 36.48 17.96 -13.66
CA ILE D 84 36.69 17.05 -12.52
C ILE D 84 35.41 16.77 -11.74
N TYR D 85 34.40 17.63 -11.88
CA TYR D 85 33.07 17.33 -11.33
C TYR D 85 32.37 16.21 -12.11
N GLY D 86 33.00 15.73 -13.18
CA GLY D 86 32.57 14.51 -13.87
C GLY D 86 32.65 13.24 -13.03
N MET D 87 33.21 13.34 -11.83
CA MET D 87 33.07 12.29 -10.81
C MET D 87 31.62 12.14 -10.35
N HIS D 88 30.86 13.24 -10.43
CA HIS D 88 29.43 13.27 -10.08
C HIS D 88 29.20 13.09 -8.57
N SER D 89 29.61 14.11 -7.81
CA SER D 89 29.45 14.16 -6.35
C SER D 89 30.29 13.12 -5.58
N GLU D 90 31.33 12.60 -6.22
CA GLU D 90 32.30 11.70 -5.57
C GLU D 90 33.60 12.44 -5.24
N LEU D 91 33.66 13.73 -5.55
CA LEU D 91 34.84 14.54 -5.28
C LEU D 91 35.13 14.58 -3.78
N TRP D 92 34.07 14.78 -3.00
CA TRP D 92 34.18 14.79 -1.54
C TRP D 92 34.43 13.38 -1.01
N GLY D 93 34.08 12.38 -1.83
CA GLY D 93 34.43 10.99 -1.57
C GLY D 93 35.90 10.78 -1.29
N VAL D 94 36.75 11.62 -1.88
CA VAL D 94 38.16 11.71 -1.50
C VAL D 94 38.22 12.40 -0.12
N VAL D 95 37.85 11.64 0.91
CA VAL D 95 37.61 12.17 2.25
C VAL D 95 38.91 12.32 3.03
N HIS D 96 39.57 13.47 2.86
CA HIS D 96 40.74 13.84 3.66
C HIS D 96 40.66 15.32 4.02
N GLY D 97 40.38 15.59 5.29
CA GLY D 97 40.22 16.96 5.78
C GLY D 97 38.92 17.58 5.32
N ALA D 98 38.91 18.91 5.21
CA ALA D 98 37.72 19.64 4.79
C ALA D 98 37.54 19.53 3.27
N THR D 99 36.28 19.44 2.86
CA THR D 99 35.92 19.27 1.45
C THR D 99 36.09 20.58 0.69
N VAL D 100 37.30 20.79 0.18
CA VAL D 100 37.62 21.96 -0.63
C VAL D 100 38.86 21.69 -1.49
N LEU D 101 38.74 21.95 -2.79
CA LEU D 101 39.82 21.72 -3.74
C LEU D 101 40.20 23.01 -4.47
N SER D 102 41.45 23.06 -4.93
CA SER D 102 41.99 24.27 -5.58
C SER D 102 42.21 24.03 -7.06
N PRO D 103 41.24 24.42 -7.91
CA PRO D 103 41.39 24.27 -9.35
C PRO D 103 42.72 24.76 -9.91
N THR D 104 43.20 25.90 -9.41
CA THR D 104 44.46 26.47 -9.87
C THR D 104 45.65 25.62 -9.43
N ALA D 105 45.58 25.08 -8.21
CA ALA D 105 46.62 24.19 -7.69
C ALA D 105 46.59 22.85 -8.40
N VAL D 106 45.38 22.32 -8.61
CA VAL D 106 45.19 21.09 -9.36
C VAL D 106 45.83 21.22 -10.73
N PHE D 107 45.41 22.25 -11.46
CA PHE D 107 45.94 22.50 -12.79
C PHE D 107 47.46 22.59 -12.76
N GLY D 108 47.98 23.36 -11.82
CA GLY D 108 49.42 23.55 -11.69
C GLY D 108 50.18 22.28 -11.40
N THR D 109 49.76 21.55 -10.37
CA THR D 109 50.40 20.30 -10.00
C THR D 109 50.37 19.32 -11.18
N LEU D 110 49.28 19.36 -11.94
CA LEU D 110 49.13 18.51 -13.12
C LEU D 110 50.04 19.01 -14.25
N ALA D 111 50.11 20.33 -14.41
CA ALA D 111 50.95 20.96 -15.43
C ALA D 111 52.44 20.77 -15.16
N SER D 112 52.80 20.60 -13.89
CA SER D 112 54.20 20.39 -13.50
C SER D 112 54.66 18.96 -13.79
N LEU D 113 53.73 18.00 -13.70
CA LEU D 113 54.01 16.62 -14.11
C LEU D 113 54.20 16.55 -15.62
N TYR D 114 53.49 17.41 -16.34
CA TYR D 114 53.61 17.52 -17.79
C TYR D 114 55.06 17.80 -18.22
N LEU D 115 55.81 18.57 -17.42
CA LEU D 115 57.24 18.79 -17.68
C LEU D 115 57.97 17.47 -17.85
N GLY D 116 57.79 16.58 -16.87
CA GLY D 116 58.36 15.24 -16.93
C GLY D 116 57.45 14.31 -17.70
N ALA D 117 57.35 14.52 -19.00
CA ALA D 117 56.48 13.71 -19.84
C ALA D 117 56.90 13.76 -21.30
N LEU D 118 57.14 12.59 -21.88
CA LEU D 118 57.47 12.46 -23.30
C LEU D 118 56.17 12.27 -24.07
N ASP D 119 56.27 11.95 -25.35
CA ASP D 119 55.11 11.57 -26.16
C ASP D 119 54.25 10.53 -25.44
N HIS D 120 52.98 10.47 -25.83
CA HIS D 120 51.96 9.66 -25.15
C HIS D 120 51.60 10.26 -23.78
N THR D 121 52.50 10.13 -22.80
CA THR D 121 52.22 10.60 -21.43
C THR D 121 52.01 12.12 -21.40
N ALA D 122 52.88 12.87 -22.06
CA ALA D 122 52.70 14.30 -22.22
C ALA D 122 51.48 14.58 -23.11
N ASP D 123 51.31 13.76 -24.14
CA ASP D 123 50.19 13.90 -25.07
C ASP D 123 48.83 13.57 -24.43
N ARG D 124 48.85 12.83 -23.32
CA ARG D 124 47.64 12.55 -22.55
C ARG D 124 47.35 13.71 -21.60
N LEU D 125 48.35 14.07 -20.80
CA LEU D 125 48.25 15.19 -19.86
C LEU D 125 47.88 16.49 -20.59
N GLN D 126 48.45 16.67 -21.78
CA GLN D 126 48.05 17.74 -22.71
C GLN D 126 46.53 17.88 -22.74
N ALA D 127 45.84 16.80 -23.13
CA ALA D 127 44.39 16.78 -23.12
C ALA D 127 43.77 16.81 -21.71
N ILE D 128 44.32 15.99 -20.80
CA ILE D 128 43.79 15.89 -19.45
C ILE D 128 43.92 17.16 -18.62
N LEU D 129 45.08 17.79 -18.70
CA LEU D 129 45.36 19.05 -18.02
C LEU D 129 44.45 20.12 -18.58
N GLY D 130 44.22 20.02 -19.88
CA GLY D 130 43.52 21.01 -20.67
C GLY D 130 44.61 21.51 -21.60
N VAL D 131 44.55 21.07 -22.85
CA VAL D 131 45.53 21.45 -23.85
C VAL D 131 44.86 21.98 -25.12
N PRO D 132 45.64 22.62 -25.99
CA PRO D 132 47.07 22.81 -25.73
C PRO D 132 47.40 24.28 -25.50
N TRP D 133 46.55 24.98 -24.77
CA TRP D 133 46.76 26.39 -24.48
C TRP D 133 46.86 27.21 -25.76
N LYS D 134 47.57 26.66 -26.76
CA LYS D 134 47.74 27.34 -28.03
C LYS D 134 47.12 26.54 -29.17
N ASP D 135 46.72 25.31 -28.87
CA ASP D 135 46.09 24.45 -29.87
C ASP D 135 47.15 23.80 -30.76
N LYS D 136 48.38 23.77 -30.28
CA LYS D 136 49.49 23.18 -31.04
C LYS D 136 50.70 22.94 -30.14
N ASN D 137 51.59 22.05 -30.59
CA ASN D 137 52.78 21.71 -29.82
C ASN D 137 54.06 21.93 -30.59
N CYS D 138 54.25 23.16 -31.10
CA CYS D 138 55.45 23.50 -31.84
C CYS D 138 56.68 23.45 -30.94
N THR D 139 56.47 23.08 -29.68
CA THR D 139 57.56 22.98 -28.72
C THR D 139 58.25 24.34 -28.54
N SER D 140 58.16 24.89 -27.33
CA SER D 140 58.78 26.18 -27.04
C SER D 140 58.86 26.41 -25.54
N ARG D 141 59.12 27.66 -25.15
CA ARG D 141 59.22 28.03 -23.74
C ARG D 141 57.85 28.19 -23.11
N LEU D 142 56.81 28.10 -23.94
CA LEU D 142 55.43 28.23 -23.46
C LEU D 142 54.90 26.91 -22.92
N ASP D 143 55.13 25.84 -23.67
CA ASP D 143 54.68 24.51 -23.27
C ASP D 143 55.41 24.04 -22.02
N ALA D 144 54.72 24.07 -20.89
CA ALA D 144 55.31 23.66 -19.62
C ALA D 144 55.97 24.83 -18.90
N HIS D 145 56.78 25.57 -19.64
CA HIS D 145 57.48 26.74 -19.08
C HIS D 145 56.61 28.00 -19.09
N LYS D 146 55.84 28.19 -20.16
CA LYS D 146 54.90 29.30 -20.24
C LYS D 146 53.72 29.12 -19.29
N VAL D 147 53.13 27.92 -19.32
CA VAL D 147 51.99 27.59 -18.46
C VAL D 147 52.33 27.74 -16.97
N LEU D 148 53.53 27.29 -16.59
CA LEU D 148 53.95 27.34 -15.19
C LEU D 148 54.15 28.77 -14.69
N SER D 149 54.91 29.56 -15.45
CA SER D 149 55.14 30.97 -15.09
C SER D 149 53.90 31.84 -15.27
N ALA D 150 52.98 31.41 -16.14
CA ALA D 150 51.67 32.06 -16.26
C ALA D 150 50.84 31.81 -15.01
N LEU D 151 50.99 30.61 -14.46
CA LEU D 151 50.26 30.19 -13.27
C LEU D 151 50.89 30.77 -12.00
N GLN D 152 52.16 31.12 -12.07
CA GLN D 152 52.81 31.92 -11.04
C GLN D 152 52.13 33.29 -11.02
N ALA D 153 51.98 33.88 -12.20
CA ALA D 153 51.36 35.20 -12.34
C ALA D 153 49.97 35.26 -11.71
N VAL D 154 49.15 34.24 -11.94
CA VAL D 154 47.76 34.23 -11.44
C VAL D 154 47.71 34.30 -9.92
N GLN D 155 48.74 33.79 -9.24
CA GLN D 155 48.84 33.88 -7.80
C GLN D 155 49.12 35.30 -7.37
N GLY D 156 50.09 35.94 -8.03
CA GLY D 156 50.40 37.34 -7.78
C GLY D 156 49.21 38.26 -8.08
N LEU D 157 48.43 37.89 -9.09
CA LEU D 157 47.22 38.62 -9.46
C LEU D 157 46.17 38.57 -8.35
N LEU D 158 46.06 37.42 -7.68
CA LEU D 158 45.14 37.26 -6.57
C LEU D 158 45.57 38.14 -5.40
N VAL D 159 46.79 37.89 -4.90
CA VAL D 159 47.36 38.67 -3.80
C VAL D 159 47.99 39.96 -4.36
N ALA D 160 47.13 40.91 -4.71
CA ALA D 160 47.55 42.13 -5.42
C ALA D 160 47.42 43.39 -4.58
N GLN D 161 46.19 43.86 -4.41
CA GLN D 161 45.90 45.17 -3.80
C GLN D 161 46.52 46.29 -4.63
N GLY D 162 46.14 46.34 -5.90
CA GLY D 162 46.68 47.33 -6.84
C GLY D 162 46.34 48.76 -6.44
N ARG D 163 45.06 49.06 -6.37
CA ARG D 163 44.59 50.37 -5.90
C ARG D 163 44.69 50.51 -4.37
N ALA D 164 44.79 49.38 -3.68
CA ALA D 164 44.88 49.36 -2.22
C ALA D 164 46.23 49.86 -1.71
N ASP D 165 47.32 49.40 -2.33
CA ASP D 165 48.70 49.76 -1.97
C ASP D 165 49.13 49.17 -0.62
N SER D 166 48.42 49.55 0.45
CA SER D 166 48.66 49.00 1.80
C SER D 166 48.40 47.49 1.83
N GLN D 167 48.69 46.88 2.99
CA GLN D 167 48.59 45.43 3.15
C GLN D 167 47.17 44.93 2.85
N ALA D 168 47.03 44.21 1.74
CA ALA D 168 45.73 43.70 1.28
C ALA D 168 45.15 42.67 2.24
N GLN D 169 46.01 42.02 3.02
CA GLN D 169 45.58 41.10 4.08
C GLN D 169 45.28 39.68 3.58
N LEU D 170 45.15 39.50 2.27
CA LEU D 170 44.99 38.16 1.68
C LEU D 170 46.36 37.58 1.34
N LEU D 171 46.55 36.29 1.64
CA LEU D 171 47.82 35.62 1.41
C LEU D 171 47.58 34.31 0.67
N LEU D 172 48.50 33.96 -0.23
CA LEU D 172 48.46 32.69 -0.94
C LEU D 172 49.86 32.11 -1.07
N SER D 173 50.15 31.11 -0.24
CA SER D 173 51.44 30.41 -0.28
C SER D 173 51.26 29.07 -0.98
N THR D 174 52.24 28.69 -1.78
CA THR D 174 52.21 27.43 -2.51
C THR D 174 53.60 26.82 -2.59
N VAL D 175 53.86 25.84 -1.73
CA VAL D 175 55.17 25.18 -1.66
C VAL D 175 55.09 23.75 -2.22
N VAL D 176 55.87 23.47 -3.25
CA VAL D 176 55.82 22.19 -3.95
C VAL D 176 56.90 21.23 -3.46
N GLY D 177 56.50 20.22 -2.70
CA GLY D 177 57.42 19.16 -2.29
C GLY D 177 57.53 18.11 -3.39
N VAL D 178 58.76 17.69 -3.68
CA VAL D 178 59.03 16.67 -4.69
C VAL D 178 59.95 15.60 -4.10
N PHE D 179 59.36 14.70 -3.32
CA PHE D 179 60.12 13.74 -2.54
C PHE D 179 60.42 12.47 -3.31
N THR D 180 61.67 12.35 -3.75
CA THR D 180 62.13 11.19 -4.50
C THR D 180 62.68 10.11 -3.59
N ALA D 181 62.90 8.92 -4.14
CA ALA D 181 63.47 7.81 -3.40
C ALA D 181 64.99 7.96 -3.30
N PRO D 182 65.65 7.09 -2.51
CA PRO D 182 67.10 7.17 -2.38
C PRO D 182 67.80 6.73 -3.66
N GLY D 183 68.76 7.54 -4.13
CA GLY D 183 69.48 7.23 -5.35
C GLY D 183 68.70 7.55 -6.62
N LEU D 184 67.71 8.43 -6.52
CA LEU D 184 66.96 8.91 -7.68
C LEU D 184 67.53 10.24 -8.14
N HIS D 185 68.36 10.20 -9.17
CA HIS D 185 69.01 11.39 -9.69
C HIS D 185 68.04 12.17 -10.57
N LEU D 186 67.24 13.03 -9.96
CA LEU D 186 66.27 13.85 -10.71
C LEU D 186 66.98 14.99 -11.45
N LYS D 187 66.48 15.30 -12.64
CA LYS D 187 67.18 16.20 -13.57
C LYS D 187 67.04 17.68 -13.21
N GLN D 188 68.03 18.47 -13.61
CA GLN D 188 68.09 19.90 -13.31
C GLN D 188 67.03 20.76 -14.01
N PRO D 189 66.98 20.73 -15.36
CA PRO D 189 66.07 21.64 -16.09
C PRO D 189 64.59 21.50 -15.69
N PHE D 190 64.20 20.30 -15.27
CA PHE D 190 62.87 20.08 -14.71
C PHE D 190 62.64 20.93 -13.46
N VAL D 191 63.64 20.98 -12.60
CA VAL D 191 63.54 21.72 -11.34
C VAL D 191 63.46 23.22 -11.58
N GLN D 192 64.15 23.70 -12.62
CA GLN D 192 64.05 25.10 -13.01
C GLN D 192 62.65 25.40 -13.55
N GLY D 193 62.03 24.40 -14.19
CA GLY D 193 60.63 24.51 -14.61
C GLY D 193 59.71 24.70 -13.43
N LEU D 194 59.89 23.88 -12.40
CA LEU D 194 59.13 24.01 -11.15
C LEU D 194 59.33 25.39 -10.51
N ALA D 195 60.55 25.92 -10.64
CA ALA D 195 60.88 27.24 -10.13
C ALA D 195 59.98 28.33 -10.73
N LEU D 196 59.62 28.16 -12.01
CA LEU D 196 58.72 29.12 -12.68
C LEU D 196 57.33 29.10 -12.07
N TYR D 197 56.86 27.91 -11.67
CA TYR D 197 55.53 27.75 -11.07
C TYR D 197 55.49 28.32 -9.66
N THR D 198 56.47 27.97 -8.85
CA THR D 198 56.58 28.46 -7.48
C THR D 198 58.04 28.63 -7.07
N PRO D 199 58.35 29.68 -6.29
CA PRO D 199 59.70 29.82 -5.75
C PRO D 199 60.07 28.69 -4.79
N VAL D 200 59.13 28.34 -3.90
CA VAL D 200 59.39 27.31 -2.89
C VAL D 200 59.26 25.92 -3.50
N VAL D 201 60.34 25.46 -4.11
CA VAL D 201 60.43 24.09 -4.64
C VAL D 201 61.39 23.32 -3.76
N LEU D 202 60.89 22.30 -3.07
CA LEU D 202 61.66 21.58 -2.06
C LEU D 202 61.82 20.10 -2.39
N PRO D 203 62.77 19.77 -3.29
CA PRO D 203 63.12 18.37 -3.51
C PRO D 203 64.04 17.86 -2.41
N ARG D 204 63.67 16.74 -1.79
CA ARG D 204 64.46 16.14 -0.71
C ARG D 204 64.17 14.64 -0.63
N SER D 205 65.23 13.82 -0.51
CA SER D 205 65.10 12.36 -0.58
C SER D 205 64.44 11.76 0.65
N LEU D 206 63.97 10.52 0.51
CA LEU D 206 63.26 9.82 1.58
C LEU D 206 63.24 8.31 1.31
N ASP D 207 63.25 7.52 2.39
CA ASP D 207 63.22 6.06 2.29
C ASP D 207 61.77 5.56 2.31
N PHE D 208 61.26 5.20 1.14
CA PHE D 208 59.85 4.82 0.98
C PHE D 208 59.55 3.35 1.30
N THR D 209 60.60 2.55 1.49
CA THR D 209 60.43 1.14 1.85
C THR D 209 59.65 1.02 3.17
N GLU D 210 59.93 1.91 4.11
CA GLU D 210 59.13 2.05 5.32
C GLU D 210 58.13 3.20 5.14
N LEU D 211 56.89 2.85 4.83
CA LEU D 211 55.84 3.86 4.62
C LEU D 211 55.43 4.54 5.92
N ASP D 212 55.33 3.76 6.99
CA ASP D 212 54.99 4.29 8.31
C ASP D 212 56.00 5.35 8.76
N VAL D 213 57.29 5.03 8.60
CA VAL D 213 58.38 5.92 9.00
C VAL D 213 58.50 7.12 8.04
N ALA D 214 58.20 6.90 6.76
CA ALA D 214 58.22 7.96 5.76
C ALA D 214 57.08 8.95 5.99
N ALA D 215 55.87 8.41 6.15
CA ALA D 215 54.66 9.22 6.32
C ALA D 215 54.74 10.15 7.53
N GLU D 216 55.26 9.64 8.65
CA GLU D 216 55.39 10.43 9.87
C GLU D 216 56.48 11.50 9.76
N LYS D 217 57.58 11.16 9.06
CA LYS D 217 58.67 12.11 8.85
C LYS D 217 58.34 13.14 7.78
N ILE D 218 57.58 12.74 6.76
CA ILE D 218 57.17 13.66 5.70
C ILE D 218 56.25 14.76 6.24
N ASP D 219 55.43 14.42 7.22
CA ASP D 219 54.60 15.40 7.93
C ASP D 219 55.45 16.28 8.84
N ARG D 220 56.39 15.67 9.57
CA ARG D 220 57.28 16.40 10.47
C ARG D 220 58.17 17.39 9.73
N PHE D 221 58.53 17.07 8.49
CA PHE D 221 59.35 17.96 7.67
C PHE D 221 58.56 19.17 7.20
N MET D 222 57.46 18.92 6.51
CA MET D 222 56.65 19.97 5.91
C MET D 222 56.09 20.94 6.96
N GLN D 223 55.46 20.41 8.00
CA GLN D 223 54.90 21.24 9.07
C GLN D 223 55.99 22.07 9.74
N ALA D 224 57.21 21.53 9.80
CA ALA D 224 58.36 22.27 10.29
C ALA D 224 58.79 23.35 9.30
N VAL D 225 58.84 23.00 8.01
CA VAL D 225 59.27 23.93 6.96
C VAL D 225 58.21 24.99 6.66
N THR D 226 56.96 24.55 6.52
CA THR D 226 55.86 25.45 6.17
C THR D 226 55.40 26.26 7.37
N GLY D 227 54.97 25.54 8.41
CA GLY D 227 54.41 26.17 9.61
C GLY D 227 52.89 26.15 9.62
N TRP D 228 52.30 25.10 9.05
CA TRP D 228 50.86 24.87 9.16
C TRP D 228 50.52 23.38 9.07
N LYS D 229 49.61 22.93 9.93
CA LYS D 229 49.22 21.52 10.02
C LYS D 229 48.47 21.06 8.79
N THR D 230 49.10 20.19 8.01
CA THR D 230 48.48 19.58 6.83
C THR D 230 47.79 18.28 7.21
N GLY D 231 46.66 17.99 6.56
CA GLY D 231 45.85 16.81 6.88
C GLY D 231 46.51 15.52 6.47
N CYS D 232 47.49 15.08 7.27
CA CYS D 232 48.28 13.87 7.01
C CYS D 232 49.06 13.94 5.69
N SER D 233 49.87 12.90 5.45
CA SER D 233 50.63 12.80 4.20
C SER D 233 51.11 11.37 3.96
N LEU D 234 51.32 11.04 2.69
CA LEU D 234 51.69 9.69 2.25
C LEU D 234 50.58 8.67 2.55
N MET D 235 49.32 9.14 2.54
CA MET D 235 48.18 8.28 2.76
C MET D 235 47.81 7.56 1.47
N GLY D 236 47.68 6.24 1.55
CA GLY D 236 47.35 5.43 0.37
C GLY D 236 48.46 5.33 -0.65
N ALA D 237 49.70 5.50 -0.19
CA ALA D 237 50.88 5.36 -1.04
C ALA D 237 51.40 3.94 -0.92
N SER D 238 51.77 3.33 -2.03
CA SER D 238 52.27 1.96 -2.05
C SER D 238 53.69 1.88 -1.48
N VAL D 239 54.08 0.68 -1.06
CA VAL D 239 55.42 0.44 -0.52
C VAL D 239 56.48 0.51 -1.62
N ASP D 240 56.17 -0.10 -2.77
CA ASP D 240 57.08 -0.14 -3.92
C ASP D 240 56.92 1.13 -4.77
N SER D 241 57.31 2.27 -4.20
CA SER D 241 57.21 3.56 -4.88
C SER D 241 58.51 4.35 -4.74
N THR D 242 58.61 5.46 -5.48
CA THR D 242 59.81 6.30 -5.47
C THR D 242 59.46 7.79 -5.35
N LEU D 243 58.72 8.30 -6.33
CA LEU D 243 58.41 9.73 -6.41
C LEU D 243 57.16 10.07 -5.61
N ALA D 244 57.12 11.29 -5.04
CA ALA D 244 55.97 11.76 -4.29
C ALA D 244 55.79 13.27 -4.49
N PHE D 245 55.16 13.64 -5.61
CA PHE D 245 55.02 15.04 -6.00
C PHE D 245 53.86 15.68 -5.26
N ASN D 246 54.15 16.36 -4.15
CA ASN D 246 53.10 16.93 -3.32
C ASN D 246 53.13 18.46 -3.27
N THR D 247 52.08 19.10 -3.79
CA THR D 247 51.91 20.54 -3.71
C THR D 247 51.22 20.88 -2.39
N TYR D 248 51.73 21.89 -1.69
CA TYR D 248 51.13 22.36 -0.44
C TYR D 248 50.74 23.83 -0.55
N VAL D 249 49.45 24.13 -0.42
CA VAL D 249 48.95 25.50 -0.53
C VAL D 249 48.31 25.98 0.78
N HIS D 250 48.42 27.28 1.05
CA HIS D 250 47.86 27.90 2.26
C HIS D 250 47.21 29.23 1.91
N PHE D 251 45.92 29.35 2.18
CA PHE D 251 45.17 30.56 1.87
C PHE D 251 44.77 31.33 3.13
N GLN D 252 45.20 32.60 3.17
CA GLN D 252 44.76 33.53 4.21
C GLN D 252 43.78 34.50 3.57
N GLY D 253 42.67 34.77 4.24
CA GLY D 253 41.62 35.64 3.71
C GLY D 253 40.96 36.51 4.76
N LYS D 254 41.57 37.67 5.01
CA LYS D 254 41.05 38.61 6.01
C LYS D 254 39.92 39.45 5.42
N MET D 255 38.81 39.55 6.16
CA MET D 255 37.64 40.31 5.72
C MET D 255 37.42 41.51 6.64
N LYS D 256 37.57 42.72 6.10
CA LYS D 256 37.35 43.94 6.89
C LYS D 256 35.86 44.16 7.09
N GLY D 257 35.51 44.63 8.29
CA GLY D 257 34.11 44.79 8.69
C GLY D 257 33.53 43.49 9.24
N PHE D 258 34.40 42.67 9.84
CA PHE D 258 33.98 41.39 10.44
C PHE D 258 34.65 41.18 11.79
N SER D 259 34.05 40.32 12.60
CA SER D 259 34.55 40.06 13.96
C SER D 259 34.18 38.64 14.42
N LEU D 260 35.10 38.00 15.13
CA LEU D 260 34.87 36.67 15.70
C LEU D 260 34.03 36.79 16.97
N LEU D 261 33.04 35.93 17.11
CA LEU D 261 32.11 35.98 18.24
C LEU D 261 32.54 35.01 19.34
N ALA D 262 32.53 35.49 20.59
CA ALA D 262 32.79 34.64 21.75
C ALA D 262 31.63 33.69 22.01
N GLU D 263 30.41 34.12 21.65
CA GLU D 263 29.22 33.30 21.79
C GLU D 263 28.92 32.58 20.48
N PRO D 264 28.84 31.24 20.49
CA PRO D 264 28.58 30.49 19.27
C PRO D 264 27.09 30.45 18.92
N GLN D 265 26.77 30.71 17.64
CA GLN D 265 25.39 30.68 17.17
C GLN D 265 24.91 29.24 16.91
N GLU D 266 25.86 28.35 16.64
CA GLU D 266 25.59 26.92 16.35
C GLU D 266 24.96 26.74 14.97
N PHE D 267 25.09 25.53 14.43
CA PHE D 267 24.61 25.21 13.09
C PHE D 267 23.94 23.84 13.04
N TRP D 268 23.19 23.61 11.97
CA TRP D 268 22.50 22.34 11.74
C TRP D 268 22.99 21.72 10.43
N VAL D 269 23.84 20.70 10.52
CA VAL D 269 24.29 19.98 9.33
C VAL D 269 23.11 19.28 8.65
N ASP D 270 22.11 18.92 9.44
CA ASP D 270 20.82 18.47 8.93
C ASP D 270 19.71 18.87 9.91
N ASN D 271 18.47 18.85 9.42
CA ASN D 271 17.31 19.30 10.22
C ASN D 271 17.23 18.75 11.64
N SER D 272 17.73 17.54 11.85
CA SER D 272 17.69 16.90 13.17
C SER D 272 18.87 17.30 14.07
N THR D 273 20.08 17.14 13.57
CA THR D 273 21.28 17.32 14.38
C THR D 273 21.75 18.78 14.48
N SER D 274 22.45 19.10 15.56
CA SER D 274 23.01 20.43 15.79
C SER D 274 24.50 20.36 16.11
N VAL D 275 25.20 21.47 15.96
CA VAL D 275 26.65 21.54 16.20
C VAL D 275 27.06 22.86 16.84
N SER D 276 27.85 22.78 17.91
CA SER D 276 28.40 23.97 18.55
C SER D 276 29.60 24.47 17.75
N VAL D 277 29.48 25.68 17.19
CA VAL D 277 30.48 26.20 16.23
C VAL D 277 30.57 27.73 16.28
N PRO D 278 31.76 28.28 15.97
CA PRO D 278 31.97 29.75 15.96
C PRO D 278 31.24 30.47 14.82
N MET D 279 31.42 31.79 14.75
CA MET D 279 30.72 32.63 13.76
C MET D 279 31.55 33.86 13.38
N LEU D 280 31.07 34.56 12.34
CA LEU D 280 31.67 35.81 11.89
C LEU D 280 30.59 36.76 11.39
N SER D 281 30.24 37.74 12.22
CA SER D 281 29.21 38.73 11.86
C SER D 281 29.77 39.76 10.89
N GLY D 282 28.96 40.14 9.90
CA GLY D 282 29.40 41.06 8.85
C GLY D 282 28.37 42.12 8.53
N MET D 283 28.79 43.39 8.60
CA MET D 283 27.92 44.52 8.32
C MET D 283 28.48 45.29 7.11
N GLY D 284 27.69 45.38 6.05
CA GLY D 284 28.12 46.09 4.85
C GLY D 284 27.20 45.91 3.66
N THR D 285 27.30 46.84 2.71
CA THR D 285 26.47 46.81 1.50
C THR D 285 27.22 46.12 0.36
N PHE D 286 26.98 44.81 0.21
CA PHE D 286 27.66 43.99 -0.80
C PHE D 286 26.76 43.77 -2.01
N GLN D 287 27.28 43.06 -3.02
CA GLN D 287 26.50 42.69 -4.19
C GLN D 287 25.94 41.28 -4.02
N HIS D 288 24.69 41.08 -4.45
CA HIS D 288 23.98 39.82 -4.24
C HIS D 288 22.69 39.79 -5.05
N TRP D 289 22.46 38.68 -5.75
CA TRP D 289 21.26 38.51 -6.56
C TRP D 289 20.85 37.03 -6.60
N SER D 290 19.57 36.77 -6.36
CA SER D 290 19.04 35.42 -6.17
C SER D 290 18.26 34.95 -7.39
N ASP D 291 18.73 33.86 -8.01
CA ASP D 291 18.06 33.27 -9.18
C ASP D 291 16.85 32.46 -8.72
N ILE D 292 15.65 32.89 -9.13
CA ILE D 292 14.41 32.21 -8.74
C ILE D 292 14.02 31.05 -9.66
N GLN D 293 14.75 30.89 -10.77
CA GLN D 293 14.50 29.82 -11.73
C GLN D 293 14.85 28.46 -11.12
N ASP D 294 16.09 28.34 -10.65
CA ASP D 294 16.56 27.12 -9.99
C ASP D 294 16.65 27.31 -8.48
N ASN D 295 16.07 28.42 -7.98
CA ASN D 295 16.13 28.79 -6.56
C ASN D 295 17.56 28.86 -6.03
N PHE D 296 18.15 30.05 -6.15
CA PHE D 296 19.56 30.28 -5.86
C PHE D 296 19.72 31.56 -5.05
N SER D 297 20.93 31.81 -4.55
CA SER D 297 21.26 33.05 -3.83
C SER D 297 22.74 33.07 -3.48
N VAL D 298 23.45 34.11 -3.92
CA VAL D 298 24.90 34.20 -3.68
C VAL D 298 25.34 35.61 -3.28
N THR D 299 25.95 35.72 -2.11
CA THR D 299 26.53 36.98 -1.64
C THR D 299 28.06 36.90 -1.67
N GLN D 300 28.72 38.05 -1.56
CA GLN D 300 30.18 38.10 -1.59
C GLN D 300 30.78 39.12 -0.63
N VAL D 301 32.09 38.99 -0.37
CA VAL D 301 32.83 39.91 0.48
C VAL D 301 34.21 40.17 -0.16
N PRO D 302 34.24 41.02 -1.20
CA PRO D 302 35.41 41.25 -2.05
C PRO D 302 36.73 41.53 -1.33
N PHE D 303 37.83 41.08 -1.93
CA PHE D 303 39.18 41.45 -1.54
C PHE D 303 39.78 42.31 -2.67
N THR D 304 39.58 43.62 -2.57
CA THR D 304 40.03 44.57 -3.60
C THR D 304 39.40 44.34 -4.97
N GLU D 305 38.16 43.84 -4.98
CA GLU D 305 37.44 43.47 -6.22
C GLU D 305 38.16 42.39 -7.03
N SER D 306 39.40 42.67 -7.43
CA SER D 306 40.27 41.68 -8.06
C SER D 306 39.94 40.28 -7.55
N ALA D 307 40.10 40.07 -6.24
CA ALA D 307 39.73 38.81 -5.60
C ALA D 307 38.36 38.97 -4.93
N CYS D 308 37.56 37.91 -4.99
CA CYS D 308 36.21 37.93 -4.42
C CYS D 308 35.82 36.58 -3.85
N LEU D 309 35.44 36.56 -2.58
CA LEU D 309 34.89 35.35 -1.96
C LEU D 309 33.40 35.28 -2.23
N LEU D 310 33.00 34.34 -3.10
CA LEU D 310 31.59 34.14 -3.41
C LEU D 310 31.03 33.05 -2.52
N LEU D 311 29.95 33.37 -1.79
CA LEU D 311 29.30 32.40 -0.91
C LEU D 311 27.98 31.95 -1.51
N ILE D 312 27.98 30.73 -2.06
CA ILE D 312 26.80 30.18 -2.73
C ILE D 312 25.84 29.60 -1.70
N GLN D 313 24.69 30.25 -1.55
CA GLN D 313 23.67 29.78 -0.60
C GLN D 313 22.51 29.12 -1.34
N PRO D 314 22.20 27.86 -0.97
CA PRO D 314 21.07 27.17 -1.58
C PRO D 314 19.77 27.71 -1.00
N HIS D 315 18.90 28.22 -1.87
CA HIS D 315 17.71 28.96 -1.42
C HIS D 315 16.91 28.16 -0.41
N TYR D 316 16.54 26.93 -0.76
CA TYR D 316 15.85 26.04 0.16
C TYR D 316 16.81 25.33 1.11
N ALA D 317 18.00 24.99 0.61
CA ALA D 317 19.03 24.29 1.38
C ALA D 317 18.63 22.84 1.70
N SER D 318 17.66 22.31 0.97
CA SER D 318 17.21 20.94 1.16
C SER D 318 18.14 19.99 0.39
N ASP D 319 18.26 20.23 -0.91
CA ASP D 319 19.12 19.43 -1.78
C ASP D 319 20.30 20.25 -2.28
N LEU D 320 21.46 20.06 -1.66
CA LEU D 320 22.68 20.74 -2.07
C LEU D 320 23.27 20.08 -3.30
N ASP D 321 23.43 18.76 -3.25
CA ASP D 321 24.03 17.99 -4.34
C ASP D 321 23.51 18.40 -5.71
N LYS D 322 22.23 18.76 -5.79
CA LYS D 322 21.62 19.25 -7.02
C LYS D 322 22.02 20.71 -7.27
N VAL D 323 21.93 21.55 -6.23
CA VAL D 323 22.25 22.97 -6.33
C VAL D 323 23.75 23.20 -6.50
N GLU D 324 24.53 22.50 -5.68
CA GLU D 324 26.00 22.55 -5.73
C GLU D 324 26.52 22.11 -7.10
N GLY D 325 25.81 21.21 -7.75
CA GLY D 325 26.13 20.82 -9.13
C GLY D 325 26.15 22.01 -10.07
N LEU D 326 25.28 22.98 -9.81
CA LEU D 326 25.24 24.21 -10.60
C LEU D 326 26.26 25.25 -10.13
N THR D 327 27.17 24.85 -9.24
CA THR D 327 28.30 25.68 -8.83
C THR D 327 29.62 25.12 -9.35
N PHE D 328 29.54 24.06 -10.15
CA PHE D 328 30.67 23.54 -10.92
C PHE D 328 30.28 23.45 -12.41
N GLN D 329 29.21 24.13 -12.78
CA GLN D 329 28.60 24.02 -14.11
C GLN D 329 29.22 24.99 -15.12
N GLN D 330 30.26 24.52 -15.80
CA GLN D 330 30.86 25.21 -16.96
C GLN D 330 30.80 26.75 -16.91
N ASN D 331 30.21 27.35 -17.94
CA ASN D 331 30.23 28.81 -18.11
C ASN D 331 29.27 29.58 -17.21
N SER D 332 28.34 28.87 -16.57
CA SER D 332 27.29 29.52 -15.78
C SER D 332 27.82 30.17 -14.50
N LEU D 333 28.70 29.49 -13.77
CA LEU D 333 29.17 29.99 -12.47
C LEU D 333 29.91 31.31 -12.62
N ASN D 334 30.62 31.45 -13.74
CA ASN D 334 31.37 32.66 -14.02
C ASN D 334 30.46 33.77 -14.52
N TRP D 335 29.49 33.40 -15.36
CA TRP D 335 28.55 34.37 -15.92
C TRP D 335 27.52 34.84 -14.88
N MET D 336 27.45 34.18 -13.74
CA MET D 336 26.73 34.70 -12.57
C MET D 336 27.43 35.98 -12.11
N LYS D 337 27.02 37.12 -12.69
CA LYS D 337 27.69 38.40 -12.43
C LYS D 337 26.80 39.60 -12.80
N LYS D 338 25.60 39.62 -12.24
CA LYS D 338 24.67 40.74 -12.41
C LYS D 338 25.15 42.04 -11.73
N LEU D 339 25.92 41.89 -10.65
CA LEU D 339 26.43 43.03 -9.85
C LEU D 339 25.30 43.92 -9.32
N SER D 340 24.36 43.29 -8.63
CA SER D 340 23.25 44.01 -7.99
C SER D 340 23.57 44.23 -6.51
N PRO D 341 23.83 45.49 -6.10
CA PRO D 341 24.20 45.77 -4.71
C PRO D 341 23.00 45.75 -3.77
N ARG D 342 23.25 45.44 -2.51
CA ARG D 342 22.19 45.43 -1.49
C ARG D 342 22.80 45.47 -0.09
N THR D 343 22.04 46.00 0.86
CA THR D 343 22.43 46.02 2.27
C THR D 343 22.20 44.62 2.87
N ILE D 344 23.30 43.96 3.26
CA ILE D 344 23.23 42.58 3.76
C ILE D 344 23.93 42.44 5.11
N HIS D 345 23.27 41.75 6.04
CA HIS D 345 23.90 41.36 7.30
C HIS D 345 24.49 39.97 7.12
N LEU D 346 25.80 39.91 6.86
CA LEU D 346 26.47 38.64 6.61
C LEU D 346 26.72 37.90 7.91
N THR D 347 26.48 36.60 7.90
CA THR D 347 26.68 35.74 9.08
C THR D 347 27.05 34.33 8.63
N MET D 348 28.27 33.92 8.96
CA MET D 348 28.81 32.64 8.52
C MET D 348 29.79 32.06 9.55
N PRO D 349 29.98 30.72 9.54
CA PRO D 349 30.88 30.11 10.51
C PRO D 349 32.34 30.47 10.27
N GLN D 350 33.13 30.52 11.33
CA GLN D 350 34.55 30.82 11.23
C GLN D 350 35.28 29.61 10.64
N LEU D 351 35.89 29.81 9.47
CA LEU D 351 36.49 28.72 8.70
C LEU D 351 38.00 28.65 8.90
N VAL D 352 38.45 27.52 9.45
CA VAL D 352 39.88 27.24 9.62
C VAL D 352 40.12 25.73 9.50
N LEU D 353 40.20 25.24 8.27
CA LEU D 353 40.28 23.80 8.03
C LEU D 353 41.34 23.42 6.98
N GLN D 354 41.93 22.24 7.18
CA GLN D 354 42.88 21.65 6.24
C GLN D 354 42.14 20.92 5.13
N GLY D 355 42.87 20.24 4.25
CA GLY D 355 42.24 19.45 3.20
C GLY D 355 43.24 18.87 2.22
N SER D 356 43.35 17.54 2.23
CA SER D 356 44.22 16.82 1.30
C SER D 356 43.39 16.07 0.26
N TYR D 357 43.94 15.89 -0.92
CA TYR D 357 43.34 15.03 -1.95
C TYR D 357 44.36 14.64 -3.00
N ASP D 358 44.45 13.34 -3.27
CA ASP D 358 45.42 12.84 -4.24
C ASP D 358 44.84 12.99 -5.64
N LEU D 359 45.61 13.60 -6.54
CA LEU D 359 45.14 13.84 -7.91
C LEU D 359 44.79 12.54 -8.65
N GLN D 360 45.54 11.47 -8.37
CA GLN D 360 45.30 10.17 -8.99
C GLN D 360 43.99 9.52 -8.52
N ASP D 361 43.56 9.85 -7.30
CA ASP D 361 42.24 9.45 -6.82
C ASP D 361 41.18 10.47 -7.26
N LEU D 362 41.59 11.73 -7.36
CA LEU D 362 40.71 12.82 -7.77
C LEU D 362 40.31 12.71 -9.24
N LEU D 363 41.26 12.29 -10.08
CA LEU D 363 41.01 12.07 -11.50
C LEU D 363 41.02 10.57 -11.83
N ALA D 364 40.05 10.13 -12.63
CA ALA D 364 39.93 8.72 -13.00
C ALA D 364 38.85 8.47 -14.06
N GLN D 365 38.93 7.30 -14.68
CA GLN D 365 37.93 6.83 -15.66
C GLN D 365 37.82 7.68 -16.93
N ALA D 366 37.29 8.90 -16.81
CA ALA D 366 37.16 9.81 -17.95
C ALA D 366 38.55 10.20 -18.46
N GLU D 367 39.46 10.47 -17.52
CA GLU D 367 40.86 10.77 -17.85
C GLU D 367 41.82 9.66 -17.41
N LEU D 368 41.41 8.87 -16.42
CA LEU D 368 42.19 7.72 -15.91
C LEU D 368 43.70 7.93 -15.84
N PRO D 369 44.14 8.98 -15.12
CA PRO D 369 45.57 9.26 -15.01
C PRO D 369 46.29 8.30 -14.08
N ALA D 370 45.58 7.79 -13.07
CA ALA D 370 46.16 6.81 -12.14
C ALA D 370 46.95 5.74 -12.90
N ILE D 371 46.37 5.25 -13.99
CA ILE D 371 47.03 4.29 -14.87
C ILE D 371 48.21 4.96 -15.60
N LEU D 372 47.95 6.14 -16.14
CA LEU D 372 48.95 6.92 -16.85
C LEU D 372 50.14 7.35 -15.98
N HIS D 373 49.91 7.50 -14.67
CA HIS D 373 50.97 7.89 -13.74
C HIS D 373 51.97 6.76 -13.54
N THR D 374 51.46 5.56 -13.27
CA THR D 374 52.31 4.37 -13.08
C THR D 374 52.80 3.80 -14.42
N GLU D 375 52.51 4.48 -15.52
CA GLU D 375 53.10 4.15 -16.82
C GLU D 375 54.53 4.67 -16.91
N LEU D 376 55.35 3.97 -17.68
CA LEU D 376 56.80 4.19 -17.74
C LEU D 376 57.23 5.59 -18.19
N ASN D 377 56.48 6.21 -19.09
CA ASN D 377 56.96 7.39 -19.83
C ASN D 377 56.93 8.69 -19.02
N LEU D 378 58.10 9.10 -18.52
CA LEU D 378 58.28 10.39 -17.85
C LEU D 378 59.59 11.05 -18.33
N GLN D 379 60.70 10.36 -18.08
CA GLN D 379 62.02 10.79 -18.55
C GLN D 379 62.44 12.17 -18.06
N LYS D 380 61.92 13.21 -18.69
CA LYS D 380 62.37 14.59 -18.46
C LYS D 380 62.49 14.95 -16.97
N LEU D 381 61.73 14.25 -16.13
CA LEU D 381 61.95 14.28 -14.69
C LEU D 381 62.79 13.07 -14.28
N SER D 382 62.33 11.89 -14.69
CA SER D 382 62.87 10.62 -14.21
C SER D 382 64.10 10.16 -14.98
N ASN D 383 65.25 10.19 -14.32
CA ASN D 383 66.44 9.54 -14.86
C ASN D 383 66.33 8.04 -14.62
N ASP D 384 66.04 7.68 -13.37
CA ASP D 384 65.87 6.29 -12.94
C ASP D 384 64.38 5.90 -13.01
N ARG D 385 64.02 4.75 -12.45
CA ARG D 385 62.64 4.27 -12.47
C ARG D 385 61.74 5.08 -11.54
N ILE D 386 60.68 5.65 -12.10
CA ILE D 386 59.67 6.38 -11.32
C ILE D 386 58.39 5.55 -11.18
N ARG D 387 57.93 5.41 -9.95
CA ARG D 387 56.63 4.81 -9.65
C ARG D 387 55.97 5.60 -8.53
N VAL D 388 55.10 6.52 -8.91
CA VAL D 388 54.54 7.48 -7.96
C VAL D 388 53.60 6.83 -6.94
N GLY D 389 53.82 7.16 -5.66
CA GLY D 389 52.97 6.70 -4.57
C GLY D 389 51.77 7.60 -4.38
N GLU D 390 52.00 8.90 -4.40
CA GLU D 390 50.92 9.89 -4.39
C GLU D 390 51.34 11.22 -5.00
N VAL D 391 50.39 11.90 -5.63
CA VAL D 391 50.58 13.25 -6.16
C VAL D 391 49.54 14.15 -5.48
N LEU D 392 49.90 14.63 -4.29
CA LEU D 392 48.94 15.22 -3.36
C LEU D 392 48.81 16.73 -3.54
N ASN D 393 47.57 17.22 -3.40
CA ASN D 393 47.30 18.64 -3.24
C ASN D 393 46.72 18.85 -1.84
N SER D 394 47.42 19.59 -1.00
CA SER D 394 46.95 19.87 0.36
C SER D 394 46.72 21.37 0.52
N ILE D 395 45.52 21.73 0.95
CA ILE D 395 45.16 23.13 1.15
C ILE D 395 44.95 23.43 2.63
N PHE D 396 45.22 24.68 3.02
CA PHE D 396 44.94 25.17 4.37
C PHE D 396 44.18 26.49 4.25
N PHE D 397 42.87 26.38 4.05
CA PHE D 397 42.03 27.55 3.82
C PHE D 397 41.68 28.21 5.15
N GLU D 398 41.89 29.53 5.22
CA GLU D 398 41.71 30.27 6.46
C GLU D 398 41.05 31.63 6.19
N LEU D 399 39.98 31.92 6.94
CA LEU D 399 39.28 33.21 6.85
C LEU D 399 39.39 33.95 8.17
N GLU D 400 39.61 35.26 8.09
CA GLU D 400 39.91 36.09 9.27
C GLU D 400 39.15 37.42 9.23
N ALA D 401 39.30 38.21 10.29
CA ALA D 401 38.63 39.52 10.41
C ALA D 401 39.59 40.58 10.98
N ASP D 402 39.34 41.84 10.63
CA ASP D 402 40.22 42.94 11.04
C ASP D 402 39.46 44.07 11.75
N GLU D 403 38.41 43.71 12.49
CA GLU D 403 37.56 44.69 13.19
C GLU D 403 36.99 45.72 12.22
N PRO D 416 18.73 51.57 7.71
CA PRO D 416 17.29 51.68 7.54
C PRO D 416 16.61 50.34 7.22
N GLU D 417 17.27 49.51 6.41
CA GLU D 417 16.78 48.16 6.09
C GLU D 417 17.93 47.25 5.68
N VAL D 418 17.83 45.96 6.02
CA VAL D 418 18.87 44.99 5.73
C VAL D 418 18.31 43.62 5.37
N LEU D 419 19.19 42.72 4.91
CA LEU D 419 18.84 41.34 4.61
C LEU D 419 19.69 40.41 5.47
N GLU D 420 19.04 39.69 6.38
CA GLU D 420 19.74 38.84 7.34
C GLU D 420 20.13 37.50 6.72
N VAL D 421 21.28 37.50 6.03
CA VAL D 421 21.77 36.31 5.32
C VAL D 421 22.62 35.44 6.23
N THR D 422 21.99 34.43 6.84
CA THR D 422 22.67 33.48 7.72
C THR D 422 22.88 32.15 6.97
N LEU D 423 23.96 31.46 7.32
CA LEU D 423 24.27 30.16 6.72
C LEU D 423 24.11 29.03 7.75
N ASN D 424 22.97 29.05 8.44
CA ASN D 424 22.68 28.07 9.51
C ASN D 424 22.76 26.61 9.06
N ARG D 425 22.39 26.34 7.81
CA ARG D 425 22.54 25.01 7.21
C ARG D 425 23.67 25.03 6.18
N PRO D 426 24.19 23.84 5.81
CA PRO D 426 25.30 23.70 4.86
C PRO D 426 25.19 24.57 3.60
N PHE D 427 26.34 25.00 3.09
CA PHE D 427 26.42 25.92 1.94
C PHE D 427 27.67 25.67 1.11
N LEU D 428 27.77 26.37 -0.02
CA LEU D 428 28.93 26.28 -0.92
C LEU D 428 29.63 27.63 -1.03
N PHE D 429 30.89 27.61 -1.45
CA PHE D 429 31.67 28.84 -1.60
C PHE D 429 32.81 28.67 -2.60
N ALA D 430 33.41 29.78 -3.01
CA ALA D 430 34.52 29.77 -3.95
C ALA D 430 35.16 31.14 -4.10
N VAL D 431 36.46 31.24 -3.81
CA VAL D 431 37.20 32.48 -4.04
C VAL D 431 37.60 32.58 -5.51
N TYR D 432 37.37 33.74 -6.11
CA TYR D 432 37.58 33.95 -7.53
C TYR D 432 38.33 35.24 -7.78
N ASP D 433 39.24 35.20 -8.75
CA ASP D 433 40.02 36.37 -9.14
C ASP D 433 39.54 36.88 -10.49
N GLN D 434 39.18 38.15 -10.55
CA GLN D 434 38.73 38.79 -11.79
C GLN D 434 39.90 39.07 -12.72
N SER D 435 41.03 39.49 -12.13
CA SER D 435 42.19 39.89 -12.92
C SER D 435 42.84 38.71 -13.66
N ALA D 436 42.80 37.53 -13.04
CA ALA D 436 43.31 36.31 -13.66
C ALA D 436 42.17 35.37 -14.08
N THR D 437 40.95 35.91 -14.15
CA THR D 437 39.74 35.15 -14.48
C THR D 437 39.79 33.69 -14.01
N ALA D 438 40.23 33.50 -12.77
CA ALA D 438 40.46 32.15 -12.24
C ALA D 438 39.97 32.00 -10.82
N LEU D 439 39.23 30.91 -10.57
CA LEU D 439 38.76 30.58 -9.23
C LEU D 439 39.77 29.68 -8.53
N HIS D 440 40.44 30.23 -7.52
CA HIS D 440 41.52 29.52 -6.83
C HIS D 440 41.02 28.40 -5.93
N PHE D 441 39.81 28.55 -5.39
CA PHE D 441 39.24 27.55 -4.48
C PHE D 441 37.75 27.36 -4.69
N LEU D 442 37.30 26.12 -4.49
CA LEU D 442 35.88 25.76 -4.46
C LEU D 442 35.68 24.69 -3.39
N GLY D 443 34.63 24.82 -2.59
CA GLY D 443 34.42 23.88 -1.48
C GLY D 443 33.01 23.84 -0.89
N ARG D 444 32.76 22.79 -0.12
CA ARG D 444 31.49 22.61 0.58
C ARG D 444 31.71 22.60 2.09
N VAL D 445 30.71 23.05 2.84
CA VAL D 445 30.77 23.10 4.30
C VAL D 445 29.59 22.34 4.91
N ALA D 446 29.87 21.17 5.48
CA ALA D 446 28.86 20.37 6.18
C ALA D 446 28.81 20.79 7.64
N ASN D 447 29.97 20.75 8.28
CA ASN D 447 30.15 21.25 9.65
C ASN D 447 31.64 21.48 9.96
N PRO D 448 31.97 22.56 10.70
CA PRO D 448 33.34 22.71 11.17
C PRO D 448 33.69 21.70 12.27
N LEU D 449 34.84 21.02 12.11
CA LEU D 449 35.29 20.01 13.05
C LEU D 449 36.78 19.74 12.90
N SER E 51 -20.90 -22.98 -10.19
CA SER E 51 -19.83 -22.07 -10.67
C SER E 51 -20.12 -21.46 -12.04
N SER E 52 -19.88 -20.16 -12.15
CA SER E 52 -20.13 -19.47 -13.40
C SER E 52 -18.88 -18.83 -13.97
N VAL E 53 -18.82 -18.73 -15.29
CA VAL E 53 -17.70 -18.11 -15.96
C VAL E 53 -18.23 -16.86 -16.65
N ILE E 54 -17.59 -15.72 -16.42
CA ILE E 54 -18.00 -14.46 -17.05
C ILE E 54 -17.43 -14.37 -18.47
N LEU E 55 -18.28 -14.13 -19.45
CA LEU E 55 -17.81 -14.04 -20.84
C LEU E 55 -17.79 -12.63 -21.40
N THR E 56 -16.87 -12.39 -22.32
CA THR E 56 -16.73 -11.10 -22.98
C THR E 56 -17.28 -11.28 -24.40
N ASN E 57 -18.08 -10.34 -24.87
CA ASN E 57 -18.66 -10.41 -26.20
C ASN E 57 -17.91 -9.44 -27.12
N TYR E 58 -17.24 -10.01 -28.11
CA TYR E 58 -16.49 -9.23 -29.10
C TYR E 58 -17.27 -9.26 -30.41
N MET E 59 -17.77 -8.10 -30.82
CA MET E 59 -18.52 -7.93 -32.08
C MET E 59 -19.64 -8.93 -32.35
N ASP E 60 -20.15 -9.59 -31.33
CA ASP E 60 -21.22 -10.59 -31.52
C ASP E 60 -20.74 -11.86 -32.22
N THR E 61 -19.42 -11.99 -32.45
CA THR E 61 -18.91 -13.17 -33.12
C THR E 61 -18.00 -14.03 -32.27
N GLN E 62 -17.38 -13.45 -31.25
CA GLN E 62 -16.49 -14.21 -30.38
C GLN E 62 -16.87 -14.02 -28.92
N TYR E 63 -17.22 -15.12 -28.26
CA TYR E 63 -17.59 -15.07 -26.86
C TYR E 63 -16.53 -15.84 -26.10
N TYR E 64 -15.83 -15.16 -25.21
CA TYR E 64 -14.76 -15.82 -24.48
C TYR E 64 -14.65 -15.46 -23.00
N GLY E 65 -14.10 -16.40 -22.24
CA GLY E 65 -13.92 -16.18 -20.81
C GLY E 65 -12.47 -16.49 -20.47
N GLU E 66 -12.10 -16.32 -19.20
CA GLU E 66 -10.73 -16.58 -18.80
C GLU E 66 -10.50 -17.86 -18.01
N ILE E 67 -9.36 -18.49 -18.24
CA ILE E 67 -8.98 -19.67 -17.50
C ILE E 67 -7.53 -19.44 -17.09
N GLY E 68 -7.11 -20.12 -16.02
CA GLY E 68 -5.74 -19.98 -15.56
C GLY E 68 -5.06 -21.33 -15.63
N ILE E 69 -3.87 -21.38 -16.20
CA ILE E 69 -3.12 -22.62 -16.34
C ILE E 69 -1.76 -22.52 -15.66
N GLY E 70 -1.40 -23.54 -14.88
CA GLY E 70 -0.10 -23.53 -14.22
C GLY E 70 -0.03 -22.89 -12.84
N THR E 71 1.17 -22.94 -12.27
CA THR E 71 1.45 -22.39 -10.95
C THR E 71 2.77 -21.64 -11.07
N PRO E 72 2.74 -20.30 -10.95
CA PRO E 72 1.55 -19.46 -10.73
C PRO E 72 0.68 -19.53 -11.98
N PRO E 73 -0.59 -19.10 -11.87
CA PRO E 73 -1.51 -19.14 -13.02
C PRO E 73 -1.12 -18.22 -14.19
N GLN E 74 -1.18 -18.78 -15.38
CA GLN E 74 -0.92 -18.01 -16.60
C GLN E 74 -2.32 -17.92 -17.19
N THR E 75 -2.76 -16.68 -17.42
CA THR E 75 -4.10 -16.37 -17.91
C THR E 75 -4.30 -16.44 -19.42
N PHE E 76 -5.44 -16.96 -19.85
CA PHE E 76 -5.76 -17.11 -21.27
C PHE E 76 -7.22 -16.83 -21.56
N LYS E 77 -7.47 -16.21 -22.71
CA LYS E 77 -8.85 -15.94 -23.13
C LYS E 77 -9.22 -17.15 -23.97
N VAL E 78 -10.34 -17.78 -23.67
CA VAL E 78 -10.74 -18.96 -24.43
C VAL E 78 -12.22 -18.99 -24.74
N VAL E 79 -12.56 -19.60 -25.87
CA VAL E 79 -13.93 -19.78 -26.30
C VAL E 79 -14.37 -21.15 -25.80
N PHE E 80 -15.58 -21.27 -25.28
CA PHE E 80 -16.06 -22.58 -24.82
C PHE E 80 -16.90 -23.11 -25.96
N ASP E 81 -16.44 -24.22 -26.52
CA ASP E 81 -17.02 -24.82 -27.72
C ASP E 81 -17.65 -26.21 -27.57
N THR E 82 -18.97 -26.28 -27.67
CA THR E 82 -19.63 -27.59 -27.55
C THR E 82 -19.40 -28.42 -28.82
N GLY E 83 -18.81 -27.81 -29.84
CA GLY E 83 -18.55 -28.53 -31.07
C GLY E 83 -17.25 -29.33 -31.09
N SER E 84 -16.36 -29.11 -30.12
CA SER E 84 -15.10 -29.85 -30.06
C SER E 84 -14.87 -30.34 -28.64
N SER E 85 -13.86 -31.18 -28.43
CA SER E 85 -13.63 -31.72 -27.10
C SER E 85 -12.23 -31.56 -26.51
N ASN E 86 -11.34 -30.85 -27.22
CA ASN E 86 -9.99 -30.67 -26.69
C ASN E 86 -9.78 -29.26 -26.12
N VAL E 87 -8.81 -29.14 -25.21
CA VAL E 87 -8.44 -27.85 -24.64
C VAL E 87 -7.09 -27.45 -25.27
N TRP E 88 -6.93 -26.20 -25.68
CA TRP E 88 -5.65 -25.75 -26.21
C TRP E 88 -5.42 -24.25 -26.10
N VAL E 89 -4.15 -23.87 -25.94
CA VAL E 89 -3.74 -22.49 -25.85
C VAL E 89 -2.41 -22.39 -26.62
N PRO E 90 -2.04 -21.17 -27.03
CA PRO E 90 -0.77 -21.03 -27.76
C PRO E 90 0.40 -21.34 -26.82
N SER E 91 1.45 -21.94 -27.37
CA SER E 91 2.64 -22.32 -26.60
C SER E 91 3.83 -21.39 -26.77
N SER E 92 4.62 -21.26 -25.70
CA SER E 92 5.81 -20.44 -25.77
C SER E 92 6.78 -21.07 -26.77
N LYS E 93 6.57 -22.33 -27.11
CA LYS E 93 7.45 -23.00 -28.07
C LYS E 93 7.04 -22.72 -29.52
N CYS E 94 6.02 -21.90 -29.71
CA CYS E 94 5.56 -21.56 -31.06
C CYS E 94 6.48 -20.54 -31.72
N SER E 95 7.07 -20.90 -32.86
CA SER E 95 7.96 -20.02 -33.60
C SER E 95 7.31 -18.66 -33.80
N ARG E 96 8.06 -17.61 -33.51
CA ARG E 96 7.52 -16.26 -33.68
C ARG E 96 7.33 -15.92 -35.15
N LEU E 97 7.62 -16.87 -36.04
CA LEU E 97 7.39 -16.65 -37.47
C LEU E 97 5.88 -16.74 -37.67
N TYR E 98 5.20 -17.38 -36.72
CA TYR E 98 3.73 -17.44 -36.77
C TYR E 98 3.32 -16.16 -36.08
N THR E 99 2.94 -15.15 -36.86
CA THR E 99 2.55 -13.88 -36.28
C THR E 99 1.43 -14.01 -35.25
N ALA E 100 0.51 -14.95 -35.45
CA ALA E 100 -0.59 -15.14 -34.50
C ALA E 100 -0.03 -15.42 -33.11
N CYS E 101 1.11 -16.10 -33.06
CA CYS E 101 1.74 -16.39 -31.79
C CYS E 101 2.34 -15.15 -31.18
N VAL E 102 2.77 -14.21 -32.02
CA VAL E 102 3.33 -12.96 -31.53
C VAL E 102 2.18 -12.14 -30.91
N TYR E 103 0.97 -12.30 -31.43
CA TYR E 103 -0.19 -11.55 -30.94
C TYR E 103 -1.10 -12.22 -29.90
N HIS E 104 -0.64 -13.29 -29.26
CA HIS E 104 -1.46 -13.93 -28.23
C HIS E 104 -0.65 -14.32 -26.98
N LYS E 105 -1.37 -14.60 -25.89
CA LYS E 105 -0.71 -15.05 -24.67
C LYS E 105 -0.16 -16.46 -24.94
N LEU E 106 1.09 -16.69 -24.56
CA LEU E 106 1.73 -17.98 -24.79
C LEU E 106 1.99 -18.74 -23.49
N PHE E 107 1.61 -20.02 -23.43
CA PHE E 107 1.84 -20.81 -22.22
C PHE E 107 3.31 -21.21 -22.17
N ASP E 108 3.96 -20.90 -21.05
CA ASP E 108 5.35 -21.24 -20.87
C ASP E 108 5.45 -22.26 -19.75
N ALA E 109 5.70 -23.51 -20.14
CA ALA E 109 5.81 -24.60 -19.19
C ALA E 109 6.98 -24.42 -18.21
N SER E 110 8.04 -23.76 -18.64
CA SER E 110 9.20 -23.59 -17.77
C SER E 110 8.96 -22.60 -16.62
N ASP E 111 7.77 -22.00 -16.59
CA ASP E 111 7.39 -21.05 -15.54
C ASP E 111 6.32 -21.63 -14.62
N SER E 112 5.98 -22.91 -14.83
CA SER E 112 4.97 -23.57 -13.99
C SER E 112 5.51 -24.79 -13.27
N SER E 113 5.41 -24.78 -11.94
CA SER E 113 5.92 -25.87 -11.12
C SER E 113 4.96 -27.07 -11.06
N SER E 114 3.72 -26.88 -11.50
CA SER E 114 2.76 -27.96 -11.48
C SER E 114 2.66 -28.67 -12.84
N TYR E 115 3.42 -28.17 -13.82
CA TYR E 115 3.42 -28.74 -15.16
C TYR E 115 3.94 -30.18 -15.21
N LYS E 116 3.29 -30.99 -16.05
CA LYS E 116 3.65 -32.38 -16.23
C LYS E 116 3.78 -32.65 -17.75
N HIS E 117 4.99 -33.01 -18.17
CA HIS E 117 5.30 -33.29 -19.56
C HIS E 117 4.62 -34.53 -20.13
N ASN E 118 4.29 -34.49 -21.42
CA ASN E 118 3.70 -35.63 -22.10
C ASN E 118 4.32 -35.64 -23.49
N GLY E 119 4.10 -34.57 -24.24
CA GLY E 119 4.73 -34.45 -25.55
C GLY E 119 4.07 -35.09 -26.76
N THR E 120 2.94 -35.75 -26.58
CA THR E 120 2.28 -36.37 -27.72
C THR E 120 1.78 -35.32 -28.70
N GLU E 121 2.15 -35.50 -29.96
CA GLU E 121 1.78 -34.59 -31.03
C GLU E 121 0.29 -34.63 -31.35
N LEU E 122 -0.31 -33.46 -31.59
CA LEU E 122 -1.70 -33.45 -31.96
C LEU E 122 -2.05 -32.28 -32.88
N THR E 123 -2.98 -32.55 -33.77
CA THR E 123 -3.46 -31.57 -34.72
C THR E 123 -4.95 -31.46 -34.50
N LEU E 124 -5.47 -30.24 -34.48
CA LEU E 124 -6.89 -29.98 -34.28
C LEU E 124 -7.42 -29.27 -35.52
N ARG E 125 -8.38 -29.89 -36.19
CA ARG E 125 -8.96 -29.34 -37.41
C ARG E 125 -10.38 -28.78 -37.21
N TYR E 126 -10.51 -27.47 -37.31
CA TYR E 126 -11.82 -26.84 -37.18
C TYR E 126 -12.35 -26.50 -38.58
N SER E 127 -13.57 -25.98 -38.63
CA SER E 127 -14.21 -25.59 -39.89
C SER E 127 -13.46 -24.46 -40.60
N THR E 128 -13.01 -23.48 -39.81
CA THR E 128 -12.33 -22.32 -40.36
C THR E 128 -10.81 -22.30 -40.21
N GLY E 129 -10.23 -23.37 -39.68
CA GLY E 129 -8.79 -23.37 -39.52
C GLY E 129 -8.24 -24.53 -38.72
N THR E 130 -6.93 -24.65 -38.74
CA THR E 130 -6.24 -25.74 -38.05
C THR E 130 -5.10 -25.29 -37.14
N VAL E 131 -4.90 -26.02 -36.04
CA VAL E 131 -3.80 -25.75 -35.13
C VAL E 131 -3.12 -27.07 -34.82
N SER E 132 -1.81 -27.01 -34.61
CA SER E 132 -1.06 -28.20 -34.31
C SER E 132 -0.06 -27.91 -33.19
N GLY E 133 0.28 -28.95 -32.43
CA GLY E 133 1.21 -28.81 -31.32
C GLY E 133 1.39 -30.12 -30.59
N PHE E 134 1.53 -30.06 -29.27
CA PHE E 134 1.71 -31.25 -28.47
C PHE E 134 0.98 -31.16 -27.15
N LEU E 135 0.73 -32.32 -26.54
CA LEU E 135 0.02 -32.42 -25.28
C LEU E 135 0.86 -32.12 -24.03
N SER E 136 0.21 -31.54 -23.04
CA SER E 136 0.83 -31.21 -21.76
C SER E 136 -0.25 -31.29 -20.69
N GLN E 137 0.18 -31.44 -19.44
CA GLN E 137 -0.75 -31.53 -18.33
C GLN E 137 -0.40 -30.47 -17.29
N ASP E 138 -1.41 -29.89 -16.67
CA ASP E 138 -1.16 -28.91 -15.64
C ASP E 138 -2.50 -28.62 -15.00
N ILE E 139 -2.48 -27.81 -13.95
CA ILE E 139 -3.73 -27.48 -13.28
C ILE E 139 -4.39 -26.33 -14.02
N ILE E 140 -5.70 -26.46 -14.24
CA ILE E 140 -6.44 -25.42 -14.93
C ILE E 140 -7.53 -24.87 -14.02
N THR E 141 -7.57 -23.54 -13.90
CA THR E 141 -8.58 -22.90 -13.08
C THR E 141 -9.67 -22.38 -14.01
N VAL E 142 -10.90 -22.81 -13.77
CA VAL E 142 -12.04 -22.38 -14.58
C VAL E 142 -13.20 -22.05 -13.67
N GLY E 143 -13.62 -20.79 -13.69
CA GLY E 143 -14.73 -20.36 -12.88
C GLY E 143 -14.67 -20.73 -11.41
N GLY E 144 -13.47 -20.79 -10.85
CA GLY E 144 -13.36 -21.13 -9.44
C GLY E 144 -13.02 -22.58 -9.17
N ILE E 145 -13.28 -23.44 -10.16
CA ILE E 145 -12.99 -24.87 -10.02
C ILE E 145 -11.56 -25.15 -10.50
N THR E 146 -10.86 -26.03 -9.78
CA THR E 146 -9.50 -26.39 -10.13
C THR E 146 -9.40 -27.85 -10.53
N VAL E 147 -8.93 -28.11 -11.76
CA VAL E 147 -8.81 -29.47 -12.25
C VAL E 147 -7.48 -29.71 -12.94
N THR E 148 -6.96 -30.93 -12.82
CA THR E 148 -5.72 -31.27 -13.50
C THR E 148 -6.23 -31.62 -14.87
N GLN E 149 -5.59 -31.09 -15.91
CA GLN E 149 -6.09 -31.35 -17.25
C GLN E 149 -5.01 -31.51 -18.31
N MET E 150 -5.26 -32.38 -19.27
CA MET E 150 -4.34 -32.60 -20.37
C MET E 150 -4.84 -31.65 -21.44
N PHE E 151 -3.95 -30.82 -21.96
CA PHE E 151 -4.36 -29.86 -22.98
C PHE E 151 -3.29 -29.75 -24.04
N GLY E 152 -3.62 -29.07 -25.13
CA GLY E 152 -2.65 -28.90 -26.19
C GLY E 152 -1.87 -27.60 -26.12
N GLU E 153 -0.56 -27.69 -26.34
CA GLU E 153 0.30 -26.51 -26.39
C GLU E 153 0.49 -26.35 -27.91
N VAL E 154 -0.09 -25.30 -28.48
CA VAL E 154 0.00 -25.08 -29.92
C VAL E 154 1.25 -24.36 -30.39
N THR E 155 1.95 -24.96 -31.35
CA THR E 155 3.20 -24.38 -31.90
C THR E 155 3.05 -23.97 -33.36
N GLU E 156 1.90 -24.23 -33.95
CA GLU E 156 1.63 -23.84 -35.34
C GLU E 156 0.23 -23.29 -35.35
N MET E 157 0.13 -21.99 -35.61
CA MET E 157 -1.15 -21.30 -35.57
C MET E 157 -1.19 -20.28 -36.69
N PRO E 158 -1.76 -20.65 -37.84
CA PRO E 158 -1.87 -19.78 -39.02
C PRO E 158 -2.46 -18.38 -38.82
N ALA E 159 -1.78 -17.40 -39.41
CA ALA E 159 -2.17 -15.99 -39.34
C ALA E 159 -3.65 -15.83 -39.69
N LEU E 160 -4.08 -16.54 -40.72
CA LEU E 160 -5.48 -16.53 -41.12
C LEU E 160 -5.88 -17.93 -40.71
N PRO E 161 -6.89 -18.05 -39.84
CA PRO E 161 -7.65 -16.94 -39.26
C PRO E 161 -7.27 -16.44 -37.86
N PHE E 162 -6.25 -17.01 -37.24
CA PHE E 162 -5.95 -16.61 -35.86
C PHE E 162 -5.50 -15.18 -35.55
N MET E 163 -5.05 -14.44 -36.55
CA MET E 163 -4.67 -13.05 -36.30
C MET E 163 -5.96 -12.27 -36.03
N LEU E 164 -7.09 -12.82 -36.49
CA LEU E 164 -8.39 -12.18 -36.30
C LEU E 164 -9.09 -12.66 -35.03
N ALA E 165 -8.41 -13.51 -34.26
CA ALA E 165 -8.97 -14.03 -33.01
C ALA E 165 -8.66 -13.15 -31.81
N GLU E 166 -9.70 -12.78 -31.09
CA GLU E 166 -9.56 -11.98 -29.88
C GLU E 166 -9.08 -12.93 -28.79
N PHE E 167 -9.61 -14.14 -28.80
CA PHE E 167 -9.24 -15.16 -27.83
C PHE E 167 -7.90 -15.78 -28.16
N ASP E 168 -7.31 -16.46 -27.16
CA ASP E 168 -6.04 -17.14 -27.32
C ASP E 168 -6.23 -18.62 -27.65
N GLY E 169 -7.19 -19.25 -26.98
CA GLY E 169 -7.41 -20.66 -27.22
C GLY E 169 -8.86 -21.10 -27.15
N VAL E 170 -9.04 -22.41 -27.02
CA VAL E 170 -10.35 -23.02 -26.96
C VAL E 170 -10.46 -24.10 -25.89
N VAL E 171 -11.63 -24.18 -25.27
CA VAL E 171 -11.90 -25.19 -24.27
C VAL E 171 -13.05 -26.03 -24.83
N GLY E 172 -12.75 -27.24 -25.27
CA GLY E 172 -13.80 -28.10 -25.80
C GLY E 172 -14.79 -28.55 -24.73
N MET E 173 -16.07 -28.40 -25.02
CA MET E 173 -17.11 -28.80 -24.08
C MET E 173 -17.86 -30.02 -24.60
N GLY E 174 -17.35 -30.61 -25.69
CA GLY E 174 -17.96 -31.79 -26.29
C GLY E 174 -17.63 -33.06 -25.52
N PHE E 175 -18.09 -34.20 -26.04
CA PHE E 175 -17.86 -35.49 -25.41
C PHE E 175 -16.50 -36.08 -25.75
N ILE E 176 -16.04 -37.03 -24.95
CA ILE E 176 -14.75 -37.65 -25.18
C ILE E 176 -14.70 -38.43 -26.50
N GLU E 177 -15.86 -38.85 -27.00
CA GLU E 177 -15.92 -39.58 -28.26
C GLU E 177 -15.37 -38.77 -29.42
N GLN E 178 -15.41 -37.43 -29.31
CA GLN E 178 -14.90 -36.58 -30.39
C GLN E 178 -13.56 -35.94 -30.05
N ALA E 179 -13.00 -36.30 -28.91
CA ALA E 179 -11.71 -35.75 -28.50
C ALA E 179 -10.57 -36.34 -29.31
N ILE E 180 -9.70 -35.48 -29.82
CA ILE E 180 -8.55 -35.94 -30.60
C ILE E 180 -7.53 -36.50 -29.61
N GLY E 181 -6.91 -37.62 -29.99
CA GLY E 181 -5.92 -38.24 -29.12
C GLY E 181 -6.52 -38.83 -27.85
N ARG E 182 -7.84 -38.99 -27.83
CA ARG E 182 -8.53 -39.56 -26.68
C ARG E 182 -8.11 -38.91 -25.36
N VAL E 183 -8.11 -37.58 -25.33
CA VAL E 183 -7.74 -36.85 -24.13
C VAL E 183 -9.04 -36.59 -23.36
N THR E 184 -9.05 -36.89 -22.06
CA THR E 184 -10.26 -36.66 -21.27
C THR E 184 -10.66 -35.17 -21.34
N PRO E 185 -11.91 -34.88 -21.73
CA PRO E 185 -12.38 -33.50 -21.82
C PRO E 185 -12.48 -32.86 -20.44
N ILE E 186 -12.26 -31.55 -20.37
CA ILE E 186 -12.31 -30.83 -19.12
C ILE E 186 -13.61 -30.99 -18.34
N PHE E 187 -14.75 -31.15 -19.02
CA PHE E 187 -15.96 -31.29 -18.24
C PHE E 187 -16.09 -32.67 -17.59
N ASP E 188 -15.50 -33.68 -18.20
CA ASP E 188 -15.54 -35.01 -17.62
C ASP E 188 -14.68 -35.00 -16.35
N ASN E 189 -13.56 -34.28 -16.42
CA ASN E 189 -12.64 -34.19 -15.28
C ASN E 189 -13.28 -33.47 -14.10
N ILE E 190 -14.06 -32.43 -14.38
CA ILE E 190 -14.73 -31.67 -13.33
C ILE E 190 -15.81 -32.54 -12.69
N ILE E 191 -16.56 -33.26 -13.52
CA ILE E 191 -17.59 -34.14 -13.02
C ILE E 191 -17.00 -35.22 -12.11
N SER E 192 -15.82 -35.72 -12.46
CA SER E 192 -15.15 -36.75 -11.68
C SER E 192 -14.85 -36.28 -10.26
N GLN E 193 -14.86 -34.97 -10.04
CA GLN E 193 -14.59 -34.43 -8.71
C GLN E 193 -15.83 -34.59 -7.83
N GLY E 194 -16.99 -34.71 -8.46
CA GLY E 194 -18.22 -34.85 -7.72
C GLY E 194 -18.53 -33.64 -6.87
N VAL E 195 -18.39 -32.45 -7.44
CA VAL E 195 -18.65 -31.22 -6.71
C VAL E 195 -19.86 -30.49 -7.29
N LEU E 196 -20.12 -30.68 -8.58
CA LEU E 196 -21.25 -30.03 -9.24
C LEU E 196 -22.57 -30.61 -8.72
N LYS E 197 -23.60 -29.78 -8.64
CA LYS E 197 -24.89 -30.27 -8.18
C LYS E 197 -25.66 -30.97 -9.30
N GLU E 198 -25.23 -30.73 -10.53
CA GLU E 198 -25.84 -31.36 -11.70
C GLU E 198 -24.80 -31.53 -12.79
N ASP E 199 -24.90 -32.63 -13.54
CA ASP E 199 -23.99 -32.92 -14.64
C ASP E 199 -24.47 -32.16 -15.88
N VAL E 200 -24.57 -30.84 -15.76
CA VAL E 200 -25.02 -30.00 -16.87
C VAL E 200 -24.31 -28.65 -16.86
N PHE E 201 -24.20 -28.02 -18.04
CA PHE E 201 -23.62 -26.68 -18.14
C PHE E 201 -24.54 -25.85 -19.05
N SER E 202 -24.58 -24.54 -18.81
CA SER E 202 -25.46 -23.65 -19.57
C SER E 202 -24.81 -22.39 -20.14
N PHE E 203 -25.25 -22.00 -21.35
CA PHE E 203 -24.72 -20.83 -22.04
C PHE E 203 -25.71 -19.69 -22.20
N TYR E 204 -25.24 -18.49 -21.87
CA TYR E 204 -26.00 -17.28 -22.05
C TYR E 204 -25.11 -16.36 -22.88
N TYR E 205 -25.56 -15.98 -24.07
CA TYR E 205 -24.79 -15.07 -24.92
C TYR E 205 -25.58 -13.77 -25.10
N ASN E 206 -25.08 -12.67 -24.55
CA ASN E 206 -25.75 -11.38 -24.63
C ASN E 206 -25.61 -10.73 -26.00
N ARG E 207 -26.38 -9.66 -26.22
CA ARG E 207 -26.30 -8.91 -27.46
C ARG E 207 -25.05 -8.04 -27.35
N ASP E 208 -24.47 -7.71 -28.50
CA ASP E 208 -23.26 -6.92 -28.61
C ASP E 208 -23.10 -5.80 -27.58
N SER E 209 -24.12 -4.96 -27.45
CA SER E 209 -24.08 -3.83 -26.50
C SER E 209 -22.75 -3.06 -26.52
N GLU E 210 -22.34 -2.62 -25.33
CA GLU E 210 -21.11 -1.87 -25.15
C GLU E 210 -21.33 -0.38 -25.46
N ASN E 211 -21.71 -0.08 -26.61
N LEU E 215 -22.92 -7.46 -19.15
CA LEU E 215 -21.98 -8.62 -19.32
C LEU E 215 -22.14 -9.22 -20.71
N GLY E 216 -21.01 -9.60 -21.30
CA GLY E 216 -20.99 -10.17 -22.63
C GLY E 216 -21.69 -11.52 -22.75
N GLY E 217 -21.66 -12.29 -21.67
CA GLY E 217 -22.29 -13.60 -21.70
C GLY E 217 -21.93 -14.36 -20.44
N GLN E 218 -22.42 -15.59 -20.30
CA GLN E 218 -22.12 -16.36 -19.10
C GLN E 218 -22.37 -17.86 -19.20
N ILE E 219 -21.42 -18.61 -18.67
CA ILE E 219 -21.50 -20.06 -18.65
C ILE E 219 -21.65 -20.49 -17.21
N VAL E 220 -22.55 -21.43 -16.98
CA VAL E 220 -22.74 -21.93 -15.64
C VAL E 220 -22.40 -23.40 -15.65
N LEU E 221 -21.45 -23.77 -14.79
CA LEU E 221 -21.06 -25.15 -14.65
C LEU E 221 -21.87 -25.70 -13.47
N GLY E 222 -22.66 -26.74 -13.73
CA GLY E 222 -23.45 -27.33 -12.66
C GLY E 222 -24.93 -27.01 -12.66
N GLY E 223 -25.38 -26.12 -13.54
CA GLY E 223 -26.79 -25.77 -13.59
C GLY E 223 -27.15 -24.69 -14.60
N SER E 224 -28.15 -23.89 -14.25
CA SER E 224 -28.60 -22.79 -15.09
C SER E 224 -28.88 -21.57 -14.24
N ASP E 225 -28.85 -20.40 -14.87
CA ASP E 225 -29.08 -19.16 -14.15
C ASP E 225 -30.44 -18.57 -14.53
N PRO E 226 -31.44 -18.73 -13.65
CA PRO E 226 -32.81 -18.23 -13.85
C PRO E 226 -32.85 -16.75 -14.21
N GLN E 227 -31.77 -16.04 -13.87
CA GLN E 227 -31.69 -14.62 -14.15
C GLN E 227 -31.60 -14.29 -15.65
N HIS E 228 -31.16 -15.25 -16.46
CA HIS E 228 -31.01 -14.99 -17.88
C HIS E 228 -31.94 -15.72 -18.84
N TYR E 229 -33.02 -16.30 -18.32
CA TYR E 229 -34.01 -16.96 -19.16
C TYR E 229 -35.38 -16.92 -18.48
N GLU E 230 -36.42 -17.08 -19.28
CA GLU E 230 -37.77 -17.06 -18.76
C GLU E 230 -38.59 -18.16 -19.41
N GLY E 231 -39.77 -18.42 -18.84
CA GLY E 231 -40.59 -19.49 -19.37
C GLY E 231 -39.89 -20.74 -18.88
N ASN E 232 -40.22 -21.91 -19.40
CA ASN E 232 -39.50 -23.10 -18.96
C ASN E 232 -38.70 -23.71 -20.09
N PHE E 233 -37.83 -24.65 -19.75
CA PHE E 233 -37.03 -25.30 -20.75
C PHE E 233 -37.85 -26.35 -21.48
N HIS E 234 -37.47 -26.59 -22.72
CA HIS E 234 -38.10 -27.59 -23.56
C HIS E 234 -36.93 -28.38 -24.09
N TYR E 235 -36.84 -29.63 -23.69
CA TYR E 235 -35.72 -30.47 -24.08
C TYR E 235 -35.92 -31.32 -25.31
N ILE E 236 -34.80 -31.59 -25.97
CA ILE E 236 -34.76 -32.43 -27.15
C ILE E 236 -33.66 -33.44 -26.81
N ASN E 237 -33.94 -34.72 -26.97
CA ASN E 237 -32.95 -35.73 -26.67
C ASN E 237 -31.86 -35.76 -27.73
N LEU E 238 -30.64 -36.05 -27.31
CA LEU E 238 -29.53 -36.12 -28.26
C LEU E 238 -29.74 -37.33 -29.14
N ILE E 239 -29.39 -37.20 -30.40
CA ILE E 239 -29.51 -38.30 -31.34
C ILE E 239 -28.66 -39.47 -30.83
N LYS E 240 -27.53 -39.13 -30.22
CA LYS E 240 -26.58 -40.10 -29.71
C LYS E 240 -25.63 -39.42 -28.72
N THR E 241 -25.09 -40.18 -27.77
CA THR E 241 -24.12 -39.61 -26.83
C THR E 241 -22.84 -39.40 -27.64
N GLY E 242 -21.97 -38.51 -27.16
CA GLY E 242 -20.74 -38.28 -27.88
C GLY E 242 -20.78 -37.04 -28.76
N VAL E 243 -21.98 -36.52 -29.02
CA VAL E 243 -22.13 -35.33 -29.87
C VAL E 243 -23.34 -34.49 -29.47
N TRP E 244 -23.13 -33.19 -29.27
CA TRP E 244 -24.23 -32.30 -28.92
C TRP E 244 -25.03 -31.98 -30.18
N GLN E 245 -25.55 -33.03 -30.81
CA GLN E 245 -26.33 -32.90 -32.03
C GLN E 245 -27.76 -33.41 -31.80
N ILE E 246 -28.73 -32.71 -32.38
CA ILE E 246 -30.13 -33.10 -32.21
C ILE E 246 -30.90 -33.12 -33.52
N GLN E 247 -32.01 -33.85 -33.51
CA GLN E 247 -32.86 -33.94 -34.67
C GLN E 247 -33.61 -32.63 -34.86
N MET E 248 -33.71 -32.18 -36.10
CA MET E 248 -34.43 -30.95 -36.43
C MET E 248 -35.55 -31.36 -37.39
N LYS E 249 -36.80 -31.15 -36.98
CA LYS E 249 -37.94 -31.54 -37.80
C LYS E 249 -38.18 -30.67 -39.03
N GLY E 250 -37.57 -29.50 -39.10
CA GLY E 250 -37.78 -28.65 -40.27
C GLY E 250 -37.36 -27.20 -40.08
N VAL E 251 -37.13 -26.51 -41.20
CA VAL E 251 -36.73 -25.12 -41.18
C VAL E 251 -37.64 -24.33 -42.10
N SER E 252 -38.30 -23.30 -41.57
CA SER E 252 -39.19 -22.49 -42.39
C SER E 252 -38.77 -21.03 -42.52
N VAL E 253 -38.94 -20.49 -43.74
CA VAL E 253 -38.61 -19.12 -44.06
C VAL E 253 -39.87 -18.38 -44.46
N GLY E 254 -40.24 -17.36 -43.68
CA GLY E 254 -41.45 -16.63 -44.00
C GLY E 254 -42.61 -17.61 -44.05
N SER E 255 -43.31 -17.66 -45.16
CA SER E 255 -44.43 -18.59 -45.29
C SER E 255 -44.14 -19.63 -46.37
N SER E 256 -43.39 -20.67 -45.98
CA SER E 256 -43.02 -21.77 -46.86
C SER E 256 -41.90 -22.61 -46.24
N THR E 257 -42.27 -23.70 -45.57
CA THR E 257 -41.28 -24.58 -44.96
C THR E 257 -40.55 -25.31 -46.08
N LEU E 258 -39.82 -24.55 -46.88
CA LEU E 258 -39.08 -25.08 -48.01
C LEU E 258 -37.69 -25.63 -47.69
N LEU E 259 -37.43 -25.90 -46.41
CA LEU E 259 -36.12 -26.41 -46.02
C LEU E 259 -36.17 -27.54 -45.00
N CYS E 260 -35.15 -28.40 -45.04
CA CYS E 260 -35.06 -29.51 -44.11
C CYS E 260 -36.39 -30.28 -44.01
N GLU E 261 -37.05 -30.45 -45.15
CA GLU E 261 -38.30 -31.20 -45.18
C GLU E 261 -37.83 -32.64 -44.95
N ASP E 262 -38.66 -33.45 -44.32
CA ASP E 262 -38.28 -34.83 -44.06
C ASP E 262 -37.21 -34.95 -42.96
N GLY E 263 -36.90 -33.84 -42.31
CA GLY E 263 -35.92 -33.87 -41.22
C GLY E 263 -34.46 -33.69 -41.60
N CYS E 264 -33.66 -33.32 -40.59
CA CYS E 264 -32.23 -33.09 -40.76
C CYS E 264 -31.58 -33.01 -39.37
N LEU E 265 -30.28 -32.75 -39.33
CA LEU E 265 -29.55 -32.66 -38.07
C LEU E 265 -29.19 -31.22 -37.66
N ALA E 266 -29.13 -30.99 -36.35
CA ALA E 266 -28.76 -29.69 -35.83
C ALA E 266 -27.72 -29.86 -34.72
N LEU E 267 -26.52 -29.35 -34.98
CA LEU E 267 -25.41 -29.41 -34.03
C LEU E 267 -25.50 -28.11 -33.20
N VAL E 268 -25.73 -28.24 -31.89
CA VAL E 268 -25.83 -27.05 -31.04
C VAL E 268 -24.41 -26.69 -30.67
N ASP E 269 -23.88 -25.71 -31.40
CA ASP E 269 -22.50 -25.29 -31.30
C ASP E 269 -22.19 -23.91 -30.71
N THR E 270 -21.82 -23.87 -29.43
CA THR E 270 -21.49 -22.61 -28.77
C THR E 270 -20.24 -21.94 -29.36
N GLY E 271 -19.41 -22.72 -30.05
CA GLY E 271 -18.19 -22.17 -30.62
C GLY E 271 -18.36 -21.58 -32.00
N ALA E 272 -19.53 -21.79 -32.58
CA ALA E 272 -19.81 -21.26 -33.90
C ALA E 272 -20.44 -19.87 -33.78
N SER E 273 -19.91 -18.92 -34.54
CA SER E 273 -20.42 -17.56 -34.49
C SER E 273 -21.82 -17.49 -35.07
N TYR E 274 -22.07 -18.26 -36.11
CA TYR E 274 -23.34 -18.20 -36.80
C TYR E 274 -24.14 -19.47 -36.84
N ILE E 275 -25.33 -19.35 -37.44
CA ILE E 275 -26.21 -20.47 -37.66
C ILE E 275 -25.77 -20.91 -39.07
N SER E 276 -25.44 -22.18 -39.24
CA SER E 276 -25.01 -22.64 -40.55
C SER E 276 -25.79 -23.85 -41.06
N GLY E 277 -25.81 -23.96 -42.39
CA GLY E 277 -26.47 -25.05 -43.05
C GLY E 277 -25.56 -25.49 -44.17
N SER E 278 -25.86 -26.61 -44.81
CA SER E 278 -25.05 -27.09 -45.92
C SER E 278 -25.16 -26.09 -47.05
N THR E 279 -24.23 -26.17 -47.99
CA THR E 279 -24.24 -25.27 -49.13
C THR E 279 -25.56 -25.27 -49.87
N SER E 280 -26.15 -26.44 -50.07
CA SER E 280 -27.42 -26.54 -50.79
C SER E 280 -28.56 -25.90 -50.03
N SER E 281 -28.60 -26.14 -48.73
CA SER E 281 -29.67 -25.60 -47.90
C SER E 281 -29.61 -24.08 -47.81
N ILE E 282 -28.41 -23.55 -47.61
CA ILE E 282 -28.21 -22.11 -47.49
C ILE E 282 -28.50 -21.39 -48.80
N GLU E 283 -28.18 -22.03 -49.94
CA GLU E 283 -28.46 -21.42 -51.24
C GLU E 283 -29.96 -21.18 -51.32
N LYS E 284 -30.75 -22.19 -50.99
CA LYS E 284 -32.19 -22.04 -51.03
C LYS E 284 -32.68 -20.96 -50.07
N LEU E 285 -32.25 -21.05 -48.80
CA LEU E 285 -32.65 -20.10 -47.79
C LEU E 285 -32.32 -18.68 -48.21
N MET E 286 -31.12 -18.48 -48.76
CA MET E 286 -30.70 -17.16 -49.20
C MET E 286 -31.47 -16.67 -50.42
N GLU E 287 -31.70 -17.53 -51.39
CA GLU E 287 -32.46 -17.14 -52.57
C GLU E 287 -33.80 -16.58 -52.08
N ALA E 288 -34.38 -17.27 -51.11
CA ALA E 288 -35.66 -16.87 -50.54
C ALA E 288 -35.57 -15.52 -49.85
N LEU E 289 -34.36 -15.18 -49.38
CA LEU E 289 -34.17 -13.92 -48.68
C LEU E 289 -33.80 -12.75 -49.61
N GLY E 290 -33.38 -13.09 -50.83
CA GLY E 290 -32.99 -12.05 -51.78
C GLY E 290 -31.58 -11.61 -51.51
N ALA E 291 -30.83 -12.45 -50.79
CA ALA E 291 -29.44 -12.15 -50.45
C ALA E 291 -28.43 -12.54 -51.52
N LYS E 292 -27.37 -11.76 -51.65
CA LYS E 292 -26.31 -12.03 -52.62
C LYS E 292 -25.16 -12.74 -51.92
N LYS E 293 -24.56 -13.70 -52.61
CA LYS E 293 -23.44 -14.44 -52.03
C LYS E 293 -22.10 -13.79 -52.30
N ARG E 294 -21.21 -13.87 -51.33
CA ARG E 294 -19.87 -13.33 -51.45
C ARG E 294 -18.91 -14.47 -51.09
N LEU E 295 -17.62 -14.17 -51.05
CA LEU E 295 -16.62 -15.18 -50.75
C LEU E 295 -16.82 -15.89 -49.41
N PHE E 296 -16.99 -15.11 -48.34
CA PHE E 296 -17.14 -15.68 -47.00
C PHE E 296 -18.51 -15.53 -46.35
N ASP E 297 -19.45 -14.84 -47.00
CA ASP E 297 -20.76 -14.63 -46.39
C ASP E 297 -21.83 -14.28 -47.40
N TYR E 298 -22.99 -13.88 -46.87
CA TYR E 298 -24.12 -13.46 -47.68
C TYR E 298 -24.50 -12.05 -47.21
N VAL E 299 -24.83 -11.19 -48.16
CA VAL E 299 -25.22 -9.83 -47.82
C VAL E 299 -26.57 -9.49 -48.40
N VAL E 300 -27.11 -8.37 -47.94
CA VAL E 300 -28.38 -7.88 -48.39
C VAL E 300 -28.18 -6.37 -48.36
N LYS E 301 -28.89 -5.63 -49.21
CA LYS E 301 -28.75 -4.18 -49.18
C LYS E 301 -29.35 -3.78 -47.83
N CYS E 302 -28.60 -3.02 -47.04
CA CYS E 302 -29.07 -2.66 -45.70
C CYS E 302 -30.51 -2.19 -45.58
N ASN E 303 -30.93 -1.28 -46.45
CA ASN E 303 -32.30 -0.78 -46.39
C ASN E 303 -33.36 -1.88 -46.37
N GLU E 304 -32.99 -3.09 -46.75
CA GLU E 304 -33.96 -4.19 -46.76
C GLU E 304 -33.77 -5.20 -45.64
N GLY E 305 -32.85 -4.94 -44.73
CA GLY E 305 -32.64 -5.85 -43.63
C GLY E 305 -33.88 -6.00 -42.77
N PRO E 306 -34.49 -4.89 -42.33
CA PRO E 306 -35.69 -4.95 -41.50
C PRO E 306 -36.88 -5.63 -42.17
N THR E 307 -36.85 -5.74 -43.50
CA THR E 307 -37.96 -6.34 -44.22
C THR E 307 -37.84 -7.86 -44.39
N LEU E 308 -36.66 -8.41 -44.10
CA LEU E 308 -36.45 -9.84 -44.23
C LEU E 308 -37.40 -10.63 -43.34
N PRO E 309 -37.91 -11.75 -43.87
CA PRO E 309 -38.85 -12.62 -43.14
C PRO E 309 -38.25 -13.36 -41.96
N ASP E 310 -39.13 -13.91 -41.14
CA ASP E 310 -38.71 -14.69 -39.97
C ASP E 310 -38.16 -16.01 -40.46
N ILE E 311 -37.23 -16.58 -39.70
CA ILE E 311 -36.65 -17.87 -40.00
C ILE E 311 -37.00 -18.69 -38.77
N SER E 312 -37.61 -19.86 -38.95
CA SER E 312 -37.99 -20.69 -37.81
C SER E 312 -37.31 -22.05 -37.86
N PHE E 313 -37.02 -22.60 -36.68
CA PHE E 313 -36.36 -23.89 -36.58
C PHE E 313 -37.18 -24.82 -35.69
N HIS E 314 -37.73 -25.86 -36.31
CA HIS E 314 -38.56 -26.82 -35.58
C HIS E 314 -37.70 -27.80 -34.79
N LEU E 315 -37.67 -27.65 -33.47
CA LEU E 315 -36.88 -28.54 -32.63
C LEU E 315 -37.70 -29.16 -31.51
N GLY E 316 -37.73 -30.49 -31.49
CA GLY E 316 -38.46 -31.22 -30.47
C GLY E 316 -39.89 -30.78 -30.23
N GLY E 317 -40.65 -30.56 -31.30
CA GLY E 317 -42.03 -30.15 -31.13
C GLY E 317 -42.24 -28.71 -30.71
N LYS E 318 -41.26 -27.85 -30.95
CA LYS E 318 -41.37 -26.44 -30.60
C LYS E 318 -40.75 -25.62 -31.75
N GLU E 319 -41.34 -24.48 -32.07
CA GLU E 319 -40.82 -23.63 -33.13
C GLU E 319 -39.94 -22.52 -32.56
N TYR E 320 -38.67 -22.51 -32.94
CA TYR E 320 -37.74 -21.48 -32.49
C TYR E 320 -37.56 -20.50 -33.62
N THR E 321 -38.13 -19.32 -33.44
CA THR E 321 -38.14 -18.29 -34.45
C THR E 321 -37.22 -17.08 -34.30
N LEU E 322 -36.52 -16.76 -35.38
CA LEU E 322 -35.65 -15.60 -35.39
C LEU E 322 -36.25 -14.56 -36.32
N THR E 323 -36.15 -13.30 -35.91
CA THR E 323 -36.64 -12.18 -36.68
C THR E 323 -35.43 -11.66 -37.46
N SER E 324 -35.65 -10.78 -38.43
CA SER E 324 -34.51 -10.27 -39.18
C SER E 324 -33.54 -9.52 -38.26
N ALA E 325 -34.08 -8.85 -37.24
CA ALA E 325 -33.25 -8.12 -36.29
C ALA E 325 -32.32 -9.11 -35.60
N ASP E 326 -32.76 -10.36 -35.49
CA ASP E 326 -31.99 -11.40 -34.83
C ASP E 326 -30.85 -11.98 -35.69
N TYR E 327 -30.97 -11.93 -37.02
CA TYR E 327 -29.93 -12.51 -37.84
C TYR E 327 -29.17 -11.61 -38.81
N VAL E 328 -29.56 -10.35 -38.91
CA VAL E 328 -28.82 -9.46 -39.80
C VAL E 328 -28.02 -8.42 -39.01
N PHE E 329 -26.79 -8.17 -39.44
CA PHE E 329 -25.98 -7.17 -38.78
C PHE E 329 -26.40 -5.83 -39.36
N GLN E 330 -27.44 -5.25 -38.76
CA GLN E 330 -27.99 -3.98 -39.22
C GLN E 330 -27.03 -2.84 -38.90
N GLU E 331 -26.04 -2.65 -39.78
CA GLU E 331 -25.01 -1.63 -39.62
C GLU E 331 -25.51 -0.23 -39.96
N SER E 332 -26.41 -0.16 -40.94
CA SER E 332 -27.01 1.11 -41.37
C SER E 332 -28.30 0.75 -42.10
N TYR E 333 -28.92 1.73 -42.73
CA TYR E 333 -30.17 1.51 -43.45
C TYR E 333 -30.11 1.96 -44.90
N SER E 334 -28.93 2.43 -45.32
CA SER E 334 -28.74 2.91 -46.69
C SER E 334 -28.88 1.81 -47.73
N SER E 335 -29.39 2.18 -48.90
CA SER E 335 -29.53 1.22 -49.98
C SER E 335 -28.23 1.17 -50.79
N LYS E 336 -27.27 2.00 -50.39
CA LYS E 336 -25.99 2.03 -51.06
C LYS E 336 -24.97 1.22 -50.27
N LYS E 337 -25.42 0.57 -49.22
CA LYS E 337 -24.53 -0.24 -48.39
C LYS E 337 -24.96 -1.69 -48.27
N LEU E 338 -24.01 -2.55 -47.95
CA LEU E 338 -24.31 -3.96 -47.80
C LEU E 338 -24.25 -4.33 -46.33
N CYS E 339 -25.17 -5.20 -45.92
CA CYS E 339 -25.23 -5.65 -44.55
C CYS E 339 -25.13 -7.18 -44.52
N THR E 340 -24.19 -7.71 -43.74
CA THR E 340 -23.98 -9.16 -43.63
C THR E 340 -25.08 -9.83 -42.82
N LEU E 341 -25.26 -11.12 -43.04
CA LEU E 341 -26.25 -11.91 -42.31
C LEU E 341 -25.52 -12.92 -41.43
N ALA E 342 -26.06 -13.14 -40.24
CA ALA E 342 -25.45 -14.06 -39.28
C ALA E 342 -25.79 -15.53 -39.55
N ILE E 343 -26.01 -15.85 -40.82
CA ILE E 343 -26.32 -17.21 -41.25
C ILE E 343 -25.36 -17.52 -42.39
N HIS E 344 -24.58 -18.58 -42.24
CA HIS E 344 -23.61 -18.92 -43.28
C HIS E 344 -23.79 -20.31 -43.84
N ALA E 345 -22.99 -20.61 -44.85
CA ALA E 345 -23.00 -21.92 -45.47
C ALA E 345 -21.76 -22.61 -44.92
N MET E 346 -21.93 -23.79 -44.35
CA MET E 346 -20.79 -24.52 -43.82
C MET E 346 -21.03 -26.01 -43.96
N ASP E 347 -20.18 -26.65 -44.75
CA ASP E 347 -20.29 -28.07 -44.98
C ASP E 347 -19.46 -28.83 -43.96
N ILE E 348 -20.13 -29.37 -42.96
CA ILE E 348 -19.48 -30.11 -41.89
C ILE E 348 -19.41 -31.57 -42.32
N PRO E 349 -18.19 -32.11 -42.42
CA PRO E 349 -17.88 -33.49 -42.82
C PRO E 349 -18.34 -34.59 -41.88
N PRO E 350 -18.60 -35.79 -42.43
CA PRO E 350 -19.04 -36.96 -41.67
C PRO E 350 -17.97 -37.35 -40.64
N PRO E 351 -18.35 -38.14 -39.63
CA PRO E 351 -19.71 -38.67 -39.45
C PRO E 351 -20.69 -37.66 -38.82
N THR E 352 -20.15 -36.61 -38.20
CA THR E 352 -20.97 -35.58 -37.58
C THR E 352 -21.88 -34.87 -38.58
N GLY E 353 -21.34 -34.57 -39.75
CA GLY E 353 -22.12 -33.91 -40.79
C GLY E 353 -22.48 -34.85 -41.91
N PRO E 354 -23.25 -34.40 -42.91
CA PRO E 354 -23.79 -33.05 -43.04
C PRO E 354 -24.70 -32.70 -41.87
N THR E 355 -24.85 -31.40 -41.60
CA THR E 355 -25.68 -30.96 -40.49
C THR E 355 -25.74 -29.44 -40.41
N TRP E 356 -26.81 -28.93 -39.82
CA TRP E 356 -26.93 -27.49 -39.61
C TRP E 356 -26.16 -27.26 -38.31
N ALA E 357 -25.75 -26.03 -38.06
CA ALA E 357 -25.04 -25.68 -36.84
C ALA E 357 -25.74 -24.46 -36.20
N LEU E 358 -26.16 -24.61 -34.95
CA LEU E 358 -26.83 -23.53 -34.25
C LEU E 358 -25.83 -22.87 -33.31
N GLY E 359 -25.23 -21.77 -33.78
CA GLY E 359 -24.25 -21.05 -32.99
C GLY E 359 -24.77 -19.84 -32.24
N ALA E 360 -23.89 -18.86 -32.02
CA ALA E 360 -24.24 -17.64 -31.27
C ALA E 360 -25.50 -16.94 -31.75
N THR E 361 -25.70 -16.86 -33.06
CA THR E 361 -26.88 -16.20 -33.60
C THR E 361 -28.14 -16.77 -32.95
N PHE E 362 -28.14 -18.09 -32.77
CA PHE E 362 -29.28 -18.79 -32.17
C PHE E 362 -29.27 -18.71 -30.65
N ILE E 363 -28.11 -18.96 -30.05
CA ILE E 363 -27.98 -18.94 -28.61
C ILE E 363 -28.30 -17.58 -27.99
N ARG E 364 -28.03 -16.50 -28.73
CA ARG E 364 -28.33 -15.15 -28.25
C ARG E 364 -29.81 -15.03 -27.94
N LYS E 365 -30.63 -15.70 -28.74
CA LYS E 365 -32.08 -15.66 -28.58
C LYS E 365 -32.54 -16.69 -27.55
N PHE E 366 -31.91 -17.86 -27.54
CA PHE E 366 -32.32 -18.90 -26.60
C PHE E 366 -31.26 -19.42 -25.64
N TYR E 367 -31.48 -19.17 -24.35
CA TYR E 367 -30.59 -19.65 -23.32
C TYR E 367 -30.51 -21.16 -23.56
N THR E 368 -29.31 -21.72 -23.51
CA THR E 368 -29.14 -23.15 -23.78
C THR E 368 -28.48 -23.93 -22.64
N GLU E 369 -29.09 -25.06 -22.30
CA GLU E 369 -28.61 -25.93 -21.24
C GLU E 369 -28.19 -27.27 -21.85
N PHE E 370 -26.97 -27.70 -21.57
CA PHE E 370 -26.48 -28.97 -22.08
C PHE E 370 -26.48 -29.95 -20.91
N ASP E 371 -27.34 -30.95 -20.99
CA ASP E 371 -27.51 -31.93 -19.92
C ASP E 371 -26.80 -33.25 -20.17
N ARG E 372 -25.65 -33.44 -19.51
CA ARG E 372 -24.87 -34.66 -19.66
C ARG E 372 -25.52 -35.87 -18.99
N ARG E 373 -26.21 -35.65 -17.87
CA ARG E 373 -26.84 -36.75 -17.16
C ARG E 373 -27.97 -37.42 -17.94
N ASN E 374 -28.68 -36.64 -18.75
CA ASN E 374 -29.79 -37.18 -19.52
C ASN E 374 -29.63 -37.13 -21.03
N ASN E 375 -28.41 -36.83 -21.50
CA ASN E 375 -28.12 -36.71 -22.94
C ASN E 375 -29.22 -35.96 -23.68
N ARG E 376 -29.46 -34.73 -23.24
CA ARG E 376 -30.49 -33.87 -23.82
C ARG E 376 -30.00 -32.43 -23.85
N ILE E 377 -30.72 -31.61 -24.59
CA ILE E 377 -30.41 -30.20 -24.69
C ILE E 377 -31.71 -29.45 -24.46
N GLY E 378 -31.66 -28.42 -23.62
CA GLY E 378 -32.84 -27.64 -23.33
C GLY E 378 -32.74 -26.20 -23.78
N PHE E 379 -33.84 -25.67 -24.29
CA PHE E 379 -33.88 -24.30 -24.74
C PHE E 379 -34.94 -23.52 -23.97
N ALA E 380 -34.67 -22.23 -23.77
CA ALA E 380 -35.60 -21.35 -23.07
C ALA E 380 -35.31 -19.93 -23.53
N LEU E 381 -36.37 -19.12 -23.62
CA LEU E 381 -36.23 -17.73 -24.06
C LEU E 381 -35.22 -16.96 -23.22
N ALA E 382 -34.17 -16.46 -23.88
CA ALA E 382 -33.14 -15.68 -23.19
C ALA E 382 -33.70 -14.38 -22.66
N ARG E 383 -33.23 -13.97 -21.49
CA ARG E 383 -33.69 -12.73 -20.85
C ARG E 383 -32.51 -11.75 -20.79
N VAL F 3 -15.44 -3.95 -44.03
CA VAL F 3 -16.63 -4.27 -43.25
C VAL F 3 -16.99 -5.74 -43.38
N TYR F 4 -16.78 -6.50 -42.31
CA TYR F 4 -16.21 -5.95 -41.09
C TYR F 4 -16.01 -7.03 -40.04
N ILE F 5 -16.94 -7.98 -39.98
CA ILE F 5 -16.86 -9.08 -39.03
C ILE F 5 -16.22 -10.32 -39.66
N HIS F 6 -16.01 -11.34 -38.84
CA HIS F 6 -15.40 -12.60 -39.33
C HIS F 6 -15.90 -13.78 -38.49
N PRO F 7 -16.67 -14.69 -39.12
CA PRO F 7 -17.18 -15.77 -38.24
C PRO F 7 -16.12 -16.83 -38.00
N PHE F 8 -16.18 -17.37 -36.82
CA PHE F 8 -15.39 -18.49 -36.34
C PHE F 8 -16.23 -19.74 -36.34
N HIS F 9 -15.71 -20.74 -37.04
CA HIS F 9 -16.45 -22.04 -37.09
C HIS F 9 -15.65 -23.06 -36.35
N LEU F 10 -16.06 -23.23 -35.09
CA LEU F 10 -15.40 -24.16 -34.18
C LEU F 10 -16.15 -25.49 -34.08
N VAL F 11 -16.28 -26.17 -35.22
CA VAL F 11 -16.94 -27.48 -35.25
C VAL F 11 -15.92 -28.57 -35.53
N ILE F 12 -15.52 -29.29 -34.48
CA ILE F 12 -14.50 -30.34 -34.62
C ILE F 12 -14.98 -31.43 -35.57
N HIS F 13 -14.04 -31.93 -36.38
CA HIS F 13 -14.35 -32.96 -37.36
C HIS F 13 -13.20 -33.95 -37.50
N ASN F 14 -13.47 -35.11 -38.07
CA ASN F 14 -12.42 -36.08 -38.29
C ASN F 14 -11.51 -35.64 -39.43
N GLU F 15 -10.35 -35.13 -39.06
CA GLU F 15 -9.34 -34.66 -40.02
C GLU F 15 -9.56 -35.10 -41.47
N SER F 16 -9.32 -34.18 -42.39
CA SER F 16 -9.44 -34.45 -43.82
C SER F 16 -8.46 -33.58 -44.58
N THR F 17 -8.66 -33.41 -45.88
CA THR F 17 -7.76 -32.56 -46.67
C THR F 17 -7.80 -32.80 -48.17
N CYS F 18 -6.78 -32.29 -48.85
CA CYS F 18 -6.66 -32.41 -50.30
C CYS F 18 -8.00 -32.62 -50.99
N ASP F 31 14.83 -31.56 -63.74
CA ASP F 31 14.42 -30.24 -64.21
C ASP F 31 15.45 -29.62 -65.16
N PRO F 32 14.99 -28.83 -66.15
CA PRO F 32 15.90 -28.22 -67.13
C PRO F 32 16.42 -26.87 -66.67
N THR F 33 17.66 -26.84 -66.20
CA THR F 33 18.27 -25.59 -65.73
C THR F 33 18.75 -24.74 -66.90
N PHE F 34 19.04 -23.46 -66.62
CA PHE F 34 19.58 -22.55 -67.62
C PHE F 34 20.39 -21.43 -66.99
N ILE F 35 21.52 -21.09 -67.62
CA ILE F 35 22.32 -19.94 -67.21
C ILE F 35 21.77 -18.69 -67.90
N PRO F 36 21.51 -17.62 -67.11
CA PRO F 36 21.04 -16.39 -67.72
C PRO F 36 22.20 -15.61 -68.36
N ALA F 37 21.90 -14.84 -69.39
CA ALA F 37 22.91 -14.09 -70.13
C ALA F 37 23.45 -12.93 -69.31
N PRO F 38 24.56 -12.31 -69.77
CA PRO F 38 25.03 -11.10 -69.10
C PRO F 38 24.11 -9.91 -69.38
N ILE F 39 24.17 -8.90 -68.49
CA ILE F 39 23.32 -7.72 -68.63
C ILE F 39 23.77 -6.78 -69.76
N GLN F 40 25.01 -6.96 -70.22
CA GLN F 40 25.51 -6.24 -71.39
C GLN F 40 24.65 -6.48 -72.63
N ALA F 41 23.99 -7.64 -72.68
CA ALA F 41 23.06 -7.95 -73.76
C ALA F 41 21.93 -6.92 -73.84
N LYS F 42 21.60 -6.52 -75.07
CA LYS F 42 20.58 -5.49 -75.30
C LYS F 42 19.19 -6.02 -74.95
N THR F 43 18.68 -5.62 -73.79
CA THR F 43 17.34 -5.97 -73.35
C THR F 43 16.40 -4.79 -73.60
N SER F 44 15.28 -5.06 -74.27
CA SER F 44 14.30 -4.00 -74.54
C SER F 44 13.61 -3.56 -73.25
N PRO F 45 13.23 -2.28 -73.16
CA PRO F 45 12.60 -1.77 -71.95
C PRO F 45 11.17 -2.28 -71.77
N VAL F 46 10.65 -2.17 -70.55
CA VAL F 46 9.30 -2.65 -70.23
C VAL F 46 8.23 -1.75 -70.81
N ASN F 47 7.37 -2.32 -71.66
CA ASN F 47 6.22 -1.59 -72.20
C ASN F 47 5.16 -1.51 -71.12
N GLU F 48 5.12 -0.37 -70.44
CA GLU F 48 4.27 -0.21 -69.25
C GLU F 48 2.78 -0.26 -69.58
N LYS F 49 2.42 0.25 -70.76
CA LYS F 49 1.03 0.15 -71.25
C LYS F 49 0.68 -1.32 -71.44
N ALA F 50 1.53 -2.02 -72.18
CA ALA F 50 1.35 -3.45 -72.45
C ALA F 50 1.24 -4.26 -71.16
N LEU F 51 1.97 -3.85 -70.12
CA LEU F 51 1.95 -4.53 -68.84
C LEU F 51 0.58 -4.39 -68.16
N GLN F 52 0.14 -3.15 -67.95
CA GLN F 52 -1.10 -2.91 -67.20
C GLN F 52 -2.32 -3.44 -67.96
N ASP F 53 -2.29 -3.37 -69.29
CA ASP F 53 -3.36 -3.93 -70.13
C ASP F 53 -3.44 -5.46 -69.98
N GLN F 54 -2.32 -6.08 -69.62
CA GLN F 54 -2.31 -7.52 -69.34
C GLN F 54 -2.79 -7.80 -67.92
N LEU F 55 -2.47 -6.88 -66.99
CA LEU F 55 -2.89 -7.01 -65.59
C LEU F 55 -4.39 -6.83 -65.41
N VAL F 56 -4.98 -5.95 -66.21
CA VAL F 56 -6.44 -5.73 -66.17
C VAL F 56 -7.19 -6.93 -66.74
N LEU F 57 -6.58 -7.61 -67.71
CA LEU F 57 -7.14 -8.84 -68.25
C LEU F 57 -7.11 -9.95 -67.20
N VAL F 58 -6.00 -10.04 -66.48
CA VAL F 58 -5.86 -11.00 -65.39
C VAL F 58 -6.89 -10.72 -64.30
N ALA F 59 -7.14 -9.44 -64.03
CA ALA F 59 -8.17 -9.03 -63.07
C ALA F 59 -9.57 -9.31 -63.61
N ALA F 60 -9.77 -9.10 -64.91
CA ALA F 60 -11.07 -9.34 -65.54
C ALA F 60 -11.40 -10.82 -65.57
N LYS F 61 -10.57 -11.60 -66.27
CA LYS F 61 -10.75 -13.05 -66.35
C LYS F 61 -10.32 -13.69 -65.03
N LEU F 62 -11.22 -13.63 -64.05
CA LEU F 62 -10.92 -14.05 -62.69
C LEU F 62 -12.17 -14.54 -61.99
N ASP F 63 -12.10 -15.72 -61.39
CA ASP F 63 -13.25 -16.34 -60.74
C ASP F 63 -13.70 -15.56 -59.50
N THR F 64 -14.93 -15.81 -59.06
CA THR F 64 -15.44 -15.23 -57.82
C THR F 64 -14.72 -15.85 -56.62
N GLU F 65 -14.25 -17.09 -56.78
CA GLU F 65 -13.44 -17.77 -55.77
C GLU F 65 -12.05 -17.14 -55.69
N ASP F 66 -11.50 -16.78 -56.85
CA ASP F 66 -10.19 -16.13 -56.92
C ASP F 66 -10.20 -14.75 -56.28
N LYS F 67 -11.33 -14.05 -56.37
CA LYS F 67 -11.48 -12.73 -55.73
C LYS F 67 -11.35 -12.84 -54.21
N LEU F 68 -11.89 -13.91 -53.63
CA LEU F 68 -11.74 -14.17 -52.20
C LEU F 68 -10.29 -14.52 -51.86
N ARG F 69 -9.64 -15.25 -52.76
CA ARG F 69 -8.22 -15.60 -52.59
C ARG F 69 -7.33 -14.37 -52.65
N ALA F 70 -7.63 -13.47 -53.59
CA ALA F 70 -6.92 -12.20 -53.71
C ALA F 70 -7.12 -11.34 -52.46
N ALA F 71 -8.33 -11.36 -51.90
CA ALA F 71 -8.61 -10.69 -50.65
C ALA F 71 -7.85 -11.34 -49.50
N MET F 72 -7.79 -12.68 -49.51
CA MET F 72 -7.12 -13.44 -48.45
C MET F 72 -5.63 -13.15 -48.45
N VAL F 73 -4.98 -13.33 -49.59
CA VAL F 73 -3.55 -13.02 -49.72
C VAL F 73 -3.26 -11.55 -49.45
N GLY F 74 -4.27 -10.70 -49.66
CA GLY F 74 -4.19 -9.30 -49.30
C GLY F 74 -4.01 -9.12 -47.81
N MET F 75 -4.88 -9.77 -47.03
CA MET F 75 -4.82 -9.69 -45.57
C MET F 75 -3.53 -10.26 -45.00
N LEU F 76 -3.04 -11.35 -45.59
CA LEU F 76 -1.77 -11.92 -45.18
C LEU F 76 -0.65 -10.90 -45.35
N ALA F 77 -0.68 -10.19 -46.48
CA ALA F 77 0.27 -9.10 -46.74
C ALA F 77 0.10 -7.97 -45.72
N ASN F 78 -1.15 -7.68 -45.37
CA ASN F 78 -1.44 -6.69 -44.33
C ASN F 78 -0.81 -7.09 -42.99
N PHE F 79 -1.13 -8.31 -42.54
CA PHE F 79 -0.66 -8.77 -41.23
C PHE F 79 0.85 -8.90 -41.16
N LEU F 80 1.47 -9.26 -42.28
CA LEU F 80 2.93 -9.32 -42.36
C LEU F 80 3.53 -7.93 -42.18
N GLY F 81 2.91 -6.93 -42.82
CA GLY F 81 3.33 -5.55 -42.66
C GLY F 81 3.21 -5.06 -41.23
N PHE F 82 2.13 -5.45 -40.55
CA PHE F 82 1.95 -5.09 -39.15
C PHE F 82 2.90 -5.89 -38.26
N ARG F 83 3.13 -7.15 -38.62
CA ARG F 83 4.17 -7.95 -37.96
C ARG F 83 5.53 -7.27 -38.05
N ILE F 84 5.86 -6.76 -39.23
CA ILE F 84 7.15 -6.12 -39.49
C ILE F 84 7.34 -4.83 -38.68
N TYR F 85 6.25 -4.23 -38.22
CA TYR F 85 6.35 -3.11 -37.28
C TYR F 85 6.84 -3.55 -35.89
N GLY F 86 7.03 -4.86 -35.70
CA GLY F 86 7.69 -5.40 -34.53
C GLY F 86 9.16 -5.00 -34.39
N MET F 87 9.70 -4.32 -35.40
CA MET F 87 10.98 -3.60 -35.27
C MET F 87 10.87 -2.45 -34.26
N HIS F 88 9.67 -1.90 -34.11
CA HIS F 88 9.38 -0.82 -33.15
C HIS F 88 10.05 0.50 -33.55
N SER F 89 9.58 1.08 -34.65
CA SER F 89 10.06 2.37 -35.18
C SER F 89 11.50 2.33 -35.71
N GLU F 90 12.00 1.14 -36.02
CA GLU F 90 13.31 0.99 -36.66
C GLU F 90 13.17 0.66 -38.15
N LEU F 91 11.92 0.61 -38.64
CA LEU F 91 11.67 0.33 -40.04
C LEU F 91 12.29 1.40 -40.93
N TRP F 92 12.13 2.65 -40.53
CA TRP F 92 12.71 3.77 -41.26
C TRP F 92 14.22 3.80 -41.05
N GLY F 93 14.68 3.16 -39.98
CA GLY F 93 16.11 2.92 -39.74
C GLY F 93 16.81 2.30 -40.93
N VAL F 94 16.08 1.50 -41.71
CA VAL F 94 16.56 1.05 -43.02
C VAL F 94 16.51 2.26 -43.98
N VAL F 95 17.47 3.16 -43.80
CA VAL F 95 17.46 4.47 -44.42
C VAL F 95 17.99 4.42 -45.86
N HIS F 96 17.09 4.13 -46.79
CA HIS F 96 17.43 4.20 -48.22
C HIS F 96 16.25 4.81 -48.98
N GLY F 97 16.42 6.05 -49.42
CA GLY F 97 15.37 6.79 -50.12
C GLY F 97 14.27 7.24 -49.18
N ALA F 98 13.07 7.41 -49.72
CA ALA F 98 11.92 7.85 -48.93
C ALA F 98 11.37 6.71 -48.08
N THR F 99 10.95 7.05 -46.87
CA THR F 99 10.44 6.08 -45.92
C THR F 99 9.04 5.59 -46.30
N VAL F 100 9.01 4.54 -47.12
CA VAL F 100 7.75 3.93 -47.54
C VAL F 100 8.01 2.50 -48.02
N LEU F 101 7.24 1.55 -47.47
CA LEU F 101 7.38 0.14 -47.81
C LEU F 101 6.06 -0.41 -48.37
N SER F 102 6.18 -1.47 -49.17
CA SER F 102 5.04 -2.07 -49.84
C SER F 102 4.73 -3.46 -49.28
N PRO F 103 3.78 -3.54 -48.32
CA PRO F 103 3.39 -4.82 -47.74
C PRO F 103 3.11 -5.91 -48.77
N THR F 104 2.44 -5.56 -49.87
CA THR F 104 2.13 -6.52 -50.91
C THR F 104 3.38 -6.98 -51.65
N ALA F 105 4.30 -6.05 -51.89
CA ALA F 105 5.58 -6.36 -52.53
C ALA F 105 6.47 -7.17 -51.60
N VAL F 106 6.51 -6.78 -50.34
CA VAL F 106 7.25 -7.50 -49.31
C VAL F 106 6.77 -8.94 -49.27
N PHE F 107 5.48 -9.11 -49.08
CA PHE F 107 4.88 -10.45 -49.04
C PHE F 107 5.24 -11.25 -50.28
N GLY F 108 5.08 -10.62 -51.44
CA GLY F 108 5.37 -11.28 -52.71
C GLY F 108 6.82 -11.70 -52.87
N THR F 109 7.73 -10.76 -52.66
CA THR F 109 9.16 -11.05 -52.76
C THR F 109 9.55 -12.17 -51.80
N LEU F 110 8.91 -12.19 -50.63
CA LEU F 110 9.15 -13.22 -49.63
C LEU F 110 8.54 -14.55 -50.07
N ALA F 111 7.34 -14.47 -50.64
CA ALA F 111 6.62 -15.64 -51.14
C ALA F 111 7.31 -16.29 -52.34
N SER F 112 8.05 -15.48 -53.10
CA SER F 112 8.78 -15.99 -54.27
C SER F 112 10.06 -16.73 -53.86
N LEU F 113 10.66 -16.32 -52.75
CA LEU F 113 11.79 -17.06 -52.18
C LEU F 113 11.32 -18.41 -51.65
N TYR F 114 10.09 -18.43 -51.16
CA TYR F 114 9.46 -19.67 -50.68
C TYR F 114 9.46 -20.77 -51.75
N LEU F 115 9.32 -20.39 -53.02
CA LEU F 115 9.42 -21.35 -54.13
C LEU F 115 10.71 -22.14 -54.05
N GLY F 116 11.82 -21.41 -53.93
CA GLY F 116 13.14 -22.01 -53.76
C GLY F 116 13.40 -22.30 -52.29
N ALA F 117 12.68 -23.27 -51.75
CA ALA F 117 12.80 -23.62 -50.34
C ALA F 117 12.31 -25.03 -50.07
N LEU F 118 13.18 -25.85 -49.48
CA LEU F 118 12.83 -27.21 -49.07
C LEU F 118 12.33 -27.15 -47.63
N ASP F 119 12.14 -28.31 -47.02
CA ASP F 119 11.84 -28.40 -45.59
C ASP F 119 12.78 -27.53 -44.76
N HIS F 120 12.33 -27.16 -43.57
CA HIS F 120 13.01 -26.19 -42.71
C HIS F 120 12.92 -24.76 -43.28
N THR F 121 13.67 -24.49 -44.35
CA THR F 121 13.71 -23.14 -44.93
C THR F 121 12.34 -22.70 -45.45
N ALA F 122 11.67 -23.59 -46.19
CA ALA F 122 10.29 -23.35 -46.61
C ALA F 122 9.36 -23.36 -45.41
N ASP F 123 9.63 -24.25 -44.46
CA ASP F 123 8.83 -24.36 -43.23
C ASP F 123 8.99 -23.15 -42.30
N ARG F 124 10.07 -22.40 -42.46
CA ARG F 124 10.28 -21.15 -41.73
C ARG F 124 9.55 -20.01 -42.42
N LEU F 125 9.83 -19.84 -43.72
CA LEU F 125 9.18 -18.82 -44.54
C LEU F 125 7.65 -18.97 -44.51
N GLN F 126 7.20 -20.22 -44.51
CA GLN F 126 5.79 -20.55 -44.28
C GLN F 126 5.22 -19.71 -43.14
N ALA F 127 5.82 -19.85 -41.96
CA ALA F 127 5.43 -19.04 -40.80
C ALA F 127 5.78 -17.55 -40.94
N ILE F 128 7.00 -17.27 -41.40
CA ILE F 128 7.48 -15.89 -41.53
C ILE F 128 6.72 -15.05 -42.55
N LEU F 129 6.46 -15.65 -43.71
CA LEU F 129 5.71 -15.01 -44.78
C LEU F 129 4.29 -14.77 -44.31
N GLY F 130 3.81 -15.72 -43.52
CA GLY F 130 2.43 -15.80 -43.07
C GLY F 130 1.94 -17.06 -43.74
N VAL F 131 1.83 -18.12 -42.95
CA VAL F 131 1.36 -19.42 -43.47
C VAL F 131 0.23 -19.97 -42.62
N PRO F 132 -0.44 -20.99 -43.14
CA PRO F 132 -0.11 -21.53 -44.46
C PRO F 132 -1.22 -21.26 -45.48
N TRP F 133 -1.79 -20.07 -45.43
CA TRP F 133 -2.85 -19.69 -46.35
C TRP F 133 -4.04 -20.64 -46.24
N LYS F 134 -3.75 -21.93 -46.12
CA LYS F 134 -4.79 -22.94 -46.01
C LYS F 134 -4.71 -23.67 -44.67
N ASP F 135 -3.63 -23.43 -43.94
CA ASP F 135 -3.44 -24.06 -42.64
C ASP F 135 -2.92 -25.48 -42.79
N LYS F 136 -2.36 -25.79 -43.95
CA LYS F 136 -1.83 -27.11 -44.22
C LYS F 136 -0.93 -27.11 -45.46
N ASN F 137 -0.07 -28.12 -45.57
CA ASN F 137 0.87 -28.21 -46.68
C ASN F 137 0.73 -29.52 -47.46
N CYS F 138 -0.48 -29.79 -47.93
CA CYS F 138 -0.74 -31.01 -48.69
C CYS F 138 0.00 -30.97 -50.03
N THR F 139 0.75 -29.89 -50.24
CA THR F 139 1.52 -29.73 -51.47
C THR F 139 0.60 -29.72 -52.69
N SER F 140 0.57 -28.59 -53.39
CA SER F 140 -0.27 -28.45 -54.57
C SER F 140 0.13 -27.24 -55.40
N ARG F 141 -0.75 -26.83 -56.32
CA ARG F 141 -0.48 -25.68 -57.16
C ARG F 141 -0.77 -24.38 -56.44
N LEU F 142 -1.30 -24.49 -55.23
CA LEU F 142 -1.62 -23.31 -54.41
C LEU F 142 -0.40 -22.83 -53.65
N ASP F 143 0.31 -23.77 -53.01
CA ASP F 143 1.50 -23.43 -52.24
C ASP F 143 2.61 -22.90 -53.16
N ALA F 144 2.82 -21.59 -53.13
CA ALA F 144 3.85 -20.96 -53.93
C ALA F 144 3.29 -20.53 -55.29
N HIS F 145 2.58 -21.45 -55.94
CA HIS F 145 1.97 -21.17 -57.25
C HIS F 145 0.62 -20.45 -57.12
N LYS F 146 -0.18 -20.86 -56.14
CA LYS F 146 -1.47 -20.20 -55.87
C LYS F 146 -1.26 -18.82 -55.27
N VAL F 147 -0.39 -18.74 -54.27
CA VAL F 147 -0.09 -17.47 -53.60
C VAL F 147 0.47 -16.43 -54.57
N LEU F 148 1.34 -16.86 -55.49
CA LEU F 148 1.97 -15.94 -56.43
C LEU F 148 0.97 -15.39 -57.44
N SER F 149 0.19 -16.26 -58.06
CA SER F 149 -0.83 -15.85 -59.02
C SER F 149 -2.03 -15.15 -58.36
N ALA F 150 -2.24 -15.42 -57.07
CA ALA F 150 -3.24 -14.69 -56.29
C ALA F 150 -2.77 -13.26 -56.06
N LEU F 151 -1.45 -13.11 -55.88
CA LEU F 151 -0.82 -11.81 -55.64
C LEU F 151 -0.67 -11.02 -56.94
N GLN F 152 -0.63 -11.72 -58.06
CA GLN F 152 -0.76 -11.09 -59.37
C GLN F 152 -2.13 -10.45 -59.46
N ALA F 153 -3.16 -11.21 -59.10
CA ALA F 153 -4.55 -10.75 -59.12
C ALA F 153 -4.74 -9.45 -58.34
N VAL F 154 -4.18 -9.38 -57.14
CA VAL F 154 -4.36 -8.21 -56.27
C VAL F 154 -3.85 -6.91 -56.92
N GLN F 155 -2.84 -7.04 -57.79
CA GLN F 155 -2.32 -5.90 -58.54
C GLN F 155 -3.33 -5.45 -59.58
N GLY F 156 -3.87 -6.40 -60.33
CA GLY F 156 -4.92 -6.11 -61.31
C GLY F 156 -6.17 -5.54 -60.65
N LEU F 157 -6.46 -6.00 -59.45
CA LEU F 157 -7.59 -5.49 -58.66
C LEU F 157 -7.41 -4.01 -58.28
N LEU F 158 -6.18 -3.63 -57.98
CA LEU F 158 -5.86 -2.23 -57.67
C LEU F 158 -6.04 -1.37 -58.91
N VAL F 159 -5.29 -1.69 -59.96
CA VAL F 159 -5.39 -0.96 -61.24
C VAL F 159 -6.56 -1.52 -62.05
N ALA F 160 -7.77 -1.15 -61.66
CA ALA F 160 -8.99 -1.75 -62.22
C ALA F 160 -9.80 -0.75 -63.05
N GLN F 161 -10.51 0.15 -62.35
CA GLN F 161 -11.49 1.05 -62.99
C GLN F 161 -12.64 0.23 -63.61
N GLY F 162 -13.28 -0.58 -62.78
CA GLY F 162 -14.36 -1.46 -63.23
C GLY F 162 -15.54 -0.69 -63.78
N ARG F 163 -16.14 0.14 -62.94
CA ARG F 163 -17.24 1.01 -63.36
C ARG F 163 -16.74 2.23 -64.15
N ALA F 164 -15.45 2.52 -64.04
CA ALA F 164 -14.84 3.66 -64.73
C ALA F 164 -14.70 3.42 -66.24
N ASP F 165 -14.23 2.23 -66.60
CA ASP F 165 -14.01 1.84 -68.02
C ASP F 165 -12.84 2.59 -68.67
N SER F 166 -12.96 3.91 -68.75
CA SER F 166 -11.89 4.77 -69.27
C SER F 166 -10.62 4.67 -68.42
N GLN F 167 -9.56 5.34 -68.86
CA GLN F 167 -8.25 5.25 -68.21
C GLN F 167 -8.32 5.70 -66.75
N ALA F 168 -8.18 4.74 -65.84
CA ALA F 168 -8.27 5.00 -64.39
C ALA F 168 -7.16 5.91 -63.88
N GLN F 169 -6.03 5.95 -64.62
CA GLN F 169 -4.95 6.87 -64.33
C GLN F 169 -3.97 6.38 -63.25
N LEU F 170 -4.36 5.34 -62.50
CA LEU F 170 -3.47 4.71 -61.53
C LEU F 170 -2.70 3.57 -62.19
N LEU F 171 -1.40 3.48 -61.89
CA LEU F 171 -0.55 2.47 -62.49
C LEU F 171 0.24 1.75 -61.40
N LEU F 172 0.47 0.45 -61.59
CA LEU F 172 1.28 -0.34 -60.68
C LEU F 172 2.14 -1.32 -61.47
N SER F 173 3.42 -1.00 -61.61
CA SER F 173 4.38 -1.87 -62.28
C SER F 173 5.23 -2.58 -61.24
N THR F 174 5.53 -3.85 -61.50
CA THR F 174 6.35 -4.66 -60.59
C THR F 174 7.25 -5.59 -61.39
N VAL F 175 8.52 -5.23 -61.52
CA VAL F 175 9.48 -6.02 -62.28
C VAL F 175 10.49 -6.68 -61.35
N VAL F 176 10.56 -8.01 -61.39
CA VAL F 176 11.39 -8.78 -60.47
C VAL F 176 12.72 -9.16 -61.11
N GLY F 177 13.80 -8.51 -60.67
CA GLY F 177 15.14 -8.88 -61.09
C GLY F 177 15.67 -10.03 -60.25
N VAL F 178 16.27 -11.01 -60.90
CA VAL F 178 16.84 -12.17 -60.21
C VAL F 178 18.26 -12.40 -60.71
N PHE F 179 19.19 -11.60 -60.19
CA PHE F 179 20.56 -11.56 -60.70
C PHE F 179 21.45 -12.60 -60.04
N THR F 180 21.75 -13.66 -60.78
CA THR F 180 22.59 -14.75 -60.29
C THR F 180 24.06 -14.50 -60.65
N ALA F 181 24.94 -15.30 -60.04
CA ALA F 181 26.38 -15.21 -60.31
C ALA F 181 26.71 -15.94 -61.62
N PRO F 182 27.96 -15.81 -62.09
CA PRO F 182 28.34 -16.49 -63.32
C PRO F 182 28.43 -18.01 -63.12
N GLY F 183 27.81 -18.76 -64.02
CA GLY F 183 27.81 -20.22 -63.92
C GLY F 183 26.81 -20.76 -62.91
N LEU F 184 25.80 -19.96 -62.57
CA LEU F 184 24.73 -20.41 -61.69
C LEU F 184 23.53 -20.85 -62.53
N HIS F 185 23.40 -22.16 -62.71
CA HIS F 185 22.34 -22.73 -63.54
C HIS F 185 21.04 -22.76 -62.74
N LEU F 186 20.29 -21.66 -62.76
CA LEU F 186 19.03 -21.59 -62.03
C LEU F 186 17.93 -22.37 -62.78
N LYS F 187 17.05 -23.01 -62.01
CA LYS F 187 16.09 -23.97 -62.56
C LYS F 187 14.89 -23.33 -63.26
N GLN F 188 14.33 -24.07 -64.21
CA GLN F 188 13.21 -23.59 -65.03
C GLN F 188 11.88 -23.42 -64.27
N PRO F 189 11.36 -24.49 -63.64
CA PRO F 189 10.03 -24.41 -63.02
C PRO F 189 9.89 -23.31 -61.97
N PHE F 190 10.99 -22.96 -61.31
CA PHE F 190 11.04 -21.81 -60.40
C PHE F 190 10.71 -20.52 -61.14
N VAL F 191 11.29 -20.36 -62.33
CA VAL F 191 11.11 -19.14 -63.12
C VAL F 191 9.66 -19.02 -63.62
N GLN F 192 9.04 -20.15 -63.92
CA GLN F 192 7.62 -20.16 -64.29
C GLN F 192 6.75 -19.77 -63.10
N GLY F 193 7.20 -20.14 -61.89
CA GLY F 193 6.55 -19.69 -60.67
C GLY F 193 6.59 -18.18 -60.54
N LEU F 194 7.76 -17.58 -60.76
CA LEU F 194 7.91 -16.13 -60.76
C LEU F 194 7.02 -15.48 -61.82
N ALA F 195 6.84 -16.15 -62.94
CA ALA F 195 5.97 -15.67 -64.01
C ALA F 195 4.53 -15.47 -63.54
N LEU F 196 4.08 -16.33 -62.62
CA LEU F 196 2.74 -16.21 -62.05
C LEU F 196 2.59 -14.94 -61.22
N TYR F 197 3.66 -14.58 -60.50
CA TYR F 197 3.65 -13.38 -59.64
C TYR F 197 3.69 -12.11 -60.47
N THR F 198 4.61 -12.07 -61.44
CA THR F 198 4.72 -10.92 -62.34
C THR F 198 5.16 -11.37 -63.73
N PRO F 199 4.63 -10.71 -64.77
CA PRO F 199 5.10 -10.99 -66.12
C PRO F 199 6.56 -10.61 -66.34
N VAL F 200 6.95 -9.45 -65.83
CA VAL F 200 8.31 -8.96 -66.01
C VAL F 200 9.26 -9.63 -65.03
N VAL F 201 9.74 -10.81 -65.40
CA VAL F 201 10.75 -11.54 -64.64
C VAL F 201 12.05 -11.50 -65.44
N LEU F 202 13.06 -10.85 -64.88
CA LEU F 202 14.31 -10.59 -65.60
C LEU F 202 15.53 -11.21 -64.93
N PRO F 203 15.73 -12.53 -65.12
CA PRO F 203 16.97 -13.16 -64.69
C PRO F 203 18.10 -12.87 -65.66
N ARG F 204 19.22 -12.38 -65.13
CA ARG F 204 20.39 -12.04 -65.96
C ARG F 204 21.66 -12.09 -65.10
N SER F 205 22.72 -12.72 -65.63
CA SER F 205 23.94 -12.98 -64.84
C SER F 205 24.76 -11.72 -64.58
N LEU F 206 25.65 -11.80 -63.59
CA LEU F 206 26.49 -10.67 -63.19
C LEU F 206 27.70 -11.16 -62.39
N ASP F 207 28.82 -10.44 -62.52
CA ASP F 207 30.05 -10.77 -61.80
C ASP F 207 30.08 -10.04 -60.46
N PHE F 208 29.80 -10.78 -59.38
CA PHE F 208 29.68 -10.20 -58.04
C PHE F 208 31.01 -10.04 -57.29
N THR F 209 32.08 -10.62 -57.84
CA THR F 209 33.41 -10.48 -57.24
C THR F 209 33.80 -9.01 -57.14
N GLU F 210 33.47 -8.23 -58.16
CA GLU F 210 33.60 -6.77 -58.12
C GLU F 210 32.24 -6.17 -57.77
N LEU F 211 32.07 -5.79 -56.51
CA LEU F 211 30.80 -5.20 -56.03
C LEU F 211 30.60 -3.79 -56.59
N ASP F 212 31.67 -3.01 -56.63
CA ASP F 212 31.63 -1.65 -57.17
C ASP F 212 31.16 -1.65 -58.62
N VAL F 213 31.74 -2.54 -59.42
CA VAL F 213 31.41 -2.66 -60.84
C VAL F 213 30.02 -3.29 -61.06
N ALA F 214 29.64 -4.20 -60.17
CA ALA F 214 28.33 -4.83 -60.23
C ALA F 214 27.23 -3.84 -59.87
N ALA F 215 27.42 -3.13 -58.75
CA ALA F 215 26.43 -2.17 -58.24
C ALA F 215 26.11 -1.06 -59.24
N GLU F 216 27.15 -0.54 -59.91
CA GLU F 216 26.97 0.53 -60.89
C GLU F 216 26.30 0.03 -62.17
N LYS F 217 26.64 -1.20 -62.58
CA LYS F 217 26.03 -1.81 -63.76
C LYS F 217 24.60 -2.30 -63.50
N ILE F 218 24.34 -2.78 -62.28
CA ILE F 218 23.02 -3.25 -61.90
C ILE F 218 21.99 -2.10 -61.91
N ASP F 219 22.45 -0.90 -61.54
CA ASP F 219 21.63 0.31 -61.63
C ASP F 219 21.45 0.73 -63.10
N ARG F 220 22.54 0.70 -63.86
CA ARG F 220 22.51 1.06 -65.29
C ARG F 220 21.59 0.16 -66.10
N PHE F 221 21.49 -1.11 -65.71
CA PHE F 221 20.63 -2.08 -66.39
C PHE F 221 19.16 -1.79 -66.10
N MET F 222 18.80 -1.78 -64.82
CA MET F 222 17.41 -1.63 -64.40
C MET F 222 16.82 -0.29 -64.85
N GLN F 223 17.51 0.80 -64.57
CA GLN F 223 17.04 2.13 -64.96
C GLN F 223 16.88 2.23 -66.48
N ALA F 224 17.72 1.51 -67.21
CA ALA F 224 17.59 1.40 -68.66
C ALA F 224 16.36 0.56 -69.04
N VAL F 225 16.19 -0.58 -68.37
CA VAL F 225 15.09 -1.49 -68.68
C VAL F 225 13.75 -0.95 -68.18
N THR F 226 13.73 -0.47 -66.95
CA THR F 226 12.48 0.01 -66.33
C THR F 226 12.12 1.40 -66.85
N GLY F 227 13.03 2.35 -66.64
CA GLY F 227 12.79 3.74 -67.00
C GLY F 227 12.39 4.60 -65.81
N TRP F 228 12.91 4.26 -64.62
CA TRP F 228 12.75 5.11 -63.45
C TRP F 228 13.93 4.95 -62.47
N LYS F 229 14.40 6.08 -61.94
CA LYS F 229 15.56 6.10 -61.06
C LYS F 229 15.28 5.43 -59.72
N THR F 230 15.91 4.28 -59.49
CA THR F 230 15.81 3.57 -58.22
C THR F 230 16.90 4.01 -57.27
N GLY F 231 16.59 4.05 -55.97
CA GLY F 231 17.50 4.55 -54.95
C GLY F 231 18.68 3.61 -54.71
N CYS F 232 19.63 3.63 -55.64
CA CYS F 232 20.83 2.77 -55.61
C CYS F 232 20.48 1.27 -55.68
N SER F 233 21.51 0.44 -55.74
CA SER F 233 21.33 -1.01 -55.76
C SER F 233 22.63 -1.73 -55.39
N LEU F 234 22.48 -2.95 -54.87
CA LEU F 234 23.60 -3.75 -54.36
C LEU F 234 24.30 -3.08 -53.16
N MET F 235 23.52 -2.32 -52.38
CA MET F 235 24.04 -1.66 -51.19
C MET F 235 24.06 -2.64 -50.04
N GLY F 236 25.21 -2.76 -49.38
CA GLY F 236 25.37 -3.67 -48.24
C GLY F 236 25.37 -5.14 -48.63
N ALA F 237 25.76 -5.41 -49.88
CA ALA F 237 25.88 -6.78 -50.37
C ALA F 237 27.33 -7.23 -50.20
N SER F 238 27.52 -8.46 -49.73
CA SER F 238 28.86 -9.00 -49.52
C SER F 238 29.56 -9.33 -50.83
N VAL F 239 30.88 -9.44 -50.79
CA VAL F 239 31.69 -9.77 -51.97
C VAL F 239 31.49 -11.24 -52.35
N ASP F 240 31.49 -12.11 -51.34
CA ASP F 240 31.33 -13.55 -51.53
C ASP F 240 29.84 -13.93 -51.61
N SER F 241 29.18 -13.47 -52.67
CA SER F 241 27.75 -13.72 -52.87
C SER F 241 27.48 -14.19 -54.30
N THR F 242 26.24 -14.65 -54.55
CA THR F 242 25.85 -15.15 -55.88
C THR F 242 24.50 -14.58 -56.32
N LEU F 243 23.46 -14.88 -55.54
CA LEU F 243 22.08 -14.50 -55.89
C LEU F 243 21.75 -13.09 -55.42
N ALA F 244 20.89 -12.39 -56.17
CA ALA F 244 20.44 -11.06 -55.81
C ALA F 244 18.99 -10.84 -56.25
N PHE F 245 18.06 -11.33 -55.44
CA PHE F 245 16.64 -11.32 -55.78
C PHE F 245 16.02 -9.96 -55.47
N ASN F 246 15.95 -9.09 -56.48
CA ASN F 246 15.47 -7.73 -56.27
C ASN F 246 14.16 -7.43 -57.00
N THR F 247 13.11 -7.16 -56.22
CA THR F 247 11.83 -6.73 -56.79
C THR F 247 11.84 -5.21 -56.96
N TYR F 248 11.38 -4.74 -58.11
CA TYR F 248 11.29 -3.30 -58.39
C TYR F 248 9.84 -2.91 -58.69
N VAL F 249 9.27 -2.04 -57.86
CA VAL F 249 7.89 -1.59 -58.03
C VAL F 249 7.80 -0.09 -58.32
N HIS F 250 6.79 0.31 -59.10
CA HIS F 250 6.57 1.71 -59.46
C HIS F 250 5.08 2.03 -59.40
N PHE F 251 4.72 2.99 -58.54
CA PHE F 251 3.32 3.38 -58.36
C PHE F 251 3.02 4.75 -58.95
N GLN F 252 2.05 4.79 -59.86
CA GLN F 252 1.51 6.04 -60.39
C GLN F 252 0.14 6.24 -59.76
N GLY F 253 -0.16 7.46 -59.31
CA GLY F 253 -1.42 7.76 -58.63
C GLY F 253 -1.96 9.14 -58.97
N LYS F 254 -2.71 9.23 -60.06
CA LYS F 254 -3.29 10.49 -60.50
C LYS F 254 -4.58 10.80 -59.73
N MET F 255 -4.68 12.03 -59.23
CA MET F 255 -5.85 12.45 -58.46
C MET F 255 -6.60 13.55 -59.22
N LYS F 256 -7.83 13.25 -59.65
CA LYS F 256 -8.65 14.23 -60.35
C LYS F 256 -9.19 15.27 -59.37
N GLY F 257 -9.24 16.52 -59.82
CA GLY F 257 -9.60 17.64 -58.97
C GLY F 257 -8.42 18.16 -58.18
N PHE F 258 -7.23 18.04 -58.75
CA PHE F 258 -5.99 18.51 -58.11
C PHE F 258 -5.10 19.21 -59.14
N SER F 259 -4.19 20.05 -58.63
CA SER F 259 -3.29 20.82 -59.49
C SER F 259 -1.98 21.13 -58.78
N LEU F 260 -0.87 21.09 -59.52
CA LEU F 260 0.44 21.43 -58.99
C LEU F 260 0.60 22.95 -58.95
N LEU F 261 1.13 23.45 -57.84
CA LEU F 261 1.28 24.90 -57.62
C LEU F 261 2.67 25.38 -58.00
N ALA F 262 2.73 26.48 -58.75
CA ALA F 262 4.00 27.13 -59.08
C ALA F 262 4.61 27.80 -57.85
N GLU F 263 3.75 28.26 -56.94
CA GLU F 263 4.19 28.89 -55.69
C GLU F 263 4.21 27.85 -54.58
N PRO F 264 5.38 27.66 -53.93
CA PRO F 264 5.48 26.67 -52.85
C PRO F 264 4.96 27.20 -51.52
N GLN F 265 4.15 26.40 -50.83
CA GLN F 265 3.60 26.76 -49.52
C GLN F 265 4.62 26.55 -48.40
N GLU F 266 5.58 25.65 -48.63
CA GLU F 266 6.62 25.30 -47.67
C GLU F 266 6.08 24.49 -46.49
N PHE F 267 6.97 23.76 -45.81
CA PHE F 267 6.58 22.88 -44.71
C PHE F 267 7.58 22.96 -43.56
N TRP F 268 7.15 22.46 -42.40
CA TRP F 268 7.98 22.41 -41.20
C TRP F 268 8.15 20.97 -40.74
N VAL F 269 9.32 20.39 -41.00
CA VAL F 269 9.62 19.04 -40.52
C VAL F 269 9.62 19.01 -38.99
N ASP F 270 9.98 20.13 -38.38
CA ASP F 270 9.80 20.36 -36.94
C ASP F 270 9.52 21.83 -36.68
N ASN F 271 9.00 22.13 -35.49
CA ASN F 271 8.59 23.48 -35.12
C ASN F 271 9.60 24.60 -35.42
N SER F 272 10.89 24.27 -35.37
CA SER F 272 11.96 25.24 -35.63
C SER F 272 12.27 25.40 -37.11
N THR F 273 12.57 24.28 -37.79
CA THR F 273 13.07 24.32 -39.16
C THR F 273 11.95 24.40 -40.21
N SER F 274 12.30 24.95 -41.37
CA SER F 274 11.37 25.08 -42.51
C SER F 274 11.99 24.50 -43.78
N VAL F 275 11.14 24.20 -44.76
CA VAL F 275 11.59 23.60 -46.03
C VAL F 275 10.79 24.13 -47.22
N SER F 276 11.50 24.56 -48.26
CA SER F 276 10.87 24.99 -49.50
C SER F 276 10.46 23.77 -50.32
N VAL F 277 9.15 23.60 -50.52
CA VAL F 277 8.60 22.37 -51.11
C VAL F 277 7.30 22.63 -51.90
N PRO F 278 7.02 21.83 -52.95
CA PRO F 278 5.80 21.97 -53.75
C PRO F 278 4.51 21.58 -53.01
N MET F 279 3.39 21.67 -53.70
CA MET F 279 2.07 21.41 -53.11
C MET F 279 1.07 20.87 -54.12
N LEU F 280 -0.07 20.40 -53.62
CA LEU F 280 -1.19 19.94 -54.45
C LEU F 280 -2.52 20.31 -53.81
N SER F 281 -3.16 21.36 -54.33
CA SER F 281 -4.45 21.82 -53.81
C SER F 281 -5.58 20.92 -54.29
N GLY F 282 -6.52 20.62 -53.39
CA GLY F 282 -7.61 19.69 -53.68
C GLY F 282 -8.96 20.19 -53.22
N MET F 283 -9.92 20.25 -54.14
CA MET F 283 -11.27 20.71 -53.84
C MET F 283 -12.26 19.58 -54.10
N GLY F 284 -12.98 19.16 -53.06
CA GLY F 284 -13.95 18.07 -53.19
C GLY F 284 -14.52 17.58 -51.87
N THR F 285 -15.67 16.92 -51.95
CA THR F 285 -16.35 16.40 -50.77
C THR F 285 -15.97 14.93 -50.55
N PHE F 286 -14.95 14.70 -49.72
CA PHE F 286 -14.44 13.36 -49.45
C PHE F 286 -14.97 12.82 -48.13
N GLN F 287 -14.59 11.59 -47.79
CA GLN F 287 -14.94 11.00 -46.50
C GLN F 287 -13.80 11.19 -45.51
N HIS F 288 -14.15 11.50 -44.25
CA HIS F 288 -13.16 11.81 -43.23
C HIS F 288 -13.81 11.86 -41.84
N TRP F 289 -13.18 11.23 -40.88
CA TRP F 289 -13.68 11.19 -39.49
C TRP F 289 -12.51 11.12 -38.50
N SER F 290 -12.56 11.99 -37.49
CA SER F 290 -11.45 12.18 -36.56
C SER F 290 -11.73 11.53 -35.20
N ASP F 291 -10.89 10.57 -34.82
CA ASP F 291 -11.02 9.89 -33.53
C ASP F 291 -10.46 10.78 -32.42
N ILE F 292 -11.34 11.18 -31.50
CA ILE F 292 -10.95 12.06 -30.39
C ILE F 292 -10.39 11.31 -29.17
N GLN F 293 -10.48 9.97 -29.19
CA GLN F 293 -9.98 9.14 -28.10
C GLN F 293 -8.46 9.18 -28.04
N ASP F 294 -7.82 8.86 -29.15
CA ASP F 294 -6.36 8.91 -29.26
C ASP F 294 -5.92 10.14 -30.08
N ASN F 295 -6.85 11.05 -30.34
CA ASN F 295 -6.61 12.24 -31.16
C ASN F 295 -6.07 11.90 -32.54
N PHE F 296 -6.99 11.70 -33.48
CA PHE F 296 -6.67 11.20 -34.82
C PHE F 296 -7.44 12.01 -35.86
N SER F 297 -7.11 11.79 -37.14
CA SER F 297 -7.83 12.41 -38.25
C SER F 297 -7.29 11.89 -39.58
N VAL F 298 -8.17 11.32 -40.41
CA VAL F 298 -7.76 10.73 -41.69
C VAL F 298 -8.71 11.06 -42.83
N THR F 299 -8.18 11.71 -43.86
CA THR F 299 -8.93 12.00 -45.09
C THR F 299 -8.45 11.11 -46.23
N GLN F 300 -9.22 11.06 -47.31
CA GLN F 300 -8.87 10.22 -48.47
C GLN F 300 -9.22 10.88 -49.81
N VAL F 301 -8.63 10.34 -50.88
CA VAL F 301 -8.90 10.79 -52.25
C VAL F 301 -8.99 9.55 -53.17
N PRO F 302 -10.13 8.84 -53.12
CA PRO F 302 -10.33 7.54 -53.77
C PRO F 302 -9.93 7.44 -55.25
N PHE F 303 -9.46 6.26 -55.64
CA PHE F 303 -9.25 5.91 -57.04
C PHE F 303 -10.26 4.82 -57.40
N THR F 304 -11.44 5.25 -57.86
CA THR F 304 -12.55 4.35 -58.21
C THR F 304 -13.06 3.54 -57.01
N GLU F 305 -12.98 4.11 -55.81
CA GLU F 305 -13.34 3.45 -54.55
C GLU F 305 -12.49 2.19 -54.29
N SER F 306 -12.55 1.23 -55.21
CA SER F 306 -11.69 0.05 -55.17
C SER F 306 -10.35 0.39 -54.51
N ALA F 307 -9.61 1.33 -55.11
CA ALA F 307 -8.37 1.83 -54.53
C ALA F 307 -8.62 3.16 -53.83
N CYS F 308 -7.95 3.36 -52.70
CA CYS F 308 -8.13 4.57 -51.89
C CYS F 308 -6.82 4.99 -51.24
N LEU F 309 -6.42 6.24 -51.47
CA LEU F 309 -5.28 6.82 -50.78
C LEU F 309 -5.73 7.41 -49.45
N LEU F 310 -5.38 6.76 -48.36
CA LEU F 310 -5.71 7.24 -47.02
C LEU F 310 -4.56 8.08 -46.48
N LEU F 311 -4.86 9.32 -46.10
CA LEU F 311 -3.86 10.23 -45.54
C LEU F 311 -4.06 10.38 -44.03
N ILE F 312 -3.21 9.71 -43.26
CA ILE F 312 -3.33 9.72 -41.80
C ILE F 312 -2.68 10.97 -41.23
N GLN F 313 -3.51 11.87 -40.69
CA GLN F 313 -3.03 13.11 -40.09
C GLN F 313 -3.06 13.01 -38.56
N PRO F 314 -1.90 13.26 -37.92
CA PRO F 314 -1.85 13.27 -36.46
C PRO F 314 -2.47 14.56 -35.94
N HIS F 315 -3.50 14.43 -35.10
CA HIS F 315 -4.31 15.57 -34.69
C HIS F 315 -3.43 16.70 -34.15
N TYR F 316 -2.60 16.39 -33.16
CA TYR F 316 -1.65 17.36 -32.62
C TYR F 316 -0.40 17.46 -33.47
N ALA F 317 0.04 16.33 -34.03
CA ALA F 317 1.25 16.28 -34.86
C ALA F 317 2.53 16.49 -34.05
N SER F 318 2.44 16.32 -32.73
CA SER F 318 3.59 16.48 -31.85
C SER F 318 4.38 15.18 -31.82
N ASP F 319 3.70 14.09 -31.47
CA ASP F 319 4.30 12.77 -31.40
C ASP F 319 3.72 11.86 -32.49
N LEU F 320 4.47 11.68 -33.58
CA LEU F 320 4.04 10.80 -34.65
C LEU F 320 4.30 9.34 -34.29
N ASP F 321 5.53 9.06 -33.85
CA ASP F 321 5.96 7.70 -33.51
C ASP F 321 4.91 6.94 -32.69
N LYS F 322 4.21 7.66 -31.81
CA LYS F 322 3.12 7.09 -31.03
C LYS F 322 1.85 6.93 -31.87
N VAL F 323 1.51 7.98 -32.63
CA VAL F 323 0.31 7.98 -33.47
C VAL F 323 0.47 7.06 -34.67
N GLU F 324 1.62 7.17 -35.34
CA GLU F 324 1.97 6.32 -36.48
C GLU F 324 1.97 4.84 -36.11
N GLY F 325 2.31 4.53 -34.86
CA GLY F 325 2.20 3.17 -34.34
C GLY F 325 0.80 2.61 -34.48
N LEU F 326 -0.21 3.48 -34.34
CA LEU F 326 -1.61 3.09 -34.51
C LEU F 326 -2.04 3.10 -35.98
N THR F 327 -1.08 3.24 -36.91
CA THR F 327 -1.34 3.10 -38.34
C THR F 327 -0.68 1.85 -38.90
N PHE F 328 -0.08 1.05 -38.01
CA PHE F 328 0.40 -0.30 -38.34
C PHE F 328 -0.21 -1.30 -37.35
N GLN F 329 -1.26 -0.89 -36.65
CA GLN F 329 -1.85 -1.66 -35.54
C GLN F 329 -2.92 -2.65 -36.03
N GLN F 330 -2.48 -3.86 -36.35
CA GLN F 330 -3.37 -5.01 -36.62
C GLN F 330 -4.72 -4.65 -37.27
N ASN F 331 -5.81 -5.05 -36.63
CA ASN F 331 -7.15 -4.93 -37.22
C ASN F 331 -7.75 -3.53 -37.20
N SER F 332 -7.14 -2.62 -36.44
CA SER F 332 -7.70 -1.28 -36.24
C SER F 332 -7.62 -0.41 -37.50
N LEU F 333 -6.49 -0.43 -38.20
CA LEU F 333 -6.29 0.46 -39.36
C LEU F 333 -7.30 0.17 -40.46
N ASN F 334 -7.65 -1.10 -40.60
CA ASN F 334 -8.62 -1.53 -41.61
C ASN F 334 -10.04 -1.22 -41.17
N TRP F 335 -10.32 -1.44 -39.88
CA TRP F 335 -11.65 -1.20 -39.33
C TRP F 335 -11.95 0.30 -39.19
N MET F 336 -10.93 1.15 -39.32
CA MET F 336 -11.14 2.59 -39.50
C MET F 336 -11.89 2.81 -40.80
N LYS F 337 -13.22 2.78 -40.74
CA LYS F 337 -14.06 2.85 -41.95
C LYS F 337 -15.51 3.26 -41.64
N LYS F 338 -15.65 4.39 -40.95
CA LYS F 338 -16.96 4.97 -40.64
C LYS F 338 -17.69 5.50 -41.89
N LEU F 339 -16.93 5.92 -42.89
CA LEU F 339 -17.47 6.49 -44.13
C LEU F 339 -18.36 7.71 -43.88
N SER F 340 -17.80 8.68 -43.16
CA SER F 340 -18.49 9.95 -42.89
C SER F 340 -18.02 11.01 -43.88
N PRO F 341 -18.89 11.43 -44.82
CA PRO F 341 -18.51 12.40 -45.84
C PRO F 341 -18.45 13.83 -45.29
N ARG F 342 -17.61 14.66 -45.90
CA ARG F 342 -17.50 16.08 -45.51
C ARG F 342 -16.81 16.89 -46.61
N THR F 343 -17.14 18.18 -46.67
CA THR F 343 -16.48 19.11 -47.58
C THR F 343 -15.10 19.46 -47.04
N ILE F 344 -14.05 19.06 -47.77
CA ILE F 344 -12.68 19.24 -47.32
C ILE F 344 -11.83 19.92 -48.39
N HIS F 345 -11.04 20.91 -47.98
CA HIS F 345 -10.03 21.52 -48.84
C HIS F 345 -8.71 20.80 -48.61
N LEU F 346 -8.39 19.86 -49.49
CA LEU F 346 -7.19 19.04 -49.34
C LEU F 346 -5.96 19.83 -49.78
N THR F 347 -4.89 19.72 -49.01
CA THR F 347 -3.64 20.41 -49.28
C THR F 347 -2.46 19.57 -48.76
N MET F 348 -1.63 19.10 -49.68
CA MET F 348 -0.52 18.19 -49.34
C MET F 348 0.66 18.39 -50.29
N PRO F 349 1.88 18.04 -49.83
CA PRO F 349 3.05 18.21 -50.69
C PRO F 349 3.05 17.27 -51.89
N GLN F 350 3.65 17.71 -53.00
CA GLN F 350 3.75 16.90 -54.20
C GLN F 350 4.77 15.79 -53.98
N LEU F 351 4.32 14.54 -54.05
CA LEU F 351 5.14 13.38 -53.70
C LEU F 351 5.71 12.70 -54.93
N VAL F 352 7.04 12.69 -55.02
CA VAL F 352 7.76 11.98 -56.10
C VAL F 352 9.10 11.48 -55.55
N LEU F 353 9.08 10.35 -54.87
CA LEU F 353 10.27 9.84 -54.19
C LEU F 353 10.49 8.34 -54.39
N GLN F 354 11.76 7.95 -54.43
CA GLN F 354 12.18 6.55 -54.50
C GLN F 354 12.18 5.92 -53.11
N GLY F 355 12.64 4.69 -53.00
CA GLY F 355 12.74 4.03 -51.70
C GLY F 355 13.16 2.58 -51.79
N SER F 356 14.36 2.27 -51.30
CA SER F 356 14.88 0.90 -51.26
C SER F 356 14.90 0.39 -49.82
N TYR F 357 14.74 -0.92 -49.66
CA TYR F 357 14.92 -1.57 -48.36
C TYR F 357 15.15 -3.06 -48.54
N ASP F 358 16.20 -3.58 -47.92
CA ASP F 358 16.55 -4.98 -48.04
C ASP F 358 15.71 -5.77 -47.04
N LEU F 359 15.03 -6.82 -47.52
CA LEU F 359 14.16 -7.64 -46.67
C LEU F 359 14.90 -8.27 -45.50
N GLN F 360 16.16 -8.66 -45.74
CA GLN F 360 16.99 -9.27 -44.69
C GLN F 360 17.37 -8.28 -43.59
N ASP F 361 17.44 -7.00 -43.92
CA ASP F 361 17.60 -5.94 -42.92
C ASP F 361 16.24 -5.54 -42.35
N LEU F 362 15.22 -5.61 -43.18
CA LEU F 362 13.85 -5.26 -42.80
C LEU F 362 13.26 -6.26 -41.81
N LEU F 363 13.57 -7.54 -42.01
CA LEU F 363 13.14 -8.60 -41.09
C LEU F 363 14.33 -9.14 -40.29
N ALA F 364 14.12 -9.34 -38.99
CA ALA F 364 15.19 -9.83 -38.11
C ALA F 364 14.69 -10.14 -36.70
N GLN F 365 15.49 -10.91 -35.96
CA GLN F 365 15.25 -11.24 -34.54
C GLN F 365 13.97 -12.05 -34.29
N ALA F 366 12.80 -11.43 -34.47
CA ALA F 366 11.52 -12.12 -34.27
C ALA F 366 11.37 -13.23 -35.31
N GLU F 367 11.75 -12.93 -36.56
CA GLU F 367 11.75 -13.90 -37.65
C GLU F 367 13.17 -14.30 -38.09
N LEU F 368 14.14 -13.40 -37.85
CA LEU F 368 15.56 -13.63 -38.17
C LEU F 368 15.83 -14.37 -39.49
N PRO F 369 15.31 -13.83 -40.61
CA PRO F 369 15.52 -14.49 -41.89
C PRO F 369 16.93 -14.30 -42.44
N ALA F 370 17.57 -13.18 -42.10
CA ALA F 370 18.95 -12.93 -42.51
C ALA F 370 19.81 -14.18 -42.33
N ILE F 371 19.66 -14.84 -41.18
CA ILE F 371 20.34 -16.10 -40.89
C ILE F 371 19.80 -17.20 -41.79
N LEU F 372 18.49 -17.29 -41.89
CA LEU F 372 17.80 -18.28 -42.72
C LEU F 372 18.10 -18.15 -44.22
N HIS F 373 18.42 -16.93 -44.66
CA HIS F 373 18.73 -16.69 -46.07
C HIS F 373 20.09 -17.29 -46.44
N THR F 374 21.10 -17.00 -45.63
CA THR F 374 22.45 -17.54 -45.84
C THR F 374 22.59 -19.00 -45.40
N GLU F 375 21.47 -19.61 -45.00
CA GLU F 375 21.41 -21.06 -44.74
C GLU F 375 21.33 -21.82 -46.07
N LEU F 376 21.87 -23.04 -46.06
CA LEU F 376 22.07 -23.84 -47.27
C LEU F 376 20.78 -24.20 -48.04
N ASN F 377 19.68 -24.39 -47.33
CA ASN F 377 18.50 -25.03 -47.91
C ASN F 377 17.66 -24.12 -48.82
N LEU F 378 17.83 -24.29 -50.13
CA LEU F 378 17.00 -23.61 -51.14
C LEU F 378 16.61 -24.60 -52.25
N GLN F 379 17.62 -25.13 -52.93
CA GLN F 379 17.44 -26.17 -53.94
C GLN F 379 16.54 -25.74 -55.11
N LYS F 380 15.23 -25.78 -54.88
CA LYS F 380 14.24 -25.59 -55.95
C LYS F 380 14.53 -24.39 -56.84
N LEU F 381 15.27 -23.41 -56.31
CA LEU F 381 15.87 -22.35 -57.12
C LEU F 381 17.31 -22.71 -57.41
N SER F 382 18.06 -23.00 -56.35
CA SER F 382 19.52 -23.14 -56.42
C SER F 382 19.98 -24.52 -56.85
N ASN F 383 20.53 -24.63 -58.05
CA ASN F 383 21.22 -25.85 -58.45
C ASN F 383 22.61 -25.86 -57.80
N ASP F 384 23.32 -24.75 -57.97
CA ASP F 384 24.65 -24.57 -57.38
C ASP F 384 24.54 -23.88 -56.02
N ARG F 385 25.68 -23.43 -55.47
CA ARG F 385 25.70 -22.77 -54.16
C ARG F 385 25.09 -21.37 -54.22
N ILE F 386 24.07 -21.14 -53.41
CA ILE F 386 23.45 -19.81 -53.27
C ILE F 386 23.87 -19.14 -51.97
N ARG F 387 24.36 -17.90 -52.07
CA ARG F 387 24.63 -17.06 -50.91
C ARG F 387 24.19 -15.64 -51.23
N VAL F 388 22.98 -15.30 -50.80
CA VAL F 388 22.35 -14.03 -51.18
C VAL F 388 23.07 -12.81 -50.61
N GLY F 389 23.33 -11.83 -51.47
CA GLY F 389 23.92 -10.55 -51.08
C GLY F 389 22.87 -9.58 -50.62
N GLU F 390 21.78 -9.49 -51.38
CA GLU F 390 20.61 -8.70 -50.96
C GLU F 390 19.33 -9.18 -51.64
N VAL F 391 18.22 -9.04 -50.91
CA VAL F 391 16.89 -9.32 -51.43
C VAL F 391 16.07 -8.04 -51.31
N LEU F 392 16.22 -7.18 -52.32
CA LEU F 392 15.78 -5.79 -52.23
C LEU F 392 14.36 -5.57 -52.73
N ASN F 393 13.63 -4.69 -52.04
CA ASN F 393 12.37 -4.14 -52.53
C ASN F 393 12.57 -2.65 -52.76
N SER F 394 12.46 -2.22 -54.01
CA SER F 394 12.60 -0.80 -54.34
C SER F 394 11.29 -0.27 -54.90
N ILE F 395 10.80 0.82 -54.31
CA ILE F 395 9.54 1.43 -54.74
C ILE F 395 9.80 2.81 -55.36
N PHE F 396 8.93 3.20 -56.28
CA PHE F 396 8.96 4.54 -56.86
C PHE F 396 7.54 5.10 -56.81
N PHE F 397 7.19 5.66 -55.65
CA PHE F 397 5.83 6.15 -55.40
C PHE F 397 5.67 7.54 -56.01
N GLU F 398 4.60 7.72 -56.78
CA GLU F 398 4.38 8.97 -57.51
C GLU F 398 2.90 9.36 -57.48
N LEU F 399 2.64 10.61 -57.10
CA LEU F 399 1.28 11.16 -57.08
C LEU F 399 1.17 12.32 -58.06
N GLU F 400 0.05 12.37 -58.79
CA GLU F 400 -0.13 13.31 -59.90
C GLU F 400 -1.52 13.94 -59.89
N ALA F 401 -1.76 14.87 -60.80
CA ALA F 401 -3.04 15.57 -60.92
C ALA F 401 -3.48 15.70 -62.38
N ASP F 402 -4.79 15.78 -62.60
CA ASP F 402 -5.36 15.84 -63.96
C ASP F 402 -6.28 17.04 -64.17
N GLU F 403 -5.97 18.16 -63.52
CA GLU F 403 -6.80 19.38 -63.57
C GLU F 403 -8.25 19.10 -63.18
N PRO F 416 -20.28 26.59 -49.51
CA PRO F 416 -20.85 27.28 -48.34
C PRO F 416 -19.99 27.14 -47.08
N GLU F 417 -19.39 25.97 -46.89
CA GLU F 417 -18.48 25.74 -45.76
C GLU F 417 -17.51 24.58 -46.08
N VAL F 418 -16.28 24.69 -45.57
CA VAL F 418 -15.24 23.70 -45.84
C VAL F 418 -14.35 23.47 -44.62
N LEU F 419 -13.49 22.45 -44.72
CA LEU F 419 -12.50 22.14 -43.69
C LEU F 419 -11.10 22.19 -44.32
N GLU F 420 -10.29 23.16 -43.89
CA GLU F 420 -8.98 23.40 -44.47
C GLU F 420 -7.94 22.43 -43.92
N VAL F 421 -7.89 21.24 -44.52
CA VAL F 421 -6.98 20.17 -44.07
C VAL F 421 -5.61 20.28 -44.74
N THR F 422 -4.68 20.94 -44.06
CA THR F 422 -3.31 21.09 -44.55
C THR F 422 -2.38 20.14 -43.80
N LEU F 423 -1.33 19.69 -44.48
CA LEU F 423 -0.33 18.79 -43.89
C LEU F 423 1.01 19.51 -43.71
N ASN F 424 0.95 20.71 -43.13
CA ASN F 424 2.14 21.56 -42.92
C ASN F 424 3.26 20.88 -42.14
N ARG F 425 2.90 20.02 -41.20
CA ARG F 425 3.87 19.21 -40.46
C ARG F 425 3.78 17.75 -40.92
N PRO F 426 4.82 16.93 -40.63
CA PRO F 426 4.89 15.52 -41.01
C PRO F 426 3.60 14.72 -40.78
N PHE F 427 3.36 13.74 -41.66
CA PHE F 427 2.13 12.95 -41.62
C PHE F 427 2.38 11.52 -42.13
N LEU F 428 1.35 10.68 -42.04
CA LEU F 428 1.41 9.30 -42.52
C LEU F 428 0.37 9.07 -43.62
N PHE F 429 0.58 8.02 -44.42
CA PHE F 429 -0.33 7.69 -45.51
C PHE F 429 -0.25 6.22 -45.90
N ALA F 430 -1.23 5.76 -46.68
CA ALA F 430 -1.25 4.38 -47.14
C ALA F 430 -2.34 4.15 -48.19
N VAL F 431 -1.95 3.70 -49.38
CA VAL F 431 -2.92 3.32 -50.41
C VAL F 431 -3.46 1.93 -50.14
N TYR F 432 -4.78 1.79 -50.21
CA TYR F 432 -5.46 0.55 -49.85
C TYR F 432 -6.48 0.16 -50.91
N ASP F 433 -6.56 -1.13 -51.18
CA ASP F 433 -7.52 -1.67 -52.15
C ASP F 433 -8.63 -2.41 -51.40
N GLN F 434 -9.87 -2.01 -51.67
CA GLN F 434 -11.04 -2.65 -51.07
C GLN F 434 -11.32 -4.01 -51.70
N SER F 435 -11.14 -4.09 -53.03
CA SER F 435 -11.47 -5.29 -53.78
C SER F 435 -10.54 -6.46 -53.45
N ALA F 436 -9.27 -6.16 -53.16
CA ALA F 436 -8.30 -7.17 -52.74
C ALA F 436 -7.97 -7.04 -51.25
N THR F 437 -8.81 -6.34 -50.50
CA THR F 437 -8.62 -6.08 -49.07
C THR F 437 -7.14 -5.99 -48.68
N ALA F 438 -6.36 -5.26 -49.46
CA ALA F 438 -4.91 -5.21 -49.28
C ALA F 438 -4.35 -3.79 -49.44
N LEU F 439 -3.52 -3.39 -48.48
CA LEU F 439 -2.84 -2.10 -48.54
C LEU F 439 -1.49 -2.25 -49.24
N HIS F 440 -1.39 -1.70 -50.44
CA HIS F 440 -0.20 -1.87 -51.27
C HIS F 440 1.00 -1.07 -50.78
N PHE F 441 0.74 0.07 -50.13
CA PHE F 441 1.81 0.92 -49.63
C PHE F 441 1.48 1.55 -48.29
N LEU F 442 2.51 1.74 -47.47
CA LEU F 442 2.43 2.48 -46.21
C LEU F 442 3.73 3.25 -46.04
N GLY F 443 3.65 4.52 -45.62
CA GLY F 443 4.84 5.36 -45.51
C GLY F 443 4.71 6.60 -44.65
N ARG F 444 5.86 7.19 -44.32
CA ARG F 444 5.93 8.43 -43.54
C ARG F 444 6.58 9.53 -44.38
N VAL F 445 6.20 10.78 -44.11
CA VAL F 445 6.75 11.93 -44.81
C VAL F 445 7.31 12.94 -43.81
N ALA F 446 8.64 13.03 -43.75
CA ALA F 446 9.32 14.02 -42.91
C ALA F 446 9.52 15.32 -43.69
N ASN F 447 10.14 15.18 -44.86
CA ASN F 447 10.28 16.29 -45.81
C ASN F 447 10.62 15.76 -47.21
N PRO F 448 10.06 16.37 -48.27
CA PRO F 448 10.49 16.03 -49.63
C PRO F 448 11.90 16.53 -49.93
N LEU F 449 12.75 15.65 -50.45
CA LEU F 449 14.14 15.99 -50.76
C LEU F 449 14.73 14.98 -51.74
N SER G 51 28.40 20.25 21.19
CA SER G 51 27.71 19.40 20.19
C SER G 51 26.56 18.59 20.78
N SER G 52 25.43 18.58 20.07
CA SER G 52 24.28 17.84 20.56
C SER G 52 23.82 16.78 19.57
N VAL G 53 23.24 15.71 20.10
CA VAL G 53 22.74 14.63 19.28
C VAL G 53 21.22 14.62 19.46
N ILE G 54 20.47 14.62 18.36
CA ILE G 54 19.01 14.58 18.41
C ILE G 54 18.54 13.13 18.60
N LEU G 55 17.70 12.89 19.61
CA LEU G 55 17.23 11.53 19.85
C LEU G 55 15.76 11.31 19.48
N THR G 56 15.45 10.09 19.08
CA THR G 56 14.09 9.70 18.74
C THR G 56 13.56 8.87 19.89
N ASN G 57 12.32 9.12 20.31
CA ASN G 57 11.71 8.39 21.41
C ASN G 57 10.71 7.38 20.84
N TYR G 58 11.00 6.10 21.02
CA TYR G 58 10.14 5.03 20.58
C TYR G 58 9.44 4.42 21.80
N MET G 59 8.13 4.59 21.86
CA MET G 59 7.29 4.05 22.96
C MET G 59 7.77 4.30 24.38
N ASP G 60 8.61 5.31 24.59
CA ASP G 60 9.13 5.60 25.92
C ASP G 60 10.10 4.54 26.45
N THR G 61 10.48 3.57 25.60
CA THR G 61 11.40 2.53 26.04
C THR G 61 12.74 2.53 25.30
N GLN G 62 12.78 3.10 24.11
CA GLN G 62 14.02 3.13 23.36
C GLN G 62 14.33 4.55 22.88
N TYR G 63 15.46 5.08 23.33
CA TYR G 63 15.87 6.42 22.94
C TYR G 63 17.11 6.29 22.09
N TYR G 64 17.04 6.71 20.84
CA TYR G 64 18.19 6.55 19.98
C TYR G 64 18.48 7.72 19.05
N GLY G 65 19.75 7.85 18.68
CA GLY G 65 20.17 8.92 17.78
C GLY G 65 20.96 8.30 16.65
N GLU G 66 21.40 9.12 15.70
CA GLU G 66 22.15 8.59 14.56
C GLU G 66 23.64 8.88 14.58
N ILE G 67 24.41 7.92 14.09
CA ILE G 67 25.85 8.08 13.97
C ILE G 67 26.20 7.61 12.57
N GLY G 68 27.32 8.10 12.04
CA GLY G 68 27.74 7.70 10.71
C GLY G 68 29.09 7.01 10.82
N ILE G 69 29.22 5.86 10.18
CA ILE G 69 30.47 5.10 10.22
C ILE G 69 31.02 4.87 8.81
N GLY G 70 32.30 5.11 8.62
CA GLY G 70 32.90 4.88 7.31
C GLY G 70 32.89 6.04 6.33
N THR G 71 33.48 5.80 5.17
CA THR G 71 33.58 6.77 4.08
C THR G 71 33.22 6.05 2.80
N PRO G 72 32.07 6.39 2.19
CA PRO G 72 31.11 7.41 2.63
C PRO G 72 30.45 6.90 3.91
N PRO G 73 29.78 7.79 4.65
CA PRO G 73 29.12 7.41 5.90
C PRO G 73 27.97 6.42 5.75
N GLN G 74 27.97 5.40 6.60
CA GLN G 74 26.89 4.41 6.62
C GLN G 74 26.20 4.77 7.94
N THR G 75 24.92 5.06 7.84
CA THR G 75 24.08 5.50 8.96
C THR G 75 23.50 4.39 9.85
N PHE G 76 23.50 4.63 11.16
CA PHE G 76 22.99 3.66 12.13
C PHE G 76 22.24 4.33 13.26
N LYS G 77 21.18 3.67 13.72
CA LYS G 77 20.42 4.17 14.85
C LYS G 77 21.06 3.51 16.06
N VAL G 78 21.43 4.29 17.07
CA VAL G 78 22.05 3.71 18.23
C VAL G 78 21.57 4.32 19.53
N VAL G 79 21.58 3.51 20.59
CA VAL G 79 21.20 3.94 21.93
C VAL G 79 22.50 4.35 22.63
N PHE G 80 22.47 5.44 23.37
CA PHE G 80 23.69 5.86 24.09
C PHE G 80 23.48 5.35 25.52
N ASP G 81 24.37 4.44 25.90
CA ASP G 81 24.28 3.72 27.17
C ASP G 81 25.39 3.97 28.18
N THR G 82 25.06 4.64 29.29
CA THR G 82 26.08 4.89 30.31
C THR G 82 26.40 3.60 31.09
N GLY G 83 25.62 2.55 30.84
CA GLY G 83 25.84 1.30 31.52
C GLY G 83 26.89 0.38 30.88
N SER G 84 27.31 0.69 29.65
CA SER G 84 28.32 -0.13 28.98
C SER G 84 29.37 0.78 28.35
N SER G 85 30.46 0.22 27.86
CA SER G 85 31.52 1.05 27.30
C SER G 85 31.97 0.74 25.86
N ASN G 86 31.32 -0.21 25.21
CA ASN G 86 31.72 -0.56 23.83
C ASN G 86 30.76 0.01 22.79
N VAL G 87 31.26 0.21 21.58
CA VAL G 87 30.44 0.67 20.46
C VAL G 87 30.21 -0.54 19.54
N TRP G 88 28.99 -0.74 19.07
CA TRP G 88 28.73 -1.83 18.13
C TRP G 88 27.50 -1.62 17.25
N VAL G 89 27.59 -2.16 16.03
CA VAL G 89 26.50 -2.09 15.06
C VAL G 89 26.47 -3.45 14.35
N PRO G 90 25.35 -3.78 13.71
CA PRO G 90 25.27 -5.07 13.03
C PRO G 90 26.22 -5.07 11.82
N SER G 91 26.82 -6.21 11.54
CA SER G 91 27.77 -6.36 10.43
C SER G 91 27.21 -7.02 9.18
N SER G 92 27.72 -6.61 8.02
CA SER G 92 27.29 -7.21 6.77
C SER G 92 27.70 -8.69 6.78
N LYS G 93 28.64 -9.04 7.66
CA LYS G 93 29.08 -10.43 7.71
C LYS G 93 28.18 -11.31 8.58
N CYS G 94 27.10 -10.73 9.09
CA CYS G 94 26.15 -11.47 9.92
C CYS G 94 25.24 -12.35 9.07
N SER G 95 25.29 -13.66 9.32
CA SER G 95 24.46 -14.62 8.59
C SER G 95 23.01 -14.17 8.58
N ARG G 96 22.39 -14.18 7.41
CA ARG G 96 20.99 -13.77 7.31
C ARG G 96 20.07 -14.78 8.00
N LEU G 97 20.64 -15.81 8.60
CA LEU G 97 19.83 -16.78 9.34
C LEU G 97 19.43 -16.08 10.64
N TYR G 98 20.17 -15.03 11.00
CA TYR G 98 19.82 -14.24 12.19
C TYR G 98 18.84 -13.23 11.62
N THR G 99 17.55 -13.47 11.84
CA THR G 99 16.56 -12.56 11.30
C THR G 99 16.77 -11.10 11.74
N ALA G 100 17.26 -10.89 12.96
CA ALA G 100 17.52 -9.53 13.45
C ALA G 100 18.45 -8.80 12.49
N CYS G 101 19.36 -9.54 11.88
CA CYS G 101 20.30 -8.94 10.93
C CYS G 101 19.59 -8.58 9.65
N VAL G 102 18.56 -9.36 9.30
CA VAL G 102 17.79 -9.06 8.10
C VAL G 102 16.99 -7.76 8.32
N TYR G 103 16.61 -7.50 9.58
CA TYR G 103 15.84 -6.31 9.90
C TYR G 103 16.58 -5.06 10.41
N HIS G 104 17.90 -5.00 10.23
CA HIS G 104 18.65 -3.82 10.66
C HIS G 104 19.69 -3.36 9.64
N LYS G 105 20.17 -2.14 9.80
CA LYS G 105 21.20 -1.61 8.92
C LYS G 105 22.49 -2.40 9.24
N LEU G 106 23.19 -2.86 8.20
CA LEU G 106 24.41 -3.64 8.38
C LEU G 106 25.64 -2.89 7.91
N PHE G 107 26.69 -2.84 8.73
CA PHE G 107 27.92 -2.15 8.34
C PHE G 107 28.69 -3.02 7.37
N ASP G 108 29.03 -2.46 6.21
CA ASP G 108 29.76 -3.19 5.20
C ASP G 108 31.13 -2.53 5.04
N ALA G 109 32.14 -3.19 5.58
CA ALA G 109 33.50 -2.69 5.54
C ALA G 109 34.04 -2.55 4.10
N SER G 110 33.57 -3.41 3.20
CA SER G 110 34.07 -3.35 1.83
C SER G 110 33.58 -2.14 1.05
N ASP G 111 32.74 -1.31 1.68
CA ASP G 111 32.21 -0.10 1.07
C ASP G 111 32.80 1.16 1.72
N SER G 112 33.74 0.98 2.64
CA SER G 112 34.38 2.10 3.32
C SER G 112 35.89 2.17 3.09
N SER G 113 36.37 3.28 2.54
CA SER G 113 37.79 3.44 2.26
C SER G 113 38.60 3.84 3.49
N SER G 114 37.93 4.23 4.56
CA SER G 114 38.63 4.63 5.77
C SER G 114 38.71 3.48 6.78
N TYR G 115 38.10 2.35 6.44
CA TYR G 115 38.08 1.18 7.32
C TYR G 115 39.47 0.59 7.58
N LYS G 116 39.68 0.16 8.81
CA LYS G 116 40.94 -0.45 9.23
C LYS G 116 40.63 -1.77 9.96
N HIS G 117 41.10 -2.87 9.38
CA HIS G 117 40.89 -4.20 9.91
C HIS G 117 41.59 -4.47 11.25
N ASN G 118 40.96 -5.30 12.07
CA ASN G 118 41.54 -5.70 13.36
C ASN G 118 41.18 -7.17 13.52
N GLY G 119 39.89 -7.45 13.57
CA GLY G 119 39.44 -8.84 13.65
C GLY G 119 39.36 -9.53 14.99
N THR G 120 39.71 -8.84 16.07
CA THR G 120 39.64 -9.48 17.38
C THR G 120 38.20 -9.79 17.77
N GLU G 121 37.97 -11.03 18.14
CA GLU G 121 36.65 -11.51 18.52
C GLU G 121 36.15 -10.91 19.83
N LEU G 122 34.88 -10.55 19.89
CA LEU G 122 34.34 -10.03 21.14
C LEU G 122 32.87 -10.36 21.31
N THR G 123 32.51 -10.58 22.57
CA THR G 123 31.14 -10.89 22.95
C THR G 123 30.74 -9.83 23.96
N LEU G 124 29.54 -9.29 23.80
CA LEU G 124 29.00 -8.27 24.69
C LEU G 124 27.75 -8.82 25.36
N ARG G 125 27.79 -8.91 26.69
CA ARG G 125 26.67 -9.44 27.46
C ARG G 125 25.88 -8.38 28.21
N TYR G 126 24.64 -8.15 27.78
CA TYR G 126 23.78 -7.18 28.45
C TYR G 126 22.80 -7.92 29.35
N SER G 127 21.99 -7.17 30.10
CA SER G 127 21.00 -7.74 31.00
C SER G 127 19.92 -8.53 30.26
N THR G 128 19.48 -8.00 29.12
CA THR G 128 18.43 -8.63 28.34
C THR G 128 18.88 -9.39 27.09
N GLY G 129 20.18 -9.48 26.88
CA GLY G 129 20.63 -10.20 25.69
C GLY G 129 22.11 -10.08 25.41
N THR G 130 22.57 -10.88 24.45
CA THR G 130 23.98 -10.92 24.08
C THR G 130 24.24 -10.78 22.58
N VAL G 131 25.36 -10.15 22.24
CA VAL G 131 25.76 -10.00 20.85
C VAL G 131 27.24 -10.38 20.76
N SER G 132 27.61 -10.96 19.64
CA SER G 132 28.99 -11.36 19.43
C SER G 132 29.43 -11.01 18.01
N GLY G 133 30.73 -10.78 17.86
CA GLY G 133 31.29 -10.42 16.57
C GLY G 133 32.78 -10.16 16.65
N PHE G 134 33.26 -9.18 15.92
CA PHE G 134 34.68 -8.86 15.93
C PHE G 134 34.92 -7.36 15.83
N LEU G 135 36.10 -6.93 16.25
CA LEU G 135 36.48 -5.53 16.25
C LEU G 135 36.93 -4.98 14.89
N SER G 136 36.64 -3.71 14.68
CA SER G 136 37.00 -2.99 13.46
C SER G 136 37.20 -1.54 13.83
N GLN G 137 37.93 -0.81 12.98
CA GLN G 137 38.19 0.60 13.23
C GLN G 137 37.76 1.39 12.01
N ASP G 138 37.22 2.58 12.23
CA ASP G 138 36.81 3.43 11.13
C ASP G 138 36.44 4.75 11.73
N ILE G 139 36.14 5.73 10.89
CA ILE G 139 35.78 7.04 11.39
C ILE G 139 34.30 7.04 11.74
N ILE G 140 33.98 7.60 12.90
CA ILE G 140 32.60 7.67 13.34
C ILE G 140 32.17 9.11 13.51
N THR G 141 31.04 9.47 12.91
CA THR G 141 30.51 10.81 13.02
C THR G 141 29.40 10.79 14.07
N VAL G 142 29.55 11.62 15.10
CA VAL G 142 28.56 11.71 16.15
C VAL G 142 28.29 13.17 16.48
N GLY G 143 27.06 13.60 16.25
CA GLY G 143 26.71 14.98 16.55
C GLY G 143 27.63 16.05 15.98
N GLY G 144 28.21 15.79 14.82
CA GLY G 144 29.08 16.79 14.23
C GLY G 144 30.56 16.56 14.48
N ILE G 145 30.87 15.77 15.52
CA ILE G 145 32.26 15.46 15.84
C ILE G 145 32.71 14.20 15.11
N THR G 146 33.94 14.22 14.62
CA THR G 146 34.49 13.09 13.88
C THR G 146 35.65 12.46 14.65
N VAL G 147 35.53 11.16 14.96
CA VAL G 147 36.58 10.47 15.68
C VAL G 147 36.87 9.11 15.09
N THR G 148 38.13 8.68 15.16
CA THR G 148 38.51 7.37 14.68
C THR G 148 38.14 6.51 15.87
N GLN G 149 37.45 5.41 15.62
CA GLN G 149 37.02 4.57 16.74
C GLN G 149 37.04 3.08 16.47
N MET G 150 37.38 2.31 17.50
CA MET G 150 37.38 0.86 17.40
C MET G 150 35.99 0.47 17.86
N PHE G 151 35.31 -0.32 17.06
CA PHE G 151 33.96 -0.73 17.43
C PHE G 151 33.74 -2.17 17.05
N GLY G 152 32.63 -2.74 17.52
CA GLY G 152 32.32 -4.11 17.19
C GLY G 152 31.41 -4.27 15.98
N GLU G 153 31.76 -5.23 15.11
CA GLU G 153 30.92 -5.57 13.96
C GLU G 153 30.24 -6.85 14.46
N VAL G 154 28.94 -6.79 14.70
CA VAL G 154 28.22 -7.95 15.22
C VAL G 154 27.74 -8.93 14.15
N THR G 155 28.08 -10.20 14.32
CA THR G 155 27.70 -11.25 13.37
C THR G 155 26.73 -12.27 13.97
N GLU G 156 26.41 -12.10 15.25
CA GLU G 156 25.46 -12.99 15.93
C GLU G 156 24.60 -12.10 16.78
N MET G 157 23.33 -12.01 16.41
CA MET G 157 22.38 -11.12 17.06
C MET G 157 21.03 -11.80 17.17
N PRO G 158 20.77 -12.46 18.31
CA PRO G 158 19.52 -13.19 18.57
C PRO G 158 18.19 -12.45 18.30
N ALA G 159 17.29 -13.14 17.63
CA ALA G 159 15.96 -12.61 17.29
C ALA G 159 15.29 -12.00 18.51
N LEU G 160 15.41 -12.69 19.64
CA LEU G 160 14.87 -12.19 20.89
C LEU G 160 16.15 -11.88 21.63
N PRO G 161 16.32 -10.61 22.05
CA PRO G 161 15.36 -9.52 21.88
C PRO G 161 15.56 -8.55 20.72
N PHE G 162 16.58 -8.76 19.89
CA PHE G 162 16.84 -7.76 18.84
C PHE G 162 15.83 -7.53 17.73
N MET G 163 14.90 -8.45 17.52
CA MET G 163 13.88 -8.24 16.50
C MET G 163 12.95 -7.13 17.02
N LEU G 164 12.95 -6.93 18.34
CA LEU G 164 12.12 -5.92 18.98
C LEU G 164 12.84 -4.60 19.14
N ALA G 165 14.06 -4.52 18.63
CA ALA G 165 14.86 -3.30 18.71
C ALA G 165 14.64 -2.37 17.53
N GLU G 166 14.31 -1.12 17.83
CA GLU G 166 14.11 -0.10 16.81
C GLU G 166 15.51 0.32 16.34
N PHE G 167 16.43 0.41 17.29
CA PHE G 167 17.80 0.80 17.00
C PHE G 167 18.58 -0.35 16.39
N ASP G 168 19.71 -0.02 15.78
CA ASP G 168 20.60 -0.99 15.16
C ASP G 168 21.73 -1.40 16.12
N GLY G 169 22.29 -0.43 16.83
CA GLY G 169 23.38 -0.74 17.73
C GLY G 169 23.41 0.08 18.99
N VAL G 170 24.57 0.07 19.64
CA VAL G 170 24.77 0.77 20.90
C VAL G 170 26.11 1.50 20.95
N VAL G 171 26.11 2.66 21.59
CA VAL G 171 27.32 3.43 21.79
C VAL G 171 27.53 3.52 23.30
N GLY G 172 28.51 2.78 23.80
CA GLY G 172 28.78 2.81 25.23
C GLY G 172 29.32 4.16 25.70
N MET G 173 28.73 4.69 26.75
CA MET G 173 29.17 5.98 27.28
C MET G 173 29.85 5.79 28.64
N GLY G 174 30.08 4.53 29.01
CA GLY G 174 30.73 4.20 30.27
C GLY G 174 32.23 4.39 30.22
N PHE G 175 32.91 4.05 31.32
CA PHE G 175 34.36 4.20 31.42
C PHE G 175 35.11 3.03 30.78
N ILE G 176 36.39 3.25 30.46
CA ILE G 176 37.19 2.20 29.85
C ILE G 176 37.37 0.99 30.78
N GLU G 177 37.24 1.19 32.08
CA GLU G 177 37.38 0.10 33.03
C GLU G 177 36.36 -1.01 32.80
N GLN G 178 35.22 -0.67 32.19
CA GLN G 178 34.19 -1.67 31.93
C GLN G 178 34.11 -2.07 30.47
N ALA G 179 35.02 -1.55 29.65
CA ALA G 179 35.03 -1.88 28.23
C ALA G 179 35.55 -3.29 27.99
N ILE G 180 34.82 -4.05 27.18
CA ILE G 180 35.24 -5.41 26.86
C ILE G 180 36.39 -5.32 25.87
N GLY G 181 37.40 -6.16 26.05
CA GLY G 181 38.55 -6.15 25.15
C GLY G 181 39.40 -4.91 25.28
N ARG G 182 39.21 -4.16 26.36
CA ARG G 182 39.96 -2.93 26.61
C ARG G 182 40.01 -2.01 25.38
N VAL G 183 38.84 -1.76 24.79
CA VAL G 183 38.76 -0.89 23.62
C VAL G 183 38.48 0.52 24.15
N THR G 184 39.25 1.51 23.69
CA THR G 184 39.03 2.87 24.15
C THR G 184 37.59 3.31 23.84
N PRO G 185 36.85 3.78 24.86
CA PRO G 185 35.46 4.22 24.64
C PRO G 185 35.41 5.49 23.80
N ILE G 186 34.33 5.63 23.03
CA ILE G 186 34.18 6.80 22.17
C ILE G 186 34.27 8.13 22.88
N PHE G 187 33.84 8.23 24.14
CA PHE G 187 33.94 9.53 24.78
C PHE G 187 35.37 9.89 25.17
N ASP G 188 36.19 8.87 25.45
CA ASP G 188 37.58 9.13 25.79
C ASP G 188 38.28 9.64 24.53
N ASN G 189 37.93 9.07 23.39
CA ASN G 189 38.53 9.46 22.11
C ASN G 189 38.18 10.90 21.73
N ILE G 190 36.95 11.31 22.02
CA ILE G 190 36.51 12.66 21.70
C ILE G 190 37.24 13.64 22.62
N ILE G 191 37.35 13.29 23.90
CA ILE G 191 38.04 14.14 24.85
C ILE G 191 39.50 14.33 24.44
N SER G 192 40.12 13.27 23.92
CA SER G 192 41.52 13.34 23.50
C SER G 192 41.74 14.37 22.39
N GLN G 193 40.66 14.78 21.72
CA GLN G 193 40.76 15.78 20.66
C GLN G 193 40.92 17.17 21.27
N GLY G 194 40.47 17.31 22.51
CA GLY G 194 40.55 18.59 23.19
C GLY G 194 39.74 19.67 22.49
N VAL G 195 38.49 19.34 22.13
CA VAL G 195 37.63 20.28 21.46
C VAL G 195 36.43 20.65 22.32
N LEU G 196 36.03 19.74 23.22
CA LEU G 196 34.91 19.98 24.10
C LEU G 196 35.26 21.06 25.13
N LYS G 197 34.28 21.86 25.53
CA LYS G 197 34.54 22.90 26.52
C LYS G 197 34.53 22.32 27.94
N GLU G 198 33.95 21.14 28.08
CA GLU G 198 33.89 20.45 29.37
C GLU G 198 33.89 18.95 29.14
N ASP G 199 34.55 18.22 30.05
CA ASP G 199 34.62 16.76 29.99
C ASP G 199 33.35 16.19 30.59
N VAL G 200 32.20 16.57 30.04
CA VAL G 200 30.91 16.10 30.53
C VAL G 200 29.90 15.92 29.39
N PHE G 201 28.93 15.04 29.60
CA PHE G 201 27.86 14.86 28.60
C PHE G 201 26.53 14.80 29.36
N SER G 202 25.45 15.25 28.71
CA SER G 202 24.13 15.31 29.36
C SER G 202 22.97 14.69 28.56
N PHE G 203 22.06 14.06 29.29
CA PHE G 203 20.89 13.40 28.70
C PHE G 203 19.55 14.04 29.03
N TYR G 204 18.76 14.24 27.99
CA TYR G 204 17.41 14.75 28.12
C TYR G 204 16.51 13.73 27.43
N TYR G 205 15.60 13.12 28.16
CA TYR G 205 14.68 12.14 27.57
C TYR G 205 13.25 12.69 27.70
N ASN G 206 12.64 13.03 26.57
CA ASN G 206 11.27 13.57 26.55
C ASN G 206 10.20 12.51 26.80
N ARG G 207 8.98 12.97 27.03
CA ARG G 207 7.85 12.06 27.22
C ARG G 207 7.47 11.59 25.82
N ASP G 208 6.89 10.38 25.78
CA ASP G 208 6.47 9.74 24.54
C ASP G 208 5.92 10.66 23.45
N SER G 209 4.96 11.50 23.80
CA SER G 209 4.35 12.42 22.83
C SER G 209 4.02 11.78 21.49
N GLU G 210 4.20 12.56 20.43
CA GLU G 210 3.92 12.12 19.06
C GLU G 210 2.44 12.25 18.73
N ASN G 211 1.61 11.61 19.43
N LEU G 215 10.71 16.97 20.11
CA LEU G 215 11.90 16.09 19.98
C LEU G 215 11.86 14.97 21.01
N GLY G 216 12.27 13.79 20.59
CA GLY G 216 12.26 12.62 21.44
C GLY G 216 13.22 12.69 22.62
N GLY G 217 14.33 13.40 22.44
CA GLY G 217 15.30 13.52 23.51
C GLY G 217 16.55 14.19 22.98
N GLN G 218 17.56 14.36 23.83
CA GLN G 218 18.78 15.01 23.38
C GLN G 218 20.00 14.81 24.26
N ILE G 219 21.13 14.55 23.62
CA ILE G 219 22.39 14.36 24.31
C ILE G 219 23.28 15.52 23.95
N VAL G 220 23.97 16.07 24.94
CA VAL G 220 24.87 17.16 24.69
C VAL G 220 26.27 16.70 25.06
N LEU G 221 27.17 16.77 24.10
CA LEU G 221 28.55 16.41 24.33
C LEU G 221 29.27 17.72 24.65
N GLY G 222 29.89 17.79 25.83
CA GLY G 222 30.60 19.00 26.20
C GLY G 222 29.92 19.92 27.21
N GLY G 223 28.67 19.62 27.57
CA GLY G 223 27.98 20.47 28.52
C GLY G 223 26.53 20.06 28.79
N SER G 224 25.69 21.06 29.04
CA SER G 224 24.27 20.84 29.32
C SER G 224 23.45 21.90 28.59
N ASP G 225 22.19 21.58 28.35
CA ASP G 225 21.30 22.50 27.66
C ASP G 225 20.28 23.09 28.62
N PRO G 226 20.49 24.34 29.04
CA PRO G 226 19.61 25.07 29.98
C PRO G 226 18.15 25.06 29.52
N GLN G 227 17.95 24.82 28.23
CA GLN G 227 16.60 24.80 27.67
C GLN G 227 15.77 23.61 28.15
N HIS G 228 16.41 22.54 28.61
CA HIS G 228 15.67 21.37 29.05
C HIS G 228 15.69 21.01 30.53
N TYR G 229 16.11 21.97 31.37
CA TYR G 229 16.12 21.75 32.81
C TYR G 229 15.97 23.09 33.53
N GLU G 230 15.52 23.03 34.78
CA GLU G 230 15.34 24.24 35.56
C GLU G 230 15.84 24.01 36.97
N GLY G 231 15.98 25.08 37.73
CA GLY G 231 16.50 24.97 39.08
C GLY G 231 17.97 24.72 38.85
N ASN G 232 18.72 24.30 39.87
CA ASN G 232 20.12 24.03 39.63
C ASN G 232 20.44 22.56 39.81
N PHE G 233 21.63 22.17 39.39
CA PHE G 233 22.04 20.79 39.53
C PHE G 233 22.46 20.51 40.95
N HIS G 234 22.30 19.26 41.34
CA HIS G 234 22.68 18.78 42.66
C HIS G 234 23.48 17.53 42.34
N TYR G 235 24.77 17.59 42.64
CA TYR G 235 25.66 16.50 42.34
C TYR G 235 25.88 15.47 43.43
N ILE G 236 26.16 14.25 43.00
CA ILE G 236 26.46 13.14 43.88
C ILE G 236 27.77 12.60 43.32
N ASN G 237 28.77 12.42 44.18
CA ASN G 237 30.05 11.90 43.72
C ASN G 237 29.95 10.42 43.38
N LEU G 238 30.70 9.99 42.37
CA LEU G 238 30.69 8.59 41.99
C LEU G 238 31.36 7.81 43.09
N ILE G 239 30.85 6.62 43.36
CA ILE G 239 31.42 5.74 44.36
C ILE G 239 32.88 5.46 43.99
N LYS G 240 33.11 5.35 42.68
CA LYS G 240 34.44 5.03 42.14
C LYS G 240 34.47 5.39 40.65
N THR G 241 35.65 5.70 40.12
CA THR G 241 35.76 5.99 38.69
C THR G 241 35.61 4.63 37.99
N GLY G 242 35.25 4.65 36.72
CA GLY G 242 35.09 3.41 35.99
C GLY G 242 33.65 2.94 35.90
N VAL G 243 32.77 3.54 36.71
CA VAL G 243 31.35 3.16 36.70
C VAL G 243 30.44 4.31 37.08
N TRP G 244 29.43 4.58 36.25
CA TRP G 244 28.48 5.65 36.55
C TRP G 244 27.51 5.18 37.61
N GLN G 245 28.04 4.79 38.77
CA GLN G 245 27.25 4.29 39.87
C GLN G 245 27.39 5.21 41.08
N ILE G 246 26.30 5.43 41.80
CA ILE G 246 26.33 6.32 42.96
C ILE G 246 25.64 5.72 44.17
N GLN G 247 25.98 6.25 45.34
CA GLN G 247 25.38 5.79 46.58
C GLN G 247 23.95 6.30 46.66
N MET G 248 23.04 5.45 47.13
CA MET G 248 21.65 5.83 47.29
C MET G 248 21.33 5.64 48.78
N LYS G 249 20.97 6.72 49.45
CA LYS G 249 20.69 6.67 50.88
C LYS G 249 19.39 5.98 51.27
N GLY G 250 18.49 5.78 50.32
CA GLY G 250 17.23 5.11 50.65
C GLY G 250 16.13 5.27 49.61
N VAL G 251 15.17 4.36 49.66
CA VAL G 251 14.05 4.40 48.73
C VAL G 251 12.74 4.32 49.51
N SER G 252 11.87 5.30 49.31
CA SER G 252 10.60 5.31 50.03
C SER G 252 9.36 5.21 49.12
N VAL G 253 8.39 4.44 49.58
CA VAL G 253 7.14 4.24 48.87
C VAL G 253 5.99 4.77 49.71
N GLY G 254 5.29 5.77 49.20
CA GLY G 254 4.20 6.35 49.95
C GLY G 254 4.75 6.83 51.28
N SER G 255 4.16 6.33 52.37
CA SER G 255 4.63 6.72 53.70
C SER G 255 5.21 5.51 54.43
N SER G 256 6.48 5.21 54.13
CA SER G 256 7.20 4.09 54.73
C SER G 256 8.48 3.79 53.95
N THR G 257 9.61 4.35 54.41
CA THR G 257 10.89 4.12 53.75
C THR G 257 11.30 2.67 54.02
N LEU G 258 10.51 1.75 53.50
CA LEU G 258 10.73 0.32 53.70
C LEU G 258 11.72 -0.32 52.72
N LEU G 259 12.52 0.49 52.03
CA LEU G 259 13.47 -0.04 51.07
C LEU G 259 14.85 0.61 51.13
N CYS G 260 15.86 -0.16 50.74
CA CYS G 260 17.24 0.32 50.73
C CYS G 260 17.59 1.05 52.03
N GLU G 261 17.12 0.49 53.15
CA GLU G 261 17.43 1.05 54.45
C GLU G 261 18.92 0.72 54.61
N ASP G 262 19.67 1.56 55.32
CA ASP G 262 21.09 1.31 55.51
C ASP G 262 21.90 1.55 54.23
N GLY G 263 21.26 2.09 53.19
CA GLY G 263 21.97 2.37 51.95
C GLY G 263 22.05 1.25 50.92
N CYS G 264 22.33 1.66 49.68
CA CYS G 264 22.45 0.72 48.55
C CYS G 264 23.08 1.48 47.37
N LEU G 265 23.22 0.80 46.24
CA LEU G 265 23.83 1.40 45.05
C LEU G 265 22.81 1.75 43.96
N ALA G 266 23.13 2.79 43.20
CA ALA G 266 22.28 3.22 42.10
C ALA G 266 23.13 3.49 40.86
N LEU G 267 22.91 2.67 39.84
CA LEU G 267 23.63 2.78 38.57
C LEU G 267 22.79 3.71 37.68
N VAL G 268 23.34 4.85 37.31
CA VAL G 268 22.60 5.81 36.46
C VAL G 268 22.80 5.33 35.04
N ASP G 269 21.79 4.62 34.55
CA ASP G 269 21.84 3.97 33.26
C ASP G 269 20.93 4.51 32.14
N THR G 270 21.49 5.31 31.24
CA THR G 270 20.73 5.87 30.12
C THR G 270 20.23 4.79 29.14
N GLY G 271 20.88 3.62 29.16
CA GLY G 271 20.51 2.55 28.25
C GLY G 271 19.40 1.66 28.77
N ALA G 272 19.04 1.83 30.03
CA ALA G 272 18.00 1.03 30.63
C ALA G 272 16.65 1.74 30.45
N SER G 273 15.65 0.99 29.98
CA SER G 273 14.34 1.57 29.75
C SER G 273 13.67 1.92 31.07
N TYR G 274 13.89 1.10 32.08
CA TYR G 274 13.21 1.31 33.34
C TYR G 274 14.12 1.52 34.55
N ILE G 275 13.45 1.75 35.68
CA ILE G 275 14.13 1.89 36.96
C ILE G 275 14.09 0.45 37.47
N SER G 276 15.23 -0.10 37.85
CA SER G 276 15.24 -1.47 38.33
C SER G 276 15.89 -1.64 39.69
N GLY G 277 15.48 -2.70 40.38
CA GLY G 277 16.02 -3.04 41.67
C GLY G 277 16.21 -4.54 41.67
N SER G 278 16.87 -5.07 42.71
CA SER G 278 17.08 -6.49 42.80
C SER G 278 15.73 -7.16 42.97
N THR G 279 15.69 -8.46 42.73
CA THR G 279 14.45 -9.22 42.87
C THR G 279 13.81 -9.03 44.24
N SER G 280 14.60 -9.05 45.30
CA SER G 280 14.07 -8.90 46.65
C SER G 280 13.49 -7.53 46.90
N SER G 281 14.21 -6.51 46.44
CA SER G 281 13.76 -5.14 46.62
C SER G 281 12.47 -4.85 45.88
N ILE G 282 12.40 -5.28 44.63
CA ILE G 282 11.23 -5.05 43.80
C ILE G 282 10.01 -5.81 44.31
N GLU G 283 10.22 -7.00 44.85
CA GLU G 283 9.11 -7.78 45.42
C GLU G 283 8.46 -6.93 46.50
N LYS G 284 9.27 -6.38 47.40
CA LYS G 284 8.73 -5.55 48.46
C LYS G 284 8.03 -4.31 47.91
N LEU G 285 8.71 -3.57 47.04
CA LEU G 285 8.15 -2.37 46.46
C LEU G 285 6.82 -2.66 45.78
N MET G 286 6.76 -3.74 45.03
CA MET G 286 5.54 -4.11 44.33
C MET G 286 4.42 -4.55 45.27
N GLU G 287 4.75 -5.34 46.28
CA GLU G 287 3.73 -5.76 47.23
C GLU G 287 3.09 -4.52 47.80
N ALA G 288 3.91 -3.52 48.09
CA ALA G 288 3.43 -2.26 48.65
C ALA G 288 2.54 -1.52 47.65
N LEU G 289 2.73 -1.78 46.36
CA LEU G 289 1.94 -1.12 45.33
C LEU G 289 0.66 -1.88 44.97
N GLY G 290 0.59 -3.14 45.37
CA GLY G 290 -0.58 -3.94 45.06
C GLY G 290 -0.50 -4.47 43.64
N ALA G 291 0.73 -4.49 43.11
CA ALA G 291 0.97 -4.97 41.74
C ALA G 291 1.18 -6.48 41.64
N LYS G 292 0.71 -7.06 40.54
CA LYS G 292 0.86 -8.50 40.30
C LYS G 292 2.06 -8.72 39.40
N LYS G 293 2.80 -9.79 39.66
CA LYS G 293 3.98 -10.09 38.88
C LYS G 293 3.65 -10.98 37.69
N ARG G 294 4.36 -10.74 36.58
CA ARG G 294 4.19 -11.53 35.36
C ARG G 294 5.59 -11.99 34.97
N LEU G 295 5.68 -12.65 33.81
CA LEU G 295 6.96 -13.17 33.35
C LEU G 295 8.05 -12.11 33.19
N PHE G 296 7.74 -11.03 32.49
CA PHE G 296 8.71 -9.98 32.24
C PHE G 296 8.46 -8.63 32.90
N ASP G 297 7.35 -8.48 33.63
CA ASP G 297 7.06 -7.20 34.26
C ASP G 297 6.08 -7.33 35.41
N TYR G 298 5.61 -6.17 35.88
CA TYR G 298 4.62 -6.08 36.93
C TYR G 298 3.46 -5.25 36.40
N VAL G 299 2.24 -5.65 36.71
CA VAL G 299 1.07 -4.92 36.27
C VAL G 299 0.18 -4.53 37.43
N VAL G 300 -0.77 -3.67 37.12
CA VAL G 300 -1.71 -3.21 38.11
C VAL G 300 -2.99 -3.04 37.27
N LYS G 301 -4.15 -3.17 37.88
CA LYS G 301 -5.39 -2.98 37.13
C LYS G 301 -5.37 -1.48 36.80
N CYS G 302 -5.54 -1.15 35.52
CA CYS G 302 -5.46 0.24 35.09
C CYS G 302 -6.21 1.25 35.94
N ASN G 303 -7.47 0.96 36.28
CA ASN G 303 -8.26 1.89 37.08
C ASN G 303 -7.56 2.33 38.36
N GLU G 304 -6.54 1.60 38.79
CA GLU G 304 -5.84 1.98 40.02
C GLU G 304 -4.45 2.57 39.80
N GLY G 305 -4.09 2.81 38.55
CA GLY G 305 -2.80 3.40 38.27
C GLY G 305 -2.68 4.78 38.89
N PRO G 306 -3.65 5.68 38.67
CA PRO G 306 -3.59 7.02 39.23
C PRO G 306 -3.56 7.06 40.76
N THR G 307 -3.97 5.97 41.40
CA THR G 307 -4.02 5.93 42.86
C THR G 307 -2.72 5.47 43.51
N LEU G 308 -1.80 4.93 42.71
CA LEU G 308 -0.53 4.45 43.23
C LEU G 308 0.25 5.57 43.89
N PRO G 309 0.90 5.26 45.03
CA PRO G 309 1.69 6.22 45.79
C PRO G 309 2.97 6.68 45.11
N ASP G 310 3.53 7.76 45.64
CA ASP G 310 4.78 8.30 45.11
C ASP G 310 5.91 7.37 45.49
N ILE G 311 6.95 7.34 44.67
CA ILE G 311 8.14 6.53 44.94
C ILE G 311 9.23 7.59 45.00
N SER G 312 10.03 7.59 46.06
CA SER G 312 11.11 8.57 46.18
C SER G 312 12.47 7.91 46.27
N PHE G 313 13.48 8.58 45.74
CA PHE G 313 14.85 8.05 45.75
C PHE G 313 15.79 9.07 46.38
N HIS G 314 16.32 8.72 47.54
CA HIS G 314 17.22 9.61 48.27
C HIS G 314 18.63 9.57 47.67
N LEU G 315 19.01 10.63 46.97
CA LEU G 315 20.34 10.69 46.35
C LEU G 315 21.10 11.95 46.74
N GLY G 316 22.26 11.75 47.34
CA GLY G 316 23.11 12.86 47.74
C GLY G 316 22.44 13.96 48.54
N GLY G 317 21.63 13.58 49.52
CA GLY G 317 20.95 14.58 50.33
C GLY G 317 19.79 15.30 49.66
N LYS G 318 19.21 14.69 48.64
CA LYS G 318 18.07 15.27 47.94
C LYS G 318 17.07 14.15 47.65
N GLU G 319 15.78 14.43 47.75
CA GLU G 319 14.76 13.42 47.47
C GLU G 319 14.23 13.57 46.05
N TYR G 320 14.41 12.53 45.24
CA TYR G 320 13.94 12.52 43.86
C TYR G 320 12.68 11.69 43.82
N THR G 321 11.55 12.37 43.65
CA THR G 321 10.25 11.74 43.69
C THR G 321 9.49 11.54 42.38
N LEU G 322 8.97 10.33 42.20
CA LEU G 322 8.19 10.02 41.03
C LEU G 322 6.74 9.81 41.47
N THR G 323 5.82 10.30 40.64
CA THR G 323 4.39 10.17 40.90
C THR G 323 3.96 8.93 40.10
N SER G 324 2.75 8.43 40.33
CA SER G 324 2.31 7.26 39.58
C SER G 324 2.26 7.57 38.07
N ALA G 325 1.93 8.81 37.72
CA ALA G 325 1.87 9.20 36.32
C ALA G 325 3.27 9.04 35.72
N ASP G 326 4.29 9.18 36.55
CA ASP G 326 5.67 9.06 36.11
C ASP G 326 6.16 7.63 35.89
N TYR G 327 5.57 6.65 36.58
CA TYR G 327 6.05 5.28 36.42
C TYR G 327 5.07 4.24 35.89
N VAL G 328 3.81 4.60 35.68
CA VAL G 328 2.89 3.62 35.14
C VAL G 328 2.49 3.96 33.70
N PHE G 329 2.44 2.94 32.84
CA PHE G 329 2.02 3.17 31.47
C PHE G 329 0.51 3.19 31.49
N GLN G 330 -0.06 4.37 31.75
CA GLN G 330 -1.50 4.54 31.83
C GLN G 330 -2.13 4.44 30.44
N GLU G 331 -2.36 3.20 30.01
CA GLU G 331 -2.94 2.92 28.69
C GLU G 331 -4.44 3.17 28.63
N SER G 332 -5.12 2.92 29.74
CA SER G 332 -6.56 3.13 29.84
C SER G 332 -6.87 3.25 31.33
N TYR G 333 -8.15 3.28 31.68
CA TYR G 333 -8.56 3.40 33.08
C TYR G 333 -9.51 2.28 33.50
N SER G 334 -9.77 1.34 32.59
CA SER G 334 -10.66 0.23 32.86
C SER G 334 -10.15 -0.72 33.94
N SER G 335 -11.06 -1.29 34.71
CA SER G 335 -10.68 -2.22 35.75
C SER G 335 -10.59 -3.63 35.13
N LYS G 336 -10.91 -3.72 33.85
CA LYS G 336 -10.85 -5.01 33.16
C LYS G 336 -9.56 -5.11 32.37
N LYS G 337 -8.69 -4.11 32.51
CA LYS G 337 -7.43 -4.11 31.79
C LYS G 337 -6.22 -4.00 32.70
N LEU G 338 -5.07 -4.47 32.19
CA LEU G 338 -3.86 -4.41 32.98
C LEU G 338 -2.94 -3.34 32.41
N CYS G 339 -2.27 -2.64 33.31
CA CYS G 339 -1.35 -1.58 32.91
C CYS G 339 0.03 -1.89 33.50
N THR G 340 1.05 -1.90 32.64
CA THR G 340 2.43 -2.19 33.06
C THR G 340 3.05 -1.02 33.83
N LEU G 341 4.06 -1.32 34.63
CA LEU G 341 4.77 -0.31 35.41
C LEU G 341 6.19 -0.20 34.88
N ALA G 342 6.71 1.02 34.83
CA ALA G 342 8.05 1.28 34.32
C ALA G 342 9.15 1.00 35.35
N ILE G 343 8.88 0.06 36.24
CA ILE G 343 9.83 -0.34 37.28
C ILE G 343 9.92 -1.85 37.20
N HIS G 344 11.13 -2.37 37.00
CA HIS G 344 11.28 -3.82 36.89
C HIS G 344 12.24 -4.40 37.91
N ALA G 345 12.33 -5.72 37.89
CA ALA G 345 13.25 -6.44 38.76
C ALA G 345 14.39 -6.84 37.85
N MET G 346 15.61 -6.49 38.24
CA MET G 346 16.77 -6.85 37.43
C MET G 346 17.96 -7.08 38.32
N ASP G 347 18.44 -8.32 38.32
CA ASP G 347 19.59 -8.68 39.13
C ASP G 347 20.87 -8.49 38.35
N ILE G 348 21.54 -7.38 38.64
CA ILE G 348 22.79 -7.04 37.96
C ILE G 348 23.94 -7.67 38.75
N PRO G 349 24.70 -8.57 38.09
CA PRO G 349 25.84 -9.30 38.64
C PRO G 349 27.06 -8.49 39.04
N PRO G 350 27.83 -8.98 40.02
CA PRO G 350 29.04 -8.31 40.52
C PRO G 350 30.07 -8.18 39.40
N PRO G 351 31.06 -7.29 39.56
CA PRO G 351 31.22 -6.45 40.75
C PRO G 351 30.32 -5.22 40.77
N THR G 352 29.78 -4.85 39.61
CA THR G 352 28.89 -3.70 39.50
C THR G 352 27.63 -3.85 40.36
N GLY G 353 27.05 -5.05 40.35
CA GLY G 353 25.87 -5.29 41.15
C GLY G 353 26.17 -6.14 42.37
N PRO G 354 25.17 -6.41 43.23
CA PRO G 354 23.79 -5.97 43.10
C PRO G 354 23.69 -4.45 43.10
N THR G 355 22.61 -3.92 42.53
CA THR G 355 22.42 -2.48 42.46
C THR G 355 21.10 -2.12 41.80
N TRP G 356 20.59 -0.94 42.12
CA TRP G 356 19.38 -0.46 41.50
C TRP G 356 19.88 0.18 40.20
N ALA G 357 18.99 0.34 39.22
CA ALA G 357 19.35 0.97 37.96
C ALA G 357 18.35 2.09 37.67
N LEU G 358 18.85 3.30 37.47
CA LEU G 358 17.98 4.44 37.19
C LEU G 358 18.02 4.72 35.68
N GLY G 359 17.04 4.20 34.96
CA GLY G 359 16.97 4.37 33.52
C GLY G 359 16.06 5.49 33.05
N ALA G 360 15.52 5.32 31.85
CA ALA G 360 14.64 6.32 31.23
C ALA G 360 13.49 6.79 32.12
N THR G 361 12.85 5.88 32.84
CA THR G 361 11.75 6.26 33.71
C THR G 361 12.17 7.41 34.62
N PHE G 362 13.40 7.31 35.13
CA PHE G 362 13.95 8.33 36.03
C PHE G 362 14.47 9.55 35.28
N ILE G 363 15.24 9.31 34.21
CA ILE G 363 15.82 10.39 33.43
C ILE G 363 14.76 11.30 32.80
N ARG G 364 13.59 10.75 32.46
CA ARG G 364 12.51 11.54 31.88
C ARG G 364 12.12 12.67 32.83
N LYS G 365 12.19 12.38 34.12
CA LYS G 365 11.83 13.36 35.14
C LYS G 365 13.01 14.27 35.46
N PHE G 366 14.22 13.71 35.48
CA PHE G 366 15.38 14.51 35.82
C PHE G 366 16.50 14.57 34.79
N TYR G 367 16.72 15.76 34.25
CA TYR G 367 17.79 15.98 33.29
C TYR G 367 19.05 15.50 33.99
N THR G 368 19.89 14.73 33.30
CA THR G 368 21.08 14.18 33.93
C THR G 368 22.39 14.57 33.23
N GLU G 369 23.36 15.00 34.03
CA GLU G 369 24.67 15.40 33.55
C GLU G 369 25.72 14.44 34.10
N PHE G 370 26.54 13.89 33.22
CA PHE G 370 27.59 12.98 33.64
C PHE G 370 28.90 13.74 33.52
N ASP G 371 29.53 14.01 34.66
CA ASP G 371 30.76 14.78 34.72
C ASP G 371 32.02 13.94 34.86
N ARG G 372 32.75 13.76 33.77
CA ARG G 372 33.98 12.98 33.77
C ARG G 372 35.13 13.68 34.48
N ARG G 373 35.19 15.01 34.38
CA ARG G 373 36.27 15.74 35.03
C ARG G 373 36.24 15.68 36.55
N ASN G 374 35.06 15.57 37.14
CA ASN G 374 34.94 15.51 38.60
C ASN G 374 34.34 14.22 39.15
N ASN G 375 34.22 13.20 38.29
CA ASN G 375 33.64 11.91 38.68
C ASN G 375 32.40 12.08 39.55
N ARG G 376 31.42 12.78 39.00
CA ARG G 376 30.17 13.06 39.68
C ARG G 376 29.02 13.01 38.68
N ILE G 377 27.81 12.98 39.22
CA ILE G 377 26.61 12.96 38.42
C ILE G 377 25.69 14.03 38.97
N GLY G 378 25.12 14.84 38.09
CA GLY G 378 24.23 15.90 38.53
C GLY G 378 22.81 15.74 38.03
N PHE G 379 21.86 16.07 38.89
CA PHE G 379 20.45 15.96 38.52
C PHE G 379 19.78 17.33 38.64
N ALA G 380 18.80 17.56 37.78
CA ALA G 380 18.05 18.80 37.77
C ALA G 380 16.69 18.53 37.15
N LEU G 381 15.65 19.20 37.64
CA LEU G 381 14.29 19.01 37.14
C LEU G 381 14.20 19.21 35.63
N ALA G 382 13.79 18.17 34.91
CA ALA G 382 13.65 18.26 33.46
C ALA G 382 12.55 19.24 33.07
N ARG G 383 12.77 19.96 31.99
CA ARG G 383 11.81 20.95 31.50
C ARG G 383 11.28 20.48 30.13
N VAL H 3 -0.03 -6.57 24.41
CA VAL H 3 0.24 -5.30 25.08
C VAL H 3 1.39 -5.45 26.08
N TYR H 4 2.53 -4.86 25.74
CA TYR H 4 2.67 -4.12 24.50
C TYR H 4 4.09 -3.59 24.33
N ILE H 5 4.69 -3.18 25.44
CA ILE H 5 6.06 -2.65 25.42
C ILE H 5 7.07 -3.72 25.76
N HIS H 6 8.35 -3.38 25.67
CA HIS H 6 9.44 -4.34 25.97
C HIS H 6 10.67 -3.59 26.48
N PRO H 7 11.02 -3.80 27.77
CA PRO H 7 12.16 -2.99 28.22
C PRO H 7 13.48 -3.59 27.76
N PHE H 8 14.40 -2.72 27.49
CA PHE H 8 15.78 -2.99 27.15
C PHE H 8 16.67 -2.72 28.35
N HIS H 9 17.42 -3.75 28.71
CA HIS H 9 18.34 -3.59 29.86
C HIS H 9 19.75 -3.63 29.36
N LEU H 10 20.27 -2.42 29.17
CA LEU H 10 21.63 -2.25 28.65
C LEU H 10 22.64 -1.96 29.75
N VAL H 11 22.77 -2.90 30.68
CA VAL H 11 23.72 -2.77 31.78
C VAL H 11 24.85 -3.79 31.61
N ILE H 12 26.01 -3.31 31.13
CA ILE H 12 27.15 -4.19 30.86
C ILE H 12 27.61 -4.86 32.14
N HIS H 13 27.99 -6.12 32.02
CA HIS H 13 28.44 -6.91 33.16
C HIS H 13 29.57 -7.86 32.77
N ASN H 14 30.29 -8.36 33.77
CA ASN H 14 31.35 -9.31 33.48
C ASN H 14 30.77 -10.68 33.12
N GLU H 15 30.77 -10.97 31.82
CA GLU H 15 30.26 -12.23 31.29
C GLU H 15 30.02 -13.32 32.33
N SER H 16 28.91 -14.04 32.16
CA SER H 16 28.56 -15.15 33.04
C SER H 16 27.76 -16.19 32.26
N THR H 17 27.06 -17.08 32.95
CA THR H 17 26.25 -18.07 32.25
C THR H 17 25.87 -19.29 33.09
N CYS H 18 25.43 -20.33 32.40
CA CYS H 18 25.00 -21.58 33.02
C CYS H 18 24.56 -21.38 34.47
N ASP H 31 24.48 -44.21 22.62
CA ASP H 31 23.01 -44.12 22.57
C ASP H 31 22.37 -45.38 21.97
N PRO H 32 21.16 -45.75 22.46
CA PRO H 32 20.49 -46.96 21.98
C PRO H 32 19.61 -46.69 20.77
N THR H 33 20.10 -47.05 19.59
CA THR H 33 19.34 -46.83 18.35
C THR H 33 18.25 -47.90 18.17
N PHE H 34 17.31 -47.63 17.26
CA PHE H 34 16.26 -48.60 16.94
C PHE H 34 15.73 -48.40 15.52
N ILE H 35 15.49 -49.51 14.82
CA ILE H 35 14.84 -49.48 13.51
C ILE H 35 13.33 -49.48 13.72
N PRO H 36 12.62 -48.53 13.07
CA PRO H 36 11.17 -48.52 13.16
C PRO H 36 10.55 -49.58 12.26
N ALA H 37 9.38 -50.09 12.65
CA ALA H 37 8.70 -51.16 11.91
C ALA H 37 8.13 -50.64 10.60
N PRO H 38 7.70 -51.55 9.71
CA PRO H 38 7.01 -51.11 8.50
C PRO H 38 5.61 -50.57 8.80
N ILE H 39 5.08 -49.75 7.89
CA ILE H 39 3.75 -49.15 8.09
C ILE H 39 2.61 -50.16 7.88
N GLN H 40 2.92 -51.29 7.24
CA GLN H 40 1.96 -52.39 7.10
C GLN H 40 1.47 -52.88 8.46
N ALA H 41 2.29 -52.73 9.49
CA ALA H 41 1.91 -53.07 10.86
C ALA H 41 0.67 -52.29 11.29
N LYS H 42 -0.25 -52.98 11.97
CA LYS H 42 -1.51 -52.38 12.41
C LYS H 42 -1.28 -51.38 13.53
N THR H 43 -1.32 -50.09 13.17
CA THR H 43 -1.19 -49.01 14.14
C THR H 43 -2.58 -48.45 14.45
N SER H 44 -2.91 -48.35 15.73
CA SER H 44 -4.20 -47.81 16.15
C SER H 44 -4.27 -46.32 15.86
N PRO H 45 -5.47 -45.81 15.54
CA PRO H 45 -5.61 -44.39 15.21
C PRO H 45 -5.48 -43.48 16.42
N VAL H 46 -5.24 -42.19 16.19
CA VAL H 46 -5.04 -41.22 17.26
C VAL H 46 -6.35 -40.88 17.97
N ASN H 47 -6.40 -41.14 19.27
CA ASN H 47 -7.55 -40.76 20.09
C ASN H 47 -7.49 -39.25 20.33
N GLU H 48 -8.24 -38.51 19.54
CA GLU H 48 -8.15 -37.04 19.54
C GLU H 48 -8.63 -36.43 20.85
N LYS H 49 -9.63 -37.04 21.47
CA LYS H 49 -10.09 -36.63 22.79
C LYS H 49 -8.97 -36.81 23.80
N ALA H 50 -8.41 -38.02 23.83
CA ALA H 50 -7.30 -38.35 24.72
C ALA H 50 -6.11 -37.42 24.53
N LEU H 51 -5.89 -36.96 23.30
CA LEU H 51 -4.79 -36.05 22.99
C LEU H 51 -5.01 -34.68 23.65
N GLN H 52 -6.13 -34.04 23.33
CA GLN H 52 -6.40 -32.68 23.81
C GLN H 52 -6.54 -32.63 25.34
N ASP H 53 -7.10 -33.69 25.91
CA ASP H 53 -7.21 -33.79 27.37
C ASP H 53 -5.83 -33.89 28.04
N GLN H 54 -4.84 -34.37 27.29
CA GLN H 54 -3.47 -34.41 27.77
C GLN H 54 -2.80 -33.05 27.57
N LEU H 55 -3.16 -32.37 26.48
CA LEU H 55 -2.61 -31.03 26.18
C LEU H 55 -3.10 -29.97 27.15
N VAL H 56 -4.35 -30.09 27.60
CA VAL H 56 -4.91 -29.16 28.58
C VAL H 56 -4.26 -29.35 29.96
N LEU H 57 -3.88 -30.60 30.26
CA LEU H 57 -3.15 -30.90 31.49
C LEU H 57 -1.77 -30.27 31.45
N VAL H 58 -1.11 -30.37 30.30
CA VAL H 58 0.20 -29.76 30.08
C VAL H 58 0.10 -28.24 30.23
N ALA H 59 -0.98 -27.67 29.72
CA ALA H 59 -1.25 -26.25 29.86
C ALA H 59 -1.59 -25.87 31.29
N ALA H 60 -2.33 -26.74 31.99
CA ALA H 60 -2.71 -26.51 33.37
C ALA H 60 -1.50 -26.58 34.29
N LYS H 61 -0.86 -27.75 34.35
CA LYS H 61 0.34 -27.94 35.15
C LYS H 61 1.54 -27.27 34.48
N LEU H 62 1.62 -25.96 34.65
CA LEU H 62 2.60 -25.14 33.95
C LEU H 62 2.97 -23.92 34.78
N ASP H 63 4.27 -23.68 34.95
CA ASP H 63 4.77 -22.59 35.79
C ASP H 63 4.44 -21.23 35.18
N THR H 64 4.50 -20.18 36.02
CA THR H 64 4.35 -18.81 35.56
C THR H 64 5.54 -18.40 34.70
N GLU H 65 6.69 -19.00 34.97
CA GLU H 65 7.90 -18.82 34.15
C GLU H 65 7.74 -19.48 32.79
N ASP H 66 7.12 -20.65 32.77
CA ASP H 66 6.86 -21.39 31.54
C ASP H 66 5.89 -20.65 30.63
N LYS H 67 4.94 -19.93 31.22
CA LYS H 67 3.98 -19.12 30.45
C LYS H 67 4.71 -18.01 29.66
N LEU H 68 5.73 -17.42 30.26
CA LEU H 68 6.56 -16.42 29.57
C LEU H 68 7.38 -17.07 28.47
N ARG H 69 7.84 -18.29 28.72
CA ARG H 69 8.60 -19.07 27.72
C ARG H 69 7.71 -19.44 26.53
N ALA H 70 6.49 -19.85 26.82
CA ALA H 70 5.49 -20.15 25.79
C ALA H 70 5.18 -18.91 24.95
N ALA H 71 5.09 -17.77 25.62
CA ALA H 71 4.91 -16.49 24.92
C ALA H 71 6.14 -16.16 24.08
N MET H 72 7.32 -16.41 24.63
CA MET H 72 8.57 -16.11 23.95
C MET H 72 8.73 -16.95 22.68
N VAL H 73 8.60 -18.26 22.82
CA VAL H 73 8.67 -19.17 21.67
C VAL H 73 7.54 -18.89 20.67
N GLY H 74 6.44 -18.31 21.17
CA GLY H 74 5.37 -17.84 20.31
C GLY H 74 5.83 -16.74 19.38
N MET H 75 6.48 -15.73 19.94
CA MET H 75 6.98 -14.60 19.15
C MET H 75 8.06 -15.01 18.16
N LEU H 76 8.91 -15.94 18.54
CA LEU H 76 9.92 -16.48 17.64
C LEU H 76 9.25 -17.11 16.42
N ALA H 77 8.17 -17.86 16.67
CA ALA H 77 7.37 -18.44 15.61
C ALA H 77 6.72 -17.36 14.75
N ASN H 78 6.27 -16.29 15.40
CA ASN H 78 5.71 -15.14 14.69
C ASN H 78 6.75 -14.53 13.75
N PHE H 79 7.91 -14.18 14.30
CA PHE H 79 8.97 -13.51 13.52
C PHE H 79 9.50 -14.38 12.39
N LEU H 80 9.55 -15.69 12.62
CA LEU H 80 9.96 -16.63 11.58
C LEU H 80 8.96 -16.62 10.43
N GLY H 81 7.67 -16.57 10.77
CA GLY H 81 6.61 -16.47 9.77
C GLY H 81 6.71 -15.20 8.94
N PHE H 82 7.03 -14.09 9.61
CA PHE H 82 7.20 -12.81 8.92
C PHE H 82 8.51 -12.81 8.12
N ARG H 83 9.55 -13.45 8.66
CA ARG H 83 10.79 -13.69 7.92
C ARG H 83 10.51 -14.45 6.62
N ILE H 84 9.67 -15.49 6.72
CA ILE H 84 9.36 -16.35 5.58
C ILE H 84 8.59 -15.62 4.48
N TYR H 85 7.94 -14.51 4.81
CA TYR H 85 7.34 -13.65 3.80
C TYR H 85 8.41 -12.92 2.96
N GLY H 86 9.67 -13.10 3.30
CA GLY H 86 10.79 -12.67 2.47
C GLY H 86 10.88 -13.36 1.12
N MET H 87 10.02 -14.36 0.88
CA MET H 87 9.79 -14.89 -0.46
C MET H 87 9.13 -13.86 -1.37
N HIS H 88 8.37 -12.93 -0.77
CA HIS H 88 7.72 -11.83 -1.48
C HIS H 88 6.58 -12.32 -2.38
N SER H 89 5.52 -12.82 -1.74
CA SER H 89 4.30 -13.29 -2.41
C SER H 89 4.50 -14.57 -3.24
N GLU H 90 5.57 -15.32 -2.95
CA GLU H 90 5.81 -16.62 -3.56
C GLU H 90 5.48 -17.76 -2.59
N LEU H 91 5.01 -17.42 -1.40
CA LEU H 91 4.64 -18.41 -0.40
C LEU H 91 3.53 -19.31 -0.91
N TRP H 92 2.52 -18.69 -1.53
CA TRP H 92 1.41 -19.42 -2.12
C TRP H 92 1.86 -20.16 -3.37
N GLY H 93 2.97 -19.69 -3.95
CA GLY H 93 3.65 -20.39 -5.05
C GLY H 93 3.92 -21.85 -4.73
N VAL H 94 4.13 -22.17 -3.45
CA VAL H 94 4.14 -23.55 -2.98
C VAL H 94 2.70 -24.07 -3.02
N VAL H 95 2.22 -24.35 -4.23
CA VAL H 95 0.82 -24.61 -4.50
C VAL H 95 0.44 -26.07 -4.19
N HIS H 96 0.10 -26.33 -2.93
CA HIS H 96 -0.42 -27.63 -2.52
C HIS H 96 -1.56 -27.41 -1.53
N GLY H 97 -2.79 -27.67 -1.99
CA GLY H 97 -3.99 -27.47 -1.17
C GLY H 97 -4.31 -26.00 -1.01
N ALA H 98 -4.98 -25.68 0.10
CA ALA H 98 -5.37 -24.30 0.40
C ALA H 98 -4.19 -23.50 0.90
N THR H 99 -4.13 -22.23 0.49
CA THR H 99 -3.03 -21.34 0.84
C THR H 99 -3.12 -20.89 2.29
N VAL H 100 -2.52 -21.68 3.18
CA VAL H 100 -2.48 -21.36 4.60
C VAL H 100 -1.34 -22.14 5.28
N LEU H 101 -0.49 -21.41 6.00
CA LEU H 101 0.67 -21.99 6.68
C LEU H 101 0.60 -21.74 8.19
N SER H 102 1.25 -22.61 8.95
CA SER H 102 1.22 -22.57 10.41
C SER H 102 2.57 -22.16 10.97
N PRO H 103 2.77 -20.86 11.27
CA PRO H 103 4.02 -20.38 11.85
C PRO H 103 4.52 -21.21 13.04
N THR H 104 3.61 -21.61 13.91
CA THR H 104 3.96 -22.41 15.08
C THR H 104 4.41 -23.81 14.69
N ALA H 105 3.74 -24.39 13.69
CA ALA H 105 4.11 -25.71 13.18
C ALA H 105 5.42 -25.65 12.40
N VAL H 106 5.57 -24.61 11.59
CA VAL H 106 6.81 -24.37 10.86
C VAL H 106 7.97 -24.29 11.83
N PHE H 107 7.85 -23.39 12.80
CA PHE H 107 8.89 -23.23 13.81
C PHE H 107 9.21 -24.56 14.49
N GLY H 108 8.16 -25.28 14.89
CA GLY H 108 8.33 -26.54 15.59
C GLY H 108 9.02 -27.59 14.74
N THR H 109 8.51 -27.83 13.53
CA THR H 109 9.11 -28.81 12.63
C THR H 109 10.57 -28.47 12.36
N LEU H 110 10.87 -27.17 12.28
CA LEU H 110 12.23 -26.70 12.07
C LEU H 110 13.07 -26.90 13.33
N ALA H 111 12.46 -26.62 14.49
CA ALA H 111 13.12 -26.78 15.79
C ALA H 111 13.40 -28.23 16.13
N SER H 112 12.60 -29.14 15.57
CA SER H 112 12.79 -30.58 15.81
C SER H 112 13.93 -31.15 14.97
N LEU H 113 14.17 -30.57 13.79
CA LEU H 113 15.33 -30.92 12.99
C LEU H 113 16.60 -30.44 13.68
N TYR H 114 16.50 -29.32 14.39
CA TYR H 114 17.60 -28.78 15.17
C TYR H 114 18.16 -29.80 16.17
N LEU H 115 17.29 -30.65 16.73
CA LEU H 115 17.73 -31.74 17.61
C LEU H 115 18.82 -32.58 16.93
N GLY H 116 18.50 -33.03 15.71
CA GLY H 116 19.45 -33.78 14.89
C GLY H 116 20.35 -32.84 14.12
N ALA H 117 21.22 -32.13 14.84
CA ALA H 117 22.10 -31.16 14.21
C ALA H 117 23.33 -30.88 15.07
N LEU H 118 24.51 -31.08 14.49
CA LEU H 118 25.78 -30.77 15.15
C LEU H 118 26.15 -29.33 14.81
N ASP H 119 27.37 -28.94 15.17
CA ASP H 119 27.91 -27.64 14.74
C ASP H 119 27.72 -27.42 13.24
N HIS H 120 27.73 -26.14 12.84
CA HIS H 120 27.38 -25.72 11.48
C HIS H 120 25.89 -25.88 11.21
N THR H 121 25.43 -27.11 11.03
CA THR H 121 24.01 -27.37 10.71
C THR H 121 23.07 -26.89 11.80
N ALA H 122 23.39 -27.22 13.05
CA ALA H 122 22.65 -26.69 14.20
C ALA H 122 22.88 -25.18 14.32
N ASP H 123 24.11 -24.75 14.05
CA ASP H 123 24.46 -23.33 14.12
C ASP H 123 23.80 -22.49 13.02
N ARG H 124 23.36 -23.13 11.94
CA ARG H 124 22.60 -22.47 10.88
C ARG H 124 21.13 -22.41 11.27
N LEU H 125 20.55 -23.55 11.61
CA LEU H 125 19.15 -23.64 12.05
C LEU H 125 18.90 -22.74 13.26
N GLN H 126 19.88 -22.68 14.17
CA GLN H 126 19.88 -21.71 15.26
C GLN H 126 19.44 -20.33 14.77
N ALA H 127 20.18 -19.78 13.80
CA ALA H 127 19.81 -18.52 13.19
C ALA H 127 18.54 -18.58 12.33
N ILE H 128 18.42 -19.62 11.52
CA ILE H 128 17.28 -19.78 10.60
C ILE H 128 15.95 -20.00 11.31
N LEU H 129 15.96 -20.85 12.32
CA LEU H 129 14.78 -21.14 13.13
C LEU H 129 14.38 -19.87 13.87
N GLY H 130 15.40 -19.12 14.27
CA GLY H 130 15.27 -17.97 15.13
C GLY H 130 16.00 -18.41 16.38
N VAL H 131 17.21 -17.90 16.56
CA VAL H 131 18.03 -18.25 17.72
C VAL H 131 18.55 -16.99 18.41
N PRO H 132 19.07 -17.17 19.62
CA PRO H 132 19.13 -18.50 20.26
C PRO H 132 18.20 -18.60 21.46
N TRP H 133 17.01 -18.01 21.35
CA TRP H 133 16.04 -18.04 22.43
C TRP H 133 16.61 -17.40 23.70
N LYS H 134 17.87 -17.70 23.99
CA LYS H 134 18.54 -17.16 25.17
C LYS H 134 19.72 -16.26 24.78
N ASP H 135 20.07 -16.30 23.50
CA ASP H 135 21.18 -15.50 23.00
C ASP H 135 22.52 -16.16 23.30
N LYS H 136 22.48 -17.47 23.58
CA LYS H 136 23.70 -18.22 23.89
C LYS H 136 23.45 -19.72 23.79
N ASN H 137 24.53 -20.49 23.64
CA ASN H 137 24.43 -21.94 23.51
C ASN H 137 25.24 -22.68 24.56
N CYS H 138 24.99 -22.37 25.82
CA CYS H 138 25.70 -23.02 26.92
C CYS H 138 25.34 -24.50 26.99
N THR H 139 24.50 -24.95 26.05
CA THR H 139 24.08 -26.34 25.99
C THR H 139 23.36 -26.75 27.27
N SER H 140 22.08 -27.09 27.14
CA SER H 140 21.28 -27.50 28.29
C SER H 140 19.99 -28.18 27.84
N ARG H 141 19.05 -28.31 28.78
CA ARG H 141 17.77 -28.95 28.48
C ARG H 141 16.82 -27.98 27.77
N LEU H 142 17.25 -26.74 27.64
CA LEU H 142 16.45 -25.72 26.98
C LEU H 142 16.64 -25.76 25.47
N ASP H 143 17.89 -25.84 25.04
CA ASP H 143 18.21 -25.90 23.62
C ASP H 143 17.69 -27.18 22.99
N ALA H 144 16.61 -27.06 22.22
CA ALA H 144 16.00 -28.21 21.57
C ALA H 144 14.95 -28.87 22.46
N HIS H 145 15.32 -29.11 23.71
CA HIS H 145 14.40 -29.72 24.68
C HIS H 145 13.47 -28.70 25.33
N LYS H 146 13.99 -27.52 25.64
CA LYS H 146 13.18 -26.43 26.20
C LYS H 146 12.24 -25.85 25.15
N VAL H 147 12.79 -25.57 23.96
CA VAL H 147 12.01 -25.02 22.86
C VAL H 147 10.86 -25.94 22.45
N LEU H 148 11.11 -27.25 22.41
CA LEU H 148 10.10 -28.21 21.99
C LEU H 148 8.96 -28.32 23.00
N SER H 149 9.28 -28.48 24.28
CA SER H 149 8.28 -28.57 25.34
C SER H 149 7.60 -27.21 25.61
N ALA H 150 8.28 -26.11 25.27
CA ALA H 150 7.67 -24.78 25.33
C ALA H 150 6.62 -24.65 24.23
N LEU H 151 6.91 -25.28 23.09
CA LEU H 151 6.03 -25.25 21.93
C LEU H 151 4.86 -26.22 22.08
N GLN H 152 5.06 -27.24 22.91
CA GLN H 152 3.96 -28.09 23.36
C GLN H 152 2.98 -27.23 24.16
N ALA H 153 3.54 -26.47 25.10
CA ALA H 153 2.76 -25.59 25.95
C ALA H 153 1.86 -24.64 25.16
N VAL H 154 2.41 -24.03 24.12
CA VAL H 154 1.66 -23.03 23.33
C VAL H 154 0.41 -23.63 22.68
N GLN H 155 0.45 -24.94 22.40
CA GLN H 155 -0.71 -25.64 21.85
C GLN H 155 -1.79 -25.78 22.93
N GLY H 156 -1.37 -26.21 24.12
CA GLY H 156 -2.28 -26.30 25.26
C GLY H 156 -2.87 -24.96 25.64
N LEU H 157 -2.07 -23.90 25.48
CA LEU H 157 -2.51 -22.53 25.73
C LEU H 157 -3.62 -22.10 24.77
N LEU H 158 -3.53 -22.54 23.51
CA LEU H 158 -4.56 -22.24 22.52
C LEU H 158 -5.84 -22.97 22.87
N VAL H 159 -5.78 -24.29 22.96
CA VAL H 159 -6.94 -25.11 23.32
C VAL H 159 -7.07 -25.15 24.85
N ALA H 160 -7.56 -24.06 25.42
CA ALA H 160 -7.58 -23.87 26.88
C ALA H 160 -8.99 -23.87 27.45
N GLN H 161 -9.71 -22.76 27.26
CA GLN H 161 -11.00 -22.52 27.92
C GLN H 161 -10.82 -22.46 29.43
N GLY H 162 -9.96 -21.56 29.88
CA GLY H 162 -9.64 -21.42 31.31
C GLY H 162 -10.85 -21.02 32.13
N ARG H 163 -11.41 -19.86 31.81
CA ARG H 163 -12.63 -19.39 32.47
C ARG H 163 -13.89 -20.11 31.95
N ALA H 164 -13.75 -20.74 30.77
CA ALA H 164 -14.87 -21.46 30.14
C ALA H 164 -15.21 -22.77 30.87
N ASP H 165 -14.18 -23.53 31.22
CA ASP H 165 -14.31 -24.84 31.90
C ASP H 165 -14.92 -25.93 31.01
N SER H 166 -16.15 -25.70 30.55
CA SER H 166 -16.82 -26.60 29.62
C SER H 166 -16.07 -26.70 28.28
N GLN H 167 -16.55 -27.58 27.40
CA GLN H 167 -15.88 -27.85 26.14
C GLN H 167 -15.73 -26.58 25.29
N ALA H 168 -14.49 -26.12 25.16
CA ALA H 168 -14.19 -24.88 24.41
C ALA H 168 -14.50 -25.01 22.93
N GLN H 169 -14.52 -26.23 22.41
CA GLN H 169 -14.93 -26.50 21.04
C GLN H 169 -13.82 -26.32 20.01
N LEU H 170 -12.72 -25.67 20.39
CA LEU H 170 -11.55 -25.54 19.52
C LEU H 170 -10.59 -26.72 19.76
N LEU H 171 -10.06 -27.27 18.67
CA LEU H 171 -9.17 -28.42 18.75
C LEU H 171 -7.90 -28.15 17.94
N LEU H 172 -6.77 -28.65 18.44
CA LEU H 172 -5.50 -28.55 17.73
C LEU H 172 -4.71 -29.84 17.89
N SER H 173 -4.72 -30.66 16.84
CA SER H 173 -3.96 -31.90 16.82
C SER H 173 -2.70 -31.71 15.98
N THR H 174 -1.60 -32.31 16.43
CA THR H 174 -0.32 -32.22 15.74
C THR H 174 0.44 -33.53 15.84
N VAL H 175 0.40 -34.33 14.79
CA VAL H 175 1.06 -35.64 14.77
C VAL H 175 2.27 -35.62 13.84
N VAL H 176 3.45 -35.90 14.41
CA VAL H 176 4.70 -35.81 13.66
C VAL H 176 5.15 -37.18 13.13
N GLY H 177 5.03 -37.36 11.81
CA GLY H 177 5.54 -38.55 11.15
C GLY H 177 7.02 -38.39 10.84
N VAL H 178 7.80 -39.43 11.14
CA VAL H 178 9.24 -39.42 10.89
C VAL H 178 9.62 -40.70 10.14
N PHE H 179 9.37 -40.70 8.85
CA PHE H 179 9.49 -41.91 8.04
C PHE H 179 10.90 -42.10 7.50
N THR H 180 11.64 -43.04 8.10
CA THR H 180 13.01 -43.34 7.69
C THR H 180 13.04 -44.44 6.64
N ALA H 181 14.20 -44.63 6.03
CA ALA H 181 14.40 -45.68 5.04
C ALA H 181 14.63 -47.03 5.73
N PRO H 182 14.67 -48.12 4.95
CA PRO H 182 14.90 -49.43 5.56
C PRO H 182 16.33 -49.58 6.07
N GLY H 183 16.49 -50.05 7.30
CA GLY H 183 17.81 -50.20 7.89
C GLY H 183 18.42 -48.91 8.40
N LEU H 184 17.58 -47.91 8.64
CA LEU H 184 18.04 -46.65 9.24
C LEU H 184 17.78 -46.67 10.74
N HIS H 185 18.83 -46.95 11.50
CA HIS H 185 18.73 -47.06 12.95
C HIS H 185 18.72 -45.67 13.57
N LEU H 186 17.55 -45.06 13.66
CA LEU H 186 17.43 -43.72 14.25
C LEU H 186 17.54 -43.77 15.77
N LYS H 187 18.17 -42.75 16.35
CA LYS H 187 18.57 -42.77 17.77
C LYS H 187 17.40 -42.50 18.73
N GLN H 188 17.53 -43.04 19.94
CA GLN H 188 16.49 -42.94 20.98
C GLN H 188 16.29 -41.52 21.54
N PRO H 189 17.35 -40.89 22.10
CA PRO H 189 17.16 -39.60 22.77
C PRO H 189 16.56 -38.51 21.89
N PHE H 190 16.79 -38.59 20.59
CA PHE H 190 16.14 -37.71 19.61
C PHE H 190 14.63 -37.89 19.64
N VAL H 191 14.18 -39.14 19.71
CA VAL H 191 12.75 -39.45 19.69
C VAL H 191 12.07 -38.96 20.98
N GLN H 192 12.79 -39.01 22.10
CA GLN H 192 12.28 -38.46 23.35
C GLN H 192 12.18 -36.95 23.26
N GLY H 193 13.08 -36.33 22.50
CA GLY H 193 12.98 -34.90 22.20
C GLY H 193 11.70 -34.57 21.46
N LEU H 194 11.40 -35.34 20.41
CA LEU H 194 10.16 -35.19 19.65
C LEU H 194 8.94 -35.38 20.55
N ALA H 195 9.06 -36.26 21.53
CA ALA H 195 7.99 -36.51 22.50
C ALA H 195 7.61 -35.25 23.27
N LEU H 196 8.61 -34.41 23.56
CA LEU H 196 8.37 -33.13 24.25
C LEU H 196 7.53 -32.18 23.39
N TYR H 197 7.77 -32.18 22.08
CA TYR H 197 7.05 -31.31 21.14
C TYR H 197 5.61 -31.78 20.96
N THR H 198 5.44 -33.07 20.71
CA THR H 198 4.11 -33.66 20.55
C THR H 198 4.08 -35.08 21.09
N PRO H 199 2.95 -35.48 21.71
CA PRO H 199 2.81 -36.88 22.13
C PRO H 199 2.78 -37.84 20.96
N VAL H 200 2.04 -37.49 19.91
CA VAL H 200 1.89 -38.36 18.74
C VAL H 200 3.13 -38.26 17.84
N VAL H 201 4.15 -39.04 18.18
CA VAL H 201 5.35 -39.16 17.36
C VAL H 201 5.35 -40.56 16.75
N LEU H 202 5.27 -40.62 15.42
CA LEU H 202 5.08 -41.89 14.72
C LEU H 202 6.22 -42.19 13.74
N PRO H 203 7.36 -42.68 14.26
CA PRO H 203 8.42 -43.17 13.39
C PRO H 203 8.08 -44.57 12.86
N ARG H 204 8.14 -44.74 11.55
CA ARG H 204 7.84 -46.03 10.91
C ARG H 204 8.55 -46.13 9.56
N SER H 205 9.19 -47.26 9.29
CA SER H 205 10.04 -47.41 8.10
C SER H 205 9.25 -47.50 6.80
N LEU H 206 9.93 -47.27 5.68
CA LEU H 206 9.31 -47.27 4.35
C LEU H 206 10.38 -47.43 3.26
N ASP H 207 9.99 -48.08 2.16
CA ASP H 207 10.89 -48.31 1.02
C ASP H 207 10.76 -47.15 0.03
N PHE H 208 11.75 -46.26 0.05
CA PHE H 208 11.73 -45.04 -0.76
C PHE H 208 12.23 -45.21 -2.19
N THR H 209 12.81 -46.38 -2.50
CA THR H 209 13.27 -46.68 -3.85
C THR H 209 12.13 -46.59 -4.85
N GLU H 210 10.95 -47.07 -4.43
CA GLU H 210 9.71 -46.87 -5.19
C GLU H 210 8.95 -45.68 -4.60
N LEU H 211 9.06 -44.52 -5.25
CA LEU H 211 8.39 -43.31 -4.78
C LEU H 211 6.88 -43.38 -4.97
N ASP H 212 6.46 -43.92 -6.11
CA ASP H 212 5.02 -44.09 -6.41
C ASP H 212 4.35 -44.96 -5.35
N VAL H 213 4.98 -46.07 -5.01
CA VAL H 213 4.45 -47.02 -4.02
C VAL H 213 4.56 -46.46 -2.60
N ALA H 214 5.60 -45.69 -2.33
CA ALA H 214 5.79 -45.06 -1.03
C ALA H 214 4.75 -43.96 -0.81
N ALA H 215 4.62 -43.08 -1.80
CA ALA H 215 3.71 -41.93 -1.72
C ALA H 215 2.26 -42.34 -1.48
N GLU H 216 1.81 -43.39 -2.17
CA GLU H 216 0.44 -43.88 -2.03
C GLU H 216 0.21 -44.57 -0.69
N LYS H 217 1.23 -45.29 -0.20
CA LYS H 217 1.14 -45.96 1.09
C LYS H 217 1.30 -44.98 2.26
N ILE H 218 2.13 -43.96 2.08
CA ILE H 218 2.34 -42.95 3.11
C ILE H 218 1.05 -42.16 3.39
N ASP H 219 0.26 -41.94 2.34
CA ASP H 219 -1.06 -41.32 2.47
C ASP H 219 -2.06 -42.29 3.13
N ARG H 220 -2.04 -43.54 2.69
CA ARG H 220 -2.92 -44.58 3.24
C ARG H 220 -2.68 -44.83 4.72
N PHE H 221 -1.43 -44.68 5.16
CA PHE H 221 -1.07 -44.85 6.57
C PHE H 221 -1.61 -43.71 7.42
N MET H 222 -1.20 -42.49 7.07
CA MET H 222 -1.55 -41.29 7.85
C MET H 222 -3.05 -41.06 7.94
N GLN H 223 -3.72 -41.08 6.79
CA GLN H 223 -5.18 -40.89 6.76
C GLN H 223 -5.90 -41.97 7.56
N ALA H 224 -5.32 -43.17 7.60
CA ALA H 224 -5.82 -44.25 8.45
C ALA H 224 -5.55 -43.96 9.92
N VAL H 225 -4.33 -43.52 10.23
CA VAL H 225 -3.93 -43.26 11.62
C VAL H 225 -4.57 -41.97 12.16
N THR H 226 -4.53 -40.91 11.37
CA THR H 226 -5.04 -39.61 11.80
C THR H 226 -6.56 -39.57 11.72
N GLY H 227 -7.09 -39.79 10.52
CA GLY H 227 -8.52 -39.69 10.26
C GLY H 227 -8.91 -38.37 9.61
N TRP H 228 -8.02 -37.81 8.79
CA TRP H 228 -8.36 -36.65 7.97
C TRP H 228 -7.53 -36.62 6.68
N LYS H 229 -8.20 -36.29 5.57
CA LYS H 229 -7.56 -36.29 4.25
C LYS H 229 -6.53 -35.17 4.13
N THR H 230 -5.26 -35.57 4.03
CA THR H 230 -4.16 -34.63 3.82
C THR H 230 -3.90 -34.46 2.32
N GLY H 231 -3.51 -33.25 1.93
CA GLY H 231 -3.31 -32.91 0.51
C GLY H 231 -2.08 -33.57 -0.07
N CYS H 232 -2.21 -34.87 -0.37
CA CYS H 232 -1.12 -35.70 -0.91
C CYS H 232 0.08 -35.79 0.04
N SER H 233 1.07 -36.60 -0.34
CA SER H 233 2.30 -36.75 0.44
C SER H 233 3.42 -37.35 -0.41
N LEU H 234 4.66 -37.04 -0.02
CA LEU H 234 5.86 -37.46 -0.76
C LEU H 234 5.92 -36.82 -2.15
N MET H 235 5.34 -35.62 -2.27
CA MET H 235 5.34 -34.88 -3.54
C MET H 235 6.68 -34.15 -3.67
N GLY H 236 7.34 -34.33 -4.82
CA GLY H 236 8.62 -33.68 -5.08
C GLY H 236 9.76 -34.24 -4.25
N ALA H 237 9.63 -35.49 -3.82
CA ALA H 237 10.67 -36.17 -3.08
C ALA H 237 11.52 -36.99 -4.06
N SER H 238 12.84 -36.94 -3.89
CA SER H 238 13.76 -37.65 -4.79
C SER H 238 13.72 -39.16 -4.52
N VAL H 239 14.18 -39.93 -5.51
CA VAL H 239 14.23 -41.40 -5.39
C VAL H 239 15.33 -41.81 -4.41
N ASP H 240 16.49 -41.17 -4.52
CA ASP H 240 17.65 -41.47 -3.67
C ASP H 240 17.55 -40.70 -2.35
N SER H 241 16.58 -41.07 -1.53
CA SER H 241 16.34 -40.41 -0.24
C SER H 241 16.12 -41.45 0.86
N THR H 242 16.10 -40.98 2.11
CA THR H 242 15.93 -41.87 3.27
C THR H 242 14.90 -41.32 4.26
N LEU H 243 15.18 -40.14 4.80
CA LEU H 243 14.36 -39.54 5.85
C LEU H 243 13.20 -38.73 5.26
N ALA H 244 12.08 -38.70 5.97
CA ALA H 244 10.91 -37.92 5.55
C ALA H 244 10.17 -37.36 6.76
N PHE H 245 10.67 -36.25 7.30
CA PHE H 245 10.15 -35.68 8.53
C PHE H 245 8.90 -34.84 8.25
N ASN H 246 7.74 -35.44 8.41
CA ASN H 246 6.48 -34.76 8.07
C ASN H 246 5.59 -34.51 9.28
N THR H 247 5.37 -33.23 9.59
CA THR H 247 4.43 -32.83 10.65
C THR H 247 3.03 -32.73 10.06
N TYR H 248 2.04 -33.28 10.75
CA TYR H 248 0.65 -33.21 10.33
C TYR H 248 -0.20 -32.52 11.40
N VAL H 249 -0.80 -31.37 11.05
CA VAL H 249 -1.63 -30.62 11.99
C VAL H 249 -3.10 -30.53 11.53
N HIS H 250 -4.00 -30.49 12.50
CA HIS H 250 -5.44 -30.40 12.23
C HIS H 250 -6.09 -29.41 13.19
N PHE H 251 -6.70 -28.36 12.63
CA PHE H 251 -7.35 -27.33 13.44
C PHE H 251 -8.87 -27.38 13.34
N GLN H 252 -9.52 -27.51 14.50
CA GLN H 252 -10.97 -27.39 14.61
C GLN H 252 -11.26 -26.05 15.26
N GLY H 253 -12.24 -25.33 14.73
CA GLY H 253 -12.58 -23.98 15.23
C GLY H 253 -14.07 -23.69 15.20
N LYS H 254 -14.77 -24.10 16.24
CA LYS H 254 -16.21 -23.89 16.35
C LYS H 254 -16.52 -22.47 16.83
N MET H 255 -17.44 -21.80 16.13
CA MET H 255 -17.83 -20.43 16.45
C MET H 255 -19.29 -20.39 16.91
N LYS H 256 -19.51 -20.06 18.18
CA LYS H 256 -20.88 -19.95 18.71
C LYS H 256 -21.55 -18.69 18.19
N GLY H 257 -22.84 -18.80 17.90
CA GLY H 257 -23.60 -17.73 17.28
C GLY H 257 -23.44 -17.72 15.76
N PHE H 258 -23.23 -18.91 15.18
CA PHE H 258 -23.08 -19.07 13.73
C PHE H 258 -23.85 -20.28 13.24
N SER H 259 -24.17 -20.29 11.95
CA SER H 259 -24.94 -21.37 11.34
C SER H 259 -24.60 -21.54 9.86
N LEU H 260 -24.55 -22.79 9.40
CA LEU H 260 -24.30 -23.10 8.00
C LEU H 260 -25.58 -22.91 7.20
N LEU H 261 -25.46 -22.28 6.02
CA LEU H 261 -26.61 -21.95 5.19
C LEU H 261 -26.81 -23.00 4.11
N ALA H 262 -28.06 -23.43 3.93
CA ALA H 262 -28.42 -24.35 2.84
C ALA H 262 -28.38 -23.64 1.50
N GLU H 263 -28.66 -22.33 1.51
CA GLU H 263 -28.61 -21.51 0.30
C GLU H 263 -27.26 -20.81 0.20
N PRO H 264 -26.53 -21.03 -0.92
CA PRO H 264 -25.22 -20.42 -1.08
C PRO H 264 -25.31 -18.96 -1.56
N GLN H 265 -24.54 -18.07 -0.92
CA GLN H 265 -24.51 -16.66 -1.30
C GLN H 265 -23.62 -16.42 -2.52
N GLU H 266 -22.66 -17.32 -2.74
CA GLU H 266 -21.70 -17.25 -3.85
C GLU H 266 -20.67 -16.13 -3.65
N PHE H 267 -19.53 -16.25 -4.33
CA PHE H 267 -18.42 -15.31 -4.18
C PHE H 267 -17.79 -14.98 -5.52
N TRP H 268 -17.01 -13.90 -5.54
CA TRP H 268 -16.28 -13.46 -6.73
C TRP H 268 -14.79 -13.44 -6.45
N VAL H 269 -14.07 -14.44 -6.95
CA VAL H 269 -12.60 -14.46 -6.83
C VAL H 269 -11.98 -13.26 -7.56
N ASP H 270 -12.65 -12.81 -8.61
CA ASP H 270 -12.33 -11.54 -9.26
C ASP H 270 -13.62 -10.92 -9.82
N ASN H 271 -13.55 -9.62 -10.13
CA ASN H 271 -14.71 -8.86 -10.59
C ASN H 271 -15.54 -9.52 -11.71
N SER H 272 -14.89 -10.31 -12.56
CA SER H 272 -15.58 -10.98 -13.67
C SER H 272 -16.21 -12.31 -13.26
N THR H 273 -15.40 -13.20 -12.68
CA THR H 273 -15.83 -14.58 -12.41
C THR H 273 -16.60 -14.72 -11.10
N SER H 274 -17.45 -15.75 -11.03
CA SER H 274 -18.24 -16.06 -9.84
C SER H 274 -18.07 -17.53 -9.45
N VAL H 275 -18.40 -17.85 -8.19
CA VAL H 275 -18.25 -19.20 -7.66
C VAL H 275 -19.39 -19.57 -6.71
N SER H 276 -19.99 -20.74 -6.93
CA SER H 276 -21.02 -21.28 -6.04
C SER H 276 -20.36 -21.87 -4.80
N VAL H 277 -20.63 -21.28 -3.63
CA VAL H 277 -19.92 -21.63 -2.40
C VAL H 277 -20.80 -21.42 -1.15
N PRO H 278 -20.57 -22.21 -0.09
CA PRO H 278 -21.33 -22.09 1.16
C PRO H 278 -21.04 -20.81 1.95
N MET H 279 -21.68 -20.66 3.11
CA MET H 279 -21.58 -19.46 3.94
C MET H 279 -21.76 -19.75 5.43
N LEU H 280 -21.45 -18.74 6.25
CA LEU H 280 -21.66 -18.82 7.70
C LEU H 280 -22.09 -17.45 8.24
N SER H 281 -23.38 -17.31 8.51
CA SER H 281 -23.93 -16.05 9.03
C SER H 281 -23.61 -15.90 10.52
N GLY H 282 -23.25 -14.69 10.93
CA GLY H 282 -22.83 -14.43 12.31
C GLY H 282 -23.46 -13.18 12.89
N MET H 283 -24.11 -13.32 14.03
CA MET H 283 -24.78 -12.20 14.71
C MET H 283 -24.13 -12.00 16.08
N GLY H 284 -23.55 -10.83 16.31
CA GLY H 284 -22.89 -10.54 17.59
C GLY H 284 -22.11 -9.24 17.59
N THR H 285 -21.85 -8.72 18.79
CA THR H 285 -21.11 -7.48 18.98
C THR H 285 -19.63 -7.78 19.22
N PHE H 286 -18.84 -7.77 18.15
CA PHE H 286 -17.41 -8.09 18.22
C PHE H 286 -16.56 -6.82 18.22
N GLN H 287 -15.24 -6.98 18.31
CA GLN H 287 -14.32 -5.85 18.22
C GLN H 287 -13.80 -5.72 16.79
N HIS H 288 -13.68 -4.49 16.31
CA HIS H 288 -13.29 -4.21 14.92
C HIS H 288 -12.98 -2.73 14.74
N TRP H 289 -11.87 -2.45 14.06
CA TRP H 289 -11.44 -1.07 13.79
C TRP H 289 -10.69 -1.00 12.46
N SER H 290 -11.07 -0.04 11.63
CA SER H 290 -10.58 0.06 10.25
C SER H 290 -9.56 1.19 10.09
N ASP H 291 -8.34 0.83 9.71
CA ASP H 291 -7.27 1.80 9.47
C ASP H 291 -7.48 2.50 8.13
N ILE H 292 -7.70 3.82 8.16
CA ILE H 292 -7.96 4.60 6.94
C ILE H 292 -6.67 5.09 6.27
N GLN H 293 -5.53 4.92 6.92
CA GLN H 293 -4.24 5.34 6.40
C GLN H 293 -3.85 4.49 5.19
N ASP H 294 -3.82 3.17 5.38
CA ASP H 294 -3.53 2.22 4.31
C ASP H 294 -4.80 1.52 3.83
N ASN H 295 -5.96 2.03 4.26
CA ASN H 295 -7.27 1.44 3.95
C ASN H 295 -7.36 -0.03 4.35
N PHE H 296 -7.79 -0.25 5.59
CA PHE H 296 -7.79 -1.58 6.22
C PHE H 296 -9.10 -1.80 6.95
N SER H 297 -9.31 -3.04 7.43
CA SER H 297 -10.49 -3.39 8.22
C SER H 297 -10.41 -4.83 8.70
N VAL H 298 -10.45 -5.05 10.00
CA VAL H 298 -10.32 -6.40 10.56
C VAL H 298 -11.31 -6.67 11.69
N THR H 299 -12.14 -7.70 11.51
CA THR H 299 -13.06 -8.17 12.53
C THR H 299 -12.60 -9.50 13.11
N GLN H 300 -13.16 -9.90 14.24
CA GLN H 300 -12.79 -11.15 14.89
C GLN H 300 -13.97 -11.89 15.52
N VAL H 301 -13.76 -13.17 15.83
CA VAL H 301 -14.75 -14.01 16.50
C VAL H 301 -14.05 -14.88 17.55
N PRO H 302 -13.70 -14.28 18.71
CA PRO H 302 -12.86 -14.89 19.74
C PRO H 302 -13.24 -16.31 20.19
N PHE H 303 -12.22 -17.09 20.54
CA PHE H 303 -12.40 -18.38 21.21
C PHE H 303 -11.85 -18.23 22.63
N THR H 304 -12.71 -17.83 23.55
CA THR H 304 -12.34 -17.58 24.97
C THR H 304 -11.30 -16.48 25.13
N GLU H 305 -11.32 -15.48 24.24
CA GLU H 305 -10.33 -14.40 24.19
C GLU H 305 -8.90 -14.90 23.97
N SER H 306 -8.42 -15.75 24.89
CA SER H 306 -7.15 -16.44 24.73
C SER H 306 -6.84 -16.65 23.24
N ALA H 307 -7.70 -17.40 22.57
CA ALA H 307 -7.59 -17.62 21.13
C ALA H 307 -8.56 -16.68 20.40
N CYS H 308 -8.12 -16.17 19.25
CA CYS H 308 -8.92 -15.22 18.47
C CYS H 308 -8.69 -15.41 16.97
N LEU H 309 -9.79 -15.63 16.24
CA LEU H 309 -9.73 -15.67 14.78
C LEU H 309 -9.87 -14.26 14.23
N LEU H 310 -8.76 -13.72 13.71
CA LEU H 310 -8.76 -12.39 13.11
C LEU H 310 -8.99 -12.52 11.62
N LEU H 311 -10.01 -11.82 11.11
CA LEU H 311 -10.33 -11.83 9.68
C LEU H 311 -9.94 -10.50 9.04
N ILE H 312 -8.82 -10.51 8.32
CA ILE H 312 -8.30 -9.30 7.70
C ILE H 312 -9.01 -9.02 6.39
N GLN H 313 -9.81 -7.96 6.37
CA GLN H 313 -10.54 -7.57 5.16
C GLN H 313 -9.88 -6.37 4.48
N PRO H 314 -9.54 -6.50 3.19
CA PRO H 314 -8.98 -5.40 2.45
C PRO H 314 -10.07 -4.40 2.10
N HIS H 315 -9.91 -3.16 2.53
CA HIS H 315 -10.98 -2.16 2.45
C HIS H 315 -11.54 -2.07 1.03
N TYR H 316 -10.65 -1.84 0.06
CA TYR H 316 -11.05 -1.81 -1.36
C TYR H 316 -11.14 -3.21 -1.94
N ALA H 317 -10.24 -4.10 -1.50
CA ALA H 317 -10.19 -5.48 -2.00
C ALA H 317 -9.72 -5.58 -3.45
N SER H 318 -9.09 -4.51 -3.94
CA SER H 318 -8.58 -4.48 -5.31
C SER H 318 -7.22 -5.14 -5.35
N ASP H 319 -6.30 -4.64 -4.53
CA ASP H 319 -4.94 -5.17 -4.44
C ASP H 319 -4.71 -5.83 -3.08
N LEU H 320 -4.77 -7.16 -3.04
CA LEU H 320 -4.52 -7.90 -1.81
C LEU H 320 -3.03 -8.01 -1.55
N ASP H 321 -2.29 -8.44 -2.57
CA ASP H 321 -0.85 -8.66 -2.45
C ASP H 321 -0.14 -7.51 -1.73
N LYS H 322 -0.62 -6.29 -1.93
CA LYS H 322 -0.10 -5.12 -1.23
C LYS H 322 -0.62 -5.04 0.21
N VAL H 323 -1.92 -5.25 0.37
CA VAL H 323 -2.57 -5.21 1.68
C VAL H 323 -2.18 -6.40 2.55
N GLU H 324 -2.23 -7.59 1.95
CA GLU H 324 -1.84 -8.84 2.60
C GLU H 324 -0.38 -8.79 3.08
N GLY H 325 0.47 -8.06 2.35
CA GLY H 325 1.84 -7.82 2.78
C GLY H 325 1.92 -7.18 4.17
N LEU H 326 0.93 -6.33 4.47
CA LEU H 326 0.83 -5.70 5.79
C LEU H 326 0.14 -6.60 6.82
N THR H 327 -0.08 -7.86 6.47
CA THR H 327 -0.60 -8.86 7.42
C THR H 327 0.49 -9.91 7.74
N PHE H 328 1.69 -9.71 7.21
CA PHE H 328 2.89 -10.46 7.60
C PHE H 328 3.99 -9.49 8.02
N GLN H 329 3.61 -8.24 8.30
CA GLN H 329 4.57 -7.16 8.55
C GLN H 329 4.97 -7.06 10.03
N GLN H 330 6.04 -7.77 10.38
CA GLN H 330 6.70 -7.65 11.68
C GLN H 330 5.78 -7.30 12.87
N ASN H 331 6.10 -6.21 13.57
CA ASN H 331 5.41 -5.86 14.82
C ASN H 331 4.01 -5.25 14.64
N SER H 332 3.67 -4.86 13.41
CA SER H 332 2.42 -4.16 13.15
C SER H 332 1.19 -5.04 13.33
N LEU H 333 1.23 -6.28 12.81
CA LEU H 333 0.05 -7.15 12.83
C LEU H 333 -0.39 -7.47 14.26
N ASN H 334 0.58 -7.58 15.15
CA ASN H 334 0.32 -7.87 16.55
C ASN H 334 -0.15 -6.62 17.28
N TRP H 335 0.46 -5.48 16.97
CA TRP H 335 0.10 -4.21 17.60
C TRP H 335 -1.24 -3.67 17.11
N MET H 336 -1.78 -4.24 16.03
CA MET H 336 -3.17 -4.01 15.64
C MET H 336 -4.07 -4.56 16.75
N LYS H 337 -4.37 -3.73 17.74
CA LYS H 337 -5.13 -4.17 18.92
C LYS H 337 -5.74 -2.99 19.69
N LYS H 338 -6.51 -2.17 18.97
CA LYS H 338 -7.26 -1.05 19.56
C LYS H 338 -8.38 -1.51 20.48
N LEU H 339 -8.96 -2.69 20.20
CA LEU H 339 -10.09 -3.24 20.97
C LEU H 339 -11.30 -2.31 20.98
N SER H 340 -11.73 -1.91 19.78
CA SER H 340 -12.92 -1.08 19.62
C SER H 340 -14.13 -1.97 19.28
N PRO H 341 -15.09 -2.11 20.21
CA PRO H 341 -16.25 -2.98 19.98
C PRO H 341 -17.28 -2.34 19.06
N ARG H 342 -18.04 -3.19 18.34
CA ARG H 342 -19.09 -2.72 17.45
C ARG H 342 -20.06 -3.84 17.10
N THR H 343 -21.30 -3.48 16.80
CA THR H 343 -22.30 -4.44 16.35
C THR H 343 -22.04 -4.79 14.89
N ILE H 344 -21.69 -6.05 14.62
CA ILE H 344 -21.32 -6.48 13.27
C ILE H 344 -22.11 -7.72 12.85
N HIS H 345 -22.62 -7.69 11.62
CA HIS H 345 -23.23 -8.87 11.00
C HIS H 345 -22.14 -9.59 10.21
N LEU H 346 -21.57 -10.64 10.81
CA LEU H 346 -20.47 -11.37 10.18
C LEU H 346 -21.02 -12.32 9.12
N THR H 347 -20.32 -12.37 7.98
CA THR H 347 -20.71 -13.22 6.86
C THR H 347 -19.47 -13.64 6.08
N MET H 348 -19.18 -14.94 6.10
CA MET H 348 -17.96 -15.49 5.49
C MET H 348 -18.19 -16.90 4.97
N PRO H 349 -17.38 -17.33 3.98
CA PRO H 349 -17.55 -18.69 3.43
C PRO H 349 -17.19 -19.78 4.42
N GLN H 350 -17.85 -20.93 4.30
CA GLN H 350 -17.57 -22.07 5.17
C GLN H 350 -16.23 -22.68 4.77
N LEU H 351 -15.28 -22.68 5.70
CA LEU H 351 -13.91 -23.08 5.40
C LEU H 351 -13.62 -24.51 5.87
N VAL H 352 -13.30 -25.38 4.92
CA VAL H 352 -12.90 -26.76 5.20
C VAL H 352 -11.90 -27.22 4.14
N LEU H 353 -10.63 -26.85 4.32
CA LEU H 353 -9.60 -27.12 3.31
C LEU H 353 -8.30 -27.65 3.90
N GLN H 354 -7.63 -28.51 3.12
CA GLN H 354 -6.31 -29.04 3.46
C GLN H 354 -5.23 -28.05 3.06
N GLY H 355 -3.97 -28.44 3.20
CA GLY H 355 -2.85 -27.59 2.78
C GLY H 355 -1.50 -28.16 3.15
N SER H 356 -0.73 -28.55 2.13
CA SER H 356 0.64 -29.04 2.33
C SER H 356 1.66 -28.01 1.84
N TYR H 357 2.84 -28.02 2.45
CA TYR H 357 3.96 -27.20 1.98
C TYR H 357 5.27 -27.73 2.56
N ASP H 358 6.24 -27.95 1.68
CA ASP H 358 7.53 -28.48 2.09
C ASP H 358 8.40 -27.33 2.59
N LEU H 359 8.95 -27.48 3.80
CA LEU H 359 9.77 -26.43 4.41
C LEU H 359 10.99 -26.06 3.55
N GLN H 360 11.56 -27.05 2.88
CA GLN H 360 12.73 -26.84 2.02
C GLN H 360 12.39 -26.03 0.75
N ASP H 361 11.14 -26.12 0.31
CA ASP H 361 10.64 -25.25 -0.77
C ASP H 361 10.15 -23.93 -0.18
N LEU H 362 9.61 -23.98 1.03
CA LEU H 362 9.08 -22.81 1.72
C LEU H 362 10.20 -21.84 2.13
N LEU H 363 11.34 -22.40 2.55
CA LEU H 363 12.52 -21.60 2.91
C LEU H 363 13.61 -21.76 1.85
N ALA H 364 14.24 -20.65 1.47
CA ALA H 364 15.30 -20.68 0.45
C ALA H 364 15.98 -19.32 0.29
N GLN H 365 17.16 -19.35 -0.34
CA GLN H 365 17.94 -18.14 -0.69
C GLN H 365 18.42 -17.32 0.51
N ALA H 366 17.49 -16.66 1.21
CA ALA H 366 17.84 -15.87 2.39
C ALA H 366 18.37 -16.78 3.49
N GLU H 367 17.73 -17.93 3.67
CA GLU H 367 18.17 -18.95 4.62
C GLU H 367 18.70 -20.21 3.93
N LEU H 368 18.27 -20.44 2.69
CA LEU H 368 18.72 -21.57 1.86
C LEU H 368 18.94 -22.90 2.62
N PRO H 369 17.90 -23.38 3.32
CA PRO H 369 18.03 -24.62 4.07
C PRO H 369 18.02 -25.86 3.19
N ALA H 370 17.35 -25.79 2.04
CA ALA H 370 17.32 -26.89 1.07
C ALA H 370 18.72 -27.48 0.89
N ILE H 371 19.70 -26.60 0.74
CA ILE H 371 21.12 -26.98 0.64
C ILE H 371 21.60 -27.55 1.96
N LEU H 372 21.28 -26.85 3.05
CA LEU H 372 21.67 -27.26 4.41
C LEU H 372 21.04 -28.60 4.83
N HIS H 373 19.88 -28.94 4.28
CA HIS H 373 19.21 -30.20 4.61
C HIS H 373 19.94 -31.39 4.03
N THR H 374 20.28 -31.31 2.74
CA THR H 374 21.03 -32.37 2.06
C THR H 374 22.53 -32.33 2.38
N GLU H 375 22.93 -31.46 3.31
CA GLU H 375 24.28 -31.47 3.86
C GLU H 375 24.43 -32.58 4.90
N LEU H 376 25.65 -33.11 5.01
CA LEU H 376 25.94 -34.30 5.80
C LEU H 376 25.62 -34.20 7.30
N ASN H 377 25.77 -33.02 7.88
CA ASN H 377 25.80 -32.87 9.34
C ASN H 377 24.43 -32.94 10.01
N LEU H 378 24.11 -34.10 10.59
CA LEU H 378 22.91 -34.29 11.41
C LEU H 378 23.24 -35.10 12.67
N GLN H 379 23.71 -36.31 12.47
CA GLN H 379 24.18 -37.17 13.55
C GLN H 379 23.13 -37.48 14.61
N LYS H 380 22.91 -36.53 15.50
CA LYS H 380 22.06 -36.76 16.68
C LYS H 380 20.72 -37.43 16.37
N LEU H 381 20.26 -37.29 15.12
CA LEU H 381 19.17 -38.10 14.60
C LEU H 381 19.76 -39.26 13.80
N SER H 382 20.63 -38.92 12.84
CA SER H 382 21.11 -39.85 11.84
C SER H 382 22.29 -40.69 12.31
N ASN H 383 22.06 -41.99 12.52
CA ASN H 383 23.16 -42.91 12.72
C ASN H 383 23.78 -43.23 11.36
N ASP H 384 22.94 -43.61 10.41
CA ASP H 384 23.35 -43.92 9.04
C ASP H 384 23.24 -42.67 8.15
N ARG H 385 23.35 -42.84 6.84
CA ARG H 385 23.29 -41.71 5.90
C ARG H 385 21.87 -41.16 5.77
N ILE H 386 21.70 -39.86 6.06
CA ILE H 386 20.43 -39.18 5.87
C ILE H 386 20.45 -38.29 4.63
N ARG H 387 19.44 -38.45 3.78
CA ARG H 387 19.22 -37.57 2.64
C ARG H 387 17.73 -37.33 2.51
N VAL H 388 17.27 -36.21 3.06
CA VAL H 388 15.83 -35.92 3.18
C VAL H 388 15.17 -35.69 1.82
N GLY H 389 14.04 -36.37 1.61
CA GLY H 389 13.23 -36.21 0.41
C GLY H 389 12.26 -35.05 0.55
N GLU H 390 11.59 -34.97 1.70
CA GLU H 390 10.75 -33.83 2.05
C GLU H 390 10.58 -33.67 3.55
N VAL H 391 10.44 -32.42 3.98
CA VAL H 391 10.14 -32.07 5.37
C VAL H 391 8.83 -31.28 5.37
N LEU H 392 7.72 -32.02 5.36
CA LEU H 392 6.41 -31.46 5.04
C LEU H 392 5.65 -30.96 6.27
N ASN H 393 4.96 -29.84 6.10
CA ASN H 393 3.94 -29.38 7.05
C ASN H 393 2.59 -29.44 6.36
N SER H 394 1.69 -30.28 6.86
CA SER H 394 0.35 -30.40 6.29
C SER H 394 -0.69 -29.96 7.32
N ILE H 395 -1.54 -29.03 6.94
CA ILE H 395 -2.58 -28.52 7.82
C ILE H 395 -3.97 -28.92 7.31
N PHE H 396 -4.90 -29.06 8.25
CA PHE H 396 -6.30 -29.31 7.93
C PHE H 396 -7.16 -28.33 8.72
N PHE H 397 -7.29 -27.11 8.19
CA PHE H 397 -7.98 -26.04 8.88
C PHE H 397 -9.49 -26.18 8.68
N GLU H 398 -10.23 -26.13 9.79
CA GLU H 398 -11.67 -26.35 9.77
C GLU H 398 -12.40 -25.39 10.69
N LEU H 399 -13.43 -24.73 10.17
CA LEU H 399 -14.27 -23.81 10.94
C LEU H 399 -15.71 -24.32 11.00
N GLU H 400 -16.33 -24.22 12.17
CA GLU H 400 -17.63 -24.83 12.44
C GLU H 400 -18.55 -23.88 13.21
N ALA H 401 -19.79 -24.32 13.43
CA ALA H 401 -20.79 -23.52 14.15
C ALA H 401 -21.59 -24.38 15.12
N ASP H 402 -22.10 -23.76 16.18
CA ASP H 402 -22.82 -24.48 17.25
C ASP H 402 -24.21 -23.90 17.52
N GLU H 403 -24.86 -23.38 16.48
CA GLU H 403 -26.17 -22.73 16.60
C GLU H 403 -26.16 -21.60 17.63
N PRO H 416 -30.67 -2.45 16.87
CA PRO H 416 -30.97 -1.08 16.45
C PRO H 416 -30.14 -0.63 15.24
N GLU H 417 -28.86 -1.02 15.21
CA GLU H 417 -27.98 -0.72 14.07
C GLU H 417 -26.83 -1.73 14.00
N VAL H 418 -26.41 -2.05 12.77
CA VAL H 418 -25.35 -3.04 12.55
C VAL H 418 -24.44 -2.67 11.38
N LEU H 419 -23.36 -3.43 11.23
CA LEU H 419 -22.43 -3.26 10.12
C LEU H 419 -22.34 -4.58 9.34
N GLU H 420 -22.82 -4.55 8.10
CA GLU H 420 -22.91 -5.76 7.27
C GLU H 420 -21.55 -6.11 6.65
N VAL H 421 -20.72 -6.80 7.41
CA VAL H 421 -19.37 -7.17 6.97
C VAL H 421 -19.37 -8.49 6.22
N THR H 422 -19.43 -8.40 4.89
CA THR H 422 -19.40 -9.57 4.02
C THR H 422 -18.02 -9.71 3.38
N LEU H 423 -17.62 -10.94 3.10
CA LEU H 423 -16.32 -11.22 2.46
C LEU H 423 -16.54 -11.76 1.04
N ASN H 424 -17.39 -11.06 0.28
CA ASN H 424 -17.74 -11.47 -1.09
C ASN H 424 -16.54 -11.65 -2.03
N ARG H 425 -15.50 -10.82 -1.83
CA ARG H 425 -14.24 -10.96 -2.57
C ARG H 425 -13.16 -11.51 -1.63
N PRO H 426 -12.06 -12.04 -2.21
CA PRO H 426 -10.95 -12.61 -1.45
C PRO H 426 -10.49 -11.80 -0.24
N PHE H 427 -10.03 -12.50 0.79
CA PHE H 427 -9.64 -11.88 2.06
C PHE H 427 -8.51 -12.66 2.74
N LEU H 428 -8.00 -12.11 3.85
CA LEU H 428 -6.95 -12.76 4.64
C LEU H 428 -7.45 -13.05 6.06
N PHE H 429 -6.78 -13.96 6.74
CA PHE H 429 -7.16 -14.33 8.10
C PHE H 429 -5.98 -14.93 8.88
N ALA H 430 -6.14 -15.05 10.19
CA ALA H 430 -5.10 -15.62 11.05
C ALA H 430 -5.59 -15.83 12.48
N VAL H 431 -5.55 -17.08 12.95
CA VAL H 431 -5.88 -17.37 14.35
C VAL H 431 -4.67 -17.06 15.24
N TYR H 432 -4.93 -16.36 16.34
CA TYR H 432 -3.88 -15.87 17.22
C TYR H 432 -4.21 -16.16 18.68
N ASP H 433 -3.20 -16.54 19.44
CA ASP H 433 -3.35 -16.82 20.86
C ASP H 433 -2.70 -15.69 21.67
N GLN H 434 -3.48 -15.10 22.58
CA GLN H 434 -3.00 -14.04 23.44
C GLN H 434 -2.12 -14.60 24.56
N SER H 435 -2.52 -15.75 25.09
CA SER H 435 -1.82 -16.36 26.24
C SER H 435 -0.42 -16.83 25.88
N ALA H 436 -0.25 -17.32 24.65
CA ALA H 436 1.07 -17.74 24.16
C ALA H 436 1.62 -16.74 23.13
N THR H 437 1.06 -15.53 23.10
CA THR H 437 1.45 -14.49 22.15
C THR H 437 1.92 -15.04 20.80
N ALA H 438 1.17 -16.00 20.26
CA ALA H 438 1.57 -16.71 19.05
C ALA H 438 0.41 -16.93 18.09
N LEU H 439 0.64 -16.61 16.82
CA LEU H 439 -0.33 -16.85 15.77
C LEU H 439 -0.11 -18.23 15.13
N HIS H 440 -1.04 -19.14 15.40
CA HIS H 440 -0.90 -20.53 14.98
C HIS H 440 -1.09 -20.72 13.48
N PHE H 441 -1.92 -19.87 12.87
CA PHE H 441 -2.20 -19.98 11.44
C PHE H 441 -2.32 -18.62 10.77
N LEU H 442 -1.89 -18.55 9.50
CA LEU H 442 -2.09 -17.39 8.63
C LEU H 442 -2.37 -17.91 7.23
N GLY H 443 -3.33 -17.32 6.53
CA GLY H 443 -3.72 -17.80 5.21
C GLY H 443 -4.52 -16.84 4.35
N ARG H 444 -4.61 -17.17 3.06
CA ARG H 444 -5.38 -16.40 2.08
C ARG H 444 -6.51 -17.26 1.51
N VAL H 445 -7.60 -16.61 1.13
CA VAL H 445 -8.75 -17.30 0.54
C VAL H 445 -9.11 -16.68 -0.81
N ALA H 446 -8.81 -17.41 -1.89
CA ALA H 446 -9.18 -16.98 -3.24
C ALA H 446 -10.57 -17.51 -3.59
N ASN H 447 -10.75 -18.82 -3.43
CA ASN H 447 -12.05 -19.47 -3.56
C ASN H 447 -12.04 -20.86 -2.91
N PRO H 448 -13.14 -21.25 -2.25
CA PRO H 448 -13.24 -22.62 -1.77
C PRO H 448 -13.44 -23.62 -2.91
N LEU H 449 -12.63 -24.69 -2.92
CA LEU H 449 -12.69 -25.71 -3.97
C LEU H 449 -12.02 -27.00 -3.51
#